data_9OX9
#
_entry.id   9OX9
#
_cell.length_a   1.00
_cell.length_b   1.00
_cell.length_c   1.00
_cell.angle_alpha   90.00
_cell.angle_beta   90.00
_cell.angle_gamma   90.00
#
_symmetry.space_group_name_H-M   'P 1'
#
loop_
_entity.id
_entity.type
_entity.pdbx_description
1 polymer 'vesicle-fusing ATPase'
2 non-polymer 1-[4-(benzylamino)-7,8-dihydro-5H-pyrano[4,3-d]pyrimidin-2-yl]-2-methyl-1H-indole-4-carboxamide
#
_entity_poly.entity_id   1
_entity_poly.type   'polypeptide(L)'
_entity_poly.pdbx_seq_one_letter_code
;MGSSHHHHHHSSGLVPRGSHMASMTGGQQMGRGSEFMCALNANPSNDPSSGEKVKFHRLIVDEPVKDDNSVVYLSQAKMD
SMNLFRGDTVLVKGKKRKETVCVAIVDESCPDDKIRLNRCIRSNLRVKPGDIISIKSLPDILYGKRIHVLPIDDTIVGLT
GNLYEAFLKPYFLAAYRPVHKGDIFIVRGGMRAVEFKVIETDPSPYCIVSPDTTIHTEGDPVKREDEEEKLNEIGYDDIG
GCRKQLAQIKEMVELPLRHPQLFKAIGVKPPRGILLYGPPGTGKTLVARAVANESGSFFFLINGPEIMSKLAGESESNLR
KAFEEAEKNAPAIIFIDELDAIAPKREKTHGEVERRIVSQLLTLMDGLKQRSHVIVMAATNRPNSVDPALRRFGRFDREI
EIGIPDSIGRLEILRIHTRNIRLAEDVELEKIANEAHGHVGADLASLCSEAALQQIRNKMNLIDLEDDTIDAEVLNSLAV
TMDDFRWALGKSNPSALRETTVEVPNVTWDDIGGLENVKRELQELVQYPVEHPDKFLKFGMTPSKGVLFYGPPGCGKTLL
AKAIANECQANFISIKGPELLTMWFGESEANVRDIFDKARQAAPCVLFFDELDSIAKARGGSVGDAGGAADRVINQLLTE
MDGMSAKKNVFIIGATNRPDIIDGAILRPGRLDQLIYIPLPDEASRVNILKANLRKSPIARDVDINFLAKATQGFSGADL
TEICQRACKQAIRESIEAEIRAESEKKNKPNAMEDDFDPVPEITRRHFEEAMRFARRSVTENDVRKYEMFAQTLQQSRGI
GNNFRFPGSDGSGIPTSTGGQGGGGSVYGSQNDAEDLYN
;
_entity_poly.pdbx_strand_id   A,B,C,D,E,F
#
loop_
_chem_comp.id
_chem_comp.type
_chem_comp.name
_chem_comp.formula
JDP non-polymer 1-[4-(benzylamino)-7,8-dihydro-5H-pyrano[4,3-d]pyrimidin-2-yl]-2-methyl-1H-indole-4-carboxamide 'C24 H23 N5 O2'
#
# COMPACT_ATOMS: atom_id res chain seq x y z
N GLU A 229 -26.98 34.33 -32.40
CA GLU A 229 -28.30 34.12 -31.84
C GLU A 229 -28.88 32.78 -32.29
N LYS A 230 -28.02 31.90 -32.80
CA LYS A 230 -28.47 30.60 -33.26
C LYS A 230 -28.91 29.69 -32.13
N LEU A 231 -28.62 30.05 -30.87
CA LEU A 231 -28.99 29.20 -29.75
C LEU A 231 -30.49 28.99 -29.69
N ASN A 232 -31.27 30.05 -29.88
CA ASN A 232 -32.72 29.95 -29.80
C ASN A 232 -33.33 29.10 -30.91
N GLU A 233 -32.56 28.78 -31.96
CA GLU A 233 -33.06 27.99 -33.07
C GLU A 233 -32.48 26.59 -33.10
N ILE A 234 -31.72 26.19 -32.08
CA ILE A 234 -31.13 24.85 -32.05
C ILE A 234 -32.26 23.85 -31.86
N GLY A 235 -32.52 23.06 -32.90
CA GLY A 235 -33.54 22.03 -32.87
C GLY A 235 -32.95 20.63 -32.86
N TYR A 236 -33.85 19.64 -32.96
CA TYR A 236 -33.41 18.25 -33.02
C TYR A 236 -32.58 17.99 -34.27
N ASP A 237 -32.99 18.56 -35.40
CA ASP A 237 -32.26 18.34 -36.64
C ASP A 237 -30.83 18.87 -36.59
N ASP A 238 -30.53 19.77 -35.63
CA ASP A 238 -29.21 20.35 -35.51
C ASP A 238 -28.29 19.55 -34.59
N ILE A 239 -28.76 18.43 -34.06
CA ILE A 239 -27.94 17.54 -33.26
C ILE A 239 -27.70 16.27 -34.06
N GLY A 240 -26.52 15.67 -33.89
CA GLY A 240 -26.09 14.60 -34.77
C GLY A 240 -26.49 13.20 -34.35
N GLY A 241 -25.50 12.33 -34.18
CA GLY A 241 -25.74 10.91 -34.04
C GLY A 241 -26.29 10.47 -32.69
N CYS A 242 -27.46 10.98 -32.33
CA CYS A 242 -28.17 10.52 -31.14
C CYS A 242 -29.66 10.39 -31.44
N ARG A 243 -30.00 9.82 -32.59
CA ARG A 243 -31.40 9.77 -33.03
C ARG A 243 -32.26 8.98 -32.05
N LYS A 244 -31.80 7.77 -31.68
CA LYS A 244 -32.59 6.95 -30.75
C LYS A 244 -32.74 7.66 -29.41
N GLN A 245 -31.64 8.18 -28.87
CA GLN A 245 -31.71 8.88 -27.60
C GLN A 245 -32.49 10.17 -27.71
N LEU A 246 -32.42 10.83 -28.87
CA LEU A 246 -33.23 12.03 -29.07
C LEU A 246 -34.72 11.70 -29.02
N ALA A 247 -35.12 10.61 -29.67
CA ALA A 247 -36.53 10.20 -29.61
C ALA A 247 -36.92 9.83 -28.18
N GLN A 248 -36.05 9.10 -27.47
CA GLN A 248 -36.35 8.73 -26.10
C GLN A 248 -36.55 9.96 -25.22
N ILE A 249 -35.65 10.94 -25.34
CA ILE A 249 -35.76 12.15 -24.54
C ILE A 249 -36.97 12.96 -24.96
N LYS A 250 -37.28 12.98 -26.26
CA LYS A 250 -38.51 13.64 -26.71
C LYS A 250 -39.71 13.06 -25.98
N GLU A 251 -39.85 11.73 -25.99
CA GLU A 251 -40.96 11.11 -25.31
C GLU A 251 -40.95 11.43 -23.80
N MET A 252 -39.77 11.38 -23.19
CA MET A 252 -39.69 11.59 -21.74
C MET A 252 -40.09 13.01 -21.35
N VAL A 253 -39.67 14.00 -22.12
CA VAL A 253 -39.72 15.41 -21.70
C VAL A 253 -40.80 16.19 -22.46
N GLU A 254 -40.72 16.20 -23.79
CA GLU A 254 -41.59 17.10 -24.57
C GLU A 254 -43.06 16.78 -24.34
N LEU A 255 -43.42 15.51 -24.41
CA LEU A 255 -44.84 15.15 -24.29
C LEU A 255 -45.43 15.56 -22.95
N PRO A 256 -44.82 15.24 -21.80
CA PRO A 256 -45.37 15.76 -20.54
C PRO A 256 -45.46 17.28 -20.49
N LEU A 257 -44.46 17.97 -21.03
CA LEU A 257 -44.46 19.43 -21.01
C LEU A 257 -45.38 20.04 -22.06
N ARG A 258 -45.84 19.26 -23.03
CA ARG A 258 -46.75 19.75 -24.06
C ARG A 258 -48.19 19.34 -23.81
N HIS A 259 -48.42 18.14 -23.30
CA HIS A 259 -49.76 17.63 -22.98
C HIS A 259 -49.74 17.03 -21.59
N PRO A 260 -49.63 17.85 -20.54
CA PRO A 260 -49.68 17.30 -19.18
C PRO A 260 -51.00 16.61 -18.87
N GLN A 261 -52.08 16.97 -19.56
CA GLN A 261 -53.40 16.44 -19.23
C GLN A 261 -53.42 14.92 -19.39
N LEU A 262 -52.85 14.39 -20.47
CA LEU A 262 -52.92 12.96 -20.72
C LEU A 262 -52.17 12.18 -19.64
N PHE A 263 -50.93 12.58 -19.36
CA PHE A 263 -50.12 11.86 -18.38
C PHE A 263 -50.73 11.98 -16.98
N LYS A 264 -51.27 13.15 -16.64
CA LYS A 264 -51.96 13.29 -15.36
C LYS A 264 -53.18 12.39 -15.30
N ALA A 265 -53.92 12.28 -16.41
CA ALA A 265 -55.12 11.45 -16.43
C ALA A 265 -54.76 9.99 -16.20
N ILE A 266 -53.82 9.46 -16.97
CA ILE A 266 -53.46 8.05 -16.81
C ILE A 266 -52.74 7.84 -15.48
N GLY A 267 -51.86 8.77 -15.11
CA GLY A 267 -51.13 8.68 -13.85
C GLY A 267 -49.61 8.68 -14.00
N VAL A 268 -49.07 8.73 -15.22
CA VAL A 268 -47.62 8.74 -15.37
C VAL A 268 -47.05 9.97 -14.70
N LYS A 269 -45.91 9.79 -14.03
CA LYS A 269 -45.20 10.89 -13.39
C LYS A 269 -43.97 11.24 -14.23
N PRO A 270 -43.92 12.41 -14.85
CA PRO A 270 -42.78 12.72 -15.72
C PRO A 270 -41.49 12.72 -14.92
N PRO A 271 -40.37 12.40 -15.56
CA PRO A 271 -39.11 12.26 -14.82
C PRO A 271 -38.68 13.57 -14.17
N ARG A 272 -38.03 13.45 -13.02
CA ARG A 272 -37.51 14.61 -12.31
C ARG A 272 -36.12 15.00 -12.83
N GLY A 273 -35.18 14.05 -12.78
CA GLY A 273 -33.82 14.32 -13.21
C GLY A 273 -33.32 13.32 -14.24
N ILE A 274 -32.92 13.83 -15.41
CA ILE A 274 -32.38 13.01 -16.49
C ILE A 274 -30.89 13.29 -16.59
N LEU A 275 -30.09 12.25 -16.39
CA LEU A 275 -28.64 12.36 -16.44
C LEU A 275 -28.14 11.77 -17.76
N LEU A 276 -27.39 12.57 -18.52
CA LEU A 276 -26.82 12.13 -19.78
C LEU A 276 -25.33 11.90 -19.61
N TYR A 277 -24.86 10.72 -20.02
CA TYR A 277 -23.46 10.37 -19.89
C TYR A 277 -22.95 9.75 -21.18
N GLY A 278 -21.63 9.85 -21.38
CA GLY A 278 -21.00 9.34 -22.57
C GLY A 278 -19.65 9.98 -22.79
N PRO A 279 -18.99 9.63 -23.90
CA PRO A 279 -17.69 10.20 -24.18
C PRO A 279 -17.80 11.69 -24.46
N PRO A 280 -16.76 12.47 -24.17
CA PRO A 280 -16.83 13.90 -24.45
C PRO A 280 -16.96 14.18 -25.94
N GLY A 281 -17.62 15.30 -26.25
CA GLY A 281 -17.76 15.77 -27.62
C GLY A 281 -18.88 15.14 -28.40
N THR A 282 -19.67 14.25 -27.80
CA THR A 282 -20.74 13.58 -28.53
C THR A 282 -21.79 14.58 -29.01
N GLY A 283 -22.14 15.53 -28.15
CA GLY A 283 -23.18 16.49 -28.48
C GLY A 283 -24.32 16.44 -27.48
N LYS A 284 -24.07 15.82 -26.33
CA LYS A 284 -25.09 15.74 -25.29
C LYS A 284 -25.44 17.10 -24.73
N THR A 285 -24.56 18.09 -24.86
CA THR A 285 -24.81 19.40 -24.29
C THR A 285 -25.92 20.14 -25.03
N LEU A 286 -26.03 19.93 -26.34
CA LEU A 286 -27.06 20.60 -27.12
C LEU A 286 -28.43 19.96 -27.00
N VAL A 287 -28.50 18.75 -26.43
CA VAL A 287 -29.77 18.02 -26.37
C VAL A 287 -30.78 18.75 -25.49
N ALA A 288 -30.32 19.25 -24.33
CA ALA A 288 -31.24 19.95 -23.44
C ALA A 288 -31.79 21.21 -24.11
N ARG A 289 -30.92 21.97 -24.77
CA ARG A 289 -31.38 23.18 -25.45
C ARG A 289 -32.36 22.85 -26.57
N ALA A 290 -32.08 21.79 -27.34
CA ALA A 290 -32.98 21.42 -28.42
C ALA A 290 -34.34 21.02 -27.87
N VAL A 291 -34.35 20.20 -26.81
CA VAL A 291 -35.61 19.75 -26.22
C VAL A 291 -36.40 20.96 -25.70
N ALA A 292 -35.72 21.85 -24.99
CA ALA A 292 -36.42 23.03 -24.46
C ALA A 292 -36.98 23.89 -25.57
N ASN A 293 -36.18 24.12 -26.62
CA ASN A 293 -36.62 25.00 -27.70
C ASN A 293 -37.82 24.40 -28.44
N GLU A 294 -37.78 23.10 -28.73
CA GLU A 294 -38.86 22.50 -29.50
C GLU A 294 -40.08 22.15 -28.65
N SER A 295 -39.94 22.13 -27.32
CA SER A 295 -41.08 21.98 -26.43
C SER A 295 -41.61 23.32 -25.92
N GLY A 296 -40.97 24.42 -26.29
CA GLY A 296 -41.42 25.74 -25.87
C GLY A 296 -41.12 26.08 -24.42
N SER A 297 -40.32 25.27 -23.74
CA SER A 297 -40.07 25.48 -22.32
C SER A 297 -39.01 26.57 -22.12
N PHE A 298 -38.89 27.01 -20.87
CA PHE A 298 -37.83 27.92 -20.47
C PHE A 298 -36.56 27.14 -20.17
N PHE A 299 -35.42 27.70 -20.53
CA PHE A 299 -34.13 27.04 -20.40
C PHE A 299 -33.21 27.89 -19.55
N PHE A 300 -32.84 27.38 -18.38
CA PHE A 300 -31.83 27.99 -17.52
C PHE A 300 -30.63 27.07 -17.46
N LEU A 301 -29.45 27.60 -17.77
CA LEU A 301 -28.25 26.81 -17.88
C LEU A 301 -27.40 26.97 -16.62
N ILE A 302 -27.02 25.84 -16.03
CA ILE A 302 -26.12 25.81 -14.90
C ILE A 302 -24.83 25.14 -15.38
N ASN A 303 -23.75 25.92 -15.42
CA ASN A 303 -22.44 25.42 -15.83
C ASN A 303 -21.62 25.17 -14.57
N GLY A 304 -21.16 23.94 -14.39
CA GLY A 304 -20.49 23.55 -13.18
C GLY A 304 -19.26 24.38 -12.89
N PRO A 305 -18.39 24.56 -13.89
CA PRO A 305 -17.24 25.46 -13.68
C PRO A 305 -17.64 26.86 -13.27
N GLU A 306 -18.71 27.39 -13.84
CA GLU A 306 -19.13 28.75 -13.50
C GLU A 306 -19.54 28.84 -12.05
N ILE A 307 -20.35 27.89 -11.57
CA ILE A 307 -20.82 27.94 -10.19
C ILE A 307 -19.68 27.65 -9.23
N MET A 308 -18.73 26.79 -9.60
CA MET A 308 -17.60 26.50 -8.73
C MET A 308 -16.47 27.51 -8.87
N SER A 309 -16.62 28.52 -9.72
CA SER A 309 -15.65 29.59 -9.86
C SER A 309 -16.08 30.85 -9.11
N LYS A 310 -16.94 30.72 -8.10
CA LYS A 310 -17.45 31.84 -7.35
C LYS A 310 -17.29 31.56 -5.86
N LEU A 311 -17.50 32.60 -5.06
CA LEU A 311 -17.23 32.51 -3.62
C LEU A 311 -18.17 31.53 -2.96
N ALA A 312 -17.98 31.29 -1.66
CA ALA A 312 -18.74 30.25 -0.97
C ALA A 312 -20.23 30.52 -1.01
N GLY A 313 -20.63 31.77 -0.77
CA GLY A 313 -22.05 32.09 -0.75
C GLY A 313 -22.65 32.32 -2.11
N GLU A 314 -21.86 32.88 -3.04
CA GLU A 314 -22.41 33.23 -4.35
C GLU A 314 -22.78 32.00 -5.17
N SER A 315 -22.03 30.91 -5.04
CA SER A 315 -22.37 29.69 -5.77
C SER A 315 -23.71 29.14 -5.32
N GLU A 316 -23.92 29.08 -4.00
CA GLU A 316 -25.19 28.61 -3.47
C GLU A 316 -26.31 29.56 -3.87
N SER A 317 -26.05 30.87 -3.82
CA SER A 317 -27.05 31.84 -4.25
C SER A 317 -27.43 31.62 -5.70
N ASN A 318 -26.44 31.34 -6.55
CA ASN A 318 -26.72 31.13 -7.97
C ASN A 318 -27.54 29.85 -8.18
N LEU A 319 -27.20 28.78 -7.47
CA LEU A 319 -27.99 27.55 -7.58
C LEU A 319 -29.45 27.82 -7.19
N ARG A 320 -29.64 28.47 -6.03
CA ARG A 320 -30.99 28.74 -5.55
C ARG A 320 -31.74 29.65 -6.51
N LYS A 321 -31.07 30.66 -7.05
CA LYS A 321 -31.71 31.57 -7.99
C LYS A 321 -32.10 30.84 -9.27
N ALA A 322 -31.24 29.94 -9.75
CA ALA A 322 -31.57 29.17 -10.94
C ALA A 322 -32.82 28.34 -10.71
N PHE A 323 -32.87 27.63 -9.59
CA PHE A 323 -34.05 26.80 -9.33
C PHE A 323 -35.30 27.66 -9.13
N GLU A 324 -35.17 28.79 -8.45
CA GLU A 324 -36.32 29.66 -8.25
C GLU A 324 -36.84 30.22 -9.56
N GLU A 325 -35.93 30.65 -10.45
CA GLU A 325 -36.36 31.17 -11.74
C GLU A 325 -36.99 30.08 -12.58
N ALA A 326 -36.47 28.85 -12.49
CA ALA A 326 -37.09 27.74 -13.19
C ALA A 326 -38.51 27.50 -12.70
N GLU A 327 -38.70 27.54 -11.38
CA GLU A 327 -40.04 27.35 -10.83
C GLU A 327 -40.97 28.48 -11.26
N LYS A 328 -40.48 29.70 -11.27
CA LYS A 328 -41.32 30.85 -11.63
C LYS A 328 -41.80 30.75 -13.07
N ASN A 329 -40.92 30.34 -13.98
CA ASN A 329 -41.21 30.34 -15.42
C ASN A 329 -41.51 28.94 -15.94
N ALA A 330 -42.20 28.13 -15.15
CA ALA A 330 -42.52 26.78 -15.59
C ALA A 330 -43.48 26.83 -16.77
N PRO A 331 -43.43 25.85 -17.68
CA PRO A 331 -42.55 24.67 -17.69
C PRO A 331 -41.13 25.07 -18.08
N ALA A 332 -40.11 24.46 -17.47
CA ALA A 332 -38.74 24.89 -17.67
C ALA A 332 -37.80 23.71 -17.54
N ILE A 333 -36.60 23.88 -18.09
CA ILE A 333 -35.55 22.86 -18.02
C ILE A 333 -34.30 23.51 -17.44
N ILE A 334 -33.77 22.90 -16.39
CA ILE A 334 -32.48 23.28 -15.82
C ILE A 334 -31.46 22.25 -16.31
N PHE A 335 -30.33 22.74 -16.83
CA PHE A 335 -29.29 21.88 -17.38
C PHE A 335 -28.00 22.11 -16.62
N ILE A 336 -27.58 21.13 -15.83
CA ILE A 336 -26.30 21.16 -15.15
C ILE A 336 -25.29 20.51 -16.08
N ASP A 337 -24.45 21.34 -16.71
CA ASP A 337 -23.63 20.86 -17.82
C ASP A 337 -22.48 19.99 -17.36
N GLU A 338 -21.98 20.19 -16.13
CA GLU A 338 -20.80 19.51 -15.63
C GLU A 338 -21.06 18.97 -14.23
N LEU A 339 -22.16 18.23 -14.08
CA LEU A 339 -22.59 17.77 -12.77
C LEU A 339 -21.46 17.13 -11.98
N ASP A 340 -20.47 16.54 -12.66
CA ASP A 340 -19.33 15.97 -11.95
C ASP A 340 -18.54 17.04 -11.22
N ALA A 341 -18.49 18.26 -11.76
CA ALA A 341 -17.75 19.33 -11.11
C ALA A 341 -18.47 19.79 -9.84
N ILE A 342 -19.79 20.01 -9.93
CA ILE A 342 -20.54 20.50 -8.77
C ILE A 342 -20.56 19.46 -7.66
N ALA A 343 -20.83 18.20 -8.01
CA ALA A 343 -21.06 17.13 -7.04
C ALA A 343 -20.19 15.92 -7.38
N PRO A 344 -18.89 16.03 -7.20
CA PRO A 344 -18.02 14.86 -7.38
C PRO A 344 -18.22 13.84 -6.28
N LYS A 345 -17.47 12.75 -6.31
CA LYS A 345 -17.58 11.74 -5.26
C LYS A 345 -17.21 12.34 -3.91
N ARG A 346 -17.89 11.88 -2.87
CA ARG A 346 -17.69 12.45 -1.54
C ARG A 346 -16.24 12.32 -1.09
N GLU A 347 -15.53 11.32 -1.59
CA GLU A 347 -14.13 11.14 -1.20
C GLU A 347 -13.21 12.16 -1.85
N LYS A 348 -13.66 12.85 -2.90
CA LYS A 348 -12.84 13.83 -3.59
C LYS A 348 -13.09 15.25 -3.13
N THR A 349 -14.08 15.49 -2.27
CA THR A 349 -14.40 16.85 -1.86
C THR A 349 -13.23 17.47 -1.09
N HIS A 350 -12.89 16.91 0.06
CA HIS A 350 -11.81 17.42 0.90
C HIS A 350 -11.98 18.91 1.17
N GLY A 351 -13.18 19.29 1.56
CA GLY A 351 -13.49 20.67 1.87
C GLY A 351 -14.88 20.79 2.43
N GLU A 352 -15.20 22.00 2.88
CA GLU A 352 -16.51 22.30 3.46
C GLU A 352 -17.42 23.05 2.51
N VAL A 353 -16.88 23.96 1.71
CA VAL A 353 -17.70 24.69 0.74
C VAL A 353 -18.26 23.73 -0.30
N GLU A 354 -17.42 22.81 -0.80
CA GLU A 354 -17.88 21.86 -1.81
C GLU A 354 -18.96 20.95 -1.27
N ARG A 355 -18.80 20.45 -0.04
CA ARG A 355 -19.84 19.62 0.54
C ARG A 355 -21.11 20.43 0.77
N ARG A 356 -20.97 21.71 1.14
CA ARG A 356 -22.14 22.56 1.29
C ARG A 356 -22.89 22.70 -0.03
N ILE A 357 -22.17 22.90 -1.14
CA ILE A 357 -22.85 23.06 -2.42
C ILE A 357 -23.48 21.75 -2.86
N VAL A 358 -22.82 20.62 -2.58
CA VAL A 358 -23.42 19.32 -2.90
C VAL A 358 -24.73 19.14 -2.14
N SER A 359 -24.72 19.45 -0.84
CA SER A 359 -25.92 19.32 -0.05
C SER A 359 -27.01 20.28 -0.51
N GLN A 360 -26.62 21.49 -0.91
CA GLN A 360 -27.60 22.44 -1.43
C GLN A 360 -28.24 21.91 -2.70
N LEU A 361 -27.44 21.33 -3.59
CA LEU A 361 -27.99 20.74 -4.81
C LEU A 361 -28.95 19.60 -4.48
N LEU A 362 -28.59 18.76 -3.51
CA LEU A 362 -29.48 17.68 -3.11
C LEU A 362 -30.80 18.22 -2.59
N THR A 363 -30.73 19.24 -1.73
CA THR A 363 -31.95 19.82 -1.17
C THR A 363 -32.81 20.43 -2.26
N LEU A 364 -32.19 21.14 -3.21
CA LEU A 364 -32.97 21.76 -4.29
C LEU A 364 -33.62 20.69 -5.16
N MET A 365 -32.90 19.60 -5.42
CA MET A 365 -33.49 18.51 -6.18
C MET A 365 -34.69 17.93 -5.43
N ASP A 366 -34.58 17.80 -4.12
CA ASP A 366 -35.71 17.37 -3.32
C ASP A 366 -36.77 18.45 -3.20
N GLY A 367 -36.36 19.72 -3.30
CA GLY A 367 -37.32 20.81 -3.20
C GLY A 367 -38.30 20.84 -4.36
N LEU A 368 -37.82 20.59 -5.57
CA LEU A 368 -38.67 20.64 -6.75
C LEU A 368 -39.87 19.72 -6.55
N LYS A 369 -41.06 20.27 -6.78
CA LYS A 369 -42.28 19.54 -6.54
C LYS A 369 -42.59 18.58 -7.68
N GLN A 370 -43.42 17.58 -7.38
CA GLN A 370 -43.82 16.63 -8.40
C GLN A 370 -44.64 17.28 -9.50
N ARG A 371 -45.36 18.36 -9.18
CA ARG A 371 -46.18 19.04 -10.16
C ARG A 371 -45.72 20.49 -10.34
N SER A 372 -44.40 20.70 -10.39
CA SER A 372 -43.85 22.02 -10.66
C SER A 372 -43.49 22.22 -12.13
N HIS A 373 -43.33 21.15 -12.90
CA HIS A 373 -43.03 21.19 -14.32
C HIS A 373 -41.61 21.66 -14.61
N VAL A 374 -40.70 21.51 -13.66
CA VAL A 374 -39.28 21.79 -13.85
C VAL A 374 -38.56 20.47 -13.97
N ILE A 375 -37.84 20.30 -15.09
CA ILE A 375 -37.15 19.06 -15.39
C ILE A 375 -35.65 19.38 -15.43
N VAL A 376 -34.91 18.78 -14.50
CA VAL A 376 -33.48 19.02 -14.35
C VAL A 376 -32.74 17.99 -15.18
N MET A 377 -32.04 18.47 -16.21
CA MET A 377 -31.18 17.63 -17.03
C MET A 377 -29.74 17.84 -16.61
N ALA A 378 -28.93 16.79 -16.73
CA ALA A 378 -27.53 16.86 -16.32
C ALA A 378 -26.67 16.11 -17.31
N ALA A 379 -25.41 16.52 -17.40
CA ALA A 379 -24.43 15.86 -18.25
C ALA A 379 -23.19 15.52 -17.44
N THR A 380 -22.64 14.34 -17.66
CA THR A 380 -21.42 13.91 -16.99
C THR A 380 -20.65 12.97 -17.89
N ASN A 381 -19.34 12.93 -17.71
CA ASN A 381 -18.51 12.04 -18.51
C ASN A 381 -18.82 10.58 -18.20
N ARG A 382 -18.82 10.22 -16.91
CA ARG A 382 -19.15 8.87 -16.48
C ARG A 382 -20.08 8.99 -15.28
N PRO A 383 -21.17 8.23 -15.25
CA PRO A 383 -22.12 8.37 -14.13
C PRO A 383 -21.51 8.05 -12.78
N ASN A 384 -20.52 7.15 -12.74
CA ASN A 384 -19.87 6.82 -11.48
C ASN A 384 -19.09 8.00 -10.89
N SER A 385 -18.85 9.05 -11.68
CA SER A 385 -18.15 10.23 -11.18
C SER A 385 -19.04 11.11 -10.31
N VAL A 386 -20.35 10.93 -10.38
CA VAL A 386 -21.30 11.73 -9.60
C VAL A 386 -21.45 11.12 -8.22
N ASP A 387 -21.72 11.96 -7.23
CA ASP A 387 -21.94 11.48 -5.88
C ASP A 387 -23.12 10.49 -5.89
N PRO A 388 -22.97 9.32 -5.28
CA PRO A 388 -24.09 8.35 -5.30
C PRO A 388 -25.39 8.92 -4.77
N ALA A 389 -25.33 9.84 -3.79
CA ALA A 389 -26.55 10.38 -3.22
C ALA A 389 -27.41 11.08 -4.25
N LEU A 390 -26.82 11.58 -5.35
CA LEU A 390 -27.60 12.23 -6.39
C LEU A 390 -28.36 11.24 -7.26
N ARG A 391 -27.99 9.96 -7.23
CA ARG A 391 -28.60 8.96 -8.09
C ARG A 391 -29.72 8.19 -7.38
N ARG A 392 -30.17 8.68 -6.23
CA ARG A 392 -31.32 8.09 -5.57
C ARG A 392 -32.54 8.19 -6.48
N PHE A 393 -33.60 7.46 -6.10
CA PHE A 393 -34.78 7.35 -6.94
C PHE A 393 -35.57 8.65 -7.06
N GLY A 394 -35.27 9.65 -6.24
CA GLY A 394 -36.00 10.89 -6.28
C GLY A 394 -35.25 12.05 -6.91
N ARG A 395 -33.96 11.85 -7.21
CA ARG A 395 -33.10 12.94 -7.66
C ARG A 395 -32.66 12.77 -9.11
N PHE A 396 -32.00 11.66 -9.44
CA PHE A 396 -31.58 11.36 -10.81
C PHE A 396 -31.84 9.88 -11.04
N ASP A 397 -33.03 9.56 -11.52
CA ASP A 397 -33.47 8.17 -11.64
C ASP A 397 -33.36 7.64 -13.07
N ARG A 398 -33.32 8.50 -14.07
CA ARG A 398 -33.22 8.10 -15.47
C ARG A 398 -31.87 8.54 -16.02
N GLU A 399 -31.11 7.58 -16.56
CA GLU A 399 -29.82 7.83 -17.15
C GLU A 399 -29.84 7.39 -18.62
N ILE A 400 -29.48 8.30 -19.51
CA ILE A 400 -29.45 8.05 -20.94
C ILE A 400 -28.02 8.24 -21.42
N GLU A 401 -27.51 7.27 -22.20
CA GLU A 401 -26.14 7.28 -22.67
C GLU A 401 -26.09 7.77 -24.10
N ILE A 402 -25.30 8.82 -24.34
CA ILE A 402 -25.03 9.32 -25.69
C ILE A 402 -23.63 8.83 -26.04
N GLY A 403 -23.55 7.75 -26.81
CA GLY A 403 -22.30 7.10 -27.12
C GLY A 403 -21.75 7.48 -28.47
N ILE A 404 -20.82 6.66 -28.95
CA ILE A 404 -20.15 6.94 -30.23
C ILE A 404 -21.14 6.74 -31.37
N PRO A 405 -21.27 7.69 -32.29
CA PRO A 405 -22.23 7.50 -33.40
C PRO A 405 -21.82 6.36 -34.31
N ASP A 406 -22.82 5.72 -34.90
CA ASP A 406 -22.59 4.72 -35.94
C ASP A 406 -22.30 5.43 -37.26
N SER A 407 -22.27 4.68 -38.37
CA SER A 407 -22.00 5.29 -39.66
C SER A 407 -23.11 6.26 -40.06
N ILE A 408 -24.37 5.91 -39.79
CA ILE A 408 -25.46 6.82 -40.11
C ILE A 408 -25.35 8.09 -39.29
N GLY A 409 -25.07 7.94 -37.99
CA GLY A 409 -24.87 9.12 -37.16
C GLY A 409 -23.70 9.95 -37.61
N ARG A 410 -22.62 9.30 -38.03
CA ARG A 410 -21.47 10.05 -38.53
C ARG A 410 -21.82 10.83 -39.77
N LEU A 411 -22.59 10.24 -40.69
CA LEU A 411 -23.02 10.96 -41.88
C LEU A 411 -23.90 12.14 -41.49
N GLU A 412 -24.80 11.94 -40.52
CA GLU A 412 -25.65 13.04 -40.07
C GLU A 412 -24.81 14.18 -39.50
N ILE A 413 -23.81 13.85 -38.68
CA ILE A 413 -22.97 14.89 -38.10
C ILE A 413 -22.20 15.62 -39.19
N LEU A 414 -21.66 14.87 -40.15
CA LEU A 414 -20.90 15.50 -41.23
C LEU A 414 -21.79 16.43 -42.05
N ARG A 415 -23.03 16.00 -42.33
CA ARG A 415 -23.96 16.88 -43.04
C ARG A 415 -24.24 18.14 -42.23
N ILE A 416 -24.42 17.98 -40.91
CA ILE A 416 -24.70 19.14 -40.06
C ILE A 416 -23.53 20.12 -40.10
N HIS A 417 -22.30 19.60 -40.05
CA HIS A 417 -21.12 20.45 -39.98
C HIS A 417 -20.70 21.01 -41.34
N THR A 418 -21.29 20.54 -42.43
CA THR A 418 -20.95 21.01 -43.77
C THR A 418 -22.06 21.85 -44.40
N ARG A 419 -23.03 22.30 -43.59
CA ARG A 419 -24.09 23.13 -44.13
C ARG A 419 -23.57 24.50 -44.57
N ASN A 420 -22.52 25.00 -43.91
CA ASN A 420 -21.88 26.25 -44.29
C ASN A 420 -20.68 26.04 -45.20
N ILE A 421 -19.87 25.01 -44.94
CA ILE A 421 -18.71 24.75 -45.78
C ILE A 421 -19.18 24.36 -47.18
N ARG A 422 -18.58 25.00 -48.18
CA ARG A 422 -18.89 24.67 -49.57
C ARG A 422 -18.17 23.39 -49.95
N LEU A 423 -18.91 22.45 -50.55
CA LEU A 423 -18.40 21.13 -50.88
C LEU A 423 -18.36 20.94 -52.39
N ALA A 424 -17.28 20.34 -52.87
CA ALA A 424 -17.17 20.03 -54.29
C ALA A 424 -18.14 18.90 -54.66
N GLU A 425 -18.41 18.80 -55.96
CA GLU A 425 -19.35 17.79 -56.45
C GLU A 425 -18.79 16.38 -56.37
N ASP A 426 -17.51 16.21 -56.04
CA ASP A 426 -16.87 14.90 -56.02
C ASP A 426 -16.78 14.31 -54.63
N VAL A 427 -17.41 14.91 -53.64
CA VAL A 427 -17.34 14.43 -52.26
C VAL A 427 -18.50 13.48 -52.01
N GLU A 428 -18.19 12.29 -51.53
CA GLU A 428 -19.18 11.29 -51.13
C GLU A 428 -19.09 11.17 -49.61
N LEU A 429 -19.86 11.99 -48.91
CA LEU A 429 -19.77 12.02 -47.45
C LEU A 429 -20.12 10.67 -46.83
N GLU A 430 -20.85 9.82 -47.53
CA GLU A 430 -21.15 8.49 -47.01
C GLU A 430 -19.87 7.70 -46.78
N LYS A 431 -18.95 7.72 -47.74
CA LYS A 431 -17.70 6.98 -47.59
C LYS A 431 -16.87 7.54 -46.45
N ILE A 432 -16.80 8.87 -46.33
CA ILE A 432 -16.04 9.47 -45.23
C ILE A 432 -16.64 9.06 -43.90
N ALA A 433 -17.97 9.07 -43.80
CA ALA A 433 -18.62 8.65 -42.56
C ALA A 433 -18.32 7.20 -42.25
N ASN A 434 -18.32 6.35 -43.28
CA ASN A 434 -18.08 4.93 -43.05
C ASN A 434 -16.63 4.65 -42.66
N GLU A 435 -15.69 5.46 -43.15
CA GLU A 435 -14.28 5.22 -42.87
C GLU A 435 -13.86 5.72 -41.49
N ALA A 436 -14.47 6.81 -41.02
CA ALA A 436 -14.05 7.45 -39.77
C ALA A 436 -14.51 6.61 -38.59
N HIS A 437 -13.60 5.80 -38.05
CA HIS A 437 -13.90 4.96 -36.89
C HIS A 437 -13.44 5.67 -35.62
N GLY A 438 -14.22 5.51 -34.56
CA GLY A 438 -13.87 6.14 -33.29
C GLY A 438 -14.05 7.64 -33.28
N HIS A 439 -14.85 8.18 -34.18
CA HIS A 439 -15.02 9.63 -34.32
C HIS A 439 -16.31 10.07 -33.66
N VAL A 440 -16.22 11.06 -32.78
CA VAL A 440 -17.37 11.71 -32.19
C VAL A 440 -17.61 13.02 -32.94
N GLY A 441 -18.74 13.66 -32.65
CA GLY A 441 -19.12 14.83 -33.43
C GLY A 441 -18.07 15.92 -33.46
N ALA A 442 -17.44 16.17 -32.31
CA ALA A 442 -16.37 17.17 -32.28
C ALA A 442 -15.20 16.74 -33.16
N ASP A 443 -14.89 15.44 -33.16
CA ASP A 443 -13.83 14.94 -34.04
C ASP A 443 -14.20 15.17 -35.50
N LEU A 444 -15.48 15.02 -35.84
CA LEU A 444 -15.90 15.25 -37.22
C LEU A 444 -15.83 16.73 -37.58
N ALA A 445 -16.14 17.61 -36.63
CA ALA A 445 -15.95 19.03 -36.87
C ALA A 445 -14.49 19.36 -37.13
N SER A 446 -13.59 18.76 -36.34
CA SER A 446 -12.16 18.93 -36.58
C SER A 446 -11.77 18.40 -37.95
N LEU A 447 -12.35 17.26 -38.35
CA LEU A 447 -12.07 16.69 -39.66
C LEU A 447 -12.44 17.66 -40.77
N CYS A 448 -13.66 18.22 -40.70
CA CYS A 448 -14.10 19.16 -41.73
C CYS A 448 -13.22 20.39 -41.74
N SER A 449 -12.87 20.91 -40.56
CA SER A 449 -11.98 22.06 -40.50
C SER A 449 -10.65 21.76 -41.18
N GLU A 450 -10.05 20.62 -40.85
CA GLU A 450 -8.74 20.28 -41.41
C GLU A 450 -8.83 20.11 -42.93
N ALA A 451 -9.94 19.54 -43.41
CA ALA A 451 -10.12 19.42 -44.85
C ALA A 451 -10.16 20.80 -45.51
N ALA A 452 -10.87 21.74 -44.88
CA ALA A 452 -10.91 23.10 -45.43
C ALA A 452 -9.51 23.73 -45.42
N LEU A 453 -8.75 23.52 -44.33
CA LEU A 453 -7.39 24.03 -44.28
C LEU A 453 -6.55 23.44 -45.41
N GLN A 454 -6.69 22.14 -45.67
CA GLN A 454 -5.96 21.51 -46.75
C GLN A 454 -6.31 22.12 -48.10
N GLN A 455 -7.60 22.37 -48.33
CA GLN A 455 -8.00 23.00 -49.59
C GLN A 455 -7.39 24.40 -49.71
N ILE A 456 -7.42 25.18 -48.63
CA ILE A 456 -6.82 26.50 -48.67
C ILE A 456 -5.33 26.39 -49.00
N ARG A 457 -4.63 25.46 -48.36
CA ARG A 457 -3.21 25.27 -48.64
C ARG A 457 -2.99 24.96 -50.11
N ASN A 458 -3.76 24.02 -50.66
CA ASN A 458 -3.57 23.62 -52.05
C ASN A 458 -3.80 24.79 -52.99
N LYS A 459 -4.85 25.58 -52.73
CA LYS A 459 -5.18 26.71 -53.60
C LYS A 459 -4.45 27.99 -53.22
N MET A 460 -3.66 27.98 -52.14
CA MET A 460 -2.91 29.15 -51.72
C MET A 460 -1.41 28.97 -51.82
N ASN A 461 -0.89 27.76 -51.63
CA ASN A 461 0.55 27.54 -51.79
C ASN A 461 1.03 27.98 -53.16
N LEU A 462 0.18 27.83 -54.19
CA LEU A 462 0.52 28.34 -55.51
C LEU A 462 0.19 29.83 -55.64
N ILE A 463 -0.88 30.27 -54.99
CA ILE A 463 -1.30 31.67 -55.05
C ILE A 463 -1.34 32.28 -53.66
N ILE A 470 -7.07 36.54 -51.85
CA ILE A 470 -6.23 37.51 -52.53
C ILE A 470 -6.85 37.85 -53.89
N ASP A 471 -7.32 36.83 -54.59
CA ASP A 471 -8.00 36.98 -55.87
C ASP A 471 -9.45 36.54 -55.70
N ALA A 472 -10.39 37.45 -55.93
CA ALA A 472 -11.79 37.15 -55.71
C ALA A 472 -12.23 35.92 -56.51
N GLU A 473 -11.75 35.81 -57.74
CA GLU A 473 -12.11 34.65 -58.57
C GLU A 473 -11.62 33.35 -57.93
N VAL A 474 -10.39 33.36 -57.41
CA VAL A 474 -9.87 32.16 -56.77
C VAL A 474 -10.65 31.86 -55.49
N LEU A 475 -11.08 32.90 -54.78
CA LEU A 475 -11.85 32.70 -53.56
C LEU A 475 -13.15 31.97 -53.85
N ASN A 476 -13.85 32.37 -54.91
CA ASN A 476 -15.12 31.72 -55.26
C ASN A 476 -14.94 30.31 -55.77
N SER A 477 -13.72 29.93 -56.16
CA SER A 477 -13.42 28.59 -56.63
C SER A 477 -12.85 27.70 -55.53
N LEU A 478 -13.12 28.03 -54.28
CA LEU A 478 -12.59 27.29 -53.13
C LEU A 478 -13.67 26.37 -52.60
N ALA A 479 -13.56 25.08 -52.94
CA ALA A 479 -14.48 24.06 -52.48
C ALA A 479 -13.70 22.84 -52.04
N VAL A 480 -14.10 22.24 -50.92
CA VAL A 480 -13.35 21.12 -50.36
C VAL A 480 -13.56 19.90 -51.25
N THR A 481 -12.47 19.37 -51.80
CA THR A 481 -12.52 18.18 -52.62
C THR A 481 -12.36 16.92 -51.76
N MET A 482 -12.68 15.77 -52.37
CA MET A 482 -12.67 14.52 -51.61
C MET A 482 -11.26 14.16 -51.15
N ASP A 483 -10.26 14.45 -51.96
CA ASP A 483 -8.88 14.16 -51.56
C ASP A 483 -8.52 14.89 -50.28
N ASP A 484 -9.04 16.11 -50.12
CA ASP A 484 -8.81 16.85 -48.87
C ASP A 484 -9.42 16.11 -47.68
N PHE A 485 -10.63 15.59 -47.85
CA PHE A 485 -11.27 14.85 -46.76
C PHE A 485 -10.48 13.59 -46.44
N ARG A 486 -9.98 12.90 -47.47
CA ARG A 486 -9.19 11.69 -47.22
C ARG A 486 -7.90 12.02 -46.48
N TRP A 487 -7.24 13.11 -46.87
CA TRP A 487 -6.03 13.54 -46.17
C TRP A 487 -6.33 13.86 -44.71
N ALA A 488 -7.41 14.61 -44.47
CA ALA A 488 -7.77 14.97 -43.10
C ALA A 488 -8.07 13.74 -42.27
N LEU A 489 -8.81 12.78 -42.85
CA LEU A 489 -9.11 11.55 -42.13
C LEU A 489 -7.84 10.77 -41.83
N GLY A 490 -6.92 10.72 -42.78
CA GLY A 490 -5.65 10.04 -42.53
C GLY A 490 -4.87 10.67 -41.39
N LYS A 491 -4.86 12.00 -41.35
CA LYS A 491 -4.11 12.72 -40.32
C LYS A 491 -4.92 12.99 -39.06
N SER A 492 -6.15 12.50 -38.98
CA SER A 492 -7.02 12.75 -37.84
C SER A 492 -6.80 11.69 -36.77
N ASN A 493 -6.62 12.14 -35.53
CA ASN A 493 -6.44 11.27 -34.38
C ASN A 493 -7.72 11.28 -33.55
N PRO A 494 -8.69 10.40 -33.83
CA PRO A 494 -9.96 10.46 -33.08
C PRO A 494 -9.76 10.16 -31.61
N SER A 495 -10.64 10.73 -30.80
CA SER A 495 -10.58 10.60 -29.35
C SER A 495 -11.36 9.41 -28.80
N ALA A 496 -12.17 8.74 -29.63
CA ALA A 496 -13.02 7.65 -29.18
C ALA A 496 -12.64 6.34 -29.86
N LEU A 497 -11.35 6.16 -30.17
CA LEU A 497 -10.91 4.86 -30.69
C LEU A 497 -10.95 3.78 -29.63
N ARG A 498 -10.68 4.14 -28.38
CA ARG A 498 -10.56 3.18 -27.29
C ARG A 498 -11.89 2.85 -26.62
N GLU A 499 -12.97 3.52 -27.01
CA GLU A 499 -14.26 3.31 -26.37
C GLU A 499 -15.07 2.29 -27.16
N THR A 500 -15.72 1.38 -26.44
CA THR A 500 -16.42 0.28 -27.06
C THR A 500 -17.60 0.76 -27.90
N THR A 501 -17.93 -0.01 -28.93
CA THR A 501 -19.00 0.31 -29.86
C THR A 501 -20.17 -0.66 -29.66
N VAL A 502 -21.38 -0.13 -29.75
CA VAL A 502 -22.60 -0.92 -29.71
C VAL A 502 -23.32 -0.68 -31.03
N GLU A 503 -23.43 -1.73 -31.85
CA GLU A 503 -24.07 -1.61 -33.15
C GLU A 503 -24.54 -2.99 -33.59
N VAL A 504 -25.46 -2.98 -34.55
CA VAL A 504 -25.96 -4.22 -35.16
C VAL A 504 -25.05 -4.55 -36.33
N PRO A 505 -24.30 -5.66 -36.29
CA PRO A 505 -23.37 -5.94 -37.38
C PRO A 505 -24.09 -6.21 -38.68
N ASN A 506 -23.39 -5.90 -39.79
CA ASN A 506 -23.92 -6.09 -41.13
C ASN A 506 -23.35 -7.34 -41.80
N VAL A 507 -23.06 -8.37 -41.02
CA VAL A 507 -22.54 -9.64 -41.55
C VAL A 507 -23.73 -10.59 -41.62
N THR A 508 -24.41 -10.59 -42.76
CA THR A 508 -25.53 -11.49 -42.94
C THR A 508 -25.04 -12.93 -43.01
N TRP A 509 -25.88 -13.85 -42.53
CA TRP A 509 -25.48 -15.26 -42.55
C TRP A 509 -25.31 -15.79 -43.97
N ASP A 510 -25.93 -15.14 -44.95
CA ASP A 510 -25.70 -15.53 -46.34
C ASP A 510 -24.23 -15.43 -46.71
N ASP A 511 -23.46 -14.62 -45.99
CA ASP A 511 -22.04 -14.46 -46.28
C ASP A 511 -21.21 -15.55 -45.63
N ILE A 512 -21.60 -16.01 -44.43
CA ILE A 512 -20.84 -17.03 -43.74
C ILE A 512 -20.82 -18.33 -44.54
N GLY A 513 -21.84 -18.57 -45.35
CA GLY A 513 -21.82 -19.71 -46.25
C GLY A 513 -22.35 -20.99 -45.62
N GLY A 514 -21.44 -21.86 -45.20
CA GLY A 514 -21.83 -23.13 -44.64
C GLY A 514 -21.96 -23.11 -43.13
N LEU A 515 -21.20 -23.95 -42.45
CA LEU A 515 -21.32 -24.11 -41.01
C LEU A 515 -22.78 -24.18 -40.59
N GLU A 516 -23.53 -25.07 -41.26
CA GLU A 516 -24.96 -25.14 -41.09
C GLU A 516 -25.36 -25.80 -39.77
N ASN A 517 -24.53 -26.69 -39.24
CA ASN A 517 -24.78 -27.21 -37.89
C ASN A 517 -24.69 -26.09 -36.87
N VAL A 518 -23.65 -25.25 -36.97
CA VAL A 518 -23.56 -24.08 -36.10
C VAL A 518 -24.72 -23.15 -36.36
N LYS A 519 -25.14 -23.03 -37.63
CA LYS A 519 -26.31 -22.22 -37.95
C LYS A 519 -27.52 -22.67 -37.15
N ARG A 520 -27.83 -23.97 -37.21
CA ARG A 520 -28.99 -24.48 -36.52
C ARG A 520 -28.87 -24.30 -35.01
N GLU A 521 -27.70 -24.60 -34.46
CA GLU A 521 -27.53 -24.50 -33.01
C GLU A 521 -27.70 -23.06 -32.54
N LEU A 522 -27.07 -22.11 -33.23
CA LEU A 522 -27.16 -20.72 -32.82
C LEU A 522 -28.56 -20.16 -33.06
N GLN A 523 -29.25 -20.63 -34.11
CA GLN A 523 -30.64 -20.23 -34.31
C GLN A 523 -31.51 -20.71 -33.15
N GLU A 524 -31.30 -21.95 -32.71
CA GLU A 524 -32.06 -22.46 -31.58
C GLU A 524 -31.76 -21.68 -30.32
N LEU A 525 -30.50 -21.29 -30.13
CA LEU A 525 -30.08 -20.71 -28.85
C LEU A 525 -30.31 -19.20 -28.74
N VAL A 526 -30.33 -18.47 -29.86
CA VAL A 526 -30.39 -17.02 -29.85
C VAL A 526 -31.59 -16.49 -30.64
N GLN A 527 -31.72 -16.91 -31.90
CA GLN A 527 -32.76 -16.33 -32.75
C GLN A 527 -34.16 -16.66 -32.24
N TYR A 528 -34.39 -17.92 -31.85
CA TYR A 528 -35.74 -18.29 -31.42
C TYR A 528 -36.15 -17.57 -30.15
N PRO A 529 -35.31 -17.48 -29.11
CA PRO A 529 -35.72 -16.73 -27.91
C PRO A 529 -36.10 -15.28 -28.18
N VAL A 530 -35.49 -14.64 -29.18
CA VAL A 530 -35.72 -13.22 -29.41
C VAL A 530 -36.87 -12.99 -30.37
N GLU A 531 -36.93 -13.75 -31.47
CA GLU A 531 -37.95 -13.54 -32.48
C GLU A 531 -39.31 -14.10 -32.06
N HIS A 532 -39.32 -15.20 -31.30
CA HIS A 532 -40.56 -15.88 -30.93
C HIS A 532 -40.58 -16.16 -29.44
N PRO A 533 -40.69 -15.12 -28.61
CA PRO A 533 -40.87 -15.36 -27.17
C PRO A 533 -42.16 -16.11 -26.85
N ASP A 534 -43.18 -15.99 -27.70
CA ASP A 534 -44.47 -16.59 -27.42
C ASP A 534 -44.36 -18.11 -27.29
N LYS A 535 -43.58 -18.74 -28.17
CA LYS A 535 -43.43 -20.19 -28.11
C LYS A 535 -42.74 -20.61 -26.82
N PHE A 536 -41.71 -19.86 -26.41
CA PHE A 536 -40.99 -20.19 -25.18
C PHE A 536 -41.91 -20.06 -23.97
N LEU A 537 -42.73 -19.01 -23.93
CA LEU A 537 -43.69 -18.88 -22.84
C LEU A 537 -44.72 -20.00 -22.89
N LYS A 538 -45.15 -20.39 -24.09
CA LYS A 538 -46.14 -21.46 -24.23
C LYS A 538 -45.60 -22.78 -23.69
N PHE A 539 -44.35 -23.09 -23.99
CA PHE A 539 -43.75 -24.36 -23.56
C PHE A 539 -43.03 -24.25 -22.22
N GLY A 540 -43.03 -23.08 -21.59
CA GLY A 540 -42.46 -22.92 -20.27
C GLY A 540 -40.99 -23.29 -20.19
N MET A 541 -40.20 -22.83 -21.15
CA MET A 541 -38.78 -23.06 -21.17
C MET A 541 -38.05 -21.72 -21.11
N THR A 542 -37.13 -21.59 -20.16
CA THR A 542 -36.31 -20.39 -20.05
C THR A 542 -35.06 -20.57 -20.89
N PRO A 543 -34.85 -19.76 -21.92
CA PRO A 543 -33.70 -19.99 -22.81
C PRO A 543 -32.39 -19.85 -22.05
N SER A 544 -31.43 -20.71 -22.42
CA SER A 544 -30.08 -20.57 -21.89
C SER A 544 -29.38 -19.38 -22.53
N LYS A 545 -28.74 -18.56 -21.71
CA LYS A 545 -28.14 -17.32 -22.22
C LYS A 545 -26.62 -17.39 -22.17
N GLY A 546 -26.03 -18.47 -22.65
CA GLY A 546 -24.58 -18.63 -22.57
C GLY A 546 -24.06 -19.70 -23.47
N VAL A 547 -23.22 -19.34 -24.45
CA VAL A 547 -22.59 -20.31 -25.39
C VAL A 547 -21.07 -20.19 -25.24
N LEU A 548 -20.30 -21.18 -25.68
CA LEU A 548 -18.81 -21.13 -25.70
C LEU A 548 -18.35 -21.56 -27.10
N PHE A 549 -17.69 -20.70 -27.86
CA PHE A 549 -17.29 -21.03 -29.25
C PHE A 549 -15.88 -21.64 -29.23
N TYR A 550 -15.72 -22.97 -29.11
CA TYR A 550 -14.38 -23.56 -28.99
C TYR A 550 -14.04 -24.11 -30.32
N GLY A 551 -12.82 -23.87 -30.81
CA GLY A 551 -12.43 -24.31 -32.15
C GLY A 551 -11.05 -23.82 -32.52
N PRO A 552 -10.45 -24.34 -33.60
CA PRO A 552 -9.10 -23.97 -33.99
C PRO A 552 -9.01 -22.48 -34.25
N PRO A 553 -7.83 -21.88 -34.02
CA PRO A 553 -7.70 -20.44 -34.26
C PRO A 553 -7.92 -20.08 -35.72
N GLY A 554 -8.38 -18.85 -35.94
CA GLY A 554 -8.59 -18.34 -37.28
C GLY A 554 -9.68 -19.04 -38.05
N CYS A 555 -10.84 -19.27 -37.41
CA CYS A 555 -11.99 -19.88 -38.08
C CYS A 555 -13.24 -19.02 -37.96
N GLY A 556 -13.09 -17.71 -37.75
CA GLY A 556 -14.20 -16.79 -37.83
C GLY A 556 -15.29 -16.97 -36.81
N LYS A 557 -14.92 -17.13 -35.53
CA LYS A 557 -15.93 -17.20 -34.48
C LYS A 557 -16.60 -15.83 -34.28
N THR A 558 -15.82 -14.75 -34.37
CA THR A 558 -16.39 -13.42 -34.22
C THR A 558 -17.41 -13.14 -35.31
N LEU A 559 -17.13 -13.56 -36.54
CA LEU A 559 -18.08 -13.36 -37.63
C LEU A 559 -19.35 -14.16 -37.40
N LEU A 560 -19.22 -15.36 -36.82
CA LEU A 560 -20.41 -16.16 -36.52
C LEU A 560 -21.27 -15.46 -35.47
N ALA A 561 -20.64 -14.92 -34.42
CA ALA A 561 -21.40 -14.17 -33.42
C ALA A 561 -22.07 -12.96 -34.05
N LYS A 562 -21.34 -12.24 -34.92
CA LYS A 562 -21.93 -11.08 -35.58
C LYS A 562 -23.10 -11.47 -36.45
N ALA A 563 -23.01 -12.60 -37.16
CA ALA A 563 -24.11 -13.04 -38.01
C ALA A 563 -25.34 -13.39 -37.20
N ILE A 564 -25.15 -14.11 -36.09
CA ILE A 564 -26.31 -14.44 -35.27
C ILE A 564 -26.90 -13.19 -34.65
N ALA A 565 -26.07 -12.19 -34.33
CA ALA A 565 -26.59 -10.92 -33.87
C ALA A 565 -27.42 -10.25 -34.96
N ASN A 566 -26.93 -10.28 -36.20
CA ASN A 566 -27.63 -9.61 -37.29
C ASN A 566 -28.97 -10.27 -37.58
N GLU A 567 -29.03 -11.61 -37.60
CA GLU A 567 -30.28 -12.29 -37.91
C GLU A 567 -31.37 -11.91 -36.91
N CYS A 568 -31.00 -11.61 -35.68
CA CYS A 568 -31.94 -11.17 -34.65
C CYS A 568 -32.04 -9.66 -34.55
N GLN A 569 -31.32 -8.92 -35.37
CA GLN A 569 -31.23 -7.47 -35.25
C GLN A 569 -30.86 -7.08 -33.82
N ALA A 570 -29.92 -7.82 -33.25
CA ALA A 570 -29.46 -7.63 -31.89
C ALA A 570 -28.15 -6.84 -31.87
N ASN A 571 -28.00 -6.00 -30.85
CA ASN A 571 -26.77 -5.25 -30.69
C ASN A 571 -25.61 -6.19 -30.39
N PHE A 572 -24.42 -5.82 -30.85
CA PHE A 572 -23.23 -6.63 -30.68
C PHE A 572 -22.17 -5.84 -29.93
N ILE A 573 -21.62 -6.45 -28.89
CA ILE A 573 -20.55 -5.86 -28.09
C ILE A 573 -19.40 -6.85 -28.05
N SER A 574 -18.21 -6.41 -28.47
CA SER A 574 -17.03 -7.25 -28.54
C SER A 574 -16.01 -6.77 -27.50
N ILE A 575 -15.57 -7.69 -26.65
CA ILE A 575 -14.60 -7.40 -25.61
C ILE A 575 -13.46 -8.41 -25.72
N LYS A 576 -12.23 -7.90 -25.79
CA LYS A 576 -11.03 -8.73 -25.82
C LYS A 576 -10.46 -8.86 -24.41
N GLY A 577 -9.83 -10.00 -24.16
CA GLY A 577 -9.27 -10.28 -22.86
C GLY A 577 -8.24 -9.25 -22.43
N PRO A 578 -7.30 -8.92 -23.33
CA PRO A 578 -6.34 -7.86 -23.00
C PRO A 578 -7.00 -6.55 -22.64
N GLU A 579 -8.09 -6.18 -23.31
CA GLU A 579 -8.78 -4.95 -22.96
C GLU A 579 -9.33 -5.02 -21.54
N LEU A 580 -9.95 -6.14 -21.17
CA LEU A 580 -10.50 -6.28 -19.83
C LEU A 580 -9.40 -6.21 -18.78
N LEU A 581 -8.30 -6.92 -19.01
CA LEU A 581 -7.21 -6.89 -18.04
C LEU A 581 -6.59 -5.50 -17.93
N THR A 582 -6.42 -4.82 -19.06
CA THR A 582 -5.82 -3.50 -19.03
C THR A 582 -6.70 -2.50 -18.29
N MET A 583 -8.01 -2.54 -18.55
CA MET A 583 -8.91 -1.62 -17.87
C MET A 583 -9.03 -1.96 -16.38
N TRP A 584 -8.95 -3.25 -16.03
CA TRP A 584 -8.94 -3.61 -14.62
C TRP A 584 -7.70 -3.08 -13.93
N PHE A 585 -6.54 -3.21 -14.58
CA PHE A 585 -5.31 -2.66 -14.01
C PHE A 585 -5.40 -1.14 -13.87
N GLY A 586 -5.94 -0.48 -14.88
CA GLY A 586 -6.09 0.97 -14.85
C GLY A 586 -7.18 1.42 -13.90
N ALA A 590 -14.51 -3.91 -11.48
CA ALA A 590 -15.51 -2.85 -11.45
C ALA A 590 -16.06 -2.59 -12.84
N ASN A 591 -15.17 -2.52 -13.84
CA ASN A 591 -15.59 -2.31 -15.21
C ASN A 591 -16.14 -3.58 -15.85
N VAL A 592 -16.00 -4.74 -15.19
CA VAL A 592 -16.69 -5.93 -15.66
C VAL A 592 -18.19 -5.74 -15.54
N ARG A 593 -18.64 -5.07 -14.49
CA ARG A 593 -20.06 -4.77 -14.34
C ARG A 593 -20.51 -3.65 -15.25
N ASP A 594 -19.60 -2.76 -15.65
CA ASP A 594 -19.98 -1.68 -16.55
C ASP A 594 -20.40 -2.22 -17.91
N ILE A 595 -19.66 -3.21 -18.44
CA ILE A 595 -19.98 -3.73 -19.76
C ILE A 595 -21.30 -4.49 -19.72
N PHE A 596 -21.55 -5.24 -18.65
CA PHE A 596 -22.83 -5.93 -18.53
C PHE A 596 -23.98 -4.95 -18.36
N ASP A 597 -23.76 -3.86 -17.61
CA ASP A 597 -24.77 -2.83 -17.49
C ASP A 597 -25.09 -2.21 -18.85
N LYS A 598 -24.06 -1.94 -19.64
CA LYS A 598 -24.28 -1.40 -20.98
C LYS A 598 -25.00 -2.40 -21.86
N ALA A 599 -24.69 -3.69 -21.72
CA ALA A 599 -25.40 -4.71 -22.46
C ALA A 599 -26.87 -4.73 -22.09
N ARG A 600 -27.17 -4.58 -20.79
CA ARG A 600 -28.56 -4.48 -20.36
C ARG A 600 -29.22 -3.26 -20.97
N GLN A 601 -28.50 -2.13 -21.01
CA GLN A 601 -29.02 -0.93 -21.65
C GLN A 601 -29.44 -1.22 -23.09
N ALA A 602 -28.55 -1.85 -23.84
CA ALA A 602 -28.83 -2.13 -25.24
C ALA A 602 -30.00 -3.07 -25.38
N ALA A 603 -30.65 -3.02 -26.54
CA ALA A 603 -31.75 -3.92 -26.86
C ALA A 603 -31.18 -5.32 -26.91
N PRO A 604 -32.00 -6.37 -27.12
CA PRO A 604 -31.46 -7.73 -27.13
C PRO A 604 -30.11 -7.79 -27.84
N CYS A 605 -29.07 -8.18 -27.12
CA CYS A 605 -27.71 -8.02 -27.59
C CYS A 605 -26.91 -9.28 -27.32
N VAL A 606 -25.83 -9.43 -28.08
CA VAL A 606 -24.90 -10.54 -27.95
C VAL A 606 -23.60 -9.96 -27.39
N LEU A 607 -23.27 -10.34 -26.15
CA LEU A 607 -22.06 -9.88 -25.49
C LEU A 607 -20.97 -10.93 -25.75
N PHE A 608 -20.12 -10.66 -26.74
CA PHE A 608 -19.14 -11.62 -27.22
C PHE A 608 -17.80 -11.34 -26.56
N PHE A 609 -17.36 -12.25 -25.69
CA PHE A 609 -16.01 -12.22 -25.15
C PHE A 609 -15.09 -12.99 -26.09
N ASP A 610 -13.95 -12.38 -26.43
CA ASP A 610 -13.16 -12.84 -27.57
C ASP A 610 -12.21 -13.98 -27.19
N GLU A 611 -11.42 -13.82 -26.14
CA GLU A 611 -10.57 -14.89 -25.62
C GLU A 611 -10.80 -15.02 -24.13
N LEU A 612 -11.53 -16.06 -23.74
CA LEU A 612 -11.94 -16.26 -22.35
C LEU A 612 -10.93 -17.08 -21.56
N ASP A 613 -9.88 -17.61 -22.20
CA ASP A 613 -8.82 -18.27 -21.46
C ASP A 613 -7.94 -17.26 -20.74
N SER A 614 -7.82 -16.04 -21.29
CA SER A 614 -7.06 -15.00 -20.60
C SER A 614 -7.71 -14.64 -19.27
N ILE A 615 -9.04 -14.66 -19.21
CA ILE A 615 -9.75 -14.37 -17.98
C ILE A 615 -10.02 -15.64 -17.18
N ALA A 616 -10.48 -16.68 -17.84
CA ALA A 616 -10.77 -17.97 -17.20
C ALA A 616 -9.58 -18.91 -17.32
N LYS A 617 -8.45 -18.49 -16.74
CA LYS A 617 -7.23 -19.27 -16.85
C LYS A 617 -7.36 -20.62 -16.16
N ALA A 618 -8.04 -20.65 -15.02
CA ALA A 618 -8.16 -21.87 -14.22
C ALA A 618 -6.82 -22.24 -13.59
N ALA A 629 -4.89 -11.57 -9.48
CA ALA A 629 -5.39 -10.50 -10.33
C ALA A 629 -6.58 -10.97 -11.16
N ALA A 630 -6.41 -12.09 -11.85
CA ALA A 630 -7.49 -12.67 -12.65
C ALA A 630 -8.53 -13.37 -11.79
N ASP A 631 -8.17 -13.75 -10.57
CA ASP A 631 -9.13 -14.38 -9.65
C ASP A 631 -10.24 -13.43 -9.25
N ARG A 632 -10.06 -12.14 -9.45
CA ARG A 632 -11.09 -11.15 -9.19
C ARG A 632 -12.00 -10.98 -10.39
N VAL A 633 -11.41 -10.87 -11.59
CA VAL A 633 -12.20 -10.73 -12.80
C VAL A 633 -13.07 -11.96 -13.03
N ILE A 634 -12.52 -13.14 -12.76
CA ILE A 634 -13.29 -14.37 -12.99
C ILE A 634 -14.53 -14.36 -12.10
N ASN A 635 -14.36 -14.00 -10.82
CA ASN A 635 -15.50 -14.02 -9.91
C ASN A 635 -16.48 -12.90 -10.26
N GLN A 636 -15.98 -11.73 -10.65
CA GLN A 636 -16.87 -10.68 -11.12
C GLN A 636 -17.75 -11.20 -12.24
N LEU A 637 -17.14 -11.80 -13.27
CA LEU A 637 -17.89 -12.30 -14.41
C LEU A 637 -18.88 -13.38 -13.99
N LEU A 638 -18.45 -14.31 -13.13
CA LEU A 638 -19.33 -15.40 -12.73
C LEU A 638 -20.54 -14.87 -11.98
N THR A 639 -20.31 -13.97 -11.02
CA THR A 639 -21.43 -13.41 -10.27
C THR A 639 -22.34 -12.58 -11.15
N GLU A 640 -21.76 -11.83 -12.08
CA GLU A 640 -22.58 -11.01 -12.97
C GLU A 640 -23.45 -11.87 -13.86
N MET A 641 -22.92 -13.01 -14.31
CA MET A 641 -23.75 -13.95 -15.05
C MET A 641 -24.80 -14.59 -14.15
N ASP A 642 -24.45 -14.85 -12.89
CA ASP A 642 -25.39 -15.42 -11.93
C ASP A 642 -26.50 -14.45 -11.57
N GLY A 643 -26.36 -13.18 -11.91
CA GLY A 643 -27.35 -12.18 -11.59
C GLY A 643 -28.03 -11.61 -12.82
N MET A 644 -27.70 -12.16 -13.99
CA MET A 644 -28.31 -11.73 -15.25
C MET A 644 -29.57 -12.55 -15.48
N SER A 645 -30.74 -11.91 -15.34
CA SER A 645 -31.99 -12.61 -15.54
C SER A 645 -32.11 -13.11 -16.97
N ALA A 646 -32.55 -14.37 -17.11
CA ALA A 646 -32.61 -14.99 -18.43
C ALA A 646 -33.62 -14.32 -19.35
N LYS A 647 -34.57 -13.57 -18.80
CA LYS A 647 -35.62 -12.95 -19.60
C LYS A 647 -35.22 -11.59 -20.16
N LYS A 648 -34.04 -11.08 -19.83
CA LYS A 648 -33.61 -9.78 -20.33
C LYS A 648 -33.08 -9.84 -21.75
N ASN A 649 -32.88 -11.04 -22.30
CA ASN A 649 -32.41 -11.22 -23.67
C ASN A 649 -31.02 -10.61 -23.86
N VAL A 650 -30.10 -11.00 -22.98
CA VAL A 650 -28.68 -10.71 -23.15
C VAL A 650 -27.98 -12.05 -23.25
N PHE A 651 -27.44 -12.35 -24.43
CA PHE A 651 -26.79 -13.63 -24.69
C PHE A 651 -25.28 -13.44 -24.67
N ILE A 652 -24.58 -14.23 -23.86
CA ILE A 652 -23.15 -14.10 -23.66
C ILE A 652 -22.47 -15.23 -24.43
N ILE A 653 -21.64 -14.87 -25.41
CA ILE A 653 -20.97 -15.86 -26.30
C ILE A 653 -19.47 -15.69 -26.11
N GLY A 654 -18.79 -16.62 -25.46
CA GLY A 654 -17.35 -16.57 -25.20
C GLY A 654 -16.58 -17.47 -26.14
N ALA A 655 -15.51 -17.01 -26.76
CA ALA A 655 -14.75 -17.79 -27.75
C ALA A 655 -13.41 -18.15 -27.16
N THR A 656 -12.92 -19.37 -27.38
CA THR A 656 -11.65 -19.86 -26.83
C THR A 656 -11.02 -20.76 -27.82
N ASN A 657 -9.78 -20.51 -28.18
CA ASN A 657 -9.02 -21.40 -29.07
C ASN A 657 -8.61 -22.59 -28.23
N ARG A 658 -8.26 -22.36 -26.97
CA ARG A 658 -7.85 -23.40 -26.01
C ARG A 658 -8.94 -23.70 -24.99
N PRO A 659 -9.88 -24.62 -25.22
CA PRO A 659 -10.98 -24.82 -24.26
C PRO A 659 -10.60 -25.62 -23.03
N ASP A 660 -9.56 -26.46 -23.10
CA ASP A 660 -9.20 -27.31 -21.98
C ASP A 660 -8.57 -26.55 -20.82
N ILE A 661 -8.23 -25.27 -21.01
CA ILE A 661 -7.70 -24.48 -19.90
C ILE A 661 -8.79 -23.69 -19.18
N ILE A 662 -9.97 -23.53 -19.77
CA ILE A 662 -11.01 -22.72 -19.15
C ILE A 662 -11.45 -23.33 -17.84
N ASP A 663 -11.59 -22.48 -16.82
CA ASP A 663 -12.06 -22.94 -15.52
C ASP A 663 -13.44 -23.58 -15.66
N GLY A 664 -13.61 -24.74 -15.02
CA GLY A 664 -14.89 -25.44 -15.09
C GLY A 664 -16.03 -24.68 -14.44
N ALA A 665 -15.74 -23.64 -13.65
CA ALA A 665 -16.80 -22.88 -13.01
C ALA A 665 -17.67 -22.18 -14.05
N ILE A 666 -17.07 -21.64 -15.10
CA ILE A 666 -17.84 -20.94 -16.12
C ILE A 666 -18.77 -21.91 -16.84
N LEU A 667 -18.32 -23.13 -17.09
CA LEU A 667 -19.09 -24.10 -17.85
C LEU A 667 -20.16 -24.80 -17.02
N ARG A 668 -20.44 -24.33 -15.81
CA ARG A 668 -21.49 -24.93 -15.00
C ARG A 668 -22.85 -24.66 -15.63
N PRO A 669 -23.85 -25.50 -15.33
CA PRO A 669 -25.20 -25.22 -15.86
C PRO A 669 -25.72 -23.89 -15.34
N GLY A 670 -26.14 -23.05 -16.27
CA GLY A 670 -26.64 -21.72 -15.95
C GLY A 670 -25.65 -20.60 -16.11
N ARG A 671 -24.40 -20.88 -16.49
CA ARG A 671 -23.42 -19.81 -16.68
C ARG A 671 -23.01 -19.70 -18.13
N LEU A 672 -22.37 -20.70 -18.73
CA LEU A 672 -22.07 -20.68 -20.15
C LEU A 672 -22.10 -22.09 -20.75
N ASP A 673 -23.08 -22.90 -20.38
CA ASP A 673 -23.03 -24.35 -20.64
C ASP A 673 -23.74 -24.72 -21.95
N GLN A 674 -23.23 -24.20 -23.06
CA GLN A 674 -23.76 -24.53 -24.38
C GLN A 674 -22.64 -24.71 -25.39
N LEU A 675 -21.62 -25.50 -25.03
CA LEU A 675 -20.44 -25.67 -25.87
C LEU A 675 -20.82 -25.94 -27.33
N ILE A 676 -20.40 -25.04 -28.22
CA ILE A 676 -20.59 -25.20 -29.67
C ILE A 676 -19.22 -25.23 -30.32
N TYR A 677 -19.04 -26.19 -31.24
CA TYR A 677 -17.77 -26.39 -31.92
C TYR A 677 -17.78 -25.73 -33.29
N ILE A 678 -16.74 -24.95 -33.56
CA ILE A 678 -16.59 -24.28 -34.86
C ILE A 678 -15.39 -24.91 -35.57
N PRO A 679 -15.59 -25.76 -36.57
CA PRO A 679 -14.48 -26.46 -37.20
C PRO A 679 -13.78 -25.59 -38.23
N LEU A 680 -12.76 -26.15 -38.86
CA LEU A 680 -12.11 -25.47 -39.97
C LEU A 680 -13.12 -25.31 -41.11
N PRO A 681 -13.07 -24.20 -41.85
CA PRO A 681 -14.13 -23.94 -42.83
C PRO A 681 -14.23 -25.04 -43.88
N ASP A 682 -15.46 -25.36 -44.25
CA ASP A 682 -15.72 -26.36 -45.29
C ASP A 682 -15.62 -25.68 -46.65
N GLU A 683 -16.00 -26.40 -47.71
CA GLU A 683 -15.77 -25.89 -49.06
C GLU A 683 -16.48 -24.56 -49.28
N ALA A 684 -17.78 -24.51 -49.01
CA ALA A 684 -18.53 -23.27 -49.23
C ALA A 684 -17.99 -22.15 -48.34
N SER A 685 -17.69 -22.47 -47.08
CA SER A 685 -17.12 -21.47 -46.19
C SER A 685 -15.79 -20.94 -46.73
N ARG A 686 -14.98 -21.83 -47.32
CA ARG A 686 -13.71 -21.39 -47.89
C ARG A 686 -13.93 -20.50 -49.10
N VAL A 687 -14.88 -20.84 -49.96
CA VAL A 687 -15.20 -19.98 -51.09
C VAL A 687 -15.61 -18.60 -50.58
N ASN A 688 -16.44 -18.56 -49.54
CA ASN A 688 -16.90 -17.28 -49.02
C ASN A 688 -15.77 -16.49 -48.36
N ILE A 689 -14.85 -17.18 -47.68
CA ILE A 689 -13.70 -16.49 -47.10
C ILE A 689 -12.86 -15.85 -48.20
N LEU A 690 -12.57 -16.63 -49.24
CA LEU A 690 -11.74 -16.12 -50.33
C LEU A 690 -12.43 -14.98 -51.07
N LYS A 691 -13.76 -15.03 -51.15
CA LYS A 691 -14.48 -13.94 -51.80
C LYS A 691 -14.54 -12.69 -50.94
N ALA A 692 -14.65 -12.86 -49.61
CA ALA A 692 -14.60 -11.70 -48.72
C ALA A 692 -13.23 -11.04 -48.75
N ASN A 693 -12.17 -11.83 -48.77
CA ASN A 693 -10.82 -11.26 -48.82
C ASN A 693 -10.61 -10.49 -50.12
N LEU A 694 -11.05 -11.04 -51.24
CA LEU A 694 -10.85 -10.44 -52.55
C LEU A 694 -12.02 -9.56 -52.97
N ARG A 695 -12.82 -9.08 -52.01
CA ARG A 695 -13.99 -8.27 -52.37
C ARG A 695 -13.56 -6.96 -53.01
N LYS A 696 -12.59 -6.27 -52.41
CA LYS A 696 -12.13 -4.97 -52.90
C LYS A 696 -10.96 -5.08 -53.86
N SER A 697 -10.47 -6.29 -54.13
CA SER A 697 -9.29 -6.47 -54.96
C SER A 697 -9.71 -6.87 -56.37
N PRO A 698 -9.31 -6.11 -57.41
CA PRO A 698 -9.67 -6.54 -58.78
C PRO A 698 -8.94 -7.80 -59.20
N ILE A 699 -9.69 -8.89 -59.33
CA ILE A 699 -9.12 -10.18 -59.72
C ILE A 699 -9.37 -10.39 -61.21
N ALA A 700 -8.55 -11.25 -61.81
CA ALA A 700 -8.67 -11.56 -63.23
C ALA A 700 -9.68 -12.69 -63.44
N ARG A 701 -10.35 -12.65 -64.60
CA ARG A 701 -11.41 -13.61 -64.86
C ARG A 701 -10.89 -15.04 -64.90
N ASP A 702 -9.60 -15.23 -65.22
CA ASP A 702 -9.04 -16.57 -65.27
C ASP A 702 -8.99 -17.22 -63.89
N VAL A 703 -9.11 -16.44 -62.82
CA VAL A 703 -8.99 -16.97 -61.46
C VAL A 703 -10.26 -17.71 -61.11
N ASP A 704 -10.12 -18.96 -60.66
CA ASP A 704 -11.23 -19.80 -60.23
C ASP A 704 -11.16 -19.93 -58.71
N ILE A 705 -11.96 -19.12 -58.01
CA ILE A 705 -11.97 -19.16 -56.55
C ILE A 705 -12.41 -20.53 -56.08
N ASN A 706 -13.37 -21.14 -56.77
CA ASN A 706 -13.84 -22.46 -56.38
C ASN A 706 -12.70 -23.47 -56.43
N PHE A 707 -11.83 -23.37 -57.44
CA PHE A 707 -10.69 -24.29 -57.51
C PHE A 707 -9.77 -24.10 -56.31
N LEU A 708 -9.50 -22.86 -55.92
CA LEU A 708 -8.67 -22.63 -54.75
C LEU A 708 -9.31 -23.22 -53.50
N ALA A 709 -10.61 -23.02 -53.33
CA ALA A 709 -11.30 -23.57 -52.17
C ALA A 709 -11.21 -25.09 -52.16
N LYS A 710 -11.39 -25.73 -53.31
CA LYS A 710 -11.30 -27.18 -53.39
C LYS A 710 -9.87 -27.65 -53.08
N ALA A 711 -8.87 -26.90 -53.55
CA ALA A 711 -7.49 -27.32 -53.36
C ALA A 711 -7.07 -27.19 -51.91
N THR A 712 -7.49 -26.13 -51.22
CA THR A 712 -7.05 -25.90 -49.85
C THR A 712 -7.38 -27.12 -48.97
N GLN A 713 -8.65 -27.38 -48.76
CA GLN A 713 -9.12 -28.60 -48.09
C GLN A 713 -8.32 -28.89 -46.83
N GLY A 714 -8.45 -27.99 -45.87
CA GLY A 714 -7.80 -28.16 -44.58
C GLY A 714 -7.24 -26.87 -44.02
N PHE A 715 -7.05 -25.88 -44.89
CA PHE A 715 -6.53 -24.60 -44.46
C PHE A 715 -7.53 -23.88 -43.55
N SER A 716 -7.02 -23.26 -42.49
CA SER A 716 -7.86 -22.43 -41.65
C SER A 716 -8.12 -21.10 -42.37
N GLY A 717 -8.94 -20.25 -41.74
CA GLY A 717 -9.26 -18.97 -42.35
C GLY A 717 -8.04 -18.07 -42.46
N ALA A 718 -7.22 -18.02 -41.42
CA ALA A 718 -6.01 -17.20 -41.47
C ALA A 718 -5.10 -17.66 -42.60
N ASP A 719 -5.07 -18.96 -42.90
CA ASP A 719 -4.25 -19.43 -44.01
C ASP A 719 -4.75 -18.88 -45.35
N LEU A 720 -6.07 -18.88 -45.56
CA LEU A 720 -6.62 -18.32 -46.78
C LEU A 720 -6.34 -16.82 -46.87
N THR A 721 -6.48 -16.12 -45.75
CA THR A 721 -6.18 -14.69 -45.74
C THR A 721 -4.71 -14.45 -46.09
N GLU A 722 -3.82 -15.29 -45.57
CA GLU A 722 -2.39 -15.16 -45.89
C GLU A 722 -2.15 -15.43 -47.37
N ILE A 723 -2.83 -16.43 -47.93
CA ILE A 723 -2.68 -16.71 -49.36
C ILE A 723 -3.08 -15.50 -50.18
N CYS A 724 -4.24 -14.92 -49.87
CA CYS A 724 -4.71 -13.77 -50.62
C CYS A 724 -3.76 -12.58 -50.46
N GLN A 725 -3.27 -12.36 -49.24
CA GLN A 725 -2.35 -11.26 -49.01
C GLN A 725 -1.04 -11.45 -49.76
N ARG A 726 -0.54 -12.69 -49.81
CA ARG A 726 0.66 -12.97 -50.61
C ARG A 726 0.42 -12.68 -52.07
N ALA A 727 -0.73 -13.09 -52.60
CA ALA A 727 -1.03 -12.82 -54.00
C ALA A 727 -1.08 -11.33 -54.28
N CYS A 728 -1.73 -10.56 -53.39
CA CYS A 728 -1.80 -9.12 -53.58
C CYS A 728 -0.43 -8.48 -53.47
N LYS A 729 0.40 -8.97 -52.55
CA LYS A 729 1.75 -8.42 -52.42
C LYS A 729 2.57 -8.66 -53.67
N GLN A 730 2.47 -9.86 -54.25
CA GLN A 730 3.18 -10.13 -55.50
C GLN A 730 2.65 -9.25 -56.63
N ALA A 731 1.33 -9.04 -56.67
CA ALA A 731 0.76 -8.16 -57.69
C ALA A 731 1.30 -6.75 -57.55
N ILE A 732 1.41 -6.25 -56.32
CA ILE A 732 1.95 -4.91 -56.11
C ILE A 732 3.42 -4.86 -56.50
N ARG A 733 4.13 -5.96 -56.22
CA ARG A 733 5.57 -6.07 -56.57
C ARG A 733 5.71 -5.96 -58.09
N GLU A 734 4.86 -6.63 -58.87
CA GLU A 734 4.89 -6.57 -60.33
C GLU A 734 4.49 -5.20 -60.83
N SER A 735 3.46 -4.59 -60.22
CA SER A 735 3.02 -3.27 -60.65
C SER A 735 4.14 -2.24 -60.48
N ILE A 736 4.83 -2.27 -59.33
CA ILE A 736 5.89 -1.31 -59.08
C ILE A 736 7.06 -1.54 -60.02
N GLU A 737 7.40 -2.81 -60.26
CA GLU A 737 8.49 -3.11 -61.18
C GLU A 737 8.15 -2.61 -62.59
N ALA A 738 6.91 -2.82 -63.03
CA ALA A 738 6.50 -2.33 -64.34
C ALA A 738 6.56 -0.81 -64.41
N GLU A 739 6.13 -0.14 -63.34
CA GLU A 739 6.19 1.32 -63.32
C GLU A 739 7.63 1.81 -63.41
N ILE A 740 8.53 1.16 -62.67
CA ILE A 740 9.94 1.56 -62.71
C ILE A 740 10.52 1.33 -64.10
N ARG A 741 10.17 0.19 -64.72
CA ARG A 741 10.65 -0.08 -66.07
C ARG A 741 10.14 0.96 -67.05
N ALA A 742 8.87 1.34 -66.93
CA ALA A 742 8.31 2.37 -67.80
C ALA A 742 9.03 3.70 -67.60
N GLU A 743 9.31 4.05 -66.35
CA GLU A 743 10.04 5.29 -66.09
C GLU A 743 11.44 5.25 -66.71
N SER A 744 12.13 4.12 -66.57
CA SER A 744 13.46 4.00 -67.12
C SER A 744 13.45 4.09 -68.65
N GLU A 745 12.49 3.41 -69.28
CA GLU A 745 12.41 3.41 -70.74
C GLU A 745 12.09 4.79 -71.30
N LYS A 746 11.55 5.69 -70.48
CA LYS A 746 11.24 7.04 -70.97
C LYS A 746 12.48 7.74 -71.49
N LYS A 747 13.65 7.41 -70.94
CA LYS A 747 14.90 8.00 -71.38
C LYS A 747 15.46 7.25 -72.59
N ASP A 756 -1.42 -0.88 -72.87
CA ASP A 756 -1.36 -1.32 -71.45
C ASP A 756 -1.05 -0.11 -70.57
N PHE A 757 -1.94 0.88 -70.53
CA PHE A 757 -1.72 1.99 -69.61
C PHE A 757 -1.45 1.47 -68.21
N ASP A 758 -2.15 0.41 -67.82
CA ASP A 758 -1.94 -0.25 -66.53
C ASP A 758 -1.42 -1.66 -66.78
N PRO A 759 -0.10 -1.89 -66.72
CA PRO A 759 0.42 -3.21 -67.09
C PRO A 759 -0.14 -4.35 -66.25
N VAL A 760 -0.40 -4.11 -64.97
CA VAL A 760 -0.92 -5.15 -64.08
C VAL A 760 -2.17 -4.61 -63.39
N PRO A 761 -3.32 -4.64 -64.06
CA PRO A 761 -4.52 -4.05 -63.46
C PRO A 761 -5.29 -5.00 -62.57
N GLU A 762 -5.04 -6.31 -62.74
CA GLU A 762 -5.75 -7.33 -61.99
C GLU A 762 -4.77 -8.40 -61.55
N ILE A 763 -5.12 -9.11 -60.47
CA ILE A 763 -4.32 -10.22 -59.99
C ILE A 763 -4.58 -11.43 -60.89
N THR A 764 -3.51 -11.96 -61.48
CA THR A 764 -3.63 -13.05 -62.44
C THR A 764 -3.53 -14.39 -61.74
N ARG A 765 -3.79 -15.45 -62.51
CA ARG A 765 -3.71 -16.81 -61.97
C ARG A 765 -2.30 -17.14 -61.51
N ARG A 766 -1.28 -16.57 -62.15
CA ARG A 766 0.10 -16.86 -61.77
C ARG A 766 0.38 -16.38 -60.35
N HIS A 767 -0.15 -15.22 -59.98
CA HIS A 767 0.05 -14.72 -58.62
C HIS A 767 -0.50 -15.69 -57.59
N PHE A 768 -1.73 -16.15 -57.80
CA PHE A 768 -2.34 -17.08 -56.86
C PHE A 768 -1.61 -18.40 -56.83
N GLU A 769 -1.15 -18.88 -57.99
CA GLU A 769 -0.38 -20.12 -58.03
C GLU A 769 0.89 -20.00 -57.20
N GLU A 770 1.64 -18.91 -57.40
CA GLU A 770 2.88 -18.72 -56.65
C GLU A 770 2.60 -18.60 -55.16
N ALA A 771 1.53 -17.88 -54.79
CA ALA A 771 1.17 -17.79 -53.38
C ALA A 771 0.83 -19.16 -52.81
N MET A 772 0.11 -19.98 -53.57
CA MET A 772 -0.31 -21.29 -53.08
C MET A 772 0.88 -22.22 -52.91
N ARG A 773 1.87 -22.12 -53.78
CA ARG A 773 2.99 -23.06 -53.74
C ARG A 773 3.62 -23.12 -52.35
N PHE A 774 3.69 -22.00 -51.65
CA PHE A 774 4.32 -21.91 -50.34
C PHE A 774 3.33 -22.03 -49.18
N ALA A 775 2.05 -22.21 -49.47
CA ALA A 775 1.05 -22.28 -48.40
C ALA A 775 1.23 -23.54 -47.58
N ARG A 776 1.06 -23.42 -46.26
CA ARG A 776 1.17 -24.54 -45.34
C ARG A 776 0.02 -24.49 -44.35
N ARG A 777 -0.51 -25.66 -44.01
CA ARG A 777 -1.57 -25.73 -43.01
C ARG A 777 -1.07 -25.23 -41.67
N SER A 778 -1.93 -24.49 -40.96
CA SER A 778 -1.59 -23.92 -39.68
C SER A 778 -2.20 -24.68 -38.50
N VAL A 779 -3.17 -25.55 -38.76
CA VAL A 779 -3.81 -26.36 -37.72
C VAL A 779 -3.49 -27.81 -38.02
N THR A 780 -2.72 -28.45 -37.14
CA THR A 780 -2.32 -29.83 -37.34
C THR A 780 -3.51 -30.77 -37.14
N GLU A 781 -3.43 -31.94 -37.78
CA GLU A 781 -4.49 -32.94 -37.60
C GLU A 781 -4.60 -33.34 -36.14
N ASN A 782 -3.49 -33.34 -35.41
CA ASN A 782 -3.55 -33.65 -33.98
C ASN A 782 -4.40 -32.64 -33.24
N ASP A 783 -4.27 -31.36 -33.58
CA ASP A 783 -5.10 -30.33 -32.95
C ASP A 783 -6.57 -30.56 -33.25
N VAL A 784 -6.90 -30.88 -34.51
CA VAL A 784 -8.29 -31.14 -34.86
C VAL A 784 -8.83 -32.31 -34.06
N ARG A 785 -8.04 -33.38 -33.94
CA ARG A 785 -8.46 -34.52 -33.14
C ARG A 785 -8.67 -34.12 -31.69
N LYS A 786 -7.77 -33.28 -31.16
CA LYS A 786 -7.89 -32.87 -29.76
C LYS A 786 -9.17 -32.08 -29.53
N TYR A 787 -9.58 -31.25 -30.48
CA TYR A 787 -10.76 -30.37 -30.26
C TYR A 787 -11.99 -31.20 -30.38
N GLU A 788 -11.96 -32.28 -31.15
CA GLU A 788 -13.13 -33.16 -31.23
C GLU A 788 -13.37 -33.85 -29.89
N MET A 789 -12.31 -34.27 -29.21
CA MET A 789 -12.45 -35.02 -27.97
C MET A 789 -12.85 -34.16 -26.78
N PHE A 790 -12.76 -32.83 -26.88
CA PHE A 790 -13.08 -31.99 -25.73
C PHE A 790 -14.55 -32.05 -25.38
N ALA A 791 -15.42 -32.33 -26.35
CA ALA A 791 -16.84 -32.44 -26.06
C ALA A 791 -17.11 -33.56 -25.05
N GLN A 792 -16.27 -34.59 -25.05
CA GLN A 792 -16.42 -35.71 -24.12
C GLN A 792 -15.48 -35.63 -22.93
N THR A 793 -14.29 -35.05 -23.11
CA THR A 793 -13.32 -35.01 -22.02
C THR A 793 -13.83 -34.20 -20.84
N LEU A 794 -14.70 -33.23 -21.09
CA LEU A 794 -15.23 -32.39 -20.03
C LEU A 794 -16.25 -33.16 -19.19
N GLU B 229 14.66 46.09 -24.94
CA GLU B 229 13.45 46.26 -25.72
C GLU B 229 13.41 45.29 -26.90
N LYS B 230 14.23 44.23 -26.83
CA LYS B 230 14.27 43.24 -27.88
C LYS B 230 13.02 42.37 -27.91
N LEU B 231 12.15 42.46 -26.90
CA LEU B 231 10.94 41.64 -26.88
C LEU B 231 10.05 41.98 -28.08
N ASN B 232 9.91 43.26 -28.40
CA ASN B 232 9.05 43.66 -29.50
C ASN B 232 9.60 43.29 -30.86
N GLU B 233 10.87 42.88 -30.94
CA GLU B 233 11.50 42.52 -32.20
C GLU B 233 11.73 41.01 -32.34
N ILE B 234 11.22 40.21 -31.41
CA ILE B 234 11.39 38.76 -31.50
C ILE B 234 10.51 38.23 -32.63
N GLY B 235 11.13 37.55 -33.58
CA GLY B 235 10.40 37.00 -34.71
C GLY B 235 10.60 35.52 -34.86
N TYR B 236 10.31 34.98 -36.05
CA TYR B 236 10.49 33.55 -36.27
C TYR B 236 11.97 33.18 -36.39
N ASP B 237 12.78 34.07 -36.96
CA ASP B 237 14.21 33.81 -37.13
C ASP B 237 14.96 33.79 -35.81
N ASP B 238 14.34 34.23 -34.72
CA ASP B 238 15.00 34.31 -33.42
C ASP B 238 14.65 33.15 -32.50
N ILE B 239 14.01 32.10 -33.02
CA ILE B 239 13.74 30.89 -32.27
C ILE B 239 14.45 29.74 -32.96
N GLY B 240 14.82 28.73 -32.18
CA GLY B 240 15.73 27.70 -32.66
C GLY B 240 15.08 26.51 -33.32
N GLY B 241 15.30 25.33 -32.74
CA GLY B 241 14.93 24.08 -33.38
C GLY B 241 13.46 23.74 -33.31
N CYS B 242 12.63 24.60 -33.89
CA CYS B 242 11.20 24.33 -34.03
C CYS B 242 10.73 24.77 -35.42
N ARG B 243 11.57 24.54 -36.43
CA ARG B 243 11.24 24.99 -37.77
C ARG B 243 9.96 24.34 -38.28
N LYS B 244 9.82 23.03 -38.06
CA LYS B 244 8.59 22.35 -38.48
C LYS B 244 7.38 22.85 -37.71
N GLN B 245 7.52 23.03 -36.40
CA GLN B 245 6.39 23.44 -35.58
C GLN B 245 6.04 24.90 -35.82
N LEU B 246 7.05 25.75 -36.02
CA LEU B 246 6.79 27.17 -36.26
C LEU B 246 5.97 27.35 -37.53
N ALA B 247 6.31 26.60 -38.59
CA ALA B 247 5.50 26.64 -39.80
C ALA B 247 4.07 26.19 -39.52
N GLN B 248 3.91 25.15 -38.70
CA GLN B 248 2.58 24.70 -38.33
C GLN B 248 1.82 25.79 -37.59
N ILE B 249 2.47 26.43 -36.62
CA ILE B 249 1.80 27.47 -35.85
C ILE B 249 1.60 28.72 -36.71
N LYS B 250 2.50 28.98 -37.66
CA LYS B 250 2.30 30.09 -38.56
C LYS B 250 1.01 29.92 -39.36
N GLU B 251 0.76 28.71 -39.86
CA GLU B 251 -0.46 28.46 -40.61
C GLU B 251 -1.69 28.58 -39.72
N MET B 252 -1.64 28.01 -38.52
CA MET B 252 -2.84 27.95 -37.68
C MET B 252 -3.21 29.32 -37.13
N VAL B 253 -2.23 30.14 -36.74
CA VAL B 253 -2.47 31.38 -36.02
C VAL B 253 -2.30 32.59 -36.93
N GLU B 254 -1.15 32.70 -37.61
CA GLU B 254 -0.87 33.92 -38.37
C GLU B 254 -1.89 34.14 -39.48
N LEU B 255 -2.20 33.09 -40.25
CA LEU B 255 -3.09 33.27 -41.39
C LEU B 255 -4.50 33.69 -40.97
N PRO B 256 -5.17 33.03 -40.01
CA PRO B 256 -6.49 33.53 -39.59
C PRO B 256 -6.45 34.95 -39.06
N LEU B 257 -5.42 35.32 -38.31
CA LEU B 257 -5.33 36.66 -37.75
C LEU B 257 -4.87 37.69 -38.76
N ARG B 258 -4.42 37.27 -39.94
CA ARG B 258 -4.01 38.18 -40.99
C ARG B 258 -5.00 38.27 -42.13
N HIS B 259 -5.67 37.17 -42.47
CA HIS B 259 -6.69 37.14 -43.52
C HIS B 259 -7.92 36.41 -43.01
N PRO B 260 -8.67 37.01 -42.07
CA PRO B 260 -9.88 36.35 -41.57
C PRO B 260 -10.91 36.09 -42.66
N GLN B 261 -10.90 36.87 -43.75
CA GLN B 261 -11.90 36.69 -44.79
C GLN B 261 -11.82 35.32 -45.44
N LEU B 262 -10.59 34.85 -45.72
CA LEU B 262 -10.44 33.60 -46.44
C LEU B 262 -10.97 32.42 -45.65
N PHE B 263 -10.56 32.30 -44.38
CA PHE B 263 -11.00 31.17 -43.57
C PHE B 263 -12.51 31.20 -43.35
N LYS B 264 -13.06 32.37 -43.06
CA LYS B 264 -14.50 32.49 -42.87
C LYS B 264 -15.26 32.18 -44.15
N ALA B 265 -14.68 32.48 -45.31
CA ALA B 265 -15.36 32.22 -46.57
C ALA B 265 -15.65 30.74 -46.74
N ILE B 266 -14.62 29.90 -46.61
CA ILE B 266 -14.82 28.46 -46.76
C ILE B 266 -15.61 27.91 -45.60
N GLY B 267 -15.31 28.35 -44.38
CA GLY B 267 -16.02 27.88 -43.20
C GLY B 267 -15.11 27.31 -42.14
N VAL B 268 -13.80 27.60 -42.24
CA VAL B 268 -12.85 27.13 -41.24
C VAL B 268 -13.11 27.83 -39.92
N LYS B 269 -12.77 27.15 -38.83
CA LYS B 269 -12.87 27.71 -37.48
C LYS B 269 -11.48 27.72 -36.86
N PRO B 270 -10.79 28.85 -36.83
CA PRO B 270 -9.41 28.88 -36.31
C PRO B 270 -9.37 28.38 -34.88
N PRO B 271 -8.22 27.86 -34.43
CA PRO B 271 -8.16 27.22 -33.12
C PRO B 271 -8.38 28.20 -31.98
N ARG B 272 -8.88 27.66 -30.87
CA ARG B 272 -9.09 28.44 -29.66
C ARG B 272 -7.88 28.36 -28.73
N GLY B 273 -7.48 27.14 -28.37
CA GLY B 273 -6.37 26.94 -27.46
C GLY B 273 -5.29 26.04 -28.03
N ILE B 274 -4.06 26.55 -28.10
CA ILE B 274 -2.91 25.77 -28.55
C ILE B 274 -2.02 25.53 -27.34
N LEU B 275 -1.80 24.26 -27.02
CA LEU B 275 -0.98 23.86 -25.88
C LEU B 275 0.34 23.32 -26.39
N LEU B 276 1.43 23.99 -26.00
CA LEU B 276 2.78 23.59 -26.40
C LEU B 276 3.45 22.88 -25.25
N TYR B 277 4.06 21.72 -25.53
CA TYR B 277 4.68 20.94 -24.48
C TYR B 277 5.99 20.34 -25.01
N GLY B 278 6.82 19.90 -24.06
CA GLY B 278 8.12 19.35 -24.39
C GLY B 278 9.09 19.52 -23.24
N PRO B 279 10.36 19.20 -23.47
CA PRO B 279 11.35 19.36 -22.40
C PRO B 279 11.59 20.83 -22.10
N PRO B 280 11.99 21.16 -20.88
CA PRO B 280 12.24 22.57 -20.54
C PRO B 280 13.40 23.14 -21.34
N GLY B 281 13.34 24.45 -21.55
CA GLY B 281 14.41 25.18 -22.21
C GLY B 281 14.43 25.06 -23.71
N THR B 282 13.45 24.39 -24.32
CA THR B 282 13.46 24.22 -25.76
C THR B 282 13.36 25.55 -26.49
N GLY B 283 12.49 26.44 -26.01
CA GLY B 283 12.27 27.72 -26.67
C GLY B 283 10.80 27.93 -26.99
N LYS B 284 9.94 27.09 -26.41
CA LYS B 284 8.51 27.21 -26.64
C LYS B 284 7.94 28.51 -26.07
N THR B 285 8.61 29.09 -25.07
CA THR B 285 8.09 30.30 -24.45
C THR B 285 8.18 31.51 -25.36
N LEU B 286 9.10 31.52 -26.31
CA LEU B 286 9.23 32.63 -27.26
C LEU B 286 8.37 32.46 -28.49
N VAL B 287 7.75 31.28 -28.68
CA VAL B 287 6.94 31.06 -29.88
C VAL B 287 5.72 31.98 -29.88
N ALA B 288 5.06 32.12 -28.73
CA ALA B 288 3.87 32.95 -28.66
C ALA B 288 4.19 34.40 -29.04
N ARG B 289 5.29 34.93 -28.50
CA ARG B 289 5.69 36.29 -28.84
C ARG B 289 6.05 36.40 -30.32
N ALA B 290 6.76 35.42 -30.85
CA ALA B 290 7.14 35.47 -32.26
C ALA B 290 5.92 35.44 -33.16
N VAL B 291 4.94 34.58 -32.85
CA VAL B 291 3.72 34.52 -33.65
C VAL B 291 2.96 35.84 -33.56
N ALA B 292 2.86 36.39 -32.35
CA ALA B 292 2.13 37.64 -32.18
C ALA B 292 2.82 38.79 -32.91
N ASN B 293 4.14 38.88 -32.79
CA ASN B 293 4.86 40.02 -33.35
C ASN B 293 4.75 40.06 -34.86
N GLU B 294 4.92 38.91 -35.52
CA GLU B 294 4.90 38.88 -36.97
C GLU B 294 3.49 38.92 -37.55
N SER B 295 2.47 38.62 -36.74
CA SER B 295 1.09 38.73 -37.16
C SER B 295 0.44 40.04 -36.72
N GLY B 296 1.22 40.95 -36.16
CA GLY B 296 0.69 42.24 -35.75
C GLY B 296 -0.42 42.14 -34.73
N SER B 297 -0.36 41.16 -33.83
CA SER B 297 -1.38 40.96 -32.82
C SER B 297 -0.94 41.58 -31.50
N PHE B 298 -1.85 41.57 -30.52
CA PHE B 298 -1.57 42.07 -29.19
C PHE B 298 -1.28 40.88 -28.28
N PHE B 299 -0.17 40.96 -27.55
CA PHE B 299 0.32 39.86 -26.73
C PHE B 299 0.16 40.22 -25.26
N PHE B 300 -0.77 39.55 -24.59
CA PHE B 300 -0.92 39.64 -23.14
C PHE B 300 -0.38 38.36 -22.52
N LEU B 301 0.54 38.51 -21.58
CA LEU B 301 1.24 37.38 -20.99
C LEU B 301 0.65 37.05 -19.63
N ILE B 302 0.53 35.76 -19.35
CA ILE B 302 0.09 35.26 -18.06
C ILE B 302 1.13 34.26 -17.58
N ASN B 303 1.69 34.50 -16.40
CA ASN B 303 2.67 33.62 -15.80
C ASN B 303 2.02 32.87 -14.64
N GLY B 304 2.15 31.55 -14.65
CA GLY B 304 1.55 30.72 -13.63
C GLY B 304 2.03 31.09 -12.24
N PRO B 305 3.35 31.22 -12.08
CA PRO B 305 3.87 31.67 -10.77
C PRO B 305 3.35 33.05 -10.37
N GLU B 306 3.23 33.97 -11.31
CA GLU B 306 2.80 35.33 -10.97
C GLU B 306 1.37 35.34 -10.46
N ILE B 307 0.47 34.63 -11.14
CA ILE B 307 -0.93 34.66 -10.77
C ILE B 307 -1.16 33.91 -9.45
N MET B 308 -0.46 32.79 -9.26
CA MET B 308 -0.60 32.02 -8.03
C MET B 308 0.19 32.61 -6.88
N SER B 309 0.96 33.68 -7.09
CA SER B 309 1.67 34.37 -6.03
C SER B 309 0.86 35.51 -5.44
N LYS B 310 -0.39 35.68 -5.86
CA LYS B 310 -1.24 36.77 -5.41
C LYS B 310 -2.41 36.21 -4.59
N LEU B 311 -3.10 37.12 -3.90
CA LEU B 311 -4.15 36.73 -2.97
C LEU B 311 -5.30 36.07 -3.70
N ALA B 312 -6.30 35.58 -2.95
CA ALA B 312 -7.38 34.83 -3.56
C ALA B 312 -8.14 35.65 -4.59
N GLY B 313 -8.46 36.90 -4.25
CA GLY B 313 -9.23 37.73 -5.14
C GLY B 313 -8.43 38.32 -6.28
N GLU B 314 -7.17 38.68 -6.01
CA GLU B 314 -6.35 39.32 -7.04
C GLU B 314 -5.96 38.34 -8.13
N SER B 315 -5.75 37.06 -7.78
CA SER B 315 -5.40 36.07 -8.79
C SER B 315 -6.49 35.93 -9.83
N GLU B 316 -7.76 35.88 -9.38
CA GLU B 316 -8.86 35.75 -10.31
C GLU B 316 -9.11 37.04 -11.09
N SER B 317 -8.88 38.19 -10.45
CA SER B 317 -9.05 39.46 -11.16
C SER B 317 -8.07 39.57 -12.32
N ASN B 318 -6.83 39.14 -12.11
CA ASN B 318 -5.83 39.23 -13.18
C ASN B 318 -6.21 38.34 -14.36
N LEU B 319 -6.70 37.13 -14.09
CA LEU B 319 -7.16 36.27 -15.18
C LEU B 319 -8.28 36.94 -15.94
N ARG B 320 -9.29 37.44 -15.23
CA ARG B 320 -10.40 38.11 -15.89
C ARG B 320 -9.95 39.36 -16.62
N LYS B 321 -9.07 40.15 -15.99
CA LYS B 321 -8.55 41.34 -16.66
C LYS B 321 -7.73 40.97 -17.88
N ALA B 322 -7.05 39.82 -17.86
CA ALA B 322 -6.28 39.38 -19.00
C ALA B 322 -7.18 39.08 -20.19
N PHE B 323 -8.23 38.28 -19.96
CA PHE B 323 -9.16 37.97 -21.04
C PHE B 323 -9.97 39.20 -21.43
N GLU B 324 -10.37 40.02 -20.46
CA GLU B 324 -11.10 41.23 -20.77
C GLU B 324 -10.27 42.18 -21.61
N GLU B 325 -8.99 42.33 -21.27
CA GLU B 325 -8.11 43.21 -22.05
C GLU B 325 -7.84 42.64 -23.44
N ALA B 326 -7.76 41.31 -23.55
CA ALA B 326 -7.48 40.70 -24.84
C ALA B 326 -8.60 40.97 -25.83
N GLU B 327 -9.85 40.82 -25.39
CA GLU B 327 -10.98 41.07 -26.28
C GLU B 327 -11.02 42.53 -26.72
N LYS B 328 -10.71 43.44 -25.80
CA LYS B 328 -10.73 44.86 -26.14
C LYS B 328 -9.75 45.18 -27.27
N ASN B 329 -8.62 44.48 -27.31
CA ASN B 329 -7.54 44.76 -28.26
C ASN B 329 -7.38 43.65 -29.28
N ALA B 330 -8.46 42.96 -29.61
CA ALA B 330 -8.37 41.89 -30.60
C ALA B 330 -8.01 42.45 -31.97
N PRO B 331 -7.31 41.67 -32.81
CA PRO B 331 -6.85 40.30 -32.59
C PRO B 331 -5.70 40.23 -31.60
N ALA B 332 -5.66 39.20 -30.75
CA ALA B 332 -4.69 39.16 -29.66
C ALA B 332 -4.37 37.72 -29.33
N ILE B 333 -3.25 37.54 -28.64
CA ILE B 333 -2.79 36.24 -28.17
C ILE B 333 -2.58 36.32 -26.67
N ILE B 334 -3.13 35.35 -25.94
CA ILE B 334 -2.91 35.19 -24.51
C ILE B 334 -2.02 33.98 -24.32
N PHE B 335 -0.91 34.14 -23.61
CA PHE B 335 0.06 33.08 -23.40
C PHE B 335 0.14 32.77 -21.92
N ILE B 336 -0.28 31.57 -21.54
CA ILE B 336 -0.17 31.08 -20.17
C ILE B 336 1.10 30.25 -20.11
N ASP B 337 2.13 30.77 -19.44
CA ASP B 337 3.47 30.22 -19.58
C ASP B 337 3.62 28.89 -18.85
N GLU B 338 2.99 28.76 -17.67
CA GLU B 338 3.15 27.59 -16.82
C GLU B 338 1.80 27.01 -16.47
N LEU B 339 0.98 26.75 -17.50
CA LEU B 339 -0.39 26.28 -17.32
C LEU B 339 -0.51 25.19 -16.27
N ASP B 340 0.55 24.37 -16.11
CA ASP B 340 0.52 23.34 -15.08
C ASP B 340 0.40 23.96 -13.69
N ALA B 341 0.96 25.14 -13.49
CA ALA B 341 0.89 25.79 -12.19
C ALA B 341 -0.54 26.24 -11.89
N ILE B 342 -1.19 26.90 -12.86
CA ILE B 342 -2.53 27.42 -12.63
C ILE B 342 -3.53 26.28 -12.47
N ALA B 343 -3.45 25.27 -13.33
CA ALA B 343 -4.45 24.21 -13.41
C ALA B 343 -3.77 22.85 -13.36
N PRO B 344 -3.23 22.47 -12.19
CA PRO B 344 -2.67 21.14 -12.05
C PRO B 344 -3.76 20.07 -12.03
N LYS B 345 -3.38 18.81 -11.87
CA LYS B 345 -4.38 17.75 -11.80
C LYS B 345 -5.26 17.96 -10.58
N ARG B 346 -6.55 17.60 -10.72
CA ARG B 346 -7.51 17.87 -9.66
C ARG B 346 -7.16 17.15 -8.36
N GLU B 347 -6.33 16.11 -8.43
CA GLU B 347 -5.88 15.41 -7.24
C GLU B 347 -4.71 16.10 -6.56
N LYS B 348 -4.18 17.18 -7.14
CA LYS B 348 -3.07 17.93 -6.56
C LYS B 348 -3.50 19.26 -5.96
N THR B 349 -4.73 19.72 -6.22
CA THR B 349 -5.16 21.03 -5.72
C THR B 349 -5.15 21.06 -4.20
N HIS B 350 -5.99 20.24 -3.57
CA HIS B 350 -6.09 20.18 -2.11
C HIS B 350 -6.32 21.57 -1.52
N GLY B 351 -7.21 22.33 -2.14
CA GLY B 351 -7.54 23.65 -1.66
C GLY B 351 -8.77 24.18 -2.37
N GLU B 352 -9.36 25.22 -1.76
CA GLU B 352 -10.56 25.83 -2.33
C GLU B 352 -10.21 26.94 -3.31
N VAL B 353 -9.28 27.83 -2.95
CA VAL B 353 -8.89 28.90 -3.86
C VAL B 353 -8.22 28.33 -5.09
N GLU B 354 -7.38 27.31 -4.92
CA GLU B 354 -6.71 26.70 -6.07
C GLU B 354 -7.72 26.07 -7.02
N ARG B 355 -8.72 25.37 -6.48
CA ARG B 355 -9.75 24.80 -7.32
C ARG B 355 -10.66 25.87 -7.91
N ARG B 356 -10.75 27.04 -7.27
CA ARG B 356 -11.58 28.12 -7.79
C ARG B 356 -10.92 28.78 -9.00
N ILE B 357 -9.60 28.99 -8.94
CA ILE B 357 -8.93 29.62 -10.07
C ILE B 357 -8.93 28.70 -11.28
N VAL B 358 -8.83 27.38 -11.07
CA VAL B 358 -8.96 26.43 -12.18
C VAL B 358 -10.32 26.60 -12.84
N SER B 359 -11.39 26.58 -12.04
CA SER B 359 -12.73 26.70 -12.59
C SER B 359 -12.92 28.05 -13.28
N GLN B 360 -12.37 29.12 -12.72
CA GLN B 360 -12.46 30.42 -13.35
C GLN B 360 -11.76 30.42 -14.71
N LEU B 361 -10.60 29.76 -14.79
CA LEU B 361 -9.93 29.64 -16.07
C LEU B 361 -10.78 28.86 -17.07
N LEU B 362 -11.42 27.77 -16.61
CA LEU B 362 -12.29 27.02 -17.48
C LEU B 362 -13.42 27.89 -18.03
N THR B 363 -14.03 28.70 -17.16
CA THR B 363 -15.14 29.54 -17.58
C THR B 363 -14.69 30.54 -18.63
N LEU B 364 -13.54 31.19 -18.42
CA LEU B 364 -13.06 32.17 -19.39
C LEU B 364 -12.78 31.54 -20.74
N MET B 365 -12.21 30.33 -20.73
CA MET B 365 -11.97 29.63 -22.00
C MET B 365 -13.27 29.39 -22.74
N ASP B 366 -14.31 28.95 -22.02
CA ASP B 366 -15.61 28.73 -22.65
C ASP B 366 -16.30 30.05 -23.00
N GLY B 367 -15.92 31.14 -22.34
CA GLY B 367 -16.54 32.42 -22.63
C GLY B 367 -16.09 33.03 -23.93
N LEU B 368 -14.87 32.71 -24.37
CA LEU B 368 -14.37 33.22 -25.63
C LEU B 368 -15.29 32.80 -26.76
N LYS B 369 -15.90 33.78 -27.41
CA LYS B 369 -16.77 33.49 -28.54
C LYS B 369 -15.92 33.04 -29.73
N GLN B 370 -16.60 32.50 -30.75
CA GLN B 370 -15.93 31.99 -31.93
C GLN B 370 -15.66 33.09 -32.95
N ARG B 371 -16.14 34.31 -32.70
CA ARG B 371 -15.84 35.45 -33.56
C ARG B 371 -14.87 36.42 -32.91
N SER B 372 -14.72 36.36 -31.59
CA SER B 372 -13.63 37.05 -30.94
C SER B 372 -12.31 36.43 -31.38
N HIS B 373 -11.34 37.26 -31.72
CA HIS B 373 -10.08 36.79 -32.31
C HIS B 373 -9.00 36.58 -31.26
N VAL B 374 -9.41 36.24 -30.05
CA VAL B 374 -8.49 35.94 -28.96
C VAL B 374 -8.05 34.48 -29.10
N ILE B 375 -6.79 34.27 -29.45
CA ILE B 375 -6.22 32.95 -29.58
C ILE B 375 -5.37 32.71 -28.34
N VAL B 376 -5.80 31.78 -27.50
CA VAL B 376 -5.12 31.46 -26.26
C VAL B 376 -4.04 30.42 -26.55
N MET B 377 -2.84 30.66 -26.03
CA MET B 377 -1.73 29.72 -26.14
C MET B 377 -1.23 29.39 -24.75
N ALA B 378 -0.76 28.14 -24.58
CA ALA B 378 -0.29 27.67 -23.30
C ALA B 378 0.98 26.86 -23.48
N ALA B 379 1.76 26.77 -22.40
CA ALA B 379 2.98 25.97 -22.38
C ALA B 379 2.99 25.11 -21.13
N THR B 380 3.58 23.93 -21.26
CA THR B 380 3.63 22.97 -20.16
C THR B 380 4.79 22.00 -20.43
N ASN B 381 5.15 21.24 -19.40
CA ASN B 381 6.21 20.25 -19.54
C ASN B 381 5.67 18.95 -20.12
N ARG B 382 4.56 18.45 -19.56
CA ARG B 382 3.90 17.26 -20.06
C ARG B 382 2.40 17.53 -20.06
N PRO B 383 1.69 17.23 -21.14
CA PRO B 383 0.25 17.53 -21.18
C PRO B 383 -0.53 16.81 -20.10
N ASN B 384 -0.07 15.65 -19.65
CA ASN B 384 -0.75 14.94 -18.58
C ASN B 384 -0.69 15.69 -17.25
N SER B 385 0.16 16.70 -17.14
CA SER B 385 0.20 17.50 -15.91
C SER B 385 -1.00 18.43 -15.81
N VAL B 386 -1.57 18.82 -16.94
CA VAL B 386 -2.70 19.74 -16.93
C VAL B 386 -3.98 18.99 -16.54
N ASP B 387 -4.94 19.73 -16.00
CA ASP B 387 -6.22 19.15 -15.64
C ASP B 387 -6.91 18.62 -16.91
N PRO B 388 -7.44 17.38 -16.88
CA PRO B 388 -8.11 16.87 -18.08
C PRO B 388 -9.23 17.77 -18.58
N ALA B 389 -9.93 18.47 -17.69
CA ALA B 389 -11.06 19.30 -18.11
C ALA B 389 -10.62 20.38 -19.09
N LEU B 390 -9.37 20.83 -19.01
CA LEU B 390 -8.90 21.88 -19.90
C LEU B 390 -8.65 21.38 -21.31
N ARG B 391 -8.49 20.06 -21.50
CA ARG B 391 -8.16 19.49 -22.80
C ARG B 391 -9.41 19.01 -23.54
N ARG B 392 -10.59 19.44 -23.11
CA ARG B 392 -11.81 19.12 -23.83
C ARG B 392 -11.76 19.74 -25.23
N PHE B 393 -12.73 19.36 -26.05
CA PHE B 393 -12.74 19.76 -27.45
C PHE B 393 -12.93 21.27 -27.64
N GLY B 394 -13.35 21.99 -26.61
CA GLY B 394 -13.63 23.41 -26.75
C GLY B 394 -12.63 24.33 -26.08
N ARG B 395 -11.70 23.77 -25.32
CA ARG B 395 -10.78 24.57 -24.51
C ARG B 395 -9.34 24.48 -24.99
N PHE B 396 -8.76 23.28 -25.05
CA PHE B 396 -7.40 23.08 -25.56
C PHE B 396 -7.45 21.83 -26.43
N ASP B 397 -7.70 22.03 -27.72
CA ASP B 397 -7.89 20.92 -28.65
C ASP B 397 -6.68 20.65 -29.52
N ARG B 398 -5.81 21.63 -29.72
CA ARG B 398 -4.60 21.46 -30.52
C ARG B 398 -3.40 21.43 -29.58
N GLU B 399 -2.61 20.36 -29.67
CA GLU B 399 -1.40 20.20 -28.87
C GLU B 399 -0.22 20.01 -29.80
N ILE B 400 0.86 20.73 -29.51
CA ILE B 400 2.09 20.68 -30.29
C ILE B 400 3.23 20.33 -29.34
N GLU B 401 4.15 19.50 -29.80
CA GLU B 401 5.34 19.14 -29.03
C GLU B 401 6.55 19.86 -29.63
N ILE B 402 7.22 20.68 -28.82
CA ILE B 402 8.48 21.29 -29.18
C ILE B 402 9.56 20.49 -28.47
N GLY B 403 10.15 19.54 -29.18
CA GLY B 403 11.04 18.57 -28.59
C GLY B 403 12.50 18.93 -28.78
N ILE B 404 13.36 17.92 -28.62
CA ILE B 404 14.81 18.14 -28.67
C ILE B 404 15.21 18.45 -30.11
N PRO B 405 15.97 19.51 -30.36
CA PRO B 405 16.37 19.82 -31.74
C PRO B 405 17.28 18.74 -32.31
N ASP B 406 17.18 18.56 -33.63
CA ASP B 406 18.07 17.66 -34.33
C ASP B 406 19.38 18.38 -34.63
N SER B 407 20.24 17.77 -35.44
CA SER B 407 21.52 18.39 -35.76
C SER B 407 21.32 19.71 -36.48
N ILE B 408 20.37 19.76 -37.41
CA ILE B 408 20.12 21.00 -38.16
C ILE B 408 19.56 22.07 -37.22
N GLY B 409 18.61 21.70 -36.37
CA GLY B 409 18.05 22.66 -35.43
C GLY B 409 19.07 23.17 -34.43
N ARG B 410 19.97 22.28 -33.99
CA ARG B 410 21.00 22.71 -33.04
C ARG B 410 21.89 23.77 -33.65
N LEU B 411 22.25 23.63 -34.92
CA LEU B 411 23.07 24.64 -35.58
C LEU B 411 22.35 25.99 -35.62
N GLU B 412 21.03 25.96 -35.83
CA GLU B 412 20.27 27.21 -35.84
C GLU B 412 20.33 27.89 -34.48
N ILE B 413 20.23 27.11 -33.39
CA ILE B 413 20.28 27.69 -32.06
C ILE B 413 21.65 28.32 -31.82
N LEU B 414 22.72 27.60 -32.16
CA LEU B 414 24.06 28.11 -31.91
C LEU B 414 24.32 29.38 -32.70
N ARG B 415 23.84 29.45 -33.95
CA ARG B 415 23.99 30.68 -34.72
C ARG B 415 23.23 31.82 -34.06
N ILE B 416 22.05 31.54 -33.51
CA ILE B 416 21.29 32.58 -32.82
C ILE B 416 22.04 33.06 -31.58
N HIS B 417 22.60 32.13 -30.81
CA HIS B 417 23.24 32.47 -29.54
C HIS B 417 24.64 33.05 -29.70
N THR B 418 25.22 32.98 -30.90
CA THR B 418 26.56 33.50 -31.15
C THR B 418 26.55 34.75 -32.02
N ARG B 419 25.39 35.40 -32.17
CA ARG B 419 25.33 36.63 -32.95
C ARG B 419 26.11 37.76 -32.30
N ASN B 420 26.30 37.72 -30.98
CA ASN B 420 27.04 38.73 -30.25
C ASN B 420 28.46 38.30 -29.90
N ILE B 421 28.65 37.02 -29.57
CA ILE B 421 29.98 36.54 -29.22
C ILE B 421 30.87 36.57 -30.45
N ARG B 422 32.04 37.17 -30.29
CA ARG B 422 33.03 37.15 -31.37
C ARG B 422 33.58 35.74 -31.53
N LEU B 423 33.56 35.23 -32.76
CA LEU B 423 33.95 33.86 -33.05
C LEU B 423 35.23 33.87 -33.89
N ALA B 424 36.20 33.06 -33.49
CA ALA B 424 37.43 32.92 -34.26
C ALA B 424 37.14 32.26 -35.60
N GLU B 425 37.99 32.55 -36.58
CA GLU B 425 37.79 32.01 -37.92
C GLU B 425 37.90 30.50 -37.96
N ASP B 426 38.47 29.88 -36.92
CA ASP B 426 38.71 28.45 -36.90
C ASP B 426 37.54 27.66 -36.32
N VAL B 427 36.44 28.32 -35.97
CA VAL B 427 35.29 27.63 -35.37
C VAL B 427 34.38 27.16 -36.48
N GLU B 428 34.04 25.87 -36.46
CA GLU B 428 33.10 25.26 -37.39
C GLU B 428 31.87 24.85 -36.59
N LEU B 429 30.92 25.78 -36.46
CA LEU B 429 29.75 25.53 -35.63
C LEU B 429 28.96 24.32 -36.08
N GLU B 430 29.08 23.93 -37.36
CA GLU B 430 28.40 22.73 -37.82
C GLU B 430 28.88 21.49 -37.07
N LYS B 431 30.20 21.39 -36.85
CA LYS B 431 30.73 20.22 -36.15
C LYS B 431 30.26 20.17 -34.71
N ILE B 432 30.22 21.32 -34.04
CA ILE B 432 29.81 21.33 -32.63
C ILE B 432 28.34 20.93 -32.51
N ALA B 433 27.52 21.30 -33.49
CA ALA B 433 26.11 20.98 -33.41
C ALA B 433 25.88 19.48 -33.43
N ASN B 434 26.61 18.76 -34.28
CA ASN B 434 26.39 17.32 -34.43
C ASN B 434 26.94 16.52 -33.25
N GLU B 435 27.88 17.08 -32.49
CA GLU B 435 28.40 16.38 -31.32
C GLU B 435 27.55 16.61 -30.08
N ALA B 436 26.86 17.76 -30.02
CA ALA B 436 26.07 18.14 -28.84
C ALA B 436 24.78 17.33 -28.82
N HIS B 437 24.92 16.07 -28.39
CA HIS B 437 23.77 15.20 -28.26
C HIS B 437 23.00 15.50 -26.99
N GLY B 438 21.67 15.41 -27.08
CA GLY B 438 20.84 15.63 -25.91
C GLY B 438 20.79 17.06 -25.43
N HIS B 439 21.20 18.01 -26.27
CA HIS B 439 21.22 19.42 -25.90
C HIS B 439 19.94 20.11 -26.36
N VAL B 440 19.37 20.94 -25.49
CA VAL B 440 18.23 21.77 -25.83
C VAL B 440 18.73 23.20 -25.99
N GLY B 441 17.82 24.08 -26.41
CA GLY B 441 18.21 25.45 -26.69
C GLY B 441 18.84 26.13 -25.50
N ALA B 442 18.28 25.91 -24.30
CA ALA B 442 18.87 26.49 -23.10
C ALA B 442 20.27 25.95 -22.85
N ASP B 443 20.45 24.63 -23.06
CA ASP B 443 21.77 24.04 -22.85
C ASP B 443 22.79 24.62 -23.81
N LEU B 444 22.43 24.79 -25.07
CA LEU B 444 23.36 25.35 -26.04
C LEU B 444 23.71 26.80 -25.72
N ALA B 445 22.85 27.50 -24.98
CA ALA B 445 23.22 28.84 -24.50
C ALA B 445 24.27 28.75 -23.41
N SER B 446 24.16 27.75 -22.53
CA SER B 446 25.20 27.53 -21.53
C SER B 446 26.51 27.12 -22.19
N LEU B 447 26.44 26.30 -23.24
CA LEU B 447 27.64 25.85 -23.93
C LEU B 447 28.42 27.05 -24.47
N CYS B 448 27.73 27.99 -25.12
CA CYS B 448 28.41 29.17 -25.65
C CYS B 448 28.98 30.03 -24.52
N SER B 449 28.25 30.16 -23.42
CA SER B 449 28.74 30.95 -22.30
C SER B 449 30.00 30.33 -21.70
N GLU B 450 29.98 29.01 -21.50
CA GLU B 450 31.17 28.34 -20.97
C GLU B 450 32.34 28.45 -21.94
N ALA B 451 32.09 28.30 -23.24
CA ALA B 451 33.17 28.41 -24.21
C ALA B 451 33.80 29.79 -24.17
N ALA B 452 32.97 30.84 -24.09
CA ALA B 452 33.51 32.20 -24.00
C ALA B 452 34.22 32.42 -22.67
N LEU B 453 33.73 31.80 -21.60
CA LEU B 453 34.41 31.91 -20.31
C LEU B 453 35.78 31.24 -20.35
N GLN B 454 35.89 30.12 -21.06
CA GLN B 454 37.18 29.45 -21.19
C GLN B 454 38.20 30.35 -21.86
N GLN B 455 37.77 31.08 -22.90
CA GLN B 455 38.70 31.98 -23.59
C GLN B 455 39.23 33.04 -22.63
N ILE B 456 38.38 33.55 -21.75
CA ILE B 456 38.84 34.53 -20.77
C ILE B 456 39.89 33.92 -19.86
N ARG B 457 39.66 32.69 -19.40
CA ARG B 457 40.61 32.03 -18.51
C ARG B 457 41.99 31.93 -19.17
N ASN B 458 42.04 31.43 -20.41
CA ASN B 458 43.32 31.23 -21.08
C ASN B 458 44.05 32.56 -21.24
N LYS B 459 43.37 33.57 -21.77
CA LYS B 459 44.00 34.86 -21.97
C LYS B 459 44.30 35.55 -20.64
N MET B 460 43.35 35.53 -19.71
CA MET B 460 43.55 36.20 -18.44
C MET B 460 44.58 35.47 -17.58
N ASN B 461 44.55 34.13 -17.57
CA ASN B 461 45.48 33.38 -16.75
C ASN B 461 46.93 33.66 -17.18
N LEU B 462 47.18 33.70 -18.49
CA LEU B 462 48.50 34.07 -18.96
C LEU B 462 48.85 35.49 -18.55
N ILE B 463 47.88 36.39 -18.61
CA ILE B 463 48.09 37.78 -18.19
C ILE B 463 48.41 37.83 -16.70
N ILE B 470 43.67 45.02 -17.36
CA ILE B 470 42.94 44.72 -18.58
C ILE B 470 43.41 45.63 -19.72
N ASP B 471 44.25 45.09 -20.58
CA ASP B 471 44.76 45.84 -21.72
C ASP B 471 43.75 45.79 -22.86
N ALA B 472 43.40 46.97 -23.39
CA ALA B 472 42.41 47.04 -24.46
C ALA B 472 42.86 46.21 -25.67
N GLU B 473 44.17 46.20 -25.95
CA GLU B 473 44.65 45.45 -27.11
C GLU B 473 44.34 43.96 -26.96
N VAL B 474 44.55 43.40 -25.76
CA VAL B 474 44.22 42.00 -25.53
C VAL B 474 42.71 41.79 -25.60
N LEU B 475 41.94 42.77 -25.12
CA LEU B 475 40.49 42.64 -25.13
C LEU B 475 39.96 42.50 -26.54
N ASN B 476 40.46 43.33 -27.46
CA ASN B 476 40.00 43.25 -28.86
C ASN B 476 40.41 41.93 -29.50
N SER B 477 41.49 41.31 -29.02
CA SER B 477 41.95 40.03 -29.52
C SER B 477 41.28 38.86 -28.81
N LEU B 478 40.12 39.08 -28.20
CA LEU B 478 39.40 38.05 -27.45
C LEU B 478 38.32 37.47 -28.34
N ALA B 479 38.57 36.28 -28.88
CA ALA B 479 37.62 35.57 -29.72
C ALA B 479 37.57 34.11 -29.31
N VAL B 480 36.38 33.53 -29.37
CA VAL B 480 36.20 32.14 -28.96
C VAL B 480 36.76 31.23 -30.04
N THR B 481 37.61 30.29 -29.64
CA THR B 481 38.23 29.34 -30.55
C THR B 481 37.53 28.00 -30.47
N MET B 482 37.79 27.16 -31.48
CA MET B 482 37.13 25.85 -31.54
C MET B 482 37.52 24.99 -30.34
N ASP B 483 38.80 25.01 -29.95
CA ASP B 483 39.22 24.22 -28.81
C ASP B 483 38.44 24.61 -27.55
N ASP B 484 38.07 25.89 -27.42
CA ASP B 484 37.24 26.29 -26.30
C ASP B 484 35.87 25.63 -26.38
N PHE B 485 35.27 25.58 -27.57
CA PHE B 485 33.97 24.95 -27.72
C PHE B 485 34.04 23.47 -27.38
N ARG B 486 35.09 22.79 -27.83
CA ARG B 486 35.24 21.37 -27.53
C ARG B 486 35.37 21.14 -26.03
N TRP B 487 36.12 22.00 -25.35
CA TRP B 487 36.24 21.88 -23.89
C TRP B 487 34.88 22.08 -23.23
N ALA B 488 34.11 23.07 -23.69
CA ALA B 488 32.79 23.30 -23.10
C ALA B 488 31.88 22.10 -23.32
N LEU B 489 31.93 21.49 -24.50
CA LEU B 489 31.09 20.34 -24.78
C LEU B 489 31.40 19.17 -23.86
N GLY B 490 32.70 18.93 -23.62
CA GLY B 490 33.06 17.82 -22.76
C GLY B 490 32.55 17.95 -21.35
N LYS B 491 32.63 19.15 -20.78
CA LYS B 491 32.17 19.41 -19.43
C LYS B 491 30.69 19.76 -19.36
N SER B 492 30.01 19.82 -20.50
CA SER B 492 28.59 20.17 -20.52
C SER B 492 27.75 18.94 -20.18
N ASN B 493 26.86 19.10 -19.20
CA ASN B 493 25.96 18.02 -18.81
C ASN B 493 24.56 18.34 -19.33
N PRO B 494 24.24 17.94 -20.56
CA PRO B 494 22.94 18.31 -21.14
C PRO B 494 21.77 17.76 -20.33
N SER B 495 20.68 18.50 -20.35
CA SER B 495 19.48 18.15 -19.60
C SER B 495 18.57 17.18 -20.33
N ALA B 496 18.78 16.95 -21.62
CA ALA B 496 17.87 16.15 -22.44
C ALA B 496 18.60 14.93 -23.01
N LEU B 497 19.44 14.28 -22.20
CA LEU B 497 20.07 13.04 -22.62
C LEU B 497 19.11 11.87 -22.53
N ARG B 498 18.15 11.92 -21.61
CA ARG B 498 17.24 10.82 -21.36
C ARG B 498 15.93 10.94 -22.11
N GLU B 499 15.80 11.92 -23.01
CA GLU B 499 14.58 12.14 -23.76
C GLU B 499 14.67 11.47 -25.12
N THR B 500 13.59 10.79 -25.49
CA THR B 500 13.56 10.09 -26.77
C THR B 500 13.74 11.07 -27.92
N THR B 501 14.47 10.62 -28.94
CA THR B 501 14.77 11.45 -30.11
C THR B 501 13.97 10.95 -31.30
N VAL B 502 13.34 11.89 -32.01
CA VAL B 502 12.59 11.59 -33.23
C VAL B 502 13.33 12.28 -34.38
N GLU B 503 13.88 11.48 -35.29
CA GLU B 503 14.59 12.00 -36.43
C GLU B 503 14.61 10.95 -37.54
N VAL B 504 14.92 11.40 -38.74
CA VAL B 504 15.07 10.52 -39.90
C VAL B 504 16.54 10.08 -39.95
N PRO B 505 16.85 8.79 -39.76
CA PRO B 505 18.25 8.39 -39.71
C PRO B 505 18.95 8.59 -41.05
N ASN B 506 20.27 8.81 -40.97
CA ASN B 506 21.11 9.03 -42.15
C ASN B 506 21.85 7.77 -42.56
N VAL B 507 21.29 6.60 -42.28
CA VAL B 507 21.90 5.32 -42.63
C VAL B 507 21.26 4.88 -43.94
N THR B 508 21.87 5.28 -45.06
CA THR B 508 21.37 4.86 -46.37
C THR B 508 21.58 3.36 -46.56
N TRP B 509 20.65 2.73 -47.27
CA TRP B 509 20.76 1.29 -47.49
C TRP B 509 21.97 0.93 -48.35
N ASP B 510 22.54 1.90 -49.06
CA ASP B 510 23.80 1.66 -49.76
C ASP B 510 24.90 1.26 -48.78
N ASP B 511 24.85 1.80 -47.55
CA ASP B 511 25.88 1.48 -46.57
C ASP B 511 25.74 0.06 -46.06
N ILE B 512 24.50 -0.43 -45.92
CA ILE B 512 24.29 -1.78 -45.41
C ILE B 512 24.93 -2.80 -46.34
N GLY B 513 24.87 -2.58 -47.65
CA GLY B 513 25.52 -3.46 -48.59
C GLY B 513 24.64 -4.59 -49.05
N GLY B 514 24.84 -5.76 -48.44
CA GLY B 514 24.10 -6.94 -48.83
C GLY B 514 22.78 -7.07 -48.09
N LEU B 515 22.56 -8.21 -47.46
CA LEU B 515 21.28 -8.52 -46.84
C LEU B 515 20.13 -8.14 -47.78
N GLU B 516 20.27 -8.54 -49.04
CA GLU B 516 19.32 -8.14 -50.07
C GLU B 516 18.00 -8.87 -49.93
N ASN B 517 18.02 -10.10 -49.41
CA ASN B 517 16.76 -10.80 -49.13
C ASN B 517 16.00 -10.11 -48.02
N VAL B 518 16.70 -9.52 -47.05
CA VAL B 518 16.04 -8.71 -46.04
C VAL B 518 15.56 -7.40 -46.65
N LYS B 519 16.26 -6.88 -47.65
CA LYS B 519 15.87 -5.62 -48.28
C LYS B 519 14.50 -5.74 -48.92
N ARG B 520 14.27 -6.80 -49.69
CA ARG B 520 12.99 -6.95 -50.37
C ARG B 520 11.85 -7.05 -49.38
N GLU B 521 12.01 -7.87 -48.34
CA GLU B 521 10.94 -8.04 -47.36
C GLU B 521 10.62 -6.74 -46.66
N LEU B 522 11.66 -5.99 -46.25
CA LEU B 522 11.41 -4.71 -45.58
C LEU B 522 10.85 -3.68 -46.54
N GLN B 523 11.28 -3.71 -47.80
CA GLN B 523 10.73 -2.77 -48.78
C GLN B 523 9.24 -2.99 -48.97
N GLU B 524 8.81 -4.26 -49.02
CA GLU B 524 7.40 -4.55 -49.20
C GLU B 524 6.56 -4.04 -48.03
N LEU B 525 7.08 -4.17 -46.81
CA LEU B 525 6.30 -3.90 -45.62
C LEU B 525 6.32 -2.45 -45.17
N VAL B 526 7.36 -1.69 -45.54
CA VAL B 526 7.53 -0.32 -45.06
C VAL B 526 7.56 0.69 -46.20
N GLN B 527 8.29 0.40 -47.27
CA GLN B 527 8.45 1.37 -48.35
C GLN B 527 7.20 1.45 -49.22
N TYR B 528 6.83 0.34 -49.85
CA TYR B 528 5.70 0.36 -50.77
C TYR B 528 4.42 0.89 -50.14
N PRO B 529 4.06 0.54 -48.90
CA PRO B 529 2.87 1.13 -48.29
C PRO B 529 2.96 2.64 -48.13
N VAL B 530 4.16 3.20 -48.03
CA VAL B 530 4.34 4.63 -47.80
C VAL B 530 4.65 5.37 -49.10
N GLU B 531 5.52 4.81 -49.94
CA GLU B 531 5.89 5.50 -51.17
C GLU B 531 4.80 5.45 -52.22
N HIS B 532 4.01 4.37 -52.26
CA HIS B 532 2.98 4.17 -53.27
C HIS B 532 1.67 3.73 -52.61
N PRO B 533 1.02 4.63 -51.85
CA PRO B 533 -0.27 4.28 -51.26
C PRO B 533 -1.32 3.90 -52.28
N ASP B 534 -1.28 4.51 -53.48
CA ASP B 534 -2.35 4.31 -54.45
C ASP B 534 -2.47 2.84 -54.85
N LYS B 535 -1.33 2.18 -55.09
CA LYS B 535 -1.37 0.79 -55.52
C LYS B 535 -1.91 -0.14 -54.45
N PHE B 536 -1.78 0.23 -53.18
CA PHE B 536 -2.35 -0.58 -52.11
C PHE B 536 -3.86 -0.41 -52.03
N LEU B 537 -4.35 0.82 -52.21
CA LEU B 537 -5.80 1.03 -52.30
C LEU B 537 -6.39 0.35 -53.53
N LYS B 538 -5.66 0.41 -54.65
CA LYS B 538 -6.18 -0.17 -55.89
C LYS B 538 -6.41 -1.66 -55.76
N PHE B 539 -5.51 -2.36 -55.08
CA PHE B 539 -5.65 -3.79 -54.84
C PHE B 539 -6.44 -4.10 -53.58
N GLY B 540 -6.78 -3.09 -52.78
CA GLY B 540 -7.59 -3.30 -51.60
C GLY B 540 -6.94 -4.20 -50.56
N MET B 541 -5.66 -3.97 -50.27
CA MET B 541 -4.94 -4.70 -49.24
C MET B 541 -4.50 -3.73 -48.16
N THR B 542 -4.82 -4.06 -46.90
CA THR B 542 -4.34 -3.29 -45.77
C THR B 542 -2.97 -3.78 -45.36
N PRO B 543 -1.92 -2.96 -45.46
CA PRO B 543 -0.57 -3.48 -45.20
C PRO B 543 -0.40 -3.93 -43.76
N SER B 544 0.40 -4.98 -43.59
CA SER B 544 0.77 -5.41 -42.25
C SER B 544 1.68 -4.37 -41.61
N LYS B 545 1.39 -4.03 -40.36
CA LYS B 545 2.09 -2.96 -39.67
C LYS B 545 3.07 -3.46 -38.62
N GLY B 546 3.35 -4.77 -38.59
CA GLY B 546 4.22 -5.32 -37.57
C GLY B 546 5.26 -6.27 -38.11
N VAL B 547 6.48 -6.15 -37.60
CA VAL B 547 7.60 -7.00 -38.02
C VAL B 547 8.42 -7.34 -36.79
N LEU B 548 8.87 -8.59 -36.71
CA LEU B 548 9.79 -9.04 -35.67
C LEU B 548 11.12 -9.42 -36.30
N PHE B 549 12.19 -8.79 -35.83
CA PHE B 549 13.54 -9.08 -36.28
C PHE B 549 14.18 -10.06 -35.31
N TYR B 550 14.47 -11.26 -35.79
CA TYR B 550 15.10 -12.29 -34.98
C TYR B 550 16.38 -12.77 -35.66
N GLY B 551 17.46 -12.82 -34.91
CA GLY B 551 18.74 -13.22 -35.44
C GLY B 551 19.81 -13.23 -34.36
N PRO B 552 21.01 -13.70 -34.70
CA PRO B 552 22.07 -13.78 -33.71
C PRO B 552 22.46 -12.38 -33.22
N PRO B 553 22.93 -12.27 -31.97
CA PRO B 553 23.27 -10.94 -31.45
C PRO B 553 24.37 -10.28 -32.25
N GLY B 554 24.32 -8.94 -32.28
CA GLY B 554 25.36 -8.15 -32.92
C GLY B 554 25.42 -8.33 -34.42
N CYS B 555 24.27 -8.29 -35.09
CA CYS B 555 24.20 -8.39 -36.55
C CYS B 555 23.50 -7.19 -37.16
N GLY B 556 23.56 -6.04 -36.48
CA GLY B 556 23.06 -4.80 -37.05
C GLY B 556 21.57 -4.77 -37.33
N LYS B 557 20.76 -5.28 -36.40
CA LYS B 557 19.32 -5.22 -36.59
C LYS B 557 18.81 -3.80 -36.47
N THR B 558 19.39 -3.01 -35.57
CA THR B 558 18.97 -1.62 -35.41
C THR B 558 19.26 -0.81 -36.67
N LEU B 559 20.43 -1.02 -37.28
CA LEU B 559 20.78 -0.28 -38.49
C LEU B 559 19.81 -0.61 -39.62
N LEU B 560 19.43 -1.88 -39.75
CA LEU B 560 18.49 -2.26 -40.81
C LEU B 560 17.17 -1.54 -40.64
N ALA B 561 16.68 -1.43 -39.39
CA ALA B 561 15.46 -0.67 -39.14
C ALA B 561 15.66 0.80 -39.48
N LYS B 562 16.84 1.34 -39.19
CA LYS B 562 17.10 2.74 -39.50
C LYS B 562 17.11 2.97 -41.01
N ALA B 563 17.72 2.06 -41.77
CA ALA B 563 17.86 2.27 -43.21
C ALA B 563 16.50 2.28 -43.90
N ILE B 564 15.62 1.35 -43.55
CA ILE B 564 14.29 1.34 -44.17
C ILE B 564 13.55 2.61 -43.82
N ALA B 565 13.78 3.17 -42.63
CA ALA B 565 13.20 4.46 -42.30
C ALA B 565 13.73 5.55 -43.24
N ASN B 566 15.03 5.50 -43.55
CA ASN B 566 15.61 6.50 -44.44
C ASN B 566 15.03 6.40 -45.85
N GLU B 567 14.89 5.17 -46.36
CA GLU B 567 14.37 5.01 -47.71
C GLU B 567 12.98 5.59 -47.86
N CYS B 568 12.16 5.48 -46.82
CA CYS B 568 10.82 6.04 -46.81
C CYS B 568 10.78 7.49 -46.32
N GLN B 569 11.92 8.06 -45.96
CA GLN B 569 11.97 9.35 -45.29
C GLN B 569 11.05 9.33 -44.07
N ALA B 570 11.06 8.21 -43.37
CA ALA B 570 10.20 7.99 -42.22
C ALA B 570 10.93 8.35 -40.93
N ASN B 571 10.18 8.90 -39.98
CA ASN B 571 10.74 9.16 -38.67
C ASN B 571 11.06 7.84 -37.97
N PHE B 572 12.05 7.88 -37.08
CA PHE B 572 12.54 6.69 -36.40
C PHE B 572 12.58 6.93 -34.90
N ILE B 573 11.96 6.05 -34.15
CA ILE B 573 11.96 6.09 -32.69
C ILE B 573 12.51 4.78 -32.18
N SER B 574 13.54 4.86 -31.33
CA SER B 574 14.20 3.69 -30.77
C SER B 574 13.92 3.61 -29.28
N ILE B 575 13.40 2.46 -28.83
CA ILE B 575 13.06 2.23 -27.43
C ILE B 575 13.77 0.98 -26.96
N LYS B 576 14.50 1.10 -25.85
CA LYS B 576 15.16 -0.05 -25.25
C LYS B 576 14.27 -0.67 -24.18
N GLY B 577 14.45 -1.97 -23.97
CA GLY B 577 13.67 -2.69 -22.98
C GLY B 577 13.86 -2.15 -21.58
N PRO B 578 15.11 -1.96 -21.16
CA PRO B 578 15.35 -1.38 -19.83
C PRO B 578 14.67 -0.03 -19.65
N GLU B 579 14.63 0.79 -20.69
CA GLU B 579 13.98 2.10 -20.57
C GLU B 579 12.49 1.94 -20.30
N LEU B 580 11.82 1.02 -21.00
CA LEU B 580 10.39 0.85 -20.79
C LEU B 580 10.08 0.37 -19.39
N LEU B 581 10.86 -0.60 -18.89
CA LEU B 581 10.66 -1.07 -17.52
C LEU B 581 11.09 -0.01 -16.52
N THR B 582 12.21 0.66 -16.78
CA THR B 582 12.70 1.68 -15.85
C THR B 582 11.69 2.81 -15.70
N MET B 583 11.17 3.31 -16.82
CA MET B 583 10.19 4.38 -16.75
C MET B 583 8.87 3.89 -16.15
N TRP B 584 8.49 2.65 -16.43
CA TRP B 584 7.27 2.10 -15.85
C TRP B 584 7.37 2.05 -14.33
N PHE B 585 8.52 1.62 -13.79
CA PHE B 585 8.71 1.61 -12.35
C PHE B 585 8.65 3.03 -11.78
N GLY B 586 9.29 3.97 -12.46
CA GLY B 586 9.30 5.35 -12.00
C GLY B 586 7.99 6.06 -12.26
N ALA B 590 0.81 3.58 -19.06
CA ALA B 590 0.48 4.85 -19.69
C ALA B 590 1.68 5.40 -20.46
N ASN B 591 2.89 5.10 -19.99
CA ASN B 591 4.08 5.57 -20.68
C ASN B 591 4.32 4.82 -21.98
N VAL B 592 3.77 3.61 -22.13
CA VAL B 592 3.81 2.96 -23.44
C VAL B 592 2.88 3.68 -24.42
N ARG B 593 1.70 4.11 -23.95
CA ARG B 593 0.82 4.90 -24.78
C ARG B 593 1.43 6.25 -25.13
N ASP B 594 2.40 6.71 -24.34
CA ASP B 594 3.11 7.94 -24.67
C ASP B 594 4.07 7.74 -25.83
N ILE B 595 4.71 6.57 -25.90
CA ILE B 595 5.59 6.28 -27.04
C ILE B 595 4.77 6.15 -28.31
N PHE B 596 3.67 5.41 -28.25
CA PHE B 596 2.82 5.26 -29.43
C PHE B 596 2.20 6.60 -29.82
N ASP B 597 1.91 7.46 -28.85
CA ASP B 597 1.38 8.78 -29.17
C ASP B 597 2.40 9.61 -29.93
N LYS B 598 3.65 9.60 -29.46
CA LYS B 598 4.71 10.29 -30.19
C LYS B 598 4.89 9.70 -31.58
N ALA B 599 4.62 8.40 -31.73
CA ALA B 599 4.70 7.77 -33.04
C ALA B 599 3.56 8.24 -33.94
N ARG B 600 2.36 8.36 -33.40
CA ARG B 600 1.22 8.80 -34.20
C ARG B 600 1.42 10.24 -34.68
N GLN B 601 2.17 11.05 -33.92
CA GLN B 601 2.50 12.38 -34.39
C GLN B 601 3.32 12.32 -35.67
N ALA B 602 4.49 11.68 -35.61
CA ALA B 602 5.24 11.40 -36.82
C ALA B 602 4.39 10.56 -37.75
N ALA B 603 4.13 11.07 -38.95
CA ALA B 603 3.15 10.41 -39.81
C ALA B 603 3.74 9.12 -40.38
N PRO B 604 4.83 9.17 -41.16
CA PRO B 604 5.50 7.93 -41.56
C PRO B 604 6.58 7.50 -40.56
N CYS B 605 6.17 6.86 -39.47
CA CYS B 605 7.08 6.53 -38.39
C CYS B 605 7.42 5.04 -38.40
N VAL B 606 8.62 4.74 -37.94
CA VAL B 606 9.09 3.36 -37.73
C VAL B 606 9.44 3.25 -36.25
N LEU B 607 8.57 2.61 -35.47
CA LEU B 607 8.75 2.46 -34.03
C LEU B 607 9.49 1.16 -33.77
N PHE B 608 10.74 1.25 -33.37
CA PHE B 608 11.62 0.10 -33.22
C PHE B 608 11.82 -0.21 -31.73
N PHE B 609 11.33 -1.37 -31.30
CA PHE B 609 11.63 -1.89 -29.97
C PHE B 609 12.85 -2.79 -30.06
N ASP B 610 13.79 -2.59 -29.13
CA ASP B 610 15.14 -3.12 -29.31
C ASP B 610 15.28 -4.56 -28.84
N GLU B 611 14.98 -4.82 -27.56
CA GLU B 611 14.89 -6.18 -27.05
C GLU B 611 13.48 -6.41 -26.53
N LEU B 612 12.70 -7.20 -27.26
CA LEU B 612 11.31 -7.44 -26.93
C LEU B 612 11.12 -8.66 -26.03
N ASP B 613 12.20 -9.38 -25.73
CA ASP B 613 12.12 -10.46 -24.74
C ASP B 613 12.08 -9.92 -23.32
N SER B 614 12.68 -8.76 -23.08
CA SER B 614 12.62 -8.15 -21.75
C SER B 614 11.21 -7.74 -21.38
N ILE B 615 10.33 -7.54 -22.36
CA ILE B 615 8.93 -7.18 -22.13
C ILE B 615 8.01 -8.36 -22.38
N ALA B 616 8.17 -9.03 -23.53
CA ALA B 616 7.38 -10.21 -23.86
C ALA B 616 8.13 -11.48 -23.44
N LYS B 617 8.37 -11.58 -22.14
CA LYS B 617 9.14 -12.70 -21.62
C LYS B 617 8.43 -14.02 -21.86
N ALA B 618 7.11 -14.05 -21.69
CA ALA B 618 6.32 -15.28 -21.85
C ALA B 618 6.64 -16.27 -20.73
N ALA B 629 4.60 -7.48 -12.94
CA ALA B 629 5.17 -6.22 -13.42
C ALA B 629 5.17 -6.20 -14.95
N ALA B 630 5.91 -7.13 -15.56
CA ALA B 630 5.93 -7.21 -17.01
C ALA B 630 4.59 -7.64 -17.57
N ASP B 631 3.81 -8.40 -16.80
CA ASP B 631 2.49 -8.81 -17.27
C ASP B 631 1.59 -7.62 -17.54
N ARG B 632 1.79 -6.51 -16.83
CA ARG B 632 1.04 -5.30 -17.11
C ARG B 632 1.54 -4.63 -18.38
N VAL B 633 2.86 -4.52 -18.54
CA VAL B 633 3.41 -3.78 -19.67
C VAL B 633 3.11 -4.49 -20.98
N ILE B 634 3.13 -5.83 -20.97
CA ILE B 634 2.88 -6.56 -22.21
C ILE B 634 1.46 -6.28 -22.71
N ASN B 635 0.48 -6.26 -21.80
CA ASN B 635 -0.90 -6.00 -22.20
C ASN B 635 -1.06 -4.59 -22.76
N GLN B 636 -0.45 -3.60 -22.11
CA GLN B 636 -0.55 -2.23 -22.61
C GLN B 636 0.07 -2.12 -24.00
N LEU B 637 1.25 -2.70 -24.19
CA LEU B 637 1.83 -2.75 -25.52
C LEU B 637 0.95 -3.54 -26.48
N LEU B 638 0.39 -4.66 -26.00
CA LEU B 638 -0.45 -5.50 -26.85
C LEU B 638 -1.72 -4.78 -27.27
N THR B 639 -2.37 -4.09 -26.34
CA THR B 639 -3.64 -3.42 -26.67
C THR B 639 -3.40 -2.19 -27.54
N GLU B 640 -2.27 -1.51 -27.38
CA GLU B 640 -1.97 -0.36 -28.23
C GLU B 640 -1.87 -0.77 -29.69
N MET B 641 -1.22 -1.91 -29.96
CA MET B 641 -1.07 -2.35 -31.34
C MET B 641 -2.43 -2.63 -31.98
N ASP B 642 -3.34 -3.27 -31.24
CA ASP B 642 -4.66 -3.53 -31.78
C ASP B 642 -5.43 -2.23 -32.04
N GLY B 643 -5.19 -1.21 -31.22
CA GLY B 643 -5.82 0.07 -31.39
C GLY B 643 -5.17 0.99 -32.39
N MET B 644 -4.11 0.52 -33.06
CA MET B 644 -3.39 1.32 -34.05
C MET B 644 -3.97 1.01 -35.42
N SER B 645 -4.66 1.99 -36.01
CA SER B 645 -5.21 1.81 -37.35
C SER B 645 -4.09 1.62 -38.35
N ALA B 646 -4.25 0.64 -39.24
CA ALA B 646 -3.20 0.31 -40.20
C ALA B 646 -2.97 1.41 -41.22
N LYS B 647 -3.89 2.36 -41.35
CA LYS B 647 -3.81 3.40 -42.37
C LYS B 647 -3.02 4.62 -41.91
N LYS B 648 -2.53 4.64 -40.67
CA LYS B 648 -1.80 5.79 -40.16
C LYS B 648 -0.31 5.72 -40.43
N ASN B 649 0.17 4.64 -41.06
CA ASN B 649 1.56 4.49 -41.45
C ASN B 649 2.49 4.62 -40.25
N VAL B 650 2.25 3.77 -39.25
CA VAL B 650 3.13 3.63 -38.10
C VAL B 650 3.54 2.16 -38.05
N PHE B 651 4.75 1.86 -38.50
CA PHE B 651 5.24 0.49 -38.56
C PHE B 651 6.04 0.18 -37.31
N ILE B 652 5.73 -0.94 -36.68
CA ILE B 652 6.32 -1.34 -35.41
C ILE B 652 7.26 -2.51 -35.68
N ILE B 653 8.54 -2.33 -35.32
CA ILE B 653 9.57 -3.34 -35.51
C ILE B 653 10.09 -3.75 -34.15
N GLY B 654 10.15 -5.05 -33.90
CA GLY B 654 10.72 -5.58 -32.68
C GLY B 654 11.90 -6.48 -32.99
N ALA B 655 13.00 -6.29 -32.25
CA ALA B 655 14.21 -7.08 -32.44
C ALA B 655 14.42 -7.96 -31.22
N THR B 656 14.70 -9.23 -31.46
CA THR B 656 14.90 -10.19 -30.38
C THR B 656 16.04 -11.13 -30.75
N ASN B 657 16.98 -11.29 -29.83
CA ASN B 657 18.04 -12.28 -29.99
C ASN B 657 17.60 -13.66 -29.56
N ARG B 658 16.46 -13.78 -28.88
CA ARG B 658 15.93 -15.05 -28.41
C ARG B 658 14.47 -15.16 -28.85
N PRO B 659 14.23 -15.41 -30.13
CA PRO B 659 12.85 -15.43 -30.62
C PRO B 659 12.00 -16.51 -29.96
N ASP B 660 12.60 -17.61 -29.51
CA ASP B 660 11.83 -18.70 -28.92
C ASP B 660 11.22 -18.35 -27.58
N ILE B 661 11.67 -17.25 -26.94
CA ILE B 661 11.13 -16.86 -25.64
C ILE B 661 9.99 -15.86 -25.74
N ILE B 662 9.77 -15.26 -26.92
CA ILE B 662 8.75 -14.23 -27.06
C ILE B 662 7.37 -14.86 -26.93
N ASP B 663 6.49 -14.18 -26.20
CA ASP B 663 5.13 -14.66 -26.02
C ASP B 663 4.45 -14.82 -27.38
N GLY B 664 3.73 -15.92 -27.55
CA GLY B 664 3.02 -16.17 -28.79
C GLY B 664 1.91 -15.19 -29.07
N ALA B 665 1.49 -14.43 -28.06
CA ALA B 665 0.45 -13.43 -28.25
C ALA B 665 0.90 -12.34 -29.22
N ILE B 666 2.14 -11.88 -29.08
CA ILE B 666 2.62 -10.80 -29.94
C ILE B 666 2.71 -11.28 -31.38
N LEU B 667 3.01 -12.55 -31.60
CA LEU B 667 3.18 -13.09 -32.94
C LEU B 667 1.86 -13.46 -33.61
N ARG B 668 0.73 -12.99 -33.07
CA ARG B 668 -0.56 -13.31 -33.66
C ARG B 668 -0.75 -12.56 -34.97
N PRO B 669 -1.68 -13.02 -35.82
CA PRO B 669 -1.83 -12.41 -37.15
C PRO B 669 -2.26 -10.94 -37.12
N GLY B 670 -2.52 -10.40 -35.94
CA GLY B 670 -3.06 -9.06 -35.85
C GLY B 670 -2.03 -7.95 -35.71
N ARG B 671 -1.02 -8.15 -34.86
CA ARG B 671 -0.15 -7.05 -34.43
C ARG B 671 1.28 -7.20 -34.92
N LEU B 672 1.96 -8.32 -34.66
CA LEU B 672 3.29 -8.60 -35.20
C LEU B 672 3.22 -9.95 -35.90
N ASP B 673 2.78 -9.94 -37.16
CA ASP B 673 2.46 -11.16 -37.89
C ASP B 673 3.53 -11.56 -38.89
N GLN B 674 4.62 -10.81 -39.00
CA GLN B 674 5.66 -11.07 -39.98
C GLN B 674 6.99 -11.30 -39.26
N LEU B 675 7.70 -12.35 -39.65
CA LEU B 675 9.00 -12.69 -39.10
C LEU B 675 10.05 -12.53 -40.19
N ILE B 676 11.12 -11.80 -39.88
CA ILE B 676 12.24 -11.60 -40.79
C ILE B 676 13.51 -12.04 -40.09
N TYR B 677 14.31 -12.85 -40.77
CA TYR B 677 15.53 -13.41 -40.21
C TYR B 677 16.72 -12.59 -40.67
N ILE B 678 17.49 -12.07 -39.72
CA ILE B 678 18.69 -11.31 -40.03
C ILE B 678 19.89 -12.22 -39.75
N PRO B 679 20.54 -12.75 -40.78
CA PRO B 679 21.63 -13.70 -40.57
C PRO B 679 22.93 -12.97 -40.23
N LEU B 680 23.97 -13.76 -39.98
CA LEU B 680 25.29 -13.19 -39.78
C LEU B 680 25.72 -12.49 -41.07
N PRO B 681 26.44 -11.37 -40.99
CA PRO B 681 26.75 -10.61 -42.21
C PRO B 681 27.51 -11.47 -43.21
N ASP B 682 27.14 -11.33 -44.48
CA ASP B 682 27.78 -12.05 -45.56
C ASP B 682 29.02 -11.29 -46.03
N GLU B 683 29.67 -11.81 -47.06
CA GLU B 683 30.94 -11.23 -47.50
C GLU B 683 30.78 -9.77 -47.86
N ALA B 684 29.75 -9.43 -48.65
CA ALA B 684 29.56 -8.04 -49.03
C ALA B 684 29.26 -7.16 -47.83
N SER B 685 28.40 -7.63 -46.93
CA SER B 685 28.05 -6.82 -45.76
C SER B 685 29.25 -6.64 -44.83
N ARG B 686 30.04 -7.69 -44.63
CA ARG B 686 31.20 -7.58 -43.74
C ARG B 686 32.16 -6.50 -44.21
N VAL B 687 32.26 -6.29 -45.52
CA VAL B 687 33.13 -5.23 -46.03
C VAL B 687 32.67 -3.88 -45.49
N ASN B 688 31.35 -3.67 -45.42
CA ASN B 688 30.83 -2.39 -44.96
C ASN B 688 30.96 -2.23 -43.45
N ILE B 689 30.78 -3.32 -42.69
CA ILE B 689 30.94 -3.24 -41.24
C ILE B 689 32.35 -2.79 -40.91
N LEU B 690 33.35 -3.38 -41.57
CA LEU B 690 34.73 -2.96 -41.38
C LEU B 690 34.92 -1.52 -41.87
N LYS B 691 34.32 -1.18 -43.01
CA LYS B 691 34.46 0.17 -43.53
C LYS B 691 33.87 1.19 -42.57
N ALA B 692 32.70 0.90 -42.02
CA ALA B 692 32.07 1.85 -41.09
C ALA B 692 32.91 2.02 -39.84
N ASN B 693 33.46 0.93 -39.31
CA ASN B 693 34.30 1.03 -38.12
C ASN B 693 35.54 1.86 -38.38
N LEU B 694 36.19 1.65 -39.53
CA LEU B 694 37.44 2.33 -39.87
C LEU B 694 37.22 3.62 -40.65
N ARG B 695 35.98 4.14 -40.68
CA ARG B 695 35.71 5.34 -41.45
C ARG B 695 36.54 6.52 -40.97
N LYS B 696 36.55 6.75 -39.66
CA LYS B 696 37.28 7.88 -39.08
C LYS B 696 38.74 7.57 -38.80
N SER B 697 39.10 6.29 -38.73
CA SER B 697 40.49 5.93 -38.45
C SER B 697 41.31 5.94 -39.73
N PRO B 698 42.52 6.50 -39.69
CA PRO B 698 43.40 6.40 -40.87
C PRO B 698 44.06 5.04 -40.95
N ILE B 699 43.93 4.39 -42.11
CA ILE B 699 44.46 3.06 -42.34
C ILE B 699 45.58 3.14 -43.37
N ALA B 700 46.52 2.22 -43.27
CA ALA B 700 47.61 2.14 -44.23
C ALA B 700 47.13 1.46 -45.51
N ARG B 701 47.67 1.91 -46.64
CA ARG B 701 47.23 1.39 -47.93
C ARG B 701 47.50 -0.10 -48.07
N ASP B 702 48.43 -0.65 -47.29
CA ASP B 702 48.71 -2.08 -47.36
C ASP B 702 47.58 -2.92 -46.80
N VAL B 703 46.61 -2.31 -46.12
CA VAL B 703 45.51 -3.05 -45.52
C VAL B 703 44.47 -3.35 -46.59
N ASP B 704 44.18 -4.63 -46.80
CA ASP B 704 43.17 -5.08 -47.76
C ASP B 704 41.90 -5.38 -46.98
N ILE B 705 40.99 -4.40 -46.93
CA ILE B 705 39.74 -4.59 -46.21
C ILE B 705 38.97 -5.77 -46.78
N ASN B 706 38.99 -5.91 -48.11
CA ASN B 706 38.28 -7.03 -48.74
C ASN B 706 38.83 -8.36 -48.27
N PHE B 707 40.14 -8.44 -48.03
CA PHE B 707 40.74 -9.69 -47.57
C PHE B 707 40.19 -10.08 -46.20
N LEU B 708 40.09 -9.12 -45.29
CA LEU B 708 39.62 -9.43 -43.94
C LEU B 708 38.21 -9.99 -43.96
N ALA B 709 37.32 -9.39 -44.76
CA ALA B 709 35.96 -9.89 -44.86
C ALA B 709 35.95 -11.32 -45.38
N LYS B 710 36.76 -11.60 -46.40
CA LYS B 710 36.86 -12.97 -46.91
C LYS B 710 37.41 -13.91 -45.86
N ALA B 711 38.26 -13.40 -44.95
CA ALA B 711 38.89 -14.27 -43.96
C ALA B 711 37.93 -14.65 -42.84
N THR B 712 37.07 -13.71 -42.42
CA THR B 712 36.22 -13.96 -41.26
C THR B 712 35.22 -15.08 -41.54
N GLN B 713 34.32 -14.86 -42.50
CA GLN B 713 33.39 -15.90 -42.97
C GLN B 713 32.74 -16.64 -41.80
N GLY B 714 31.94 -15.89 -41.04
CA GLY B 714 31.20 -16.48 -39.93
C GLY B 714 31.15 -15.58 -38.72
N PHE B 715 32.07 -14.63 -38.64
CA PHE B 715 32.08 -13.69 -37.52
C PHE B 715 30.85 -12.79 -37.56
N SER B 716 30.25 -12.57 -36.40
CA SER B 716 29.12 -11.65 -36.31
C SER B 716 29.61 -10.21 -36.39
N GLY B 717 28.67 -9.28 -36.40
CA GLY B 717 29.03 -7.88 -36.50
C GLY B 717 29.85 -7.41 -35.31
N ALA B 718 29.45 -7.79 -34.10
CA ALA B 718 30.22 -7.42 -32.92
C ALA B 718 31.63 -8.00 -32.96
N ASP B 719 31.83 -9.11 -33.66
CA ASP B 719 33.16 -9.69 -33.77
C ASP B 719 34.06 -8.84 -34.66
N LEU B 720 33.51 -8.32 -35.77
CA LEU B 720 34.30 -7.44 -36.62
C LEU B 720 34.66 -6.15 -35.90
N THR B 721 33.72 -5.61 -35.12
CA THR B 721 34.00 -4.39 -34.38
C THR B 721 35.13 -4.61 -33.37
N GLU B 722 35.12 -5.76 -32.70
CA GLU B 722 36.18 -6.07 -31.74
C GLU B 722 37.54 -6.15 -32.44
N ILE B 723 37.58 -6.74 -33.63
CA ILE B 723 38.83 -6.83 -34.38
C ILE B 723 39.37 -5.44 -34.68
N CYS B 724 38.49 -4.55 -35.14
CA CYS B 724 38.93 -3.20 -35.47
C CYS B 724 39.40 -2.45 -34.23
N GLN B 725 38.69 -2.58 -33.12
CA GLN B 725 39.08 -1.89 -31.90
C GLN B 725 40.42 -2.40 -31.39
N ARG B 726 40.64 -3.72 -31.47
CA ARG B 726 41.93 -4.27 -31.06
C ARG B 726 43.06 -3.69 -31.89
N ALA B 727 42.85 -3.53 -33.19
CA ALA B 727 43.86 -2.90 -34.04
C ALA B 727 44.11 -1.47 -33.61
N CYS B 728 43.04 -0.71 -33.32
CA CYS B 728 43.20 0.66 -32.87
C CYS B 728 43.91 0.71 -31.52
N LYS B 729 43.53 -0.17 -30.59
CA LYS B 729 44.18 -0.18 -29.28
C LYS B 729 45.67 -0.47 -29.41
N GLN B 730 46.03 -1.48 -30.21
CA GLN B 730 47.43 -1.78 -30.41
C GLN B 730 48.15 -0.63 -31.09
N ALA B 731 47.51 -0.01 -32.08
CA ALA B 731 48.14 1.11 -32.79
C ALA B 731 48.42 2.26 -31.83
N ILE B 732 47.51 2.52 -30.90
CA ILE B 732 47.73 3.59 -29.93
C ILE B 732 48.93 3.26 -29.04
N ARG B 733 49.11 1.98 -28.71
CA ARG B 733 50.23 1.59 -27.86
C ARG B 733 51.56 1.97 -28.51
N GLU B 734 51.75 1.58 -29.78
CA GLU B 734 53.00 1.91 -30.46
C GLU B 734 53.19 3.41 -30.59
N SER B 735 52.10 4.16 -30.71
CA SER B 735 52.21 5.62 -30.78
C SER B 735 52.70 6.18 -29.45
N ILE B 736 52.12 5.74 -28.34
CA ILE B 736 52.56 6.19 -27.04
C ILE B 736 53.98 5.71 -26.77
N GLU B 737 54.26 4.44 -27.06
CA GLU B 737 55.60 3.90 -26.82
C GLU B 737 56.64 4.65 -27.65
N ALA B 738 56.33 4.95 -28.91
CA ALA B 738 57.25 5.71 -29.73
C ALA B 738 57.46 7.11 -29.18
N GLU B 739 56.39 7.72 -28.66
CA GLU B 739 56.52 9.05 -28.08
C GLU B 739 57.47 9.06 -26.89
N ILE B 740 57.35 8.05 -26.01
CA ILE B 740 58.24 7.98 -24.87
C ILE B 740 59.68 7.79 -25.32
N ARG B 741 59.91 6.91 -26.29
CA ARG B 741 61.26 6.73 -26.82
C ARG B 741 61.82 8.04 -27.34
N ALA B 742 60.98 8.86 -27.96
CA ALA B 742 61.42 10.18 -28.40
C ALA B 742 61.79 11.05 -27.20
N GLU B 743 60.98 11.02 -26.15
CA GLU B 743 61.29 11.80 -24.95
C GLU B 743 62.57 11.33 -24.29
N SER B 744 62.76 10.01 -24.20
CA SER B 744 63.97 9.49 -23.57
C SER B 744 65.21 9.88 -24.37
N GLU B 745 65.14 9.80 -25.69
CA GLU B 745 66.28 10.18 -26.51
C GLU B 745 66.63 11.65 -26.34
N LYS B 746 65.61 12.52 -26.29
CA LYS B 746 65.83 13.95 -26.12
C LYS B 746 66.41 14.26 -24.75
N ASP B 756 60.32 11.00 -39.79
CA ASP B 756 59.10 10.40 -39.19
C ASP B 756 58.60 11.30 -38.05
N PHE B 757 58.09 12.48 -38.38
CA PHE B 757 57.51 13.29 -37.32
C PHE B 757 56.49 12.48 -36.52
N ASP B 758 55.66 11.72 -37.22
CA ASP B 758 54.69 10.83 -36.59
C ASP B 758 55.13 9.38 -36.81
N PRO B 759 55.70 8.71 -35.81
CA PRO B 759 56.22 7.36 -36.07
C PRO B 759 55.18 6.38 -36.55
N VAL B 760 53.95 6.47 -36.04
CA VAL B 760 52.89 5.54 -36.41
C VAL B 760 51.67 6.36 -36.83
N PRO B 761 51.55 6.73 -38.11
CA PRO B 761 50.43 7.60 -38.51
C PRO B 761 49.17 6.83 -38.88
N GLU B 762 49.30 5.55 -39.20
CA GLU B 762 48.19 4.75 -39.68
C GLU B 762 48.26 3.35 -39.08
N ILE B 763 47.10 2.69 -39.06
CA ILE B 763 46.99 1.32 -38.57
C ILE B 763 47.57 0.41 -39.66
N THR B 764 48.82 -0.01 -39.48
CA THR B 764 49.49 -0.80 -40.50
C THR B 764 48.89 -2.20 -40.58
N ARG B 765 49.29 -2.93 -41.62
CA ARG B 765 48.80 -4.29 -41.80
C ARG B 765 49.21 -5.19 -40.64
N ARG B 766 50.33 -4.87 -39.98
CA ARG B 766 50.76 -5.66 -38.82
C ARG B 766 49.73 -5.59 -37.70
N HIS B 767 49.18 -4.40 -37.46
CA HIS B 767 48.22 -4.25 -36.37
C HIS B 767 47.00 -5.13 -36.57
N PHE B 768 46.46 -5.15 -37.80
CA PHE B 768 45.32 -6.02 -38.09
C PHE B 768 45.70 -7.49 -37.99
N GLU B 769 46.91 -7.84 -38.41
CA GLU B 769 47.34 -9.23 -38.38
C GLU B 769 47.34 -9.77 -36.95
N GLU B 770 47.84 -8.98 -35.99
CA GLU B 770 47.88 -9.43 -34.61
C GLU B 770 46.48 -9.63 -34.05
N ALA B 771 45.56 -8.69 -34.36
CA ALA B 771 44.21 -8.78 -33.82
C ALA B 771 43.49 -10.03 -34.31
N MET B 772 43.66 -10.36 -35.60
CA MET B 772 42.94 -11.50 -36.17
C MET B 772 43.31 -12.81 -35.48
N ARG B 773 44.55 -12.93 -35.02
CA ARG B 773 44.99 -14.20 -34.45
C ARG B 773 44.17 -14.58 -33.22
N PHE B 774 43.89 -13.60 -32.36
CA PHE B 774 43.13 -13.85 -31.15
C PHE B 774 41.62 -13.72 -31.35
N ALA B 775 41.18 -13.31 -32.53
CA ALA B 775 39.75 -13.19 -32.78
C ALA B 775 39.10 -14.57 -32.78
N ARG B 776 37.91 -14.66 -32.17
CA ARG B 776 37.17 -15.90 -32.07
C ARG B 776 35.72 -15.66 -32.41
N ARG B 777 35.12 -16.62 -33.11
CA ARG B 777 33.71 -16.52 -33.46
C ARG B 777 32.86 -16.49 -32.18
N SER B 778 31.83 -15.63 -32.20
CA SER B 778 30.99 -15.43 -31.03
C SER B 778 29.62 -16.08 -31.14
N VAL B 779 29.18 -16.43 -32.35
CA VAL B 779 27.91 -17.12 -32.56
C VAL B 779 28.25 -18.53 -33.01
N THR B 780 27.91 -19.51 -32.17
CA THR B 780 28.25 -20.89 -32.44
C THR B 780 27.46 -21.42 -33.63
N GLU B 781 28.05 -22.40 -34.33
CA GLU B 781 27.35 -23.02 -35.43
C GLU B 781 26.04 -23.65 -34.98
N ASN B 782 25.99 -24.16 -33.75
CA ASN B 782 24.74 -24.68 -33.22
C ASN B 782 23.72 -23.57 -33.07
N ASP B 783 24.15 -22.38 -32.62
CA ASP B 783 23.22 -21.27 -32.45
C ASP B 783 22.61 -20.86 -33.78
N VAL B 784 23.41 -20.84 -34.85
CA VAL B 784 22.89 -20.50 -36.17
C VAL B 784 21.79 -21.47 -36.57
N ARG B 785 22.03 -22.77 -36.35
CA ARG B 785 21.03 -23.77 -36.72
C ARG B 785 19.72 -23.55 -35.96
N LYS B 786 19.82 -23.15 -34.69
CA LYS B 786 18.60 -22.95 -33.90
C LYS B 786 17.74 -21.85 -34.49
N TYR B 787 18.36 -20.75 -34.91
CA TYR B 787 17.59 -19.63 -35.46
C TYR B 787 16.89 -20.03 -36.74
N GLU B 788 17.54 -20.82 -37.59
CA GLU B 788 16.92 -21.27 -38.82
C GLU B 788 15.66 -22.09 -38.52
N MET B 789 15.70 -22.93 -37.50
CA MET B 789 14.57 -23.80 -37.20
C MET B 789 13.40 -23.05 -36.58
N PHE B 790 13.61 -21.82 -36.09
CA PHE B 790 12.53 -21.12 -35.41
C PHE B 790 11.39 -20.78 -36.37
N ALA B 791 11.73 -20.41 -37.61
CA ALA B 791 10.69 -20.05 -38.58
C ALA B 791 9.68 -21.18 -38.74
N GLN B 792 10.12 -22.43 -38.61
CA GLN B 792 9.24 -23.58 -38.73
C GLN B 792 8.72 -24.08 -37.38
N THR B 793 9.49 -23.89 -36.31
CA THR B 793 9.05 -24.38 -35.00
C THR B 793 7.78 -23.70 -34.53
N LEU B 794 7.68 -22.39 -34.73
CA LEU B 794 6.51 -21.64 -34.29
C LEU B 794 5.24 -22.18 -34.93
N GLU C 229 31.63 41.61 15.22
CA GLU C 229 31.64 42.31 13.94
C GLU C 229 32.57 41.62 12.95
N LYS C 230 32.90 40.36 13.22
CA LYS C 230 33.78 39.61 12.33
C LYS C 230 33.11 39.24 11.02
N LEU C 231 31.80 39.42 10.90
CA LEU C 231 31.12 39.07 9.66
C LEU C 231 31.66 39.87 8.48
N ASN C 232 31.89 41.16 8.68
CA ASN C 232 32.38 42.02 7.60
C ASN C 232 33.79 41.66 7.16
N GLU C 233 34.52 40.85 7.92
CA GLU C 233 35.89 40.46 7.60
C GLU C 233 36.01 39.02 7.13
N ILE C 234 34.90 38.30 6.98
CA ILE C 234 34.96 36.90 6.55
C ILE C 234 35.41 36.88 5.08
N GLY C 235 36.59 36.33 4.83
CA GLY C 235 37.12 36.20 3.50
C GLY C 235 37.19 34.75 3.04
N TYR C 236 38.02 34.51 2.03
CA TYR C 236 38.21 33.16 1.53
C TYR C 236 39.08 32.33 2.46
N ASP C 237 40.08 32.96 3.09
CA ASP C 237 40.97 32.24 4.00
C ASP C 237 40.26 31.76 5.26
N ASP C 238 39.06 32.27 5.55
CA ASP C 238 38.32 31.91 6.75
C ASP C 238 37.31 30.80 6.54
N ILE C 239 37.25 30.22 5.35
CA ILE C 239 36.39 29.07 5.07
C ILE C 239 37.30 27.85 4.90
N GLY C 240 36.75 26.68 5.20
CA GLY C 240 37.55 25.48 5.32
C GLY C 240 37.76 24.70 4.04
N GLY C 241 37.39 23.42 4.07
CA GLY C 241 37.72 22.49 3.00
C GLY C 241 36.86 22.61 1.77
N CYS C 242 36.89 23.77 1.12
CA CYS C 242 36.22 23.98 -0.16
C CYS C 242 37.13 24.78 -1.09
N ARG C 243 38.42 24.43 -1.11
CA ARG C 243 39.37 25.20 -1.92
C ARG C 243 39.02 25.13 -3.40
N LYS C 244 38.66 23.95 -3.89
CA LYS C 244 38.32 23.82 -5.31
C LYS C 244 37.05 24.58 -5.63
N GLN C 245 36.02 24.45 -4.80
CA GLN C 245 34.75 25.12 -5.08
C GLN C 245 34.88 26.64 -4.95
N LEU C 246 35.63 27.11 -3.95
CA LEU C 246 35.78 28.55 -3.76
C LEU C 246 36.42 29.19 -4.98
N ALA C 247 37.46 28.55 -5.52
CA ALA C 247 38.06 29.05 -6.76
C ALA C 247 37.04 29.04 -7.89
N GLN C 248 36.22 27.99 -7.98
CA GLN C 248 35.19 27.93 -9.00
C GLN C 248 34.18 29.06 -8.82
N ILE C 249 33.74 29.30 -7.58
CA ILE C 249 32.79 30.38 -7.34
C ILE C 249 33.43 31.73 -7.54
N LYS C 250 34.73 31.85 -7.28
CA LYS C 250 35.40 33.12 -7.50
C LYS C 250 35.32 33.55 -8.96
N GLU C 251 35.54 32.61 -9.88
CA GLU C 251 35.37 32.93 -11.29
C GLU C 251 33.91 33.24 -11.62
N MET C 252 32.98 32.47 -11.06
CA MET C 252 31.57 32.64 -11.39
C MET C 252 31.04 33.99 -10.93
N VAL C 253 31.42 34.42 -9.73
CA VAL C 253 30.78 35.55 -9.06
C VAL C 253 31.72 36.74 -8.96
N GLU C 254 32.91 36.55 -8.38
CA GLU C 254 33.79 37.68 -8.11
C GLU C 254 34.22 38.36 -9.40
N LEU C 255 34.65 37.58 -10.39
CA LEU C 255 35.20 38.18 -11.60
C LEU C 255 34.16 38.99 -12.37
N PRO C 256 32.94 38.49 -12.62
CA PRO C 256 31.95 39.35 -13.30
C PRO C 256 31.62 40.61 -12.53
N LEU C 257 31.30 40.50 -11.24
CA LEU C 257 30.88 41.66 -10.47
C LEU C 257 32.02 42.66 -10.26
N ARG C 258 33.25 42.30 -10.59
CA ARG C 258 34.38 43.18 -10.43
C ARG C 258 34.84 43.78 -11.75
N HIS C 259 34.70 43.03 -12.85
CA HIS C 259 35.02 43.50 -14.20
C HIS C 259 33.87 43.16 -15.14
N PRO C 260 32.73 43.83 -14.99
CA PRO C 260 31.62 43.56 -15.92
C PRO C 260 31.94 43.86 -17.36
N GLN C 261 32.90 44.75 -17.63
CA GLN C 261 33.19 45.15 -19.00
C GLN C 261 33.68 43.97 -19.83
N LEU C 262 34.59 43.16 -19.28
CA LEU C 262 35.21 42.10 -20.06
C LEU C 262 34.19 41.03 -20.44
N PHE C 263 33.39 40.58 -19.47
CA PHE C 263 32.43 39.52 -19.76
C PHE C 263 31.38 39.98 -20.76
N LYS C 264 30.91 41.22 -20.62
CA LYS C 264 29.92 41.75 -21.56
C LYS C 264 30.51 41.84 -22.96
N ALA C 265 31.79 42.21 -23.07
CA ALA C 265 32.40 42.36 -24.38
C ALA C 265 32.35 41.06 -25.18
N ILE C 266 32.82 39.97 -24.58
CA ILE C 266 32.80 38.69 -25.28
C ILE C 266 31.37 38.18 -25.40
N GLY C 267 30.56 38.38 -24.37
CA GLY C 267 29.17 37.96 -24.38
C GLY C 267 28.79 36.97 -23.29
N VAL C 268 29.72 36.58 -22.41
CA VAL C 268 29.35 35.66 -21.32
C VAL C 268 28.27 36.29 -20.47
N LYS C 269 27.28 35.48 -20.09
CA LYS C 269 26.20 35.93 -19.23
C LYS C 269 26.42 35.38 -17.82
N PRO C 270 26.74 36.22 -16.84
CA PRO C 270 27.02 35.70 -15.51
C PRO C 270 25.81 34.98 -14.95
N PRO C 271 26.01 33.99 -14.09
CA PRO C 271 24.89 33.15 -13.64
C PRO C 271 23.90 33.95 -12.79
N ARG C 272 22.65 33.48 -12.81
CA ARG C 272 21.60 34.09 -12.02
C ARG C 272 21.45 33.46 -10.65
N GLY C 273 21.51 32.12 -10.57
CA GLY C 273 21.33 31.42 -9.32
C GLY C 273 22.33 30.31 -9.12
N ILE C 274 23.00 30.29 -7.97
CA ILE C 274 23.97 29.27 -7.62
C ILE C 274 23.44 28.55 -6.38
N LEU C 275 23.07 27.28 -6.55
CA LEU C 275 22.54 26.46 -5.48
C LEU C 275 23.67 25.60 -4.92
N LEU C 276 24.12 25.92 -3.71
CA LEU C 276 25.16 25.15 -3.04
C LEU C 276 24.51 24.06 -2.21
N TYR C 277 24.97 22.83 -2.37
CA TYR C 277 24.41 21.71 -1.62
C TYR C 277 25.54 20.83 -1.09
N GLY C 278 25.19 20.00 -0.11
CA GLY C 278 26.14 19.14 0.54
C GLY C 278 25.68 18.77 1.93
N PRO C 279 26.51 18.05 2.67
CA PRO C 279 26.14 17.65 4.04
C PRO C 279 26.17 18.86 4.97
N PRO C 280 25.41 18.83 6.06
CA PRO C 280 25.39 19.96 6.98
C PRO C 280 26.76 20.21 7.60
N GLY C 281 27.03 21.49 7.89
CA GLY C 281 28.23 21.88 8.60
C GLY C 281 29.47 22.01 7.75
N THR C 282 29.36 21.78 6.44
CA THR C 282 30.55 21.86 5.58
C THR C 282 31.13 23.27 5.58
N GLY C 283 30.31 24.28 5.81
CA GLY C 283 30.73 25.66 5.72
C GLY C 283 30.21 26.40 4.51
N LYS C 284 29.22 25.85 3.79
CA LYS C 284 28.68 26.52 2.62
C LYS C 284 27.98 27.82 2.96
N THR C 285 27.57 28.00 4.23
CA THR C 285 26.87 29.23 4.59
C THR C 285 27.78 30.44 4.59
N LEU C 286 29.07 30.25 4.86
CA LEU C 286 30.02 31.35 4.85
C LEU C 286 30.53 31.69 3.46
N VAL C 287 30.30 30.82 2.48
CA VAL C 287 30.81 31.07 1.14
C VAL C 287 30.16 32.31 0.54
N ALA C 288 28.85 32.47 0.73
CA ALA C 288 28.16 33.63 0.17
C ALA C 288 28.74 34.93 0.71
N ARG C 289 28.97 34.98 2.03
CA ARG C 289 29.55 36.18 2.62
C ARG C 289 30.98 36.42 2.14
N ALA C 290 31.78 35.35 2.06
CA ALA C 290 33.17 35.51 1.64
C ALA C 290 33.25 36.04 0.21
N VAL C 291 32.42 35.50 -0.68
CA VAL C 291 32.41 35.98 -2.06
C VAL C 291 31.96 37.43 -2.11
N ALA C 292 30.93 37.79 -1.35
CA ALA C 292 30.45 39.16 -1.35
C ALA C 292 31.50 40.11 -0.78
N ASN C 293 32.13 39.73 0.34
CA ASN C 293 33.07 40.62 0.99
C ASN C 293 34.30 40.87 0.12
N GLU C 294 34.82 39.83 -0.52
CA GLU C 294 36.03 40.00 -1.33
C GLU C 294 35.76 40.77 -2.61
N SER C 295 34.57 40.63 -3.18
CA SER C 295 34.19 41.34 -4.39
C SER C 295 33.60 42.71 -4.09
N GLY C 296 33.44 43.07 -2.82
CA GLY C 296 32.91 44.37 -2.48
C GLY C 296 31.44 44.55 -2.71
N SER C 297 30.69 43.47 -2.93
CA SER C 297 29.27 43.57 -3.23
C SER C 297 28.47 43.77 -1.94
N PHE C 298 27.18 44.06 -2.11
CA PHE C 298 26.26 44.18 -1.00
C PHE C 298 25.63 42.83 -0.71
N PHE C 299 25.66 42.42 0.55
CA PHE C 299 25.18 41.11 0.97
C PHE C 299 23.88 41.29 1.75
N PHE C 300 22.79 40.78 1.18
CA PHE C 300 21.51 40.71 1.87
C PHE C 300 21.19 39.24 2.14
N LEU C 301 20.99 38.90 3.40
CA LEU C 301 20.78 37.52 3.81
C LEU C 301 19.29 37.22 3.96
N ILE C 302 18.93 36.00 3.60
CA ILE C 302 17.57 35.48 3.77
C ILE C 302 17.67 34.13 4.45
N ASN C 303 16.92 33.96 5.54
CA ASN C 303 16.84 32.70 6.26
C ASN C 303 15.48 32.07 5.99
N GLY C 304 15.48 30.79 5.61
CA GLY C 304 14.25 30.08 5.37
C GLY C 304 13.39 30.03 6.61
N PRO C 305 13.99 29.68 7.76
CA PRO C 305 13.21 29.71 9.00
C PRO C 305 12.63 31.08 9.33
N GLU C 306 13.38 32.15 9.06
CA GLU C 306 12.91 33.48 9.43
C GLU C 306 11.70 33.88 8.61
N ILE C 307 11.74 33.66 7.30
CA ILE C 307 10.64 34.09 6.44
C ILE C 307 9.39 33.27 6.73
N MET C 308 9.55 31.98 7.04
CA MET C 308 8.41 31.13 7.33
C MET C 308 7.94 31.24 8.77
N SER C 309 8.59 32.06 9.59
CA SER C 309 8.17 32.28 10.96
C SER C 309 7.28 33.51 11.11
N LYS C 310 6.87 34.12 10.00
CA LYS C 310 6.08 35.34 10.02
C LYS C 310 4.71 35.08 9.41
N LEU C 311 3.85 36.09 9.50
CA LEU C 311 2.49 35.97 9.01
C LEU C 311 2.49 35.78 7.49
N ALA C 312 1.29 35.55 6.93
CA ALA C 312 1.19 35.29 5.51
C ALA C 312 1.66 36.48 4.68
N GLY C 313 1.25 37.69 5.07
CA GLY C 313 1.62 38.86 4.30
C GLY C 313 3.04 39.34 4.56
N GLU C 314 3.55 39.14 5.77
CA GLU C 314 4.87 39.63 6.10
C GLU C 314 5.97 38.78 5.46
N SER C 315 5.73 37.47 5.30
CA SER C 315 6.71 36.62 4.65
C SER C 315 6.92 37.03 3.20
N GLU C 316 5.83 37.30 2.48
CA GLU C 316 5.96 37.75 1.10
C GLU C 316 6.56 39.14 1.02
N SER C 317 6.19 40.02 1.95
CA SER C 317 6.74 41.37 1.95
C SER C 317 8.25 41.35 2.13
N ASN C 318 8.74 40.51 3.04
CA ASN C 318 10.18 40.45 3.27
C ASN C 318 10.93 39.93 2.04
N LEU C 319 10.37 38.94 1.36
CA LEU C 319 11.00 38.45 0.13
C LEU C 319 11.12 39.57 -0.90
N ARG C 320 10.03 40.31 -1.12
CA ARG C 320 10.06 41.39 -2.10
C ARG C 320 11.04 42.47 -1.68
N LYS C 321 11.05 42.82 -0.38
CA LYS C 321 11.97 43.85 0.09
C LYS C 321 13.41 43.43 -0.09
N ALA C 322 13.70 42.14 0.11
CA ALA C 322 15.07 41.65 -0.06
C ALA C 322 15.54 41.85 -1.49
N PHE C 323 14.70 41.50 -2.46
CA PHE C 323 15.09 41.69 -3.86
C PHE C 323 15.03 43.16 -4.26
N GLU C 324 14.05 43.89 -3.74
CA GLU C 324 13.98 45.33 -4.02
C GLU C 324 15.20 46.06 -3.49
N GLU C 325 15.64 45.71 -2.27
CA GLU C 325 16.82 46.34 -1.71
C GLU C 325 18.09 45.91 -2.43
N ALA C 326 18.10 44.71 -2.99
CA ALA C 326 19.28 44.21 -3.69
C ALA C 326 19.51 44.99 -4.99
N GLU C 327 18.45 45.19 -5.78
CA GLU C 327 18.59 45.94 -7.02
C GLU C 327 19.03 47.37 -6.74
N LYS C 328 18.51 47.96 -5.66
CA LYS C 328 18.88 49.32 -5.31
C LYS C 328 20.37 49.46 -5.04
N ASN C 329 20.95 48.48 -4.33
CA ASN C 329 22.34 48.54 -3.89
C ASN C 329 23.23 47.60 -4.70
N ALA C 330 22.95 47.46 -5.99
CA ALA C 330 23.76 46.60 -6.83
C ALA C 330 25.15 47.19 -7.01
N PRO C 331 26.17 46.35 -7.22
CA PRO C 331 26.13 44.88 -7.30
C PRO C 331 25.90 44.26 -5.92
N ALA C 332 25.15 43.17 -5.85
CA ALA C 332 24.76 42.61 -4.56
C ALA C 332 24.57 41.10 -4.70
N ILE C 333 24.60 40.42 -3.55
CA ILE C 333 24.38 38.99 -3.48
C ILE C 333 23.25 38.72 -2.49
N ILE C 334 22.24 37.98 -2.93
CA ILE C 334 21.17 37.51 -2.07
C ILE C 334 21.43 36.05 -1.75
N PHE C 335 21.47 35.71 -0.47
CA PHE C 335 21.79 34.36 -0.01
C PHE C 335 20.60 33.81 0.75
N ILE C 336 19.98 32.77 0.19
CA ILE C 336 18.88 32.07 0.82
C ILE C 336 19.46 30.86 1.54
N ASP C 337 19.41 30.86 2.87
CA ASP C 337 20.21 29.93 3.66
C ASP C 337 19.62 28.52 3.66
N GLU C 338 18.30 28.39 3.65
CA GLU C 338 17.64 27.09 3.80
C GLU C 338 16.53 26.95 2.75
N LEU C 339 16.89 27.20 1.50
CA LEU C 339 15.94 27.22 0.38
C LEU C 339 14.92 26.10 0.45
N ASP C 340 15.31 24.94 1.01
CA ASP C 340 14.35 23.84 1.13
C ASP C 340 13.18 24.24 2.02
N ALA C 341 13.40 25.13 2.99
CA ALA C 341 12.31 25.58 3.85
C ALA C 341 11.32 26.43 3.07
N ILE C 342 11.83 27.41 2.31
CA ILE C 342 10.95 28.31 1.57
C ILE C 342 10.23 27.54 0.46
N ALA C 343 10.96 26.69 -0.27
CA ALA C 343 10.44 26.02 -1.46
C ALA C 343 10.70 24.53 -1.37
N PRO C 344 9.98 23.82 -0.52
CA PRO C 344 10.08 22.36 -0.51
C PRO C 344 9.37 21.75 -1.71
N LYS C 345 9.32 20.42 -1.77
CA LYS C 345 8.62 19.77 -2.88
C LYS C 345 7.14 20.14 -2.85
N ARG C 346 6.56 20.29 -4.04
CA ARG C 346 5.16 20.68 -4.13
C ARG C 346 4.25 19.66 -3.45
N GLU C 347 4.70 18.42 -3.28
CA GLU C 347 3.91 17.41 -2.59
C GLU C 347 4.01 17.53 -1.07
N LYS C 348 4.89 18.38 -0.55
CA LYS C 348 5.07 18.55 0.87
C LYS C 348 4.41 19.82 1.41
N THR C 349 3.98 20.73 0.53
CA THR C 349 3.40 21.99 1.00
C THR C 349 2.14 21.74 1.82
N HIS C 350 1.11 21.18 1.19
CA HIS C 350 -0.16 20.91 1.87
C HIS C 350 -0.70 22.18 2.54
N GLY C 351 -0.59 23.31 1.83
CA GLY C 351 -1.07 24.58 2.34
C GLY C 351 -1.13 25.58 1.21
N GLU C 352 -1.81 26.70 1.48
CA GLU C 352 -1.97 27.77 0.51
C GLU C 352 -1.02 28.92 0.73
N VAL C 353 -0.76 29.29 1.99
CA VAL C 353 0.22 30.34 2.28
C VAL C 353 1.60 29.90 1.80
N GLU C 354 1.94 28.63 2.05
CA GLU C 354 3.25 28.14 1.63
C GLU C 354 3.39 28.14 0.11
N ARG C 355 2.33 27.74 -0.60
CA ARG C 355 2.42 27.69 -2.05
C ARG C 355 2.43 29.08 -2.67
N ARG C 356 2.00 30.10 -1.93
CA ARG C 356 2.15 31.47 -2.42
C ARG C 356 3.59 31.96 -2.25
N ILE C 357 4.25 31.58 -1.15
CA ILE C 357 5.61 32.06 -0.95
C ILE C 357 6.56 31.43 -1.95
N VAL C 358 6.27 30.19 -2.36
CA VAL C 358 7.05 29.58 -3.43
C VAL C 358 6.91 30.38 -4.71
N SER C 359 5.66 30.69 -5.08
CA SER C 359 5.41 31.34 -6.35
C SER C 359 6.03 32.73 -6.39
N GLN C 360 5.99 33.45 -5.26
CA GLN C 360 6.63 34.75 -5.21
C GLN C 360 8.13 34.64 -5.41
N LEU C 361 8.74 33.60 -4.83
CA LEU C 361 10.16 33.36 -5.07
C LEU C 361 10.41 33.10 -6.55
N LEU C 362 9.57 32.28 -7.17
CA LEU C 362 9.72 32.03 -8.60
C LEU C 362 9.54 33.31 -9.40
N THR C 363 8.56 34.13 -9.02
CA THR C 363 8.28 35.34 -9.78
C THR C 363 9.34 36.41 -9.55
N LEU C 364 9.90 36.47 -8.34
CA LEU C 364 10.95 37.44 -8.09
C LEU C 364 12.25 37.02 -8.73
N MET C 365 12.49 35.71 -8.81
CA MET C 365 13.69 35.22 -9.49
C MET C 365 13.62 35.52 -10.98
N ASP C 366 12.46 35.25 -11.59
CA ASP C 366 12.31 35.51 -13.02
C ASP C 366 12.33 37.00 -13.32
N GLY C 367 11.75 37.81 -12.42
CA GLY C 367 11.67 39.23 -12.64
C GLY C 367 13.01 39.95 -12.63
N LEU C 368 14.08 39.26 -12.24
CA LEU C 368 15.40 39.84 -12.39
C LEU C 368 15.68 40.09 -13.87
N LYS C 369 16.65 40.96 -14.12
CA LYS C 369 17.10 41.27 -15.48
C LYS C 369 18.52 40.78 -15.65
N GLN C 370 18.90 40.55 -16.91
CA GLN C 370 20.24 40.10 -17.24
C GLN C 370 21.28 41.19 -17.06
N ARG C 371 20.89 42.35 -16.53
CA ARG C 371 21.83 43.44 -16.28
C ARG C 371 21.56 44.11 -14.94
N SER C 372 20.95 43.39 -14.00
CA SER C 372 20.67 43.93 -12.68
C SER C 372 21.86 43.79 -11.73
N HIS C 373 22.77 42.86 -11.99
CA HIS C 373 23.98 42.63 -11.19
C HIS C 373 23.66 42.04 -9.82
N VAL C 374 22.47 41.52 -9.62
CA VAL C 374 22.09 40.84 -8.39
C VAL C 374 22.23 39.34 -8.61
N ILE C 375 23.10 38.71 -7.82
CA ILE C 375 23.38 37.29 -7.93
C ILE C 375 22.74 36.60 -6.75
N VAL C 376 21.83 35.68 -7.02
CA VAL C 376 21.14 34.93 -5.98
C VAL C 376 21.92 33.66 -5.69
N MET C 377 22.14 33.38 -4.41
CA MET C 377 22.80 32.17 -3.97
C MET C 377 21.91 31.46 -2.95
N ALA C 378 21.96 30.13 -2.97
CA ALA C 378 21.10 29.34 -2.12
C ALA C 378 21.88 28.15 -1.55
N ALA C 379 21.39 27.64 -0.43
CA ALA C 379 21.98 26.49 0.24
C ALA C 379 20.90 25.49 0.61
N THR C 380 21.18 24.21 0.37
CA THR C 380 20.24 23.15 0.69
C THR C 380 21.03 21.89 1.01
N ASN C 381 20.42 21.01 1.81
CA ASN C 381 21.09 19.76 2.16
C ASN C 381 21.22 18.85 0.94
N ARG C 382 20.13 18.66 0.21
CA ARG C 382 20.14 17.90 -1.03
C ARG C 382 19.33 18.66 -2.08
N PRO C 383 19.83 18.73 -3.31
CA PRO C 383 19.09 19.51 -4.33
C PRO C 383 17.71 18.95 -4.63
N ASN C 384 17.51 17.64 -4.48
CA ASN C 384 16.22 17.04 -4.77
C ASN C 384 15.13 17.54 -3.83
N SER C 385 15.51 18.08 -2.67
CA SER C 385 14.51 18.60 -1.74
C SER C 385 13.82 19.84 -2.31
N VAL C 386 14.55 20.67 -3.05
CA VAL C 386 13.98 21.90 -3.59
C VAL C 386 12.90 21.57 -4.62
N ASP C 387 11.95 22.47 -4.76
CA ASP C 387 10.91 22.32 -5.76
C ASP C 387 11.55 22.26 -7.15
N PRO C 388 11.21 21.28 -7.98
CA PRO C 388 11.82 21.22 -9.33
C PRO C 388 11.64 22.49 -10.13
N ALA C 389 10.55 23.23 -9.91
CA ALA C 389 10.31 24.43 -10.69
C ALA C 389 11.43 25.46 -10.52
N LEU C 390 12.12 25.44 -9.39
CA LEU C 390 13.21 26.38 -9.16
C LEU C 390 14.48 25.99 -9.89
N ARG C 391 14.63 24.73 -10.28
CA ARG C 391 15.85 24.24 -10.93
C ARG C 391 15.79 24.34 -12.44
N ARG C 392 14.93 25.20 -12.99
CA ARG C 392 14.87 25.41 -14.43
C ARG C 392 16.08 26.23 -14.88
N PHE C 393 16.12 26.54 -16.17
CA PHE C 393 17.30 27.15 -16.76
C PHE C 393 17.46 28.63 -16.42
N GLY C 394 16.40 29.29 -15.96
CA GLY C 394 16.46 30.71 -15.70
C GLY C 394 16.49 31.08 -14.22
N ARG C 395 16.35 30.09 -13.34
CA ARG C 395 16.19 30.36 -11.91
C ARG C 395 17.38 29.85 -11.10
N PHE C 396 17.67 28.55 -11.16
CA PHE C 396 18.81 27.97 -10.46
C PHE C 396 19.43 26.94 -11.42
N ASP C 397 20.37 27.39 -12.23
CA ASP C 397 20.94 26.57 -13.28
C ASP C 397 22.30 26.00 -12.93
N ARG C 398 23.05 26.65 -12.03
CA ARG C 398 24.36 26.17 -11.59
C ARG C 398 24.24 25.63 -10.18
N GLU C 399 24.64 24.37 -10.00
CA GLU C 399 24.67 23.73 -8.68
C GLU C 399 26.09 23.32 -8.37
N ILE C 400 26.59 23.75 -7.21
CA ILE C 400 27.94 23.45 -6.75
C ILE C 400 27.83 22.66 -5.46
N GLU C 401 28.52 21.53 -5.39
CA GLU C 401 28.47 20.64 -4.23
C GLU C 401 29.66 20.91 -3.33
N ILE C 402 29.38 21.26 -2.08
CA ILE C 402 30.41 21.42 -1.05
C ILE C 402 30.30 20.18 -0.17
N GLY C 403 31.18 19.21 -0.39
CA GLY C 403 31.11 17.92 0.23
C GLY C 403 32.09 17.74 1.37
N ILE C 404 32.27 16.49 1.77
CA ILE C 404 33.14 16.17 2.90
C ILE C 404 34.57 16.58 2.57
N PRO C 405 35.27 17.30 3.44
CA PRO C 405 36.64 17.69 3.12
C PRO C 405 37.58 16.49 3.09
N ASP C 406 38.64 16.61 2.31
CA ASP C 406 39.67 15.59 2.23
C ASP C 406 40.69 15.81 3.33
N SER C 407 41.79 15.07 3.29
CA SER C 407 42.81 15.19 4.34
C SER C 407 43.40 16.59 4.37
N ILE C 408 43.67 17.16 3.19
CA ILE C 408 44.22 18.52 3.15
C ILE C 408 43.18 19.53 3.61
N GLY C 409 41.92 19.32 3.24
CA GLY C 409 40.88 20.23 3.67
C GLY C 409 40.68 20.23 5.17
N ARG C 410 40.77 19.05 5.79
CA ARG C 410 40.61 18.98 7.24
C ARG C 410 41.68 19.79 7.95
N LEU C 411 42.92 19.72 7.46
CA LEU C 411 44.01 20.48 8.08
C LEU C 411 43.73 21.97 8.02
N GLU C 412 43.17 22.45 6.91
CA GLU C 412 42.83 23.86 6.80
C GLU C 412 41.79 24.26 7.84
N ILE C 413 40.77 23.42 8.04
CA ILE C 413 39.73 23.73 9.01
C ILE C 413 40.31 23.80 10.41
N LEU C 414 41.15 22.83 10.77
CA LEU C 414 41.73 22.82 12.11
C LEU C 414 42.59 24.05 12.35
N ARG C 415 43.36 24.47 11.34
CA ARG C 415 44.13 25.70 11.49
C ARG C 415 43.23 26.90 11.70
N ILE C 416 42.09 26.95 10.98
CA ILE C 416 41.16 28.05 11.14
C ILE C 416 40.59 28.06 12.56
N HIS C 417 40.18 26.89 13.04
CA HIS C 417 39.51 26.80 14.34
C HIS C 417 40.47 26.89 15.52
N THR C 418 41.78 26.78 15.29
CA THR C 418 42.76 26.84 16.37
C THR C 418 43.53 28.15 16.38
N ARG C 419 43.09 29.16 15.63
CA ARG C 419 43.77 30.45 15.66
C ARG C 419 43.70 31.07 17.06
N ASN C 420 42.53 31.01 17.69
CA ASN C 420 42.38 31.56 19.04
C ASN C 420 42.85 30.57 20.09
N ILE C 421 42.53 29.29 19.93
CA ILE C 421 42.93 28.29 20.92
C ILE C 421 44.45 28.21 20.97
N ARG C 422 45.00 28.20 22.18
CA ARG C 422 46.43 28.03 22.37
C ARG C 422 46.78 26.55 22.34
N LEU C 423 47.85 26.21 21.62
CA LEU C 423 48.24 24.84 21.40
C LEU C 423 49.65 24.59 21.94
N ALA C 424 49.87 23.38 22.42
CA ALA C 424 51.19 22.99 22.89
C ALA C 424 52.11 22.74 21.70
N GLU C 425 53.42 22.82 21.98
CA GLU C 425 54.42 22.64 20.93
C GLU C 425 54.45 21.22 20.38
N ASP C 426 53.84 20.25 21.06
CA ASP C 426 53.87 18.87 20.63
C ASP C 426 52.71 18.48 19.72
N VAL C 427 51.85 19.43 19.38
CA VAL C 427 50.69 19.14 18.53
C VAL C 427 51.13 19.10 17.08
N GLU C 428 50.78 18.02 16.38
CA GLU C 428 51.01 17.89 14.95
C GLU C 428 49.62 17.81 14.30
N LEU C 429 49.08 18.98 13.96
CA LEU C 429 47.73 19.05 13.43
C LEU C 429 47.57 18.24 12.14
N GLU C 430 48.67 18.01 11.43
CA GLU C 430 48.58 17.20 10.21
C GLU C 430 48.13 15.78 10.52
N LYS C 431 48.63 15.21 11.61
CA LYS C 431 48.30 13.83 11.95
C LYS C 431 46.82 13.70 12.33
N ILE C 432 46.29 14.67 13.05
CA ILE C 432 44.89 14.59 13.47
C ILE C 432 43.97 14.59 12.27
N ALA C 433 44.27 15.42 11.26
CA ALA C 433 43.41 15.51 10.09
C ALA C 433 43.33 14.18 9.37
N ASN C 434 44.47 13.50 9.21
CA ASN C 434 44.47 12.21 8.52
C ASN C 434 43.61 11.18 9.24
N GLU C 435 43.51 11.28 10.57
CA GLU C 435 42.74 10.33 11.36
C GLU C 435 41.29 10.75 11.55
N ALA C 436 40.90 11.94 11.11
CA ALA C 436 39.55 12.45 11.33
C ALA C 436 38.66 12.11 10.13
N HIS C 437 38.48 10.81 9.91
CA HIS C 437 37.65 10.35 8.81
C HIS C 437 36.20 10.69 9.05
N GLY C 438 35.51 11.12 7.99
CA GLY C 438 34.10 11.44 8.08
C GLY C 438 33.79 12.69 8.86
N HIS C 439 34.76 13.57 9.05
CA HIS C 439 34.58 14.80 9.82
C HIS C 439 34.32 15.96 8.87
N VAL C 440 33.26 16.71 9.16
CA VAL C 440 32.98 17.94 8.44
C VAL C 440 33.49 19.10 9.27
N GLY C 441 33.50 20.30 8.68
CA GLY C 441 34.07 21.45 9.38
C GLY C 441 33.42 21.70 10.72
N ALA C 442 32.10 21.54 10.78
CA ALA C 442 31.41 21.73 12.06
C ALA C 442 31.89 20.72 13.09
N ASP C 443 32.07 19.46 12.70
CA ASP C 443 32.55 18.46 13.63
C ASP C 443 33.96 18.79 14.10
N LEU C 444 34.83 19.22 13.20
CA LEU C 444 36.19 19.58 13.59
C LEU C 444 36.22 20.74 14.57
N ALA C 445 35.15 21.55 14.61
CA ALA C 445 35.03 22.57 15.65
C ALA C 445 34.67 21.95 16.99
N SER C 446 33.86 20.89 16.99
CA SER C 446 33.59 20.16 18.22
C SER C 446 34.84 19.42 18.70
N LEU C 447 35.63 18.90 17.77
CA LEU C 447 36.86 18.20 18.17
C LEU C 447 37.81 19.12 18.91
N CYS C 448 37.99 20.34 18.41
CA CYS C 448 38.87 21.29 19.09
C CYS C 448 38.27 21.74 20.41
N SER C 449 36.95 21.94 20.46
CA SER C 449 36.30 22.35 21.69
C SER C 449 36.45 21.28 22.76
N GLU C 450 36.21 20.02 22.40
CA GLU C 450 36.34 18.94 23.37
C GLU C 450 37.79 18.78 23.82
N ALA C 451 38.75 18.92 22.90
CA ALA C 451 40.15 18.78 23.26
C ALA C 451 40.55 19.83 24.28
N ALA C 452 40.14 21.08 24.09
CA ALA C 452 40.43 22.12 25.06
C ALA C 452 39.75 21.83 26.40
N LEU C 453 38.51 21.34 26.36
CA LEU C 453 37.83 20.96 27.59
C LEU C 453 38.57 19.84 28.31
N GLN C 454 39.17 18.92 27.55
CA GLN C 454 39.95 17.85 28.16
C GLN C 454 41.15 18.43 28.91
N GLN C 455 41.82 19.43 28.33
CA GLN C 455 42.95 20.03 29.00
C GLN C 455 42.55 20.68 30.32
N ILE C 456 41.39 21.35 30.33
CA ILE C 456 40.90 21.93 31.57
C ILE C 456 40.65 20.84 32.61
N ARG C 457 40.05 19.73 32.19
CA ARG C 457 39.78 18.63 33.12
C ARG C 457 41.06 18.09 33.73
N ASN C 458 42.10 17.91 32.90
CA ASN C 458 43.35 17.38 33.42
C ASN C 458 43.97 18.30 34.46
N LYS C 459 43.91 19.61 34.22
CA LYS C 459 44.52 20.55 35.16
C LYS C 459 43.58 20.90 36.30
N MET C 460 42.30 21.14 36.00
CA MET C 460 41.35 21.50 37.05
C MET C 460 41.17 20.36 38.04
N ASN C 461 41.10 19.11 37.54
CA ASN C 461 40.87 17.97 38.42
C ASN C 461 41.98 17.86 39.45
N LEU C 462 43.23 18.01 39.03
CA LEU C 462 44.34 18.04 39.99
C LEU C 462 44.21 19.21 40.95
N ILE C 463 43.82 20.38 40.44
CA ILE C 463 43.64 21.56 41.26
C ILE C 463 42.44 21.36 42.19
N ASP C 471 45.10 29.46 40.56
CA ASP C 471 46.17 30.44 40.36
C ASP C 471 46.24 30.87 38.89
N ALA C 472 46.46 32.17 38.68
CA ALA C 472 46.55 32.68 37.31
C ALA C 472 47.72 32.05 36.56
N GLU C 473 48.77 31.63 37.28
CA GLU C 473 49.91 30.99 36.62
C GLU C 473 49.48 29.70 35.94
N VAL C 474 48.62 28.92 36.58
CA VAL C 474 48.12 27.70 35.97
C VAL C 474 47.30 28.03 34.73
N LEU C 475 46.55 29.14 34.77
CA LEU C 475 45.75 29.53 33.62
C LEU C 475 46.64 29.81 32.41
N ASN C 476 47.77 30.48 32.63
CA ASN C 476 48.70 30.76 31.54
C ASN C 476 49.38 29.50 31.00
N SER C 477 49.27 28.38 31.71
CA SER C 477 49.88 27.13 31.30
C SER C 477 48.90 26.18 30.63
N LEU C 478 47.72 26.65 30.26
CA LEU C 478 46.70 25.82 29.62
C LEU C 478 46.94 25.83 28.11
N ALA C 479 47.53 24.75 27.61
CA ALA C 479 47.75 24.57 26.18
C ALA C 479 47.35 23.16 25.81
N VAL C 480 46.54 23.02 24.76
CA VAL C 480 46.05 21.71 24.36
C VAL C 480 47.21 20.87 23.86
N THR C 481 47.34 19.67 24.43
CA THR C 481 48.41 18.75 24.08
C THR C 481 47.89 17.70 23.10
N MET C 482 48.83 17.07 22.39
CA MET C 482 48.45 16.09 21.38
C MET C 482 47.61 14.98 21.97
N ASP C 483 47.92 14.56 23.20
CA ASP C 483 47.13 13.51 23.84
C ASP C 483 45.68 13.93 23.99
N ASP C 484 45.43 15.22 24.26
CA ASP C 484 44.05 15.69 24.36
C ASP C 484 43.33 15.54 23.03
N PHE C 485 43.99 15.90 21.92
CA PHE C 485 43.36 15.75 20.62
C PHE C 485 43.08 14.28 20.32
N ARG C 486 44.00 13.39 20.67
CA ARG C 486 43.78 11.97 20.44
C ARG C 486 42.59 11.48 21.24
N TRP C 487 42.45 11.93 22.49
CA TRP C 487 41.28 11.57 23.29
C TRP C 487 40.00 12.09 22.66
N ALA C 488 40.03 13.35 22.20
CA ALA C 488 38.83 13.92 21.58
C ALA C 488 38.46 13.18 20.31
N LEU C 489 39.44 12.81 19.50
CA LEU C 489 39.15 12.11 18.25
C LEU C 489 38.50 10.76 18.51
N GLY C 490 38.97 10.04 19.54
CA GLY C 490 38.39 8.75 19.84
C GLY C 490 36.94 8.84 20.26
N LYS C 491 36.61 9.82 21.10
CA LYS C 491 35.25 9.98 21.59
C LYS C 491 34.38 10.80 20.64
N SER C 492 34.92 11.28 19.54
CA SER C 492 34.15 12.08 18.59
C SER C 492 33.35 11.17 17.68
N ASN C 493 32.04 11.42 17.61
CA ASN C 493 31.16 10.67 16.72
C ASN C 493 30.83 11.53 15.50
N PRO C 494 31.63 11.47 14.44
CA PRO C 494 31.38 12.36 13.30
C PRO C 494 30.01 12.14 12.68
N SER C 495 29.46 13.23 12.15
CA SER C 495 28.12 13.20 11.55
C SER C 495 28.13 12.71 10.11
N ALA C 496 29.29 12.63 9.46
CA ALA C 496 29.39 12.32 8.04
C ALA C 496 30.22 11.06 7.79
N LEU C 497 30.00 10.03 8.61
CA LEU C 497 30.66 8.75 8.34
C LEU C 497 29.99 8.01 7.20
N ARG C 498 28.66 8.12 7.09
CA ARG C 498 27.92 7.44 6.04
C ARG C 498 28.01 8.17 4.69
N GLU C 499 28.58 9.37 4.66
CA GLU C 499 28.65 10.14 3.42
C GLU C 499 29.81 9.64 2.57
N THR C 500 29.53 9.42 1.29
CA THR C 500 30.55 8.91 0.37
C THR C 500 31.64 9.95 0.16
N THR C 501 32.84 9.46 -0.13
CA THR C 501 34.02 10.30 -0.31
C THR C 501 34.44 10.30 -1.78
N VAL C 502 34.89 11.46 -2.24
CA VAL C 502 35.45 11.62 -3.59
C VAL C 502 36.84 12.20 -3.42
N GLU C 503 37.85 11.41 -3.78
CA GLU C 503 39.24 11.84 -3.62
C GLU C 503 40.12 11.01 -4.55
N VAL C 504 41.30 11.54 -4.83
CA VAL C 504 42.30 10.85 -5.63
C VAL C 504 43.10 9.95 -4.69
N PRO C 505 43.07 8.63 -4.86
CA PRO C 505 43.77 7.74 -3.92
C PRO C 505 45.27 7.94 -3.97
N ASN C 506 45.92 7.62 -2.84
CA ASN C 506 47.36 7.77 -2.68
C ASN C 506 48.10 6.45 -2.82
N VAL C 507 47.53 5.49 -3.53
CA VAL C 507 48.13 4.18 -3.72
C VAL C 507 48.80 4.18 -5.09
N THR C 508 50.11 4.45 -5.10
CA THR C 508 50.85 4.45 -6.36
C THR C 508 51.05 3.02 -6.84
N TRP C 509 51.13 2.86 -8.17
CA TRP C 509 51.30 1.53 -8.74
C TRP C 509 52.65 0.92 -8.39
N ASP C 510 53.62 1.73 -7.98
CA ASP C 510 54.87 1.18 -7.47
C ASP C 510 54.65 0.34 -6.22
N ASP C 511 53.53 0.55 -5.52
CA ASP C 511 53.25 -0.22 -4.32
C ASP C 511 52.57 -1.55 -4.64
N ILE C 512 51.74 -1.60 -5.69
CA ILE C 512 51.08 -2.84 -6.04
C ILE C 512 52.08 -3.89 -6.50
N GLY C 513 53.27 -3.48 -6.93
CA GLY C 513 54.32 -4.42 -7.27
C GLY C 513 54.17 -5.02 -8.64
N GLY C 514 53.76 -6.28 -8.69
CA GLY C 514 53.63 -6.98 -9.95
C GLY C 514 52.26 -6.82 -10.57
N LEU C 515 51.54 -7.92 -10.75
CA LEU C 515 50.29 -7.93 -11.49
C LEU C 515 50.42 -7.06 -12.74
N GLU C 516 51.52 -7.27 -13.45
CA GLU C 516 51.87 -6.42 -14.58
C GLU C 516 51.04 -6.71 -15.83
N ASN C 517 50.47 -7.91 -15.95
CA ASN C 517 49.54 -8.17 -17.03
C ASN C 517 48.22 -7.43 -16.80
N VAL C 518 47.86 -7.22 -15.54
CA VAL C 518 46.71 -6.38 -15.22
C VAL C 518 47.04 -4.91 -15.46
N LYS C 519 48.29 -4.51 -15.18
CA LYS C 519 48.67 -3.10 -15.32
C LYS C 519 48.51 -2.64 -16.76
N ARG C 520 49.00 -3.44 -17.71
CA ARG C 520 48.91 -3.04 -19.12
C ARG C 520 47.47 -2.89 -19.56
N GLU C 521 46.62 -3.85 -19.19
CA GLU C 521 45.22 -3.80 -19.62
C GLU C 521 44.50 -2.61 -19.00
N LEU C 522 44.75 -2.34 -17.73
CA LEU C 522 44.14 -1.17 -17.09
C LEU C 522 44.68 0.13 -17.68
N GLN C 523 45.97 0.16 -18.01
CA GLN C 523 46.53 1.36 -18.63
C GLN C 523 45.87 1.66 -19.97
N GLU C 524 45.61 0.61 -20.76
CA GLU C 524 44.99 0.79 -22.07
C GLU C 524 43.54 1.24 -21.98
N LEU C 525 42.91 1.14 -20.81
CA LEU C 525 41.49 1.40 -20.67
C LEU C 525 41.17 2.64 -19.83
N VAL C 526 42.10 3.11 -19.00
CA VAL C 526 41.86 4.23 -18.10
C VAL C 526 42.87 5.35 -18.32
N GLN C 527 44.15 5.00 -18.43
CA GLN C 527 45.19 6.02 -18.54
C GLN C 527 45.22 6.64 -19.93
N TYR C 528 45.46 5.84 -20.95
CA TYR C 528 45.58 6.39 -22.30
C TYR C 528 44.37 7.21 -22.72
N PRO C 529 43.13 6.80 -22.46
CA PRO C 529 42.00 7.69 -22.78
C PRO C 529 42.07 9.03 -22.10
N VAL C 530 42.62 9.10 -20.89
CA VAL C 530 42.64 10.35 -20.13
C VAL C 530 43.94 11.11 -20.34
N GLU C 531 45.07 10.41 -20.37
CA GLU C 531 46.36 11.09 -20.50
C GLU C 531 46.62 11.57 -21.93
N HIS C 532 46.15 10.83 -22.92
CA HIS C 532 46.42 11.14 -24.34
C HIS C 532 45.12 11.10 -25.14
N PRO C 533 44.22 12.05 -24.90
CA PRO C 533 43.02 12.13 -25.75
C PRO C 533 43.33 12.32 -27.22
N ASP C 534 44.44 13.01 -27.53
CA ASP C 534 44.74 13.32 -28.93
C ASP C 534 44.94 12.04 -29.74
N LYS C 535 45.65 11.06 -29.18
CA LYS C 535 45.90 9.82 -29.91
C LYS C 535 44.65 8.97 -30.08
N PHE C 536 43.56 9.30 -29.40
CA PHE C 536 42.30 8.57 -29.59
C PHE C 536 41.43 9.25 -30.65
N LEU C 537 41.42 10.58 -30.69
CA LEU C 537 40.76 11.27 -31.79
C LEU C 537 41.50 11.05 -33.10
N LYS C 538 42.83 10.93 -33.04
CA LYS C 538 43.61 10.71 -34.25
C LYS C 538 43.22 9.41 -34.94
N PHE C 539 43.01 8.35 -34.15
CA PHE C 539 42.67 7.04 -34.68
C PHE C 539 41.18 6.75 -34.66
N GLY C 540 40.36 7.70 -34.21
CA GLY C 540 38.92 7.55 -34.27
C GLY C 540 38.39 6.35 -33.51
N MET C 541 38.84 6.17 -32.28
CA MET C 541 38.37 5.10 -31.41
C MET C 541 37.68 5.71 -30.19
N THR C 542 36.50 5.20 -29.87
CA THR C 542 35.82 5.59 -28.63
C THR C 542 36.18 4.60 -27.54
N PRO C 543 36.87 5.01 -26.48
CA PRO C 543 37.34 4.04 -25.48
C PRO C 543 36.18 3.36 -24.77
N SER C 544 36.39 2.10 -24.42
CA SER C 544 35.42 1.38 -23.60
C SER C 544 35.47 1.90 -22.17
N LYS C 545 34.32 2.23 -21.62
CA LYS C 545 34.23 2.85 -20.30
C LYS C 545 33.92 1.86 -19.19
N GLY C 546 33.83 0.58 -19.49
CA GLY C 546 33.45 -0.43 -18.50
C GLY C 546 34.50 -1.51 -18.37
N VAL C 547 34.70 -1.96 -17.14
CA VAL C 547 35.60 -3.06 -16.84
C VAL C 547 35.02 -3.86 -15.69
N LEU C 548 35.18 -5.18 -15.73
CA LEU C 548 34.76 -6.07 -14.66
C LEU C 548 35.98 -6.79 -14.12
N PHE C 549 36.21 -6.67 -12.82
CA PHE C 549 37.29 -7.36 -12.14
C PHE C 549 36.74 -8.63 -11.50
N TYR C 550 37.25 -9.78 -11.92
CA TYR C 550 36.82 -11.06 -11.37
C TYR C 550 38.05 -11.87 -10.98
N GLY C 551 38.02 -12.40 -9.77
CA GLY C 551 39.13 -13.18 -9.25
C GLY C 551 38.84 -13.71 -7.86
N PRO C 552 39.75 -14.49 -7.31
CA PRO C 552 39.53 -15.05 -5.99
C PRO C 552 39.41 -13.96 -4.94
N PRO C 553 38.62 -14.18 -3.90
CA PRO C 553 38.45 -13.14 -2.87
C PRO C 553 39.78 -12.79 -2.21
N GLY C 554 39.88 -11.53 -1.80
CA GLY C 554 41.05 -11.07 -1.07
C GLY C 554 42.33 -11.03 -1.87
N CYS C 555 42.28 -10.43 -3.06
CA CYS C 555 43.47 -10.25 -3.88
C CYS C 555 43.67 -8.79 -4.29
N GLY C 556 43.14 -7.86 -3.51
CA GLY C 556 43.38 -6.45 -3.74
C GLY C 556 42.77 -5.91 -5.02
N LYS C 557 41.55 -6.32 -5.36
CA LYS C 557 40.89 -5.75 -6.53
C LYS C 557 40.60 -4.26 -6.33
N THR C 558 40.21 -3.88 -5.11
CA THR C 558 39.95 -2.47 -4.83
C THR C 558 41.21 -1.63 -4.98
N LEU C 559 42.34 -2.13 -4.46
CA LEU C 559 43.59 -1.37 -4.54
C LEU C 559 44.01 -1.16 -5.98
N LEU C 560 43.84 -2.19 -6.83
CA LEU C 560 44.21 -2.04 -8.23
C LEU C 560 43.40 -0.95 -8.90
N ALA C 561 42.11 -0.87 -8.61
CA ALA C 561 41.29 0.22 -9.13
C ALA C 561 41.75 1.56 -8.57
N LYS C 562 42.14 1.60 -7.30
CA LYS C 562 42.63 2.85 -6.72
C LYS C 562 43.89 3.32 -7.42
N ALA C 563 44.82 2.41 -7.69
CA ALA C 563 46.11 2.82 -8.25
C ALA C 563 45.95 3.40 -9.65
N ILE C 564 45.12 2.77 -10.49
CA ILE C 564 44.93 3.30 -11.83
C ILE C 564 44.31 4.68 -11.78
N ALA C 565 43.44 4.92 -10.78
CA ALA C 565 42.93 6.27 -10.56
C ALA C 565 44.07 7.22 -10.19
N ASN C 566 44.98 6.78 -9.33
CA ASN C 566 46.11 7.61 -8.96
C ASN C 566 47.02 7.88 -10.15
N GLU C 567 47.27 6.84 -10.96
CA GLU C 567 48.14 7.03 -12.13
C GLU C 567 47.55 8.00 -13.14
N CYS C 568 46.24 8.24 -13.09
CA CYS C 568 45.59 9.20 -13.96
C CYS C 568 45.19 10.47 -13.21
N GLN C 569 45.46 10.55 -11.91
CA GLN C 569 45.00 11.67 -11.09
C GLN C 569 43.49 11.82 -11.22
N ALA C 570 42.80 10.69 -11.27
CA ALA C 570 41.35 10.63 -11.41
C ALA C 570 40.69 10.45 -10.05
N ASN C 571 39.51 11.05 -9.90
CA ASN C 571 38.74 10.85 -8.68
C ASN C 571 38.27 9.40 -8.59
N PHE C 572 38.10 8.93 -7.36
CA PHE C 572 37.73 7.55 -7.10
C PHE C 572 36.53 7.52 -6.16
N ILE C 573 35.47 6.84 -6.59
CA ILE C 573 34.24 6.69 -5.81
C ILE C 573 34.00 5.20 -5.61
N SER C 574 34.04 4.77 -4.35
CA SER C 574 33.85 3.37 -4.01
C SER C 574 32.44 3.18 -3.47
N ILE C 575 31.68 2.28 -4.10
CA ILE C 575 30.32 1.94 -3.70
C ILE C 575 30.25 0.45 -3.45
N LYS C 576 29.71 0.07 -2.29
CA LYS C 576 29.56 -1.32 -1.92
C LYS C 576 28.14 -1.79 -2.22
N GLY C 577 28.00 -3.09 -2.48
CA GLY C 577 26.71 -3.67 -2.75
C GLY C 577 25.74 -3.50 -1.62
N PRO C 578 26.18 -3.83 -0.40
CA PRO C 578 25.30 -3.62 0.77
C PRO C 578 24.81 -2.20 0.91
N GLU C 579 25.65 -1.21 0.61
CA GLU C 579 25.23 0.18 0.72
C GLU C 579 24.13 0.50 -0.28
N LEU C 580 24.26 0.01 -1.51
CA LEU C 580 23.30 0.37 -2.55
C LEU C 580 21.91 -0.14 -2.21
N LEU C 581 21.82 -1.38 -1.76
CA LEU C 581 20.51 -1.94 -1.39
C LEU C 581 19.96 -1.26 -0.15
N THR C 582 20.82 -0.95 0.82
CA THR C 582 20.36 -0.31 2.05
C THR C 582 19.76 1.06 1.77
N MET C 583 20.45 1.86 0.95
CA MET C 583 19.93 3.19 0.63
C MET C 583 18.67 3.10 -0.23
N TRP C 584 18.60 2.12 -1.12
CA TRP C 584 17.39 1.96 -1.94
C TRP C 584 16.18 1.66 -1.07
N PHE C 585 16.34 0.76 -0.09
CA PHE C 585 15.24 0.48 0.83
C PHE C 585 14.86 1.71 1.63
N GLY C 586 15.85 2.44 2.12
CA GLY C 586 15.59 3.64 2.89
C GLY C 586 15.17 4.81 2.04
N ALA C 590 16.78 5.14 -7.76
CA ALA C 590 16.67 6.56 -7.46
C ALA C 590 18.03 7.14 -7.11
N ASN C 591 18.63 6.63 -6.02
CA ASN C 591 19.95 7.07 -5.62
C ASN C 591 21.06 6.49 -6.50
N VAL C 592 20.75 5.51 -7.36
CA VAL C 592 21.73 5.03 -8.32
C VAL C 592 22.12 6.17 -9.25
N ARG C 593 21.13 6.92 -9.73
CA ARG C 593 21.39 8.05 -10.62
C ARG C 593 22.13 9.18 -9.91
N ASP C 594 22.04 9.25 -8.58
CA ASP C 594 22.77 10.27 -7.84
C ASP C 594 24.27 9.96 -7.82
N ILE C 595 24.63 8.69 -7.72
CA ILE C 595 26.04 8.30 -7.73
C ILE C 595 26.67 8.64 -9.06
N PHE C 596 26.00 8.29 -10.16
CA PHE C 596 26.53 8.61 -11.48
C PHE C 596 26.61 10.12 -11.69
N ASP C 597 25.58 10.85 -11.25
CA ASP C 597 25.62 12.30 -11.36
C ASP C 597 26.81 12.87 -10.62
N LYS C 598 27.08 12.37 -9.42
CA LYS C 598 28.26 12.80 -8.68
C LYS C 598 29.55 12.37 -9.37
N ALA C 599 29.51 11.28 -10.15
CA ALA C 599 30.68 10.90 -10.93
C ALA C 599 30.91 11.87 -12.08
N ARG C 600 29.84 12.28 -12.77
CA ARG C 600 29.98 13.25 -13.84
C ARG C 600 30.49 14.58 -13.29
N GLN C 601 29.94 15.03 -12.16
CA GLN C 601 30.42 16.26 -11.55
C GLN C 601 31.90 16.18 -11.22
N ALA C 602 32.38 15.00 -10.86
CA ALA C 602 33.80 14.83 -10.59
C ALA C 602 34.60 14.86 -11.89
N ALA C 603 35.87 15.19 -11.75
CA ALA C 603 36.81 15.17 -12.86
C ALA C 603 36.95 13.71 -13.30
N PRO C 604 37.72 13.40 -14.36
CA PRO C 604 37.83 12.01 -14.80
C PRO C 604 37.86 11.06 -13.62
N CYS C 605 36.89 10.15 -13.56
CA CYS C 605 36.58 9.42 -12.33
C CYS C 605 36.54 7.92 -12.60
N VAL C 606 36.81 7.16 -11.55
CA VAL C 606 36.77 5.71 -11.59
C VAL C 606 35.71 5.29 -10.58
N LEU C 607 34.52 4.94 -11.06
CA LEU C 607 33.40 4.58 -10.21
C LEU C 607 33.44 3.07 -9.95
N PHE C 608 33.80 2.70 -8.72
CA PHE C 608 33.95 1.31 -8.35
C PHE C 608 32.66 0.77 -7.75
N PHE C 609 32.34 -0.47 -8.08
CA PHE C 609 31.19 -1.20 -7.53
C PHE C 609 31.74 -2.48 -6.93
N ASP C 610 31.96 -2.47 -5.61
CA ASP C 610 32.74 -3.52 -4.95
C ASP C 610 32.14 -4.90 -5.13
N GLU C 611 30.93 -5.13 -4.61
CA GLU C 611 30.27 -6.43 -4.72
C GLU C 611 29.14 -6.27 -5.72
N LEU C 612 29.39 -6.66 -6.97
CA LEU C 612 28.43 -6.46 -8.05
C LEU C 612 27.50 -7.64 -8.25
N ASP C 613 27.77 -8.78 -7.60
CA ASP C 613 26.83 -9.89 -7.67
C ASP C 613 25.62 -9.65 -6.78
N SER C 614 25.79 -8.87 -5.71
CA SER C 614 24.66 -8.53 -4.84
C SER C 614 23.60 -7.73 -5.58
N ILE C 615 23.98 -7.05 -6.66
CA ILE C 615 23.05 -6.27 -7.47
C ILE C 615 22.68 -7.01 -8.76
N ALA C 616 23.68 -7.53 -9.46
CA ALA C 616 23.45 -8.29 -10.69
C ALA C 616 23.38 -9.79 -10.39
N LYS C 617 22.40 -10.15 -9.55
CA LYS C 617 22.25 -11.52 -9.11
C LYS C 617 21.92 -12.47 -10.26
N ALA C 618 21.36 -11.97 -11.35
CA ALA C 618 20.95 -12.81 -12.47
C ALA C 618 19.87 -13.80 -12.02
N GLY C 628 10.02 -7.23 -7.48
CA GLY C 628 11.43 -7.23 -7.83
C GLY C 628 12.19 -6.09 -7.18
N ALA C 629 12.91 -6.40 -6.11
CA ALA C 629 13.70 -5.38 -5.41
C ALA C 629 15.00 -5.09 -6.15
N ALA C 630 15.84 -6.12 -6.30
CA ALA C 630 17.09 -5.94 -7.05
C ALA C 630 16.82 -5.75 -8.53
N ASP C 631 15.70 -6.29 -9.04
CA ASP C 631 15.39 -6.13 -10.45
C ASP C 631 15.18 -4.67 -10.82
N ARG C 632 14.77 -3.84 -9.86
CA ARG C 632 14.65 -2.41 -10.13
C ARG C 632 16.01 -1.73 -10.13
N VAL C 633 16.89 -2.11 -9.20
CA VAL C 633 18.20 -1.47 -9.12
C VAL C 633 19.06 -1.84 -10.31
N ILE C 634 18.97 -3.08 -10.77
CA ILE C 634 19.79 -3.51 -11.90
C ILE C 634 19.44 -2.70 -13.15
N ASN C 635 18.15 -2.50 -13.40
CA ASN C 635 17.74 -1.74 -14.58
C ASN C 635 18.21 -0.29 -14.48
N GLN C 636 18.09 0.32 -13.30
CA GLN C 636 18.57 1.69 -13.13
C GLN C 636 20.07 1.77 -13.43
N LEU C 637 20.85 0.85 -12.86
CA LEU C 637 22.26 0.77 -13.21
C LEU C 637 22.44 0.48 -14.69
N LEU C 638 21.60 -0.41 -15.23
CA LEU C 638 21.73 -0.77 -16.64
C LEU C 638 21.49 0.43 -17.54
N THR C 639 20.50 1.26 -17.20
CA THR C 639 20.17 2.41 -18.05
C THR C 639 21.20 3.51 -17.92
N GLU C 640 21.74 3.72 -16.71
CA GLU C 640 22.69 4.81 -16.51
C GLU C 640 23.94 4.61 -17.35
N MET C 641 24.43 3.38 -17.44
CA MET C 641 25.60 3.12 -18.28
C MET C 641 25.31 3.43 -19.73
N ASP C 642 24.14 3.04 -20.22
CA ASP C 642 23.78 3.35 -21.60
C ASP C 642 23.65 4.84 -21.83
N GLY C 643 23.15 5.58 -20.83
CA GLY C 643 23.00 7.02 -20.93
C GLY C 643 24.24 7.82 -20.64
N MET C 644 25.36 7.17 -20.37
CA MET C 644 26.63 7.84 -20.07
C MET C 644 27.45 7.93 -21.35
N SER C 645 27.65 9.15 -21.84
CA SER C 645 28.47 9.33 -23.03
C SER C 645 29.91 8.90 -22.75
N ALA C 646 30.49 8.19 -23.71
CA ALA C 646 31.84 7.65 -23.53
C ALA C 646 32.90 8.73 -23.46
N LYS C 647 32.59 9.95 -23.89
CA LYS C 647 33.58 11.02 -23.96
C LYS C 647 33.73 11.80 -22.65
N LYS C 648 32.92 11.50 -21.63
CA LYS C 648 32.98 12.23 -20.38
C LYS C 648 34.08 11.72 -19.45
N ASN C 649 34.74 10.62 -19.80
CA ASN C 649 35.85 10.08 -19.01
C ASN C 649 35.38 9.68 -17.61
N VAL C 650 34.35 8.84 -17.56
CA VAL C 650 33.89 8.21 -16.33
C VAL C 650 33.95 6.71 -16.57
N PHE C 651 34.85 6.03 -15.84
CA PHE C 651 35.09 4.61 -16.04
C PHE C 651 34.45 3.82 -14.91
N ILE C 652 33.66 2.83 -15.29
CA ILE C 652 32.94 1.98 -14.34
C ILE C 652 33.70 0.68 -14.19
N ILE C 653 34.22 0.42 -12.99
CA ILE C 653 34.92 -0.81 -12.68
C ILE C 653 34.07 -1.58 -11.69
N GLY C 654 33.74 -2.83 -12.03
CA GLY C 654 32.95 -3.70 -11.18
C GLY C 654 33.79 -4.90 -10.74
N ALA C 655 33.82 -5.12 -9.43
CA ALA C 655 34.54 -6.23 -8.84
C ALA C 655 33.57 -7.34 -8.44
N THR C 656 33.99 -8.58 -8.63
CA THR C 656 33.14 -9.72 -8.34
C THR C 656 34.00 -10.93 -8.00
N ASN C 657 33.69 -11.57 -6.88
CA ASN C 657 34.33 -12.84 -6.56
C ASN C 657 33.64 -14.01 -7.25
N ARG C 658 32.35 -13.88 -7.52
CA ARG C 658 31.58 -14.91 -8.21
C ARG C 658 31.13 -14.39 -9.58
N PRO C 659 31.99 -14.44 -10.59
CA PRO C 659 31.62 -13.87 -11.89
C PRO C 659 30.57 -14.66 -12.64
N ASP C 660 30.41 -15.95 -12.34
CA ASP C 660 29.44 -16.77 -13.05
C ASP C 660 28.00 -16.41 -12.71
N ILE C 661 27.78 -15.74 -11.58
CA ILE C 661 26.42 -15.38 -11.18
C ILE C 661 25.97 -14.06 -11.81
N ILE C 662 26.89 -13.26 -12.34
CA ILE C 662 26.52 -11.94 -12.85
C ILE C 662 25.59 -12.08 -14.04
N ASP C 663 24.56 -11.24 -14.08
CA ASP C 663 23.65 -11.23 -15.21
C ASP C 663 24.40 -10.86 -16.49
N GLY C 664 24.11 -11.60 -17.56
CA GLY C 664 24.74 -11.32 -18.84
C GLY C 664 24.36 -9.98 -19.44
N ALA C 665 23.34 -9.32 -18.90
CA ALA C 665 22.96 -7.99 -19.39
C ALA C 665 24.08 -6.99 -19.16
N ILE C 666 24.75 -7.06 -18.01
CA ILE C 666 25.82 -6.12 -17.73
C ILE C 666 27.00 -6.34 -18.66
N LEU C 667 27.26 -7.60 -19.01
CA LEU C 667 28.44 -7.95 -19.79
C LEU C 667 28.24 -7.78 -21.29
N ARG C 668 27.22 -7.04 -21.73
CA ARG C 668 27.02 -6.81 -23.15
C ARG C 668 28.09 -5.85 -23.68
N PRO C 669 28.31 -5.83 -25.00
CA PRO C 669 29.40 -5.02 -25.54
C PRO C 669 29.24 -3.52 -25.33
N GLY C 670 28.11 -3.09 -24.77
CA GLY C 670 27.83 -1.68 -24.65
C GLY C 670 28.37 -1.02 -23.40
N ARG C 671 28.25 -1.66 -22.24
CA ARG C 671 28.50 -1.01 -20.96
C ARG C 671 29.70 -1.60 -20.22
N LEU C 672 29.72 -2.91 -19.97
CA LEU C 672 30.84 -3.58 -19.30
C LEU C 672 31.32 -4.71 -20.21
N ASP C 673 32.21 -4.37 -21.14
CA ASP C 673 32.61 -5.29 -22.21
C ASP C 673 34.00 -5.88 -22.01
N GLN C 674 34.79 -5.37 -21.07
CA GLN C 674 36.16 -5.81 -20.86
C GLN C 674 36.23 -6.56 -19.54
N LEU C 675 36.73 -7.80 -19.59
CA LEU C 675 36.93 -8.62 -18.41
C LEU C 675 38.42 -8.72 -18.12
N ILE C 676 38.80 -8.45 -16.88
CA ILE C 676 40.19 -8.54 -16.44
C ILE C 676 40.26 -9.48 -15.26
N TYR C 677 41.16 -10.45 -15.33
CA TYR C 677 41.31 -11.47 -14.29
C TYR C 677 42.44 -11.08 -13.36
N ILE C 678 42.13 -10.93 -12.07
CA ILE C 678 43.10 -10.61 -11.05
C ILE C 678 43.45 -11.90 -10.33
N PRO C 679 44.64 -12.47 -10.55
CA PRO C 679 44.97 -13.77 -9.95
C PRO C 679 45.41 -13.62 -8.50
N LEU C 680 45.71 -14.75 -7.87
CA LEU C 680 46.29 -14.71 -6.54
C LEU C 680 47.64 -14.00 -6.61
N PRO C 681 48.01 -13.25 -5.58
CA PRO C 681 49.24 -12.44 -5.68
C PRO C 681 50.46 -13.31 -5.98
N ASP C 682 51.31 -12.82 -6.87
CA ASP C 682 52.53 -13.51 -7.24
C ASP C 682 53.64 -13.17 -6.25
N GLU C 683 54.85 -13.69 -6.51
CA GLU C 683 55.95 -13.51 -5.57
C GLU C 683 56.24 -12.02 -5.35
N ALA C 684 56.32 -11.25 -6.43
CA ALA C 684 56.61 -9.82 -6.29
C ALA C 684 55.50 -9.11 -5.54
N SER C 685 54.24 -9.41 -5.87
CA SER C 685 53.12 -8.78 -5.18
C SER C 685 53.06 -9.18 -3.72
N ARG C 686 53.32 -10.46 -3.42
CA ARG C 686 53.24 -10.92 -2.04
C ARG C 686 54.24 -10.22 -1.15
N VAL C 687 55.37 -9.78 -1.71
CA VAL C 687 56.33 -9.02 -0.93
C VAL C 687 55.72 -7.72 -0.45
N ASN C 688 54.97 -7.04 -1.32
CA ASN C 688 54.38 -5.76 -0.95
C ASN C 688 53.23 -5.92 0.03
N ILE C 689 52.44 -6.98 -0.12
CA ILE C 689 51.32 -7.20 0.80
C ILE C 689 51.84 -7.33 2.22
N LEU C 690 52.90 -8.11 2.41
CA LEU C 690 53.53 -8.19 3.72
C LEU C 690 54.10 -6.86 4.15
N LYS C 691 54.76 -6.15 3.22
CA LYS C 691 55.32 -4.84 3.56
C LYS C 691 54.21 -3.86 3.91
N ALA C 692 53.11 -3.86 3.15
CA ALA C 692 52.01 -2.95 3.45
C ALA C 692 51.42 -3.23 4.82
N ASN C 693 51.23 -4.51 5.15
CA ASN C 693 50.69 -4.86 6.46
C ASN C 693 51.65 -4.46 7.58
N LEU C 694 52.95 -4.70 7.39
CA LEU C 694 53.96 -4.43 8.40
C LEU C 694 54.58 -3.05 8.26
N ARG C 695 53.88 -2.09 7.65
CA ARG C 695 54.44 -0.76 7.47
C ARG C 695 54.62 -0.05 8.82
N LYS C 696 53.60 -0.10 9.66
CA LYS C 696 53.62 0.59 10.94
C LYS C 696 54.13 -0.28 12.09
N SER C 697 54.39 -1.56 11.84
CA SER C 697 54.77 -2.48 12.90
C SER C 697 56.28 -2.62 12.94
N PRO C 698 56.95 -2.32 14.06
CA PRO C 698 58.41 -2.51 14.11
C PRO C 698 58.80 -3.97 14.07
N ILE C 699 59.45 -4.39 13.00
CA ILE C 699 59.84 -5.77 12.79
C ILE C 699 61.32 -5.92 13.11
N ALA C 700 61.68 -7.08 13.64
CA ALA C 700 63.08 -7.36 13.95
C ALA C 700 63.87 -7.61 12.67
N ARG C 701 65.17 -7.30 12.74
CA ARG C 701 66.01 -7.41 11.55
C ARG C 701 66.10 -8.85 11.05
N ASP C 702 65.98 -9.84 11.95
CA ASP C 702 66.09 -11.24 11.56
C ASP C 702 64.94 -11.69 10.67
N VAL C 703 63.87 -10.91 10.55
CA VAL C 703 62.71 -11.31 9.75
C VAL C 703 63.03 -11.06 8.29
N ASP C 704 62.96 -12.11 7.47
CA ASP C 704 63.19 -12.03 6.04
C ASP C 704 61.83 -12.01 5.35
N ILE C 705 61.35 -10.82 5.01
CA ILE C 705 60.05 -10.69 4.36
C ILE C 705 60.06 -11.43 3.03
N ASN C 706 61.19 -11.37 2.31
CA ASN C 706 61.28 -12.07 1.03
C ASN C 706 61.10 -13.56 1.20
N PHE C 707 61.65 -14.13 2.28
CA PHE C 707 61.51 -15.56 2.52
C PHE C 707 60.04 -15.94 2.69
N LEU C 708 59.29 -15.13 3.45
CA LEU C 708 57.88 -15.45 3.66
C LEU C 708 57.11 -15.47 2.35
N ALA C 709 57.36 -14.48 1.48
CA ALA C 709 56.68 -14.45 0.19
C ALA C 709 57.01 -15.69 -0.62
N LYS C 710 58.28 -16.10 -0.65
CA LYS C 710 58.65 -17.31 -1.35
C LYS C 710 57.99 -18.54 -0.70
N ALA C 711 57.74 -18.48 0.60
CA ALA C 711 57.18 -19.63 1.30
C ALA C 711 55.69 -19.80 0.98
N THR C 712 54.95 -18.71 0.93
CA THR C 712 53.50 -18.79 0.77
C THR C 712 53.12 -19.48 -0.53
N GLN C 713 53.45 -18.87 -1.66
CA GLN C 713 53.29 -19.47 -2.98
C GLN C 713 51.91 -20.12 -3.14
N GLY C 714 50.90 -19.26 -3.12
CA GLY C 714 49.53 -19.71 -3.32
C GLY C 714 48.54 -19.03 -2.39
N PHE C 715 49.05 -18.45 -1.30
CA PHE C 715 48.20 -17.79 -0.34
C PHE C 715 47.55 -16.55 -0.97
N SER C 716 46.27 -16.35 -0.68
CA SER C 716 45.58 -15.17 -1.14
C SER C 716 46.05 -13.95 -0.34
N GLY C 717 45.53 -12.78 -0.70
CA GLY C 717 45.90 -11.57 0.02
C GLY C 717 45.46 -11.59 1.46
N ALA C 718 44.23 -12.04 1.71
CA ALA C 718 43.72 -12.09 3.07
C ALA C 718 44.52 -13.07 3.92
N ASP C 719 44.99 -14.16 3.31
CA ASP C 719 45.80 -15.13 4.05
C ASP C 719 47.08 -14.49 4.56
N LEU C 720 47.74 -13.68 3.73
CA LEU C 720 48.94 -12.97 4.18
C LEU C 720 48.60 -12.00 5.30
N THR C 721 47.48 -11.29 5.19
CA THR C 721 47.08 -10.37 6.23
C THR C 721 46.81 -11.09 7.54
N GLU C 722 46.17 -12.26 7.48
CA GLU C 722 45.91 -13.02 8.69
C GLU C 722 47.21 -13.47 9.35
N ILE C 723 48.20 -13.87 8.53
CA ILE C 723 49.47 -14.31 9.08
C ILE C 723 50.13 -13.19 9.87
N CYS C 724 50.15 -11.98 9.30
CA CYS C 724 50.78 -10.86 9.99
C CYS C 724 50.06 -10.54 11.29
N GLN C 725 48.72 -10.61 11.29
CA GLN C 725 47.96 -10.30 12.49
C GLN C 725 48.22 -11.33 13.58
N ARG C 726 48.36 -12.61 13.20
CA ARG C 726 48.75 -13.62 14.18
C ARG C 726 50.10 -13.27 14.79
N ALA C 727 51.05 -12.82 13.97
CA ALA C 727 52.34 -12.41 14.49
C ALA C 727 52.20 -11.23 15.44
N CYS C 728 51.36 -10.25 15.08
CA CYS C 728 51.15 -9.11 15.96
C CYS C 728 50.42 -9.52 17.25
N LYS C 729 49.39 -10.36 17.12
CA LYS C 729 48.66 -10.80 18.30
C LYS C 729 49.59 -11.55 19.26
N GLN C 730 50.41 -12.45 18.72
CA GLN C 730 51.37 -13.17 19.56
C GLN C 730 52.40 -12.22 20.16
N ALA C 731 52.83 -11.23 19.36
CA ALA C 731 53.80 -10.26 19.88
C ALA C 731 53.22 -9.47 21.04
N ILE C 732 51.96 -9.05 20.93
CA ILE C 732 51.32 -8.30 22.02
C ILE C 732 51.21 -9.17 23.26
N ARG C 733 50.81 -10.44 23.08
CA ARG C 733 50.65 -11.33 24.23
C ARG C 733 51.94 -11.44 25.03
N GLU C 734 53.05 -11.70 24.35
CA GLU C 734 54.33 -11.82 25.05
C GLU C 734 54.75 -10.51 25.67
N SER C 735 54.45 -9.38 25.01
CA SER C 735 54.74 -8.09 25.61
C SER C 735 53.95 -7.88 26.89
N ILE C 736 52.67 -8.25 26.89
CA ILE C 736 51.84 -8.12 28.08
C ILE C 736 52.36 -9.04 29.19
N GLU C 737 52.69 -10.28 28.84
CA GLU C 737 53.14 -11.23 29.85
C GLU C 737 54.43 -10.76 30.51
N ALA C 738 55.36 -10.22 29.71
CA ALA C 738 56.60 -9.69 30.28
C ALA C 738 56.32 -8.54 31.24
N GLU C 739 55.38 -7.67 30.88
CA GLU C 739 55.03 -6.57 31.78
C GLU C 739 54.49 -7.10 33.11
N ILE C 740 53.61 -8.09 33.05
CA ILE C 740 53.07 -8.66 34.28
C ILE C 740 54.17 -9.29 35.11
N ARG C 741 55.07 -10.03 34.46
CA ARG C 741 56.19 -10.62 35.19
C ARG C 741 57.04 -9.54 35.84
N ALA C 742 57.24 -8.42 35.15
CA ALA C 742 57.96 -7.29 35.75
C ALA C 742 57.20 -6.75 36.96
N GLU C 743 55.88 -6.62 36.84
CA GLU C 743 55.10 -6.13 37.97
C GLU C 743 55.20 -7.07 39.16
N SER C 744 55.11 -8.38 38.92
CA SER C 744 55.23 -9.34 40.01
C SER C 744 56.62 -9.28 40.64
N GLU C 745 57.65 -9.16 39.82
CA GLU C 745 59.02 -9.10 40.32
C GLU C 745 59.36 -7.68 40.76
N ASP C 756 66.91 -4.46 29.43
CA ASP C 756 65.79 -4.54 28.46
C ASP C 756 64.61 -3.72 28.97
N PHE C 757 64.67 -2.40 28.85
CA PHE C 757 63.51 -1.60 29.24
C PHE C 757 62.26 -2.12 28.56
N ASP C 758 62.35 -2.43 27.27
CA ASP C 758 61.24 -3.01 26.52
C ASP C 758 61.53 -4.48 26.25
N PRO C 759 60.91 -5.42 26.97
CA PRO C 759 61.29 -6.83 26.79
C PRO C 759 61.08 -7.34 25.37
N VAL C 760 60.02 -6.89 24.70
CA VAL C 760 59.71 -7.34 23.34
C VAL C 760 59.48 -6.09 22.49
N PRO C 761 60.53 -5.47 21.94
CA PRO C 761 60.32 -4.23 21.18
C PRO C 761 59.93 -4.46 19.72
N GLU C 762 60.19 -5.64 19.17
CA GLU C 762 59.91 -5.91 17.76
C GLU C 762 59.37 -7.32 17.62
N ILE C 763 58.69 -7.55 16.50
CA ILE C 763 58.14 -8.87 16.19
C ILE C 763 59.29 -9.74 15.70
N THR C 764 59.80 -10.59 16.58
CA THR C 764 60.95 -11.42 16.25
C THR C 764 60.58 -12.48 15.22
N ARG C 765 61.61 -13.10 14.64
CA ARG C 765 61.38 -14.15 13.64
C ARG C 765 60.59 -15.30 14.22
N ARG C 766 60.67 -15.52 15.54
CA ARG C 766 59.93 -16.61 16.15
C ARG C 766 58.43 -16.40 16.01
N HIS C 767 57.97 -15.15 16.19
CA HIS C 767 56.54 -14.88 16.09
C HIS C 767 55.99 -15.26 14.72
N PHE C 768 56.71 -14.90 13.67
CA PHE C 768 56.27 -15.26 12.32
C PHE C 768 56.32 -16.77 12.12
N GLU C 769 57.31 -17.43 12.71
CA GLU C 769 57.42 -18.88 12.53
C GLU C 769 56.21 -19.60 13.08
N GLU C 770 55.73 -19.19 14.25
CA GLU C 770 54.55 -19.83 14.82
C GLU C 770 53.31 -19.54 13.97
N ALA C 771 53.17 -18.33 13.48
CA ALA C 771 51.99 -17.97 12.68
C ALA C 771 51.91 -18.80 11.41
N MET C 772 53.06 -19.00 10.74
CA MET C 772 53.04 -19.73 9.48
C MET C 772 52.57 -21.16 9.64
N ARG C 773 52.82 -21.78 10.79
CA ARG C 773 52.49 -23.19 10.96
C ARG C 773 50.99 -23.43 10.81
N PHE C 774 50.17 -22.56 11.40
CA PHE C 774 48.73 -22.71 11.35
C PHE C 774 48.11 -22.05 10.12
N ALA C 775 48.89 -21.37 9.30
CA ALA C 775 48.36 -20.72 8.11
C ALA C 775 47.92 -21.77 7.09
N ARG C 776 46.77 -21.53 6.48
CA ARG C 776 46.21 -22.42 5.48
C ARG C 776 45.70 -21.62 4.30
N ARG C 777 45.82 -22.20 3.11
CA ARG C 777 45.30 -21.56 1.91
C ARG C 777 43.79 -21.43 1.99
N SER C 778 43.27 -20.31 1.49
CA SER C 778 41.83 -20.04 1.51
C SER C 778 41.17 -20.16 0.15
N VAL C 779 41.94 -20.20 -0.93
CA VAL C 779 41.42 -20.39 -2.28
C VAL C 779 41.92 -21.74 -2.77
N THR C 780 40.99 -22.68 -2.96
CA THR C 780 41.36 -24.03 -3.35
C THR C 780 41.88 -24.05 -4.78
N GLU C 781 42.71 -25.05 -5.09
CA GLU C 781 43.21 -25.21 -6.45
C GLU C 781 42.06 -25.39 -7.43
N ASN C 782 40.94 -25.99 -6.98
CA ASN C 782 39.77 -26.10 -7.84
C ASN C 782 39.21 -24.72 -8.17
N ASP C 783 39.15 -23.83 -7.18
CA ASP C 783 38.61 -22.50 -7.41
C ASP C 783 39.45 -21.73 -8.41
N VAL C 784 40.77 -21.82 -8.30
CA VAL C 784 41.65 -21.15 -9.25
C VAL C 784 41.36 -21.63 -10.67
N ARG C 785 41.17 -22.94 -10.83
CA ARG C 785 40.85 -23.48 -12.14
C ARG C 785 39.52 -22.94 -12.64
N LYS C 786 38.54 -22.81 -11.74
CA LYS C 786 37.21 -22.35 -12.16
C LYS C 786 37.27 -20.94 -12.73
N TYR C 787 38.03 -20.05 -12.09
CA TYR C 787 38.10 -18.67 -12.56
C TYR C 787 38.76 -18.61 -13.94
N GLU C 788 39.77 -19.45 -14.18
CA GLU C 788 40.45 -19.42 -15.47
C GLU C 788 39.48 -19.74 -16.61
N MET C 789 38.60 -20.71 -16.40
CA MET C 789 37.67 -21.13 -17.45
C MET C 789 36.57 -20.11 -17.72
N PHE C 790 36.39 -19.12 -16.85
CA PHE C 790 35.29 -18.19 -17.05
C PHE C 790 35.48 -17.35 -18.30
N ALA C 791 36.71 -16.99 -18.63
CA ALA C 791 36.94 -16.17 -19.82
C ALA C 791 36.40 -16.84 -21.07
N GLN C 792 36.38 -18.17 -21.11
CA GLN C 792 35.88 -18.91 -22.25
C GLN C 792 34.45 -19.42 -22.06
N THR C 793 34.04 -19.66 -20.81
CA THR C 793 32.69 -20.17 -20.57
C THR C 793 31.64 -19.17 -21.03
N LEU C 794 31.86 -17.89 -20.76
CA LEU C 794 30.91 -16.85 -21.15
C LEU C 794 30.75 -16.82 -22.67
N GLU D 229 7.36 25.45 47.63
CA GLU D 229 8.53 26.29 47.40
C GLU D 229 9.81 25.45 47.36
N LYS D 230 9.64 24.13 47.34
CA LYS D 230 10.80 23.23 47.26
C LYS D 230 11.50 23.30 45.92
N LEU D 231 10.90 23.95 44.93
CA LEU D 231 11.52 24.04 43.61
C LEU D 231 12.86 24.75 43.68
N ASN D 232 12.92 25.88 44.38
CA ASN D 232 14.14 26.67 44.44
C ASN D 232 15.26 25.93 45.15
N GLU D 233 14.95 24.91 45.95
CA GLU D 233 15.93 24.18 46.72
C GLU D 233 16.30 22.84 46.10
N ILE D 234 15.77 22.52 44.91
CA ILE D 234 16.09 21.25 44.28
C ILE D 234 17.53 21.28 43.78
N GLY D 235 18.29 20.24 44.12
CA GLY D 235 19.68 20.15 43.72
C GLY D 235 20.03 18.83 43.07
N TYR D 236 21.32 18.57 42.88
CA TYR D 236 21.73 17.31 42.27
C TYR D 236 21.37 16.13 43.15
N ASP D 237 21.51 16.28 44.47
CA ASP D 237 21.20 15.18 45.38
C ASP D 237 19.72 14.80 45.35
N ASP D 238 18.86 15.67 44.82
CA ASP D 238 17.44 15.40 44.75
C ASP D 238 17.01 14.70 43.47
N ILE D 239 17.96 14.38 42.59
CA ILE D 239 17.68 13.60 41.38
C ILE D 239 18.32 12.24 41.55
N GLY D 240 17.66 11.23 40.99
CA GLY D 240 18.04 9.85 41.25
C GLY D 240 19.06 9.27 40.29
N GLY D 241 18.67 8.22 39.58
CA GLY D 241 19.60 7.41 38.83
C GLY D 241 20.12 8.04 37.55
N CYS D 242 20.76 9.19 37.67
CA CYS D 242 21.46 9.81 36.56
C CYS D 242 22.80 10.37 37.04
N ARG D 243 23.50 9.60 37.88
CA ARG D 243 24.73 10.11 38.48
C ARG D 243 25.79 10.42 37.43
N LYS D 244 25.97 9.52 36.45
CA LYS D 244 26.98 9.76 35.43
C LYS D 244 26.61 10.95 34.54
N GLN D 245 25.35 11.03 34.12
CA GLN D 245 24.94 12.11 33.24
C GLN D 245 24.96 13.45 33.95
N LEU D 246 24.59 13.47 35.24
CA LEU D 246 24.59 14.72 35.98
C LEU D 246 26.00 15.30 36.05
N ALA D 247 27.01 14.46 36.28
CA ALA D 247 28.38 14.93 36.24
C ALA D 247 28.74 15.46 34.87
N GLN D 248 28.29 14.77 33.81
CA GLN D 248 28.55 15.24 32.46
C GLN D 248 27.91 16.60 32.23
N ILE D 249 26.66 16.78 32.64
CA ILE D 249 25.99 18.06 32.47
C ILE D 249 26.64 19.13 33.32
N LYS D 250 27.14 18.76 34.50
CA LYS D 250 27.78 19.75 35.37
C LYS D 250 28.96 20.41 34.69
N GLU D 251 29.79 19.62 34.01
CA GLU D 251 30.91 20.19 33.25
C GLU D 251 30.41 21.06 32.10
N MET D 252 29.36 20.61 31.41
CA MET D 252 28.91 21.31 30.21
C MET D 252 28.24 22.64 30.55
N VAL D 253 27.47 22.68 31.64
CA VAL D 253 26.62 23.83 31.95
C VAL D 253 27.16 24.60 33.16
N GLU D 254 27.31 23.94 34.29
CA GLU D 254 27.66 24.64 35.52
C GLU D 254 29.03 25.33 35.40
N LEU D 255 30.04 24.58 34.98
CA LEU D 255 31.40 25.11 35.01
C LEU D 255 31.56 26.32 34.10
N PRO D 256 31.09 26.32 32.85
CA PRO D 256 31.19 27.56 32.05
C PRO D 256 30.47 28.73 32.66
N LEU D 257 29.26 28.53 33.18
CA LEU D 257 28.50 29.63 33.77
C LEU D 257 29.16 30.16 35.03
N ARG D 258 29.77 29.27 35.82
CA ARG D 258 30.39 29.70 37.07
C ARG D 258 31.72 30.40 36.82
N HIS D 259 32.50 29.92 35.84
CA HIS D 259 33.80 30.48 35.52
C HIS D 259 33.91 30.69 34.01
N PRO D 260 33.20 31.68 33.48
CA PRO D 260 33.32 31.95 32.03
C PRO D 260 34.73 32.33 31.60
N GLN D 261 35.53 32.89 32.51
CA GLN D 261 36.86 33.35 32.13
C GLN D 261 37.74 32.21 31.66
N LEU D 262 37.71 31.06 32.35
CA LEU D 262 38.65 29.99 32.05
C LEU D 262 38.42 29.44 30.65
N PHE D 263 37.17 29.22 30.26
CA PHE D 263 36.89 28.65 28.94
C PHE D 263 37.23 29.65 27.84
N LYS D 264 36.85 30.91 28.01
CA LYS D 264 37.22 31.93 27.03
C LYS D 264 38.73 32.08 26.92
N ALA D 265 39.45 31.79 28.01
CA ALA D 265 40.90 31.87 27.96
C ALA D 265 41.48 30.86 26.98
N ILE D 266 40.96 29.63 26.98
CA ILE D 266 41.48 28.59 26.10
C ILE D 266 40.75 28.59 24.76
N GLY D 267 39.44 28.78 24.75
CA GLY D 267 38.70 28.86 23.52
C GLY D 267 37.47 27.97 23.46
N VAL D 268 37.24 27.16 24.49
CA VAL D 268 36.08 26.30 24.50
C VAL D 268 34.81 27.14 24.37
N LYS D 269 33.89 26.69 23.53
CA LYS D 269 32.60 27.35 23.35
C LYS D 269 31.53 26.53 24.05
N PRO D 270 30.90 27.01 25.11
CA PRO D 270 29.96 26.19 25.86
C PRO D 270 28.78 25.77 25.01
N PRO D 271 28.01 24.78 25.45
CA PRO D 271 26.91 24.28 24.63
C PRO D 271 25.83 25.32 24.40
N ARG D 272 25.17 25.22 23.25
CA ARG D 272 24.00 26.03 22.93
C ARG D 272 22.70 25.31 23.25
N GLY D 273 22.54 24.09 22.74
CA GLY D 273 21.35 23.30 23.01
C GLY D 273 21.67 21.90 23.46
N ILE D 274 21.25 21.55 24.68
CA ILE D 274 21.44 20.21 25.23
C ILE D 274 20.09 19.51 25.23
N LEU D 275 19.99 18.43 24.47
CA LEU D 275 18.74 17.68 24.32
C LEU D 275 18.85 16.41 25.16
N LEU D 276 18.06 16.33 26.23
CA LEU D 276 17.99 15.14 27.06
C LEU D 276 16.87 14.23 26.53
N TYR D 277 17.17 12.94 26.40
CA TYR D 277 16.18 11.99 25.93
C TYR D 277 16.29 10.70 26.73
N GLY D 278 15.23 9.89 26.64
CA GLY D 278 15.16 8.64 27.37
C GLY D 278 13.72 8.25 27.64
N PRO D 279 13.53 7.16 28.39
CA PRO D 279 12.18 6.72 28.69
C PRO D 279 11.48 7.70 29.62
N PRO D 280 10.16 7.77 29.58
CA PRO D 280 9.45 8.70 30.47
C PRO D 280 9.63 8.31 31.93
N GLY D 281 9.58 9.33 32.79
CA GLY D 281 9.64 9.13 34.22
C GLY D 281 11.03 9.00 34.81
N THR D 282 12.08 9.08 33.98
CA THR D 282 13.43 8.91 34.50
C THR D 282 13.79 10.01 35.49
N GLY D 283 13.41 11.25 35.19
CA GLY D 283 13.78 12.38 36.01
C GLY D 283 14.55 13.41 35.23
N LYS D 284 14.55 13.29 33.90
CA LYS D 284 15.25 14.26 33.06
C LYS D 284 14.65 15.65 33.20
N THR D 285 13.36 15.74 33.56
CA THR D 285 12.71 17.04 33.67
C THR D 285 13.31 17.87 34.80
N LEU D 286 13.65 17.22 35.92
CA LEU D 286 14.19 17.95 37.06
C LEU D 286 15.67 18.26 36.92
N VAL D 287 16.34 17.75 35.90
CA VAL D 287 17.77 17.99 35.75
C VAL D 287 18.04 19.45 35.43
N ALA D 288 17.24 20.05 34.54
CA ALA D 288 17.47 21.42 34.16
C ALA D 288 17.37 22.36 35.36
N ARG D 289 16.35 22.16 36.20
CA ARG D 289 16.21 23.01 37.38
C ARG D 289 17.36 22.80 38.35
N ALA D 290 17.79 21.56 38.53
CA ALA D 290 18.89 21.29 39.46
C ALA D 290 20.18 21.96 39.00
N VAL D 291 20.48 21.88 37.70
CA VAL D 291 21.68 22.50 37.18
C VAL D 291 21.61 24.01 37.35
N ALA D 292 20.46 24.61 37.04
CA ALA D 292 20.31 26.05 37.16
C ALA D 292 20.45 26.50 38.61
N ASN D 293 19.82 25.77 39.54
CA ASN D 293 19.81 26.20 40.92
C ASN D 293 21.21 26.19 41.53
N GLU D 294 21.98 25.13 41.28
CA GLU D 294 23.31 25.03 41.87
C GLU D 294 24.33 25.90 41.15
N SER D 295 24.05 26.31 39.91
CA SER D 295 24.90 27.24 39.19
C SER D 295 24.47 28.69 39.35
N GLY D 296 23.37 28.94 40.06
CA GLY D 296 22.90 30.29 40.30
C GLY D 296 22.28 30.97 39.10
N SER D 297 22.03 30.24 38.02
CA SER D 297 21.49 30.83 36.81
C SER D 297 19.99 31.09 36.95
N PHE D 298 19.46 31.87 36.02
CA PHE D 298 18.03 32.09 35.92
C PHE D 298 17.39 30.97 35.11
N PHE D 299 16.24 30.49 35.60
CA PHE D 299 15.55 29.37 34.97
C PHE D 299 14.21 29.85 34.45
N PHE D 300 14.03 29.81 33.14
CA PHE D 300 12.75 30.06 32.50
C PHE D 300 12.27 28.75 31.88
N LEU D 301 11.06 28.33 32.23
CA LEU D 301 10.52 27.06 31.81
C LEU D 301 9.57 27.26 30.64
N ILE D 302 9.76 26.45 29.60
CA ILE D 302 8.84 26.39 28.47
C ILE D 302 8.24 25.00 28.44
N ASN D 303 6.94 24.91 28.60
CA ASN D 303 6.23 23.64 28.57
C ASN D 303 5.57 23.50 27.20
N GLY D 304 5.87 22.41 26.51
CA GLY D 304 5.43 22.23 25.15
C GLY D 304 3.92 22.28 25.03
N PRO D 305 3.21 21.53 25.88
CA PRO D 305 1.74 21.62 25.87
C PRO D 305 1.23 23.04 26.11
N GLU D 306 1.87 23.78 27.01
CA GLU D 306 1.37 25.11 27.35
C GLU D 306 1.46 26.05 26.15
N ILE D 307 2.59 26.04 25.44
CA ILE D 307 2.76 26.95 24.31
C ILE D 307 1.83 26.56 23.18
N MET D 308 1.61 25.26 22.97
CA MET D 308 0.72 24.80 21.92
C MET D 308 -0.74 24.83 22.33
N SER D 309 -1.05 25.17 23.59
CA SER D 309 -2.42 25.32 24.06
C SER D 309 -2.85 26.78 24.06
N LYS D 310 -2.34 27.57 23.13
CA LYS D 310 -2.64 29.00 23.07
C LYS D 310 -2.85 29.38 21.60
N LEU D 311 -3.42 30.58 21.41
CA LEU D 311 -3.78 31.00 20.07
C LEU D 311 -2.54 31.16 19.21
N ALA D 312 -2.76 31.44 17.92
CA ALA D 312 -1.67 31.47 16.96
C ALA D 312 -0.64 32.53 17.33
N GLY D 313 -1.08 33.72 17.71
CA GLY D 313 -0.18 34.81 18.02
C GLY D 313 0.43 34.72 19.40
N GLU D 314 -0.35 34.24 20.38
CA GLU D 314 0.13 34.21 21.75
C GLU D 314 1.23 33.16 21.93
N SER D 315 1.11 32.03 21.24
CA SER D 315 2.12 30.98 21.36
C SER D 315 3.48 31.50 20.90
N GLU D 316 3.53 32.19 19.76
CA GLU D 316 4.78 32.76 19.28
C GLU D 316 5.26 33.86 20.20
N SER D 317 4.35 34.70 20.70
CA SER D 317 4.74 35.76 21.62
C SER D 317 5.35 35.19 22.90
N ASN D 318 4.89 34.01 23.33
CA ASN D 318 5.43 33.41 24.54
C ASN D 318 6.84 32.88 24.31
N LEU D 319 7.08 32.28 23.14
CA LEU D 319 8.43 31.83 22.82
C LEU D 319 9.40 33.00 22.80
N ARG D 320 9.02 34.09 22.11
CA ARG D 320 9.89 35.25 22.02
C ARG D 320 10.14 35.87 23.39
N LYS D 321 9.09 35.98 24.21
CA LYS D 321 9.26 36.55 25.54
C LYS D 321 10.16 35.68 26.39
N ALA D 322 10.15 34.36 26.18
CA ALA D 322 11.00 33.47 26.97
C ALA D 322 12.47 33.72 26.66
N PHE D 323 12.83 33.75 25.37
CA PHE D 323 14.21 34.03 25.00
C PHE D 323 14.59 35.47 25.35
N GLU D 324 13.66 36.41 25.13
CA GLU D 324 13.94 37.80 25.47
C GLU D 324 14.21 37.97 26.95
N GLU D 325 13.41 37.32 27.79
CA GLU D 325 13.62 37.39 29.23
C GLU D 325 14.87 36.66 29.66
N ALA D 326 15.31 35.67 28.88
CA ALA D 326 16.53 34.94 29.24
C ALA D 326 17.77 35.78 29.02
N GLU D 327 17.84 36.49 27.89
CA GLU D 327 19.00 37.35 27.63
C GLU D 327 19.08 38.47 28.65
N LYS D 328 17.93 39.02 29.05
CA LYS D 328 17.93 40.10 30.03
C LYS D 328 18.52 39.65 31.35
N ASN D 329 18.21 38.42 31.77
CA ASN D 329 18.63 37.89 33.06
C ASN D 329 19.76 36.86 32.94
N ALA D 330 20.63 37.04 31.95
CA ALA D 330 21.71 36.10 31.78
C ALA D 330 22.68 36.18 32.97
N PRO D 331 23.35 35.06 33.32
CA PRO D 331 23.28 33.74 32.70
C PRO D 331 21.97 33.04 33.02
N ALA D 332 21.41 32.28 32.08
CA ALA D 332 20.08 31.71 32.25
C ALA D 332 19.99 30.38 31.52
N ILE D 333 19.00 29.58 31.92
CA ILE D 333 18.73 28.28 31.31
C ILE D 333 17.28 28.27 30.88
N ILE D 334 17.04 28.06 29.58
CA ILE D 334 15.70 27.84 29.05
C ILE D 334 15.50 26.34 28.86
N PHE D 335 14.42 25.82 29.42
CA PHE D 335 14.14 24.39 29.39
C PHE D 335 12.82 24.17 28.64
N ILE D 336 12.90 23.51 27.50
CA ILE D 336 11.72 23.12 26.72
C ILE D 336 11.41 21.68 27.09
N ASP D 337 10.36 21.49 27.88
CA ASP D 337 10.13 20.21 28.53
C ASP D 337 9.60 19.15 27.58
N GLU D 338 8.89 19.54 26.52
CA GLU D 338 8.25 18.60 25.61
C GLU D 338 8.54 18.98 24.17
N LEU D 339 9.83 19.18 23.86
CA LEU D 339 10.23 19.67 22.54
C LEU D 339 9.53 18.92 21.41
N ASP D 340 9.15 17.66 21.62
CA ASP D 340 8.45 16.94 20.57
C ASP D 340 7.10 17.58 20.27
N ALA D 341 6.45 18.15 21.28
CA ALA D 341 5.16 18.79 21.05
C ALA D 341 5.31 20.06 20.22
N ILE D 342 6.29 20.90 20.56
CA ILE D 342 6.45 22.17 19.85
C ILE D 342 6.90 21.93 18.42
N ALA D 343 7.90 21.06 18.23
CA ALA D 343 8.54 20.87 16.94
C ALA D 343 8.57 19.40 16.59
N PRO D 344 7.42 18.80 16.30
CA PRO D 344 7.39 17.40 15.87
C PRO D 344 7.98 17.24 14.47
N LYS D 345 7.99 16.01 13.97
CA LYS D 345 8.48 15.78 12.62
C LYS D 345 7.66 16.59 11.62
N ARG D 346 8.35 17.12 10.61
CA ARG D 346 7.69 18.01 9.65
C ARG D 346 6.55 17.30 8.92
N GLU D 347 6.56 15.98 8.87
CA GLU D 347 5.48 15.23 8.24
C GLU D 347 4.24 15.12 9.12
N LYS D 348 4.33 15.51 10.39
CA LYS D 348 3.21 15.44 11.31
C LYS D 348 2.52 16.78 11.55
N THR D 349 3.10 17.88 11.08
CA THR D 349 2.53 19.19 11.35
C THR D 349 1.13 19.32 10.75
N HIS D 350 1.04 19.25 9.42
CA HIS D 350 -0.23 19.38 8.70
C HIS D 350 -0.98 20.63 9.15
N GLY D 351 -0.31 21.76 9.06
CA GLY D 351 -0.93 23.02 9.42
C GLY D 351 0.02 24.17 9.15
N GLU D 352 -0.51 25.38 9.26
CA GLU D 352 0.27 26.60 9.05
C GLU D 352 0.72 27.22 10.36
N VAL D 353 -0.15 27.32 11.35
CA VAL D 353 0.22 27.89 12.64
C VAL D 353 1.30 27.02 13.29
N GLU D 354 1.13 25.69 13.24
CA GLU D 354 2.10 24.80 13.88
C GLU D 354 3.47 24.94 13.24
N ARG D 355 3.53 24.95 11.90
CA ARG D 355 4.81 25.09 11.23
C ARG D 355 5.44 26.45 11.51
N ARG D 356 4.63 27.46 11.77
CA ARG D 356 5.17 28.78 12.12
C ARG D 356 5.91 28.71 13.45
N ILE D 357 5.38 27.97 14.42
CA ILE D 357 6.03 27.86 15.72
C ILE D 357 7.38 27.15 15.57
N VAL D 358 7.43 26.09 14.75
CA VAL D 358 8.69 25.40 14.52
C VAL D 358 9.72 26.35 13.94
N SER D 359 9.33 27.11 12.91
CA SER D 359 10.24 28.07 12.31
C SER D 359 10.64 29.16 13.29
N GLN D 360 9.68 29.63 14.09
CA GLN D 360 9.99 30.63 15.09
C GLN D 360 11.02 30.12 16.09
N LEU D 361 10.89 28.85 16.50
CA LEU D 361 11.86 28.28 17.42
C LEU D 361 13.25 28.23 16.79
N LEU D 362 13.33 27.84 15.51
CA LEU D 362 14.63 27.77 14.85
C LEU D 362 15.30 29.14 14.79
N THR D 363 14.52 30.18 14.47
CA THR D 363 15.10 31.52 14.40
C THR D 363 15.64 31.95 15.76
N LEU D 364 14.91 31.68 16.83
CA LEU D 364 15.35 32.05 18.16
C LEU D 364 16.60 31.28 18.55
N MET D 365 16.66 29.99 18.21
CA MET D 365 17.85 29.20 18.53
C MET D 365 19.07 29.75 17.81
N ASP D 366 18.91 30.16 16.55
CA ASP D 366 19.99 30.73 15.77
C ASP D 366 20.11 32.24 15.95
N GLY D 367 19.58 32.78 17.04
CA GLY D 367 19.71 34.19 17.35
C GLY D 367 20.55 34.41 18.58
N LEU D 368 21.00 33.33 19.21
CA LEU D 368 21.91 33.45 20.34
C LEU D 368 23.24 34.00 19.86
N LYS D 369 23.88 34.82 20.70
CA LYS D 369 25.03 35.61 20.30
C LYS D 369 26.35 34.90 20.55
N GLN D 370 26.33 33.60 20.85
CA GLN D 370 27.51 32.76 21.04
C GLN D 370 28.27 33.22 22.28
N ARG D 371 27.89 34.38 22.81
CA ARG D 371 28.42 34.89 24.07
C ARG D 371 27.30 35.60 24.83
N SER D 372 26.10 35.02 24.81
CA SER D 372 24.97 35.58 25.52
C SER D 372 24.73 34.93 26.86
N HIS D 373 25.32 33.76 27.11
CA HIS D 373 25.24 33.02 28.37
C HIS D 373 23.87 32.41 28.60
N VAL D 374 23.03 32.34 27.57
CA VAL D 374 21.74 31.66 27.64
C VAL D 374 21.92 30.27 27.05
N ILE D 375 21.61 29.25 27.85
CA ILE D 375 21.75 27.86 27.45
C ILE D 375 20.37 27.23 27.38
N VAL D 376 20.06 26.62 26.25
CA VAL D 376 18.77 25.98 26.03
C VAL D 376 18.92 24.49 26.32
N MET D 377 18.03 23.97 27.16
CA MET D 377 17.94 22.54 27.45
C MET D 377 16.58 22.04 27.01
N ALA D 378 16.53 20.81 26.52
CA ALA D 378 15.29 20.26 25.99
C ALA D 378 15.15 18.80 26.41
N ALA D 379 13.90 18.34 26.49
CA ALA D 379 13.58 16.97 26.84
C ALA D 379 12.67 16.38 25.79
N THR D 380 12.93 15.13 25.41
CA THR D 380 12.12 14.43 24.42
C THR D 380 12.19 12.94 24.69
N ASN D 381 11.08 12.25 24.42
CA ASN D 381 11.04 10.80 24.65
C ASN D 381 12.03 10.08 23.75
N ARG D 382 12.01 10.39 22.46
CA ARG D 382 12.96 9.83 21.51
C ARG D 382 13.49 10.95 20.63
N PRO D 383 14.81 11.05 20.43
CA PRO D 383 15.34 12.19 19.67
C PRO D 383 14.83 12.24 18.23
N ASN D 384 14.53 11.10 17.63
CA ASN D 384 14.02 11.11 16.26
C ASN D 384 12.68 11.81 16.15
N SER D 385 11.92 11.89 17.25
CA SER D 385 10.64 12.56 17.21
C SER D 385 10.78 14.05 16.92
N VAL D 386 11.93 14.65 17.22
CA VAL D 386 12.14 16.07 16.98
C VAL D 386 12.43 16.30 15.50
N ASP D 387 12.08 17.49 15.02
CA ASP D 387 12.34 17.83 13.64
C ASP D 387 13.84 17.79 13.36
N PRO D 388 14.28 17.19 12.25
CA PRO D 388 15.72 17.13 11.99
C PRO D 388 16.38 18.50 11.95
N ALA D 389 15.67 19.53 11.48
CA ALA D 389 16.28 20.85 11.38
C ALA D 389 16.77 21.35 12.73
N LEU D 390 16.13 20.91 13.82
CA LEU D 390 16.55 21.35 15.15
C LEU D 390 17.85 20.70 15.59
N ARG D 391 18.24 19.57 15.00
CA ARG D 391 19.40 18.82 15.43
C ARG D 391 20.63 19.09 14.56
N ARG D 392 20.75 20.30 14.04
CA ARG D 392 21.94 20.68 13.27
C ARG D 392 23.04 21.08 14.24
N PHE D 393 24.13 21.62 13.73
CA PHE D 393 25.31 21.86 14.54
C PHE D 393 25.19 23.10 15.42
N GLY D 394 24.30 24.02 15.10
CA GLY D 394 24.19 25.25 15.86
C GLY D 394 22.98 25.33 16.76
N ARG D 395 22.05 24.38 16.63
CA ARG D 395 20.77 24.43 17.33
C ARG D 395 20.70 23.45 18.49
N PHE D 396 20.87 22.15 18.22
CA PHE D 396 20.88 21.12 19.26
C PHE D 396 21.96 20.11 18.87
N ASP D 397 23.19 20.35 19.35
CA ASP D 397 24.33 19.55 18.96
C ASP D 397 24.75 18.54 20.01
N ARG D 398 24.41 18.76 21.28
CA ARG D 398 24.74 17.85 22.36
C ARG D 398 23.48 17.12 22.79
N GLU D 399 23.55 15.78 22.80
CA GLU D 399 22.43 14.95 23.22
C GLU D 399 22.89 14.02 24.33
N ILE D 400 22.13 13.97 25.42
CA ILE D 400 22.40 13.09 26.55
C ILE D 400 21.20 12.19 26.75
N GLU D 401 21.46 10.93 27.06
CA GLU D 401 20.41 9.93 27.30
C GLU D 401 20.33 9.65 28.78
N ILE D 402 19.16 9.89 29.38
CA ILE D 402 18.86 9.52 30.75
C ILE D 402 18.04 8.25 30.68
N GLY D 403 18.70 7.11 30.83
CA GLY D 403 18.09 5.81 30.63
C GLY D 403 17.60 5.18 31.92
N ILE D 404 17.42 3.87 31.86
CA ILE D 404 16.87 3.12 33.01
C ILE D 404 17.95 3.01 34.09
N PRO D 405 17.67 3.37 35.33
CA PRO D 405 18.71 3.30 36.36
C PRO D 405 19.14 1.87 36.62
N ASP D 406 20.41 1.73 37.01
CA ASP D 406 20.96 0.43 37.39
C ASP D 406 20.56 0.14 38.83
N SER D 407 21.12 -0.93 39.40
CA SER D 407 20.79 -1.29 40.77
C SER D 407 21.21 -0.20 41.75
N ILE D 408 22.38 0.38 41.55
CA ILE D 408 22.84 1.46 42.42
C ILE D 408 21.93 2.67 42.29
N GLY D 409 21.56 3.01 41.05
CA GLY D 409 20.70 4.17 40.84
C GLY D 409 19.33 4.00 41.47
N ARG D 410 18.77 2.79 41.38
CA ARG D 410 17.45 2.55 41.94
C ARG D 410 17.44 2.80 43.45
N LEU D 411 18.51 2.38 44.14
CA LEU D 411 18.58 2.63 45.57
C LEU D 411 18.59 4.12 45.87
N GLU D 412 19.28 4.91 45.04
CA GLU D 412 19.28 6.35 45.23
C GLU D 412 17.87 6.92 45.08
N ILE D 413 17.13 6.45 44.08
CA ILE D 413 15.76 6.94 43.88
C ILE D 413 14.89 6.58 45.07
N LEU D 414 15.00 5.33 45.55
CA LEU D 414 14.18 4.90 46.66
C LEU D 414 14.49 5.70 47.92
N ARG D 415 15.77 5.99 48.15
CA ARG D 415 16.14 6.84 49.28
C ARG D 415 15.54 8.23 49.14
N ILE D 416 15.55 8.78 47.93
CA ILE D 416 14.98 10.10 47.70
C ILE D 416 13.48 10.08 47.99
N HIS D 417 12.79 9.02 47.58
CA HIS D 417 11.35 8.92 47.72
C HIS D 417 10.91 8.41 49.09
N THR D 418 11.85 8.04 49.96
CA THR D 418 11.52 7.56 51.30
C THR D 418 12.00 8.52 52.38
N ARG D 419 12.43 9.73 52.02
CA ARG D 419 12.88 10.68 53.03
C ARG D 419 11.74 11.13 53.92
N ASN D 420 10.53 11.26 53.36
CA ASN D 420 9.36 11.61 54.15
C ASN D 420 8.64 10.38 54.70
N ILE D 421 8.54 9.31 53.91
CA ILE D 421 7.88 8.10 54.37
C ILE D 421 8.66 7.50 55.53
N ARG D 422 7.96 7.17 56.60
CA ARG D 422 8.58 6.46 57.71
C ARG D 422 8.83 5.02 57.33
N LEU D 423 10.00 4.51 57.71
CA LEU D 423 10.43 3.16 57.36
C LEU D 423 10.72 2.37 58.62
N ALA D 424 10.24 1.12 58.64
CA ALA D 424 10.53 0.24 59.77
C ALA D 424 12.00 -0.18 59.75
N GLU D 425 12.47 -0.61 60.91
CA GLU D 425 13.87 -1.01 61.05
C GLU D 425 14.22 -2.25 60.25
N ASP D 426 13.22 -2.99 59.76
CA ASP D 426 13.45 -4.25 59.06
C ASP D 426 13.53 -4.10 57.55
N VAL D 427 13.45 -2.89 57.02
CA VAL D 427 13.47 -2.67 55.58
C VAL D 427 14.92 -2.57 55.11
N GLU D 428 15.27 -3.34 54.10
CA GLU D 428 16.58 -3.30 53.47
C GLU D 428 16.37 -2.79 52.05
N LEU D 429 16.43 -1.47 51.88
CA LEU D 429 16.15 -0.87 50.58
C LEU D 429 17.12 -1.35 49.51
N GLU D 430 18.30 -1.85 49.90
CA GLU D 430 19.23 -2.37 48.91
C GLU D 430 18.65 -3.57 48.18
N LYS D 431 17.96 -4.45 48.91
CA LYS D 431 17.40 -5.65 48.29
C LYS D 431 16.27 -5.30 47.33
N ILE D 432 15.45 -4.31 47.68
CA ILE D 432 14.35 -3.92 46.80
C ILE D 432 14.90 -3.39 45.48
N ALA D 433 15.97 -2.60 45.53
CA ALA D 433 16.54 -2.03 44.32
C ALA D 433 17.03 -3.13 43.38
N ASN D 434 17.65 -4.17 43.94
CA ASN D 434 18.18 -5.24 43.10
C ASN D 434 17.07 -6.04 42.44
N GLU D 435 15.87 -6.05 43.03
CA GLU D 435 14.75 -6.83 42.50
C GLU D 435 13.88 -6.05 41.54
N ALA D 436 13.85 -4.72 41.67
CA ALA D 436 12.96 -3.88 40.86
C ALA D 436 13.59 -3.66 39.50
N HIS D 437 13.42 -4.65 38.62
CA HIS D 437 13.94 -4.58 37.27
C HIS D 437 12.95 -3.86 36.36
N GLY D 438 13.47 -2.96 35.53
CA GLY D 438 12.63 -2.18 34.64
C GLY D 438 11.91 -1.02 35.28
N HIS D 439 12.32 -0.61 36.48
CA HIS D 439 11.65 0.44 37.23
C HIS D 439 12.36 1.77 37.00
N VAL D 440 11.69 2.68 36.29
CA VAL D 440 12.18 4.05 36.14
C VAL D 440 11.92 4.79 37.44
N GLY D 441 12.47 5.99 37.56
CA GLY D 441 12.31 6.74 38.79
C GLY D 441 10.85 6.97 39.16
N ALA D 442 10.02 7.29 38.16
CA ALA D 442 8.60 7.49 38.42
C ALA D 442 7.95 6.20 38.93
N ASP D 443 8.34 5.06 38.37
CA ASP D 443 7.80 3.79 38.81
C ASP D 443 8.11 3.54 40.28
N LEU D 444 9.35 3.82 40.69
CA LEU D 444 9.73 3.59 42.08
C LEU D 444 8.92 4.46 43.04
N ALA D 445 8.48 5.63 42.57
CA ALA D 445 7.60 6.46 43.39
C ALA D 445 6.26 5.75 43.62
N SER D 446 5.73 5.10 42.59
CA SER D 446 4.51 4.33 42.75
C SER D 446 4.72 3.16 43.70
N LEU D 447 5.88 2.50 43.63
CA LEU D 447 6.16 1.38 44.49
C LEU D 447 6.12 1.79 45.96
N CYS D 448 6.73 2.93 46.29
CA CYS D 448 6.72 3.40 47.67
C CYS D 448 5.32 3.82 48.09
N SER D 449 4.55 4.43 47.18
CA SER D 449 3.20 4.82 47.51
C SER D 449 2.33 3.61 47.78
N GLU D 450 2.42 2.59 46.93
CA GLU D 450 1.64 1.37 47.14
C GLU D 450 2.07 0.67 48.42
N ALA D 451 3.38 0.62 48.69
CA ALA D 451 3.86 -0.04 49.89
C ALA D 451 3.31 0.64 51.14
N ALA D 452 3.32 1.97 51.16
CA ALA D 452 2.74 2.69 52.30
C ALA D 452 1.23 2.48 52.37
N LEU D 453 0.57 2.40 51.22
CA LEU D 453 -0.87 2.12 51.21
C LEU D 453 -1.16 0.73 51.78
N GLN D 454 -0.28 -0.24 51.49
CA GLN D 454 -0.46 -1.58 52.02
C GLN D 454 -0.42 -1.58 53.55
N GLN D 455 0.51 -0.83 54.13
CA GLN D 455 0.59 -0.76 55.59
C GLN D 455 -0.69 -0.18 56.18
N ILE D 456 -1.32 0.76 55.48
CA ILE D 456 -2.58 1.31 55.96
C ILE D 456 -3.65 0.22 56.03
N ARG D 457 -3.71 -0.63 55.00
CA ARG D 457 -4.70 -1.69 54.98
C ARG D 457 -4.52 -2.64 56.16
N ASN D 458 -3.27 -3.03 56.45
CA ASN D 458 -3.03 -3.99 57.52
C ASN D 458 -3.48 -3.44 58.86
N LYS D 459 -3.18 -2.16 59.13
CA LYS D 459 -3.59 -1.54 60.39
C LYS D 459 -4.99 -0.96 60.35
N MET D 460 -5.62 -0.90 59.17
CA MET D 460 -6.98 -0.41 59.06
C MET D 460 -8.02 -1.53 59.04
N ASN D 461 -7.69 -2.68 58.45
CA ASN D 461 -8.61 -3.81 58.49
C ASN D 461 -8.84 -4.27 59.92
N LEU D 462 -7.78 -4.31 60.73
CA LEU D 462 -7.93 -4.70 62.13
C LEU D 462 -8.67 -3.63 62.93
N ILE D 463 -8.45 -2.35 62.62
CA ILE D 463 -9.09 -1.27 63.36
C ILE D 463 -10.59 -1.34 63.17
N ILE D 470 -7.92 7.54 63.67
CA ILE D 470 -8.47 6.79 64.79
C ILE D 470 -7.54 6.98 66.00
N ASP D 471 -7.07 5.89 66.60
CA ASP D 471 -6.19 5.98 67.76
C ASP D 471 -4.86 6.61 67.34
N ALA D 472 -4.54 7.78 67.92
CA ALA D 472 -3.30 8.45 67.58
C ALA D 472 -2.10 7.57 67.84
N GLU D 473 -2.16 6.71 68.84
CA GLU D 473 -1.05 5.79 69.11
C GLU D 473 -0.80 4.87 67.93
N VAL D 474 -1.87 4.36 67.31
CA VAL D 474 -1.73 3.51 66.14
C VAL D 474 -1.13 4.31 64.99
N LEU D 475 -1.51 5.58 64.86
CA LEU D 475 -0.96 6.41 63.79
C LEU D 475 0.54 6.56 63.93
N ASN D 476 1.03 6.79 65.15
CA ASN D 476 2.46 6.91 65.37
C ASN D 476 3.19 5.59 65.15
N SER D 477 2.48 4.47 65.18
CA SER D 477 3.07 3.15 64.96
C SER D 477 2.90 2.69 63.52
N LEU D 478 2.71 3.62 62.59
CA LEU D 478 2.49 3.31 61.18
C LEU D 478 3.82 3.48 60.44
N ALA D 479 4.49 2.37 60.17
CA ALA D 479 5.75 2.36 59.45
C ALA D 479 5.71 1.26 58.39
N VAL D 480 6.25 1.55 57.21
CA VAL D 480 6.23 0.59 56.12
C VAL D 480 7.24 -0.50 56.40
N THR D 481 6.76 -1.74 56.51
CA THR D 481 7.61 -2.89 56.77
C THR D 481 8.13 -3.48 55.46
N MET D 482 9.14 -4.36 55.58
CA MET D 482 9.73 -4.97 54.40
C MET D 482 8.72 -5.80 53.63
N ASP D 483 7.87 -6.55 54.35
CA ASP D 483 6.88 -7.38 53.68
C ASP D 483 5.95 -6.52 52.82
N ASP D 484 5.65 -5.30 53.25
CA ASP D 484 4.84 -4.41 52.43
C ASP D 484 5.55 -4.08 51.12
N PHE D 485 6.85 -3.80 51.19
CA PHE D 485 7.59 -3.49 49.97
C PHE D 485 7.62 -4.69 49.03
N ARG D 486 7.79 -5.89 49.58
CA ARG D 486 7.77 -7.09 48.74
C ARG D 486 6.41 -7.27 48.08
N TRP D 487 5.34 -7.02 48.82
CA TRP D 487 4.01 -7.11 48.24
C TRP D 487 3.83 -6.10 47.11
N ALA D 488 4.30 -4.86 47.32
CA ALA D 488 4.15 -3.84 46.29
C ALA D 488 4.93 -4.19 45.04
N LEU D 489 6.13 -4.76 45.21
CA LEU D 489 6.96 -5.07 44.05
C LEU D 489 6.31 -6.12 43.17
N GLY D 490 5.68 -7.12 43.78
CA GLY D 490 5.03 -8.16 42.97
C GLY D 490 3.92 -7.62 42.11
N LYS D 491 3.10 -6.72 42.66
CA LYS D 491 1.96 -6.16 41.94
C LYS D 491 2.34 -4.97 41.07
N SER D 492 3.60 -4.55 41.09
CA SER D 492 4.03 -3.41 40.29
C SER D 492 4.28 -3.83 38.85
N ASN D 493 3.71 -3.06 37.92
CA ASN D 493 3.90 -3.29 36.49
C ASN D 493 4.82 -2.21 35.96
N PRO D 494 6.14 -2.40 36.03
CA PRO D 494 7.06 -1.33 35.59
C PRO D 494 6.88 -1.01 34.12
N SER D 495 7.11 0.27 33.79
CA SER D 495 6.92 0.76 32.44
C SER D 495 8.13 0.57 31.54
N ALA D 496 9.28 0.20 32.10
CA ALA D 496 10.52 0.10 31.34
C ALA D 496 11.06 -1.33 31.36
N LEU D 497 10.16 -2.31 31.32
CA LEU D 497 10.59 -3.70 31.20
C LEU D 497 11.13 -4.00 29.80
N ARG D 498 10.59 -3.32 28.79
CA ARG D 498 10.97 -3.58 27.41
C ARG D 498 12.10 -2.69 26.91
N GLU D 499 12.59 -1.78 27.74
CA GLU D 499 13.70 -0.92 27.37
C GLU D 499 15.02 -1.61 27.65
N THR D 500 15.90 -1.61 26.66
CA THR D 500 17.18 -2.29 26.79
C THR D 500 18.02 -1.65 27.88
N THR D 501 18.83 -2.48 28.53
CA THR D 501 19.66 -2.06 29.66
C THR D 501 21.13 -2.01 29.26
N VAL D 502 21.79 -0.92 29.65
CA VAL D 502 23.23 -0.77 29.46
C VAL D 502 23.86 -0.78 30.85
N GLU D 503 24.67 -1.80 31.13
CA GLU D 503 25.30 -1.92 32.44
C GLU D 503 26.51 -2.82 32.31
N VAL D 504 27.42 -2.70 33.29
CA VAL D 504 28.60 -3.54 33.37
C VAL D 504 28.21 -4.80 34.15
N PRO D 505 28.27 -5.99 33.54
CA PRO D 505 27.83 -7.19 34.25
C PRO D 505 28.73 -7.52 35.43
N ASN D 506 28.15 -8.23 36.41
CA ASN D 506 28.84 -8.62 37.63
C ASN D 506 29.18 -10.11 37.62
N VAL D 507 29.40 -10.68 36.43
CA VAL D 507 29.76 -12.08 36.28
C VAL D 507 31.27 -12.11 36.08
N THR D 508 32.01 -12.19 37.19
CA THR D 508 33.46 -12.28 37.10
C THR D 508 33.89 -13.59 36.47
N TRP D 509 35.02 -13.58 35.78
CA TRP D 509 35.48 -14.81 35.14
C TRP D 509 35.81 -15.90 36.14
N ASP D 510 36.10 -15.53 37.40
CA ASP D 510 36.34 -16.55 38.42
C ASP D 510 35.13 -17.45 38.58
N ASP D 511 33.95 -17.00 38.19
CA ASP D 511 32.75 -17.82 38.28
C ASP D 511 32.63 -18.79 37.10
N ILE D 512 33.03 -18.36 35.91
CA ILE D 512 32.91 -19.23 34.74
C ILE D 512 33.75 -20.48 34.91
N GLY D 513 34.83 -20.41 35.69
CA GLY D 513 35.61 -21.59 35.99
C GLY D 513 36.65 -21.91 34.95
N GLY D 514 36.32 -22.87 34.06
CA GLY D 514 37.25 -23.31 33.05
C GLY D 514 37.08 -22.58 31.74
N LEU D 515 36.83 -23.32 30.67
CA LEU D 515 36.81 -22.78 29.32
C LEU D 515 37.99 -21.83 29.14
N GLU D 516 39.17 -22.29 29.57
CA GLU D 516 40.35 -21.44 29.58
C GLU D 516 40.95 -21.25 28.20
N ASN D 517 40.64 -22.13 27.26
CA ASN D 517 41.00 -21.88 25.86
C ASN D 517 40.08 -20.88 25.20
N VAL D 518 38.88 -20.67 25.77
CA VAL D 518 38.02 -19.57 25.34
C VAL D 518 38.33 -18.28 26.08
N LYS D 519 38.96 -18.37 27.27
CA LYS D 519 39.39 -17.16 27.96
C LYS D 519 40.55 -16.50 27.22
N ARG D 520 41.55 -17.28 26.85
CA ARG D 520 42.73 -16.73 26.19
C ARG D 520 42.34 -16.03 24.89
N GLU D 521 41.41 -16.63 24.13
CA GLU D 521 41.00 -16.02 22.87
C GLU D 521 40.27 -14.71 23.11
N LEU D 522 39.29 -14.70 24.01
CA LEU D 522 38.55 -13.49 24.27
C LEU D 522 39.42 -12.40 24.88
N GLN D 523 40.40 -12.78 25.71
CA GLN D 523 41.32 -11.80 26.27
C GLN D 523 42.11 -11.11 25.16
N GLU D 524 42.58 -11.89 24.17
CA GLU D 524 43.33 -11.32 23.06
C GLU D 524 42.47 -10.43 22.17
N LEU D 525 41.15 -10.54 22.26
CA LEU D 525 40.26 -9.86 21.34
C LEU D 525 39.49 -8.70 21.96
N VAL D 526 39.34 -8.67 23.28
CA VAL D 526 38.54 -7.63 23.94
C VAL D 526 39.38 -6.90 24.99
N GLN D 527 39.98 -7.65 25.91
CA GLN D 527 40.68 -7.02 27.02
C GLN D 527 41.92 -6.28 26.55
N TYR D 528 42.78 -6.94 25.78
CA TYR D 528 44.02 -6.31 25.37
C TYR D 528 43.79 -5.05 24.55
N PRO D 529 42.86 -5.01 23.59
CA PRO D 529 42.58 -3.73 22.91
C PRO D 529 42.12 -2.63 23.86
N VAL D 530 41.41 -2.97 24.92
CA VAL D 530 40.84 -1.96 25.81
C VAL D 530 41.77 -1.64 26.97
N GLU D 531 42.35 -2.66 27.60
CA GLU D 531 43.20 -2.43 28.76
C GLU D 531 44.56 -1.87 28.39
N HIS D 532 45.08 -2.22 27.22
CA HIS D 532 46.42 -1.80 26.79
C HIS D 532 46.35 -1.27 25.37
N PRO D 533 45.72 -0.10 25.16
CA PRO D 533 45.73 0.49 23.82
C PRO D 533 47.12 0.80 23.31
N ASP D 534 48.06 1.14 24.19
CA ASP D 534 49.37 1.59 23.75
C ASP D 534 50.09 0.50 22.96
N LYS D 535 50.04 -0.74 23.44
CA LYS D 535 50.77 -1.82 22.78
C LYS D 535 50.17 -2.21 21.44
N PHE D 536 48.96 -1.71 21.11
CA PHE D 536 48.40 -1.92 19.79
C PHE D 536 48.84 -0.82 18.82
N LEU D 537 48.95 0.41 19.31
CA LEU D 537 49.54 1.47 18.49
C LEU D 537 51.03 1.21 18.24
N LYS D 538 51.71 0.65 19.24
CA LYS D 538 53.14 0.39 19.10
C LYS D 538 53.41 -0.60 17.97
N PHE D 539 52.59 -1.65 17.87
CA PHE D 539 52.75 -2.67 16.85
C PHE D 539 51.92 -2.41 15.60
N GLY D 540 51.16 -1.32 15.57
CA GLY D 540 50.40 -0.96 14.39
C GLY D 540 49.40 -2.02 13.96
N MET D 541 48.65 -2.55 14.92
CA MET D 541 47.63 -3.56 14.65
C MET D 541 46.28 -3.00 15.07
N THR D 542 45.32 -3.04 14.15
CA THR D 542 43.96 -2.64 14.45
C THR D 542 43.16 -3.85 14.93
N PRO D 543 42.64 -3.85 16.16
CA PRO D 543 41.99 -5.06 16.67
C PRO D 543 40.76 -5.42 15.86
N SER D 544 40.52 -6.72 15.73
CA SER D 544 39.28 -7.20 15.14
C SER D 544 38.13 -6.97 16.11
N LYS D 545 37.03 -6.39 15.62
CA LYS D 545 35.92 -5.97 16.45
C LYS D 545 34.75 -6.93 16.42
N GLY D 546 34.90 -8.09 15.81
CA GLY D 546 33.80 -9.03 15.67
C GLY D 546 34.18 -10.43 16.08
N VAL D 547 33.29 -11.08 16.83
CA VAL D 547 33.48 -12.45 17.27
C VAL D 547 32.14 -13.18 17.14
N LEU D 548 32.19 -14.42 16.66
CA LEU D 548 31.01 -15.27 16.57
C LEU D 548 31.16 -16.44 17.53
N PHE D 549 30.18 -16.60 18.42
CA PHE D 549 30.14 -17.70 19.36
C PHE D 549 29.25 -18.80 18.79
N TYR D 550 29.85 -19.94 18.46
CA TYR D 550 29.11 -21.09 17.94
C TYR D 550 29.38 -22.29 18.84
N GLY D 551 28.31 -22.96 19.25
CA GLY D 551 28.42 -24.11 20.11
C GLY D 551 27.08 -24.73 20.43
N PRO D 552 27.09 -25.85 21.14
CA PRO D 552 25.83 -26.51 21.45
C PRO D 552 24.95 -25.62 22.30
N PRO D 553 23.62 -25.74 22.17
CA PRO D 553 22.73 -24.90 22.97
C PRO D 553 22.90 -25.15 24.46
N GLY D 554 22.63 -24.11 25.25
CA GLY D 554 22.69 -24.22 26.69
C GLY D 554 24.07 -24.49 27.23
N CYS D 555 25.07 -23.76 26.74
CA CYS D 555 26.43 -23.88 27.23
C CYS D 555 26.98 -22.52 27.69
N GLY D 556 26.09 -21.63 28.09
CA GLY D 556 26.50 -20.37 28.69
C GLY D 556 27.28 -19.44 27.78
N LYS D 557 26.83 -19.27 26.54
CA LYS D 557 27.48 -18.31 25.66
C LYS D 557 27.23 -16.87 26.11
N THR D 558 26.05 -16.60 26.66
CA THR D 558 25.75 -15.25 27.14
C THR D 558 26.65 -14.87 28.31
N LEU D 559 26.84 -15.79 29.26
CA LEU D 559 27.66 -15.50 30.42
C LEU D 559 29.11 -15.22 30.01
N LEU D 560 29.63 -16.00 29.07
CA LEU D 560 31.00 -15.78 28.61
C LEU D 560 31.18 -14.38 28.05
N ALA D 561 30.17 -13.88 27.33
CA ALA D 561 30.22 -12.50 26.84
C ALA D 561 30.10 -11.50 27.98
N LYS D 562 29.35 -11.84 29.03
CA LYS D 562 29.23 -10.93 30.16
C LYS D 562 30.54 -10.85 30.94
N ALA D 563 31.24 -11.98 31.09
CA ALA D 563 32.46 -11.98 31.89
C ALA D 563 33.55 -11.12 31.25
N ILE D 564 33.72 -11.24 29.93
CA ILE D 564 34.76 -10.45 29.28
C ILE D 564 34.45 -8.97 29.41
N ALA D 565 33.17 -8.61 29.42
CA ALA D 565 32.79 -7.22 29.71
C ALA D 565 33.20 -6.83 31.13
N ASN D 566 32.97 -7.71 32.10
CA ASN D 566 33.33 -7.41 33.47
C ASN D 566 34.84 -7.26 33.64
N GLU D 567 35.60 -8.17 33.05
CA GLU D 567 37.05 -8.09 33.16
C GLU D 567 37.58 -6.81 32.52
N CYS D 568 36.85 -6.23 31.57
CA CYS D 568 37.25 -5.01 30.90
C CYS D 568 36.55 -3.78 31.45
N GLN D 569 35.62 -3.95 32.39
CA GLN D 569 34.75 -2.88 32.86
C GLN D 569 34.06 -2.21 31.67
N ALA D 570 33.62 -3.02 30.72
CA ALA D 570 32.95 -2.57 29.52
C ALA D 570 31.44 -2.76 29.66
N ASN D 571 30.69 -1.83 29.10
CA ASN D 571 29.24 -1.93 29.11
C ASN D 571 28.79 -3.12 28.29
N PHE D 572 27.66 -3.71 28.68
CA PHE D 572 27.12 -4.89 28.02
C PHE D 572 25.70 -4.60 27.55
N ILE D 573 25.45 -4.83 26.27
CA ILE D 573 24.13 -4.70 25.67
C ILE D 573 23.75 -6.03 25.06
N SER D 574 22.60 -6.56 25.44
CA SER D 574 22.12 -7.86 24.96
C SER D 574 20.88 -7.63 24.11
N ILE D 575 20.93 -8.10 22.86
CA ILE D 575 19.81 -7.99 21.93
C ILE D 575 19.42 -9.40 21.51
N LYS D 576 18.17 -9.76 21.72
CA LYS D 576 17.66 -11.04 21.27
C LYS D 576 17.22 -10.93 19.82
N GLY D 577 17.32 -12.05 19.11
CA GLY D 577 16.90 -12.11 17.73
C GLY D 577 15.42 -11.80 17.58
N PRO D 578 14.58 -12.44 18.40
CA PRO D 578 13.15 -12.11 18.38
C PRO D 578 12.87 -10.64 18.64
N GLU D 579 13.62 -10.02 19.55
CA GLU D 579 13.40 -8.61 19.84
C GLU D 579 13.64 -7.74 18.61
N LEU D 580 14.66 -8.08 17.82
CA LEU D 580 15.00 -7.25 16.66
C LEU D 580 13.89 -7.28 15.62
N LEU D 581 13.38 -8.48 15.30
CA LEU D 581 12.31 -8.57 14.32
C LEU D 581 11.03 -7.92 14.83
N THR D 582 10.72 -8.09 16.12
CA THR D 582 9.50 -7.52 16.67
C THR D 582 9.52 -6.01 16.58
N MET D 583 10.64 -5.38 16.96
CA MET D 583 10.72 -3.93 16.89
C MET D 583 10.76 -3.45 15.45
N TRP D 584 11.39 -4.21 14.55
CA TRP D 584 11.41 -3.83 13.14
C TRP D 584 10.00 -3.79 12.57
N PHE D 585 9.19 -4.80 12.88
CA PHE D 585 7.80 -4.81 12.42
C PHE D 585 7.02 -3.63 13.01
N GLY D 586 7.23 -3.35 14.29
CA GLY D 586 6.55 -2.25 14.95
C GLY D 586 7.08 -0.89 14.51
N ALA D 590 14.58 1.22 11.06
CA ALA D 590 15.95 1.68 11.23
C ALA D 590 16.34 1.67 12.71
N ASN D 591 15.73 0.79 13.48
CA ASN D 591 16.06 0.67 14.89
C ASN D 591 17.31 -0.17 15.13
N VAL D 592 17.86 -0.79 14.08
CA VAL D 592 19.17 -1.42 14.20
C VAL D 592 20.24 -0.36 14.45
N ARG D 593 20.15 0.75 13.71
CA ARG D 593 21.11 1.83 13.90
C ARG D 593 21.01 2.44 15.28
N ASP D 594 19.81 2.43 15.88
CA ASP D 594 19.66 2.93 17.24
C ASP D 594 20.48 2.11 18.22
N ILE D 595 20.50 0.78 18.05
CA ILE D 595 21.27 -0.08 18.93
C ILE D 595 22.75 0.25 18.82
N PHE D 596 23.26 0.34 17.59
CA PHE D 596 24.67 0.66 17.41
C PHE D 596 24.97 2.07 17.90
N ASP D 597 24.08 3.02 17.65
CA ASP D 597 24.28 4.38 18.14
C ASP D 597 24.37 4.39 19.66
N LYS D 598 23.50 3.64 20.33
CA LYS D 598 23.58 3.54 21.78
C LYS D 598 24.85 2.83 22.22
N ALA D 599 25.31 1.85 21.44
CA ALA D 599 26.58 1.20 21.75
C ALA D 599 27.73 2.20 21.66
N ARG D 600 27.72 3.07 20.65
CA ARG D 600 28.76 4.09 20.55
C ARG D 600 28.72 5.04 21.73
N GLN D 601 27.52 5.46 22.14
CA GLN D 601 27.40 6.38 23.27
C GLN D 601 27.98 5.77 24.53
N ALA D 602 27.71 4.49 24.76
CA ALA D 602 28.27 3.79 25.92
C ALA D 602 29.79 3.71 25.79
N ALA D 603 30.44 3.62 26.95
CA ALA D 603 31.89 3.46 27.02
C ALA D 603 32.23 2.14 26.37
N PRO D 604 33.53 1.76 26.24
CA PRO D 604 33.85 0.49 25.57
C PRO D 604 32.86 -0.59 25.92
N CYS D 605 32.19 -1.13 24.91
CA CYS D 605 31.00 -1.94 25.11
C CYS D 605 31.08 -3.22 24.31
N VAL D 606 30.39 -4.24 24.82
CA VAL D 606 30.26 -5.54 24.16
C VAL D 606 28.80 -5.65 23.71
N LEU D 607 28.59 -5.62 22.40
CA LEU D 607 27.25 -5.69 21.81
C LEU D 607 26.97 -7.14 21.46
N PHE D 608 26.15 -7.79 22.28
CA PHE D 608 25.84 -9.21 22.11
C PHE D 608 24.58 -9.35 21.26
N PHE D 609 24.68 -10.15 20.21
CA PHE D 609 23.56 -10.43 19.31
C PHE D 609 23.21 -11.91 19.47
N ASP D 610 22.38 -12.22 20.46
CA ASP D 610 21.93 -13.59 20.63
C ASP D 610 21.04 -14.00 19.46
N GLU D 611 21.23 -15.23 18.99
CA GLU D 611 20.48 -15.76 17.86
C GLU D 611 20.73 -14.92 16.61
N LEU D 612 21.99 -14.88 16.18
CA LEU D 612 22.35 -14.24 14.92
C LEU D 612 21.95 -15.06 13.71
N ASP D 613 21.25 -16.19 13.92
CA ASP D 613 20.72 -16.97 12.82
C ASP D 613 19.32 -16.51 12.43
N SER D 614 18.51 -16.10 13.41
CA SER D 614 17.21 -15.53 13.10
C SER D 614 17.32 -14.32 12.18
N ILE D 615 18.44 -13.61 12.25
CA ILE D 615 18.69 -12.44 11.41
C ILE D 615 19.49 -12.82 10.17
N ALA D 616 20.59 -13.54 10.35
CA ALA D 616 21.42 -13.99 9.23
C ALA D 616 21.02 -15.41 8.80
N LYS D 617 19.78 -15.52 8.34
CA LYS D 617 19.26 -16.83 7.95
C LYS D 617 20.02 -17.40 6.76
N ALA D 618 20.44 -16.56 5.82
CA ALA D 618 21.14 -17.00 4.63
C ALA D 618 20.20 -17.76 3.71
N GLY D 628 11.35 -8.96 1.15
CA GLY D 628 12.44 -9.39 1.99
C GLY D 628 12.44 -8.71 3.34
N ALA D 629 11.75 -9.33 4.31
CA ALA D 629 11.68 -8.76 5.65
C ALA D 629 13.03 -8.84 6.34
N ALA D 630 13.55 -10.07 6.53
CA ALA D 630 14.85 -10.23 7.16
C ALA D 630 15.97 -9.75 6.25
N ASP D 631 15.77 -9.81 4.93
CA ASP D 631 16.81 -9.36 4.00
C ASP D 631 17.11 -7.88 4.19
N ARG D 632 16.15 -7.11 4.68
CA ARG D 632 16.42 -5.72 4.99
C ARG D 632 17.23 -5.57 6.28
N VAL D 633 16.89 -6.34 7.31
CA VAL D 633 17.57 -6.20 8.60
C VAL D 633 19.02 -6.62 8.49
N ILE D 634 19.30 -7.66 7.72
CA ILE D 634 20.68 -8.14 7.59
C ILE D 634 21.57 -7.05 6.98
N ASN D 635 21.07 -6.38 5.94
CA ASN D 635 21.86 -5.36 5.29
C ASN D 635 22.15 -4.20 6.24
N GLN D 636 21.14 -3.77 7.00
CA GLN D 636 21.39 -2.75 8.01
C GLN D 636 22.48 -3.19 8.97
N LEU D 637 22.39 -4.44 9.45
CA LEU D 637 23.42 -4.96 10.34
C LEU D 637 24.77 -5.04 9.64
N LEU D 638 24.78 -5.46 8.38
CA LEU D 638 26.02 -5.53 7.63
C LEU D 638 26.64 -4.15 7.44
N THR D 639 25.83 -3.17 7.05
CA THR D 639 26.35 -1.84 6.75
C THR D 639 26.90 -1.16 8.00
N GLU D 640 26.20 -1.31 9.13
CA GLU D 640 26.65 -0.65 10.36
C GLU D 640 28.01 -1.17 10.80
N MET D 641 28.24 -2.47 10.68
CA MET D 641 29.52 -3.03 11.07
C MET D 641 30.65 -2.44 10.24
N ASP D 642 30.45 -2.28 8.94
CA ASP D 642 31.45 -1.65 8.09
C ASP D 642 31.65 -0.19 8.48
N GLY D 643 30.60 0.48 8.93
CA GLY D 643 30.67 1.86 9.33
C GLY D 643 31.11 2.09 10.77
N MET D 644 31.46 1.02 11.48
CA MET D 644 31.90 1.11 12.86
C MET D 644 33.43 1.16 12.87
N SER D 645 33.98 2.32 13.20
CA SER D 645 35.43 2.46 13.26
C SER D 645 36.01 1.53 14.33
N ALA D 646 37.09 0.84 13.98
CA ALA D 646 37.68 -0.13 14.89
C ALA D 646 38.27 0.52 16.15
N LYS D 647 38.50 1.83 16.12
CA LYS D 647 39.16 2.51 17.23
C LYS D 647 38.18 2.99 18.31
N LYS D 648 36.88 2.78 18.13
CA LYS D 648 35.90 3.24 19.10
C LYS D 648 35.62 2.20 20.18
N ASN D 649 36.28 1.04 20.14
CA ASN D 649 36.17 0.02 21.19
C ASN D 649 34.73 -0.41 21.40
N VAL D 650 34.06 -0.76 20.30
CA VAL D 650 32.74 -1.37 20.33
C VAL D 650 32.89 -2.76 19.71
N PHE D 651 32.88 -3.79 20.55
CA PHE D 651 33.09 -5.16 20.12
C PHE D 651 31.73 -5.84 19.97
N ILE D 652 31.51 -6.47 18.81
CA ILE D 652 30.25 -7.11 18.48
C ILE D 652 30.44 -8.62 18.60
N ILE D 653 29.60 -9.26 19.41
CA ILE D 653 29.64 -10.71 19.62
C ILE D 653 28.32 -11.29 19.17
N GLY D 654 28.39 -12.32 18.31
CA GLY D 654 27.20 -13.01 17.86
C GLY D 654 27.19 -14.46 18.30
N ALA D 655 26.10 -14.91 18.91
CA ALA D 655 25.96 -16.26 19.40
C ALA D 655 24.94 -17.00 18.56
N THR D 656 25.35 -18.11 17.94
CA THR D 656 24.50 -18.92 17.09
C THR D 656 24.71 -20.34 17.45
N ASN D 657 23.65 -21.05 17.81
CA ASN D 657 23.72 -22.48 18.13
C ASN D 657 23.92 -23.18 16.79
N ARG D 658 23.21 -22.78 15.75
CA ARG D 658 23.34 -23.30 14.38
C ARG D 658 24.35 -22.48 13.57
N PRO D 659 25.64 -22.84 13.48
CA PRO D 659 26.62 -22.00 12.78
C PRO D 659 26.57 -22.12 11.27
N ASP D 660 26.12 -23.25 10.71
CA ASP D 660 26.14 -23.55 9.28
C ASP D 660 25.07 -22.79 8.51
N ILE D 661 24.09 -22.23 9.19
CA ILE D 661 22.99 -21.48 8.53
C ILE D 661 23.36 -20.00 8.43
N ILE D 662 24.37 -19.51 9.15
CA ILE D 662 24.68 -18.09 9.15
C ILE D 662 25.16 -17.69 7.76
N ASP D 663 24.64 -16.55 7.27
CA ASP D 663 25.06 -16.03 5.98
C ASP D 663 26.56 -15.78 5.97
N GLY D 664 27.22 -16.18 4.89
CA GLY D 664 28.65 -16.00 4.78
C GLY D 664 29.09 -14.56 4.70
N ALA D 665 28.15 -13.65 4.41
CA ALA D 665 28.50 -12.23 4.34
C ALA D 665 28.99 -11.73 5.70
N ILE D 666 28.33 -12.13 6.78
CA ILE D 666 28.71 -11.67 8.11
C ILE D 666 30.10 -12.18 8.46
N LEU D 667 30.41 -13.43 8.10
CA LEU D 667 31.68 -14.03 8.48
C LEU D 667 32.83 -13.61 7.57
N ARG D 668 32.67 -12.52 6.80
CA ARG D 668 33.76 -12.01 6.00
C ARG D 668 34.81 -11.37 6.91
N PRO D 669 36.03 -11.19 6.40
CA PRO D 669 37.09 -10.62 7.25
C PRO D 669 36.77 -9.26 7.80
N GLY D 670 35.90 -8.48 7.14
CA GLY D 670 35.70 -7.10 7.54
C GLY D 670 35.03 -6.96 8.90
N ARG D 671 33.98 -7.74 9.16
CA ARG D 671 33.06 -7.45 10.26
C ARG D 671 33.11 -8.51 11.36
N LEU D 672 32.85 -9.77 11.05
CA LEU D 672 32.90 -10.86 12.03
C LEU D 672 33.88 -11.89 11.49
N ASP D 673 35.16 -11.71 11.80
CA ASP D 673 36.22 -12.50 11.20
C ASP D 673 36.78 -13.55 12.15
N GLN D 674 36.34 -13.58 13.41
CA GLN D 674 36.86 -14.51 14.40
C GLN D 674 35.74 -15.41 14.88
N LEU D 675 35.97 -16.72 14.82
CA LEU D 675 35.02 -17.71 15.29
C LEU D 675 35.60 -18.42 16.50
N ILE D 676 34.85 -18.45 17.60
CA ILE D 676 35.27 -19.08 18.84
C ILE D 676 34.28 -20.18 19.19
N TYR D 677 34.80 -21.36 19.53
CA TYR D 677 33.98 -22.52 19.83
C TYR D 677 33.80 -22.64 21.34
N ILE D 678 32.55 -22.70 21.78
CA ILE D 678 32.23 -22.86 23.19
C ILE D 678 31.71 -24.29 23.40
N PRO D 679 32.52 -25.20 23.93
CA PRO D 679 32.11 -26.60 24.02
C PRO D 679 31.17 -26.82 25.20
N LEU D 680 30.76 -28.06 25.37
CA LEU D 680 29.99 -28.43 26.55
C LEU D 680 30.86 -28.23 27.79
N PRO D 681 30.29 -27.81 28.91
CA PRO D 681 31.14 -27.48 30.07
C PRO D 681 32.00 -28.66 30.50
N ASP D 682 33.25 -28.35 30.82
CA ASP D 682 34.19 -29.37 31.31
C ASP D 682 33.96 -29.59 32.80
N GLU D 683 34.81 -30.44 33.40
CA GLU D 683 34.61 -30.82 34.79
C GLU D 683 34.62 -29.60 35.70
N ALA D 684 35.60 -28.72 35.51
CA ALA D 684 35.69 -27.54 36.38
C ALA D 684 34.48 -26.64 36.21
N SER D 685 34.03 -26.43 34.96
CA SER D 685 32.91 -25.53 34.72
C SER D 685 31.61 -26.09 35.27
N ARG D 686 31.42 -27.41 35.20
CA ARG D 686 30.18 -28.01 35.68
C ARG D 686 30.00 -27.77 37.18
N VAL D 687 31.09 -27.79 37.95
CA VAL D 687 31.00 -27.50 39.37
C VAL D 687 30.41 -26.12 39.59
N ASN D 688 30.83 -25.14 38.77
CA ASN D 688 30.32 -23.79 38.93
C ASN D 688 28.87 -23.68 38.47
N ILE D 689 28.51 -24.38 37.39
CA ILE D 689 27.12 -24.35 36.93
C ILE D 689 26.20 -24.88 38.02
N LEU D 690 26.58 -26.00 38.63
CA LEU D 690 25.81 -26.52 39.76
C LEU D 690 25.85 -25.56 40.93
N LYS D 691 27.02 -24.99 41.21
CA LYS D 691 27.13 -24.04 42.32
C LYS D 691 26.27 -22.81 42.09
N ALA D 692 26.27 -22.29 40.86
CA ALA D 692 25.46 -21.10 40.57
C ALA D 692 23.97 -21.39 40.75
N ASN D 693 23.52 -22.55 40.30
CA ASN D 693 22.10 -22.90 40.46
C ASN D 693 21.73 -23.03 41.92
N LEU D 694 22.58 -23.68 42.71
CA LEU D 694 22.30 -23.95 44.11
C LEU D 694 22.81 -22.85 45.05
N ARG D 695 23.11 -21.67 44.51
CA ARG D 695 23.62 -20.59 45.36
C ARG D 695 22.60 -20.18 46.41
N LYS D 696 21.34 -20.03 46.02
CA LYS D 696 20.29 -19.59 46.91
C LYS D 696 19.53 -20.74 47.56
N SER D 697 19.87 -21.99 47.23
CA SER D 697 19.12 -23.14 47.72
C SER D 697 19.88 -23.79 48.86
N PRO D 698 19.30 -23.92 50.06
CA PRO D 698 20.02 -24.61 51.14
C PRO D 698 20.20 -26.09 50.86
N ILE D 699 21.45 -26.50 50.62
CA ILE D 699 21.77 -27.89 50.35
C ILE D 699 22.30 -28.54 51.61
N ALA D 700 22.21 -29.86 51.68
CA ALA D 700 22.69 -30.62 52.81
C ALA D 700 24.18 -30.93 52.65
N ARG D 701 24.87 -31.02 53.79
CA ARG D 701 26.32 -31.23 53.76
C ARG D 701 26.69 -32.55 53.10
N ASP D 702 25.78 -33.53 53.13
CA ASP D 702 26.06 -34.82 52.52
C ASP D 702 26.17 -34.75 51.00
N VAL D 703 25.74 -33.65 50.39
CA VAL D 703 25.75 -33.52 48.94
C VAL D 703 27.15 -33.16 48.49
N ASP D 704 27.70 -33.96 47.58
CA ASP D 704 29.03 -33.72 47.00
C ASP D 704 28.82 -33.12 45.61
N ILE D 705 28.92 -31.80 45.51
CA ILE D 705 28.75 -31.13 44.23
C ILE D 705 29.80 -31.59 43.24
N ASN D 706 31.03 -31.82 43.73
CA ASN D 706 32.10 -32.27 42.85
C ASN D 706 31.78 -33.63 42.25
N PHE D 707 31.15 -34.51 43.03
CA PHE D 707 30.80 -35.83 42.52
C PHE D 707 29.82 -35.73 41.35
N LEU D 708 28.81 -34.86 41.47
CA LEU D 708 27.83 -34.74 40.40
C LEU D 708 28.48 -34.29 39.10
N ALA D 709 29.38 -33.32 39.17
CA ALA D 709 30.06 -32.87 37.96
C ALA D 709 30.85 -34.00 37.32
N LYS D 710 31.55 -34.79 38.15
CA LYS D 710 32.27 -35.95 37.63
C LYS D 710 31.31 -36.97 37.03
N ALA D 711 30.10 -37.07 37.57
CA ALA D 711 29.15 -38.08 37.10
C ALA D 711 28.56 -37.70 35.76
N THR D 712 28.20 -36.43 35.58
CA THR D 712 27.51 -36.02 34.36
C THR D 712 28.38 -36.28 33.13
N GLN D 713 29.50 -35.58 33.03
CA GLN D 713 30.51 -35.82 31.99
C GLN D 713 29.86 -35.92 30.61
N GLY D 714 29.29 -34.80 30.17
CA GLY D 714 28.69 -34.74 28.85
C GLY D 714 27.41 -33.92 28.82
N PHE D 715 26.82 -33.70 29.98
CA PHE D 715 25.59 -32.93 30.06
C PHE D 715 25.85 -31.48 29.71
N SER D 716 24.94 -30.91 28.91
CA SER D 716 25.04 -29.49 28.58
C SER D 716 24.69 -28.65 29.81
N GLY D 717 24.81 -27.32 29.65
CA GLY D 717 24.48 -26.45 30.76
C GLY D 717 23.03 -26.52 31.17
N ALA D 718 22.12 -26.52 30.18
CA ALA D 718 20.70 -26.61 30.49
C ALA D 718 20.37 -27.92 31.19
N ASP D 719 21.09 -29.00 30.85
CA ASP D 719 20.83 -30.28 31.49
C ASP D 719 21.12 -30.22 32.98
N LEU D 720 22.22 -29.57 33.37
CA LEU D 720 22.53 -29.44 34.79
C LEU D 720 21.48 -28.61 35.51
N THR D 721 21.00 -27.54 34.87
CA THR D 721 19.96 -26.72 35.49
C THR D 721 18.69 -27.52 35.70
N GLU D 722 18.34 -28.38 34.75
CA GLU D 722 17.16 -29.23 34.91
C GLU D 722 17.33 -30.17 36.10
N ILE D 723 18.52 -30.73 36.26
CA ILE D 723 18.76 -31.64 37.39
C ILE D 723 18.56 -30.91 38.71
N CYS D 724 19.10 -29.70 38.82
CA CYS D 724 18.95 -28.94 40.06
C CYS D 724 17.50 -28.57 40.29
N GLN D 725 16.78 -28.16 39.25
CA GLN D 725 15.38 -27.78 39.42
C GLN D 725 14.53 -28.98 39.79
N ARG D 726 14.82 -30.16 39.21
CA ARG D 726 14.09 -31.35 39.60
C ARG D 726 14.30 -31.67 41.08
N ALA D 727 15.53 -31.53 41.57
CA ALA D 727 15.80 -31.75 42.97
C ALA D 727 15.02 -30.77 43.84
N CYS D 728 15.00 -29.49 43.44
CA CYS D 728 14.26 -28.51 44.21
C CYS D 728 12.76 -28.80 44.18
N LYS D 729 12.23 -29.21 43.02
CA LYS D 729 10.81 -29.51 42.91
C LYS D 729 10.43 -30.64 43.86
N GLN D 730 11.23 -31.71 43.90
CA GLN D 730 10.96 -32.79 44.83
C GLN D 730 11.06 -32.32 46.27
N ALA D 731 12.10 -31.54 46.58
CA ALA D 731 12.28 -31.06 47.95
C ALA D 731 11.06 -30.28 48.42
N ILE D 732 10.39 -29.57 47.51
CA ILE D 732 9.17 -28.89 47.88
C ILE D 732 8.06 -29.90 48.16
N ARG D 733 8.02 -31.00 47.41
CA ARG D 733 6.98 -32.00 47.61
C ARG D 733 7.07 -32.60 49.00
N GLU D 734 8.25 -33.10 49.38
CA GLU D 734 8.42 -33.65 50.71
C GLU D 734 8.28 -32.61 51.80
N SER D 735 8.33 -31.32 51.44
CA SER D 735 8.10 -30.26 52.41
C SER D 735 6.60 -29.94 52.54
N ILE D 736 5.89 -29.88 51.41
CA ILE D 736 4.45 -29.65 51.46
C ILE D 736 3.75 -30.89 52.00
N GLU D 737 4.18 -32.08 51.57
CA GLU D 737 3.58 -33.31 52.09
C GLU D 737 3.81 -33.43 53.59
N ALA D 738 5.01 -33.09 54.06
CA ALA D 738 5.28 -33.13 55.49
C ALA D 738 4.39 -32.15 56.25
N GLU D 739 4.15 -30.97 55.68
CA GLU D 739 3.28 -30.00 56.34
C GLU D 739 1.87 -30.53 56.50
N ILE D 740 1.34 -31.18 55.46
CA ILE D 740 -0.02 -31.71 55.53
C ILE D 740 -0.11 -32.78 56.61
N ARG D 741 0.88 -33.66 56.67
CA ARG D 741 0.87 -34.70 57.69
C ARG D 741 0.88 -34.09 59.09
N ALA D 742 1.66 -33.02 59.28
CA ALA D 742 1.66 -32.33 60.56
C ALA D 742 0.28 -31.76 60.88
N GLU D 743 -0.37 -31.16 59.88
CA GLU D 743 -1.70 -30.62 60.11
C GLU D 743 -2.70 -31.71 60.48
N SER D 744 -2.62 -32.86 59.80
CA SER D 744 -3.51 -33.97 60.14
C SER D 744 -3.26 -34.47 61.55
N GLU D 745 -1.99 -34.58 61.93
CA GLU D 745 -1.64 -35.03 63.28
C GLU D 745 -1.73 -33.89 64.28
N ASP D 756 12.30 -31.46 64.88
CA ASP D 756 12.26 -31.19 63.41
C ASP D 756 11.16 -30.18 63.11
N PHE D 757 11.26 -28.97 63.65
CA PHE D 757 10.24 -27.98 63.27
C PHE D 757 10.13 -27.88 61.75
N ASP D 758 11.27 -27.83 61.07
CA ASP D 758 11.31 -27.86 59.60
C ASP D 758 11.73 -29.25 59.15
N PRO D 759 10.78 -30.13 58.84
CA PRO D 759 11.17 -31.52 58.53
C PRO D 759 12.13 -31.66 57.37
N VAL D 760 12.02 -30.81 56.35
CA VAL D 760 12.88 -30.88 55.18
C VAL D 760 13.49 -29.49 54.96
N PRO D 761 14.55 -29.14 55.69
CA PRO D 761 15.11 -27.79 55.56
C PRO D 761 16.12 -27.66 54.43
N GLU D 762 16.71 -28.78 54.01
CA GLU D 762 17.74 -28.78 53.00
C GLU D 762 17.48 -29.89 51.99
N ILE D 763 18.01 -29.70 50.79
CA ILE D 763 17.88 -30.69 49.71
C ILE D 763 18.86 -31.81 50.02
N THR D 764 18.34 -32.93 50.51
CA THR D 764 19.18 -34.03 50.93
C THR D 764 19.81 -34.73 49.71
N ARG D 765 20.80 -35.57 49.98
CA ARG D 765 21.46 -36.31 48.92
C ARG D 765 20.49 -37.21 48.18
N ARG D 766 19.42 -37.66 48.86
CA ARG D 766 18.43 -38.51 48.20
C ARG D 766 17.74 -37.76 47.07
N HIS D 767 17.42 -36.48 47.28
CA HIS D 767 16.72 -35.71 46.27
C HIS D 767 17.53 -35.64 44.98
N PHE D 768 18.83 -35.37 45.08
CA PHE D 768 19.67 -35.32 43.89
C PHE D 768 19.78 -36.69 43.25
N GLU D 769 19.85 -37.76 44.06
CA GLU D 769 19.92 -39.11 43.51
C GLU D 769 18.72 -39.40 42.62
N GLU D 770 17.54 -38.96 43.03
CA GLU D 770 16.34 -39.18 42.22
C GLU D 770 16.46 -38.48 40.87
N ALA D 771 16.86 -37.21 40.89
CA ALA D 771 16.88 -36.43 39.66
C ALA D 771 17.86 -37.00 38.65
N MET D 772 19.03 -37.45 39.12
CA MET D 772 20.06 -37.93 38.21
C MET D 772 19.58 -39.14 37.40
N ARG D 773 18.72 -39.97 37.98
CA ARG D 773 18.31 -41.19 37.30
C ARG D 773 17.61 -40.89 35.97
N PHE D 774 16.73 -39.92 35.96
CA PHE D 774 15.95 -39.59 34.76
C PHE D 774 16.64 -38.56 33.87
N ALA D 775 17.78 -38.02 34.29
CA ALA D 775 18.49 -37.04 33.47
C ALA D 775 19.06 -37.70 32.23
N ARG D 776 18.95 -37.01 31.10
CA ARG D 776 19.44 -37.50 29.82
C ARG D 776 20.23 -36.40 29.11
N ARG D 777 21.26 -36.81 28.39
CA ARG D 777 22.04 -35.87 27.60
C ARG D 777 21.16 -35.21 26.55
N SER D 778 21.31 -33.88 26.40
CA SER D 778 20.52 -33.11 25.46
C SER D 778 21.29 -32.79 24.17
N VAL D 779 22.60 -32.98 24.14
CA VAL D 779 23.41 -32.75 22.96
C VAL D 779 23.99 -34.09 22.54
N THR D 780 23.57 -34.57 21.37
CA THR D 780 24.00 -35.87 20.89
C THR D 780 25.49 -35.85 20.55
N GLU D 781 26.13 -37.01 20.68
CA GLU D 781 27.53 -37.13 20.30
C GLU D 781 27.76 -36.75 18.85
N ASN D 782 26.77 -37.02 17.99
CA ASN D 782 26.86 -36.59 16.60
C ASN D 782 26.89 -35.07 16.49
N ASP D 783 26.07 -34.39 17.31
CA ASP D 783 26.03 -32.93 17.27
C ASP D 783 27.38 -32.33 17.65
N VAL D 784 28.04 -32.89 18.67
CA VAL D 784 29.35 -32.40 19.06
C VAL D 784 30.33 -32.51 17.90
N ARG D 785 30.28 -33.62 17.16
CA ARG D 785 31.16 -33.79 16.02
C ARG D 785 30.88 -32.74 14.95
N LYS D 786 29.61 -32.43 14.71
CA LYS D 786 29.26 -31.47 13.68
C LYS D 786 29.87 -30.10 13.97
N TYR D 787 29.78 -29.65 15.23
CA TYR D 787 30.32 -28.34 15.57
C TYR D 787 31.83 -28.31 15.41
N GLU D 788 32.51 -29.41 15.76
CA GLU D 788 33.95 -29.47 15.60
C GLU D 788 34.36 -29.23 14.15
N MET D 789 33.60 -29.79 13.21
CA MET D 789 33.96 -29.70 11.81
C MET D 789 33.65 -28.35 11.18
N PHE D 790 32.81 -27.53 11.82
CA PHE D 790 32.43 -26.26 11.19
C PHE D 790 33.64 -25.33 11.06
N ALA D 791 34.63 -25.46 11.94
CA ALA D 791 35.81 -24.60 11.84
C ALA D 791 36.52 -24.80 10.50
N GLN D 792 36.40 -25.99 9.92
CA GLN D 792 37.03 -26.29 8.63
C GLN D 792 36.05 -26.24 7.46
N THR D 793 34.77 -26.52 7.71
CA THR D 793 33.80 -26.56 6.61
C THR D 793 33.66 -25.19 5.96
N LEU D 794 33.62 -24.13 6.75
CA LEU D 794 33.47 -22.78 6.23
C LEU D 794 34.65 -22.42 5.33
N GLU E 229 -34.31 13.43 40.27
CA GLU E 229 -33.30 13.90 41.22
C GLU E 229 -32.56 12.73 41.84
N LYS E 230 -32.65 11.55 41.21
CA LYS E 230 -31.98 10.37 41.73
C LYS E 230 -30.47 10.41 41.55
N LEU E 231 -29.94 11.40 40.80
CA LEU E 231 -28.51 11.50 40.61
C LEU E 231 -27.80 11.72 41.94
N ASN E 232 -28.35 12.57 42.80
CA ASN E 232 -27.73 12.87 44.08
C ASN E 232 -27.75 11.69 45.04
N GLU E 233 -28.52 10.65 44.76
CA GLU E 233 -28.63 9.49 45.64
C GLU E 233 -27.97 8.25 45.06
N ILE E 234 -27.23 8.37 43.97
CA ILE E 234 -26.55 7.22 43.38
C ILE E 234 -25.37 6.85 44.26
N GLY E 235 -25.38 5.64 44.81
CA GLY E 235 -24.31 5.17 45.66
C GLY E 235 -23.63 3.93 45.11
N TYR E 236 -22.86 3.24 45.95
CA TYR E 236 -22.19 2.01 45.52
C TYR E 236 -23.19 0.90 45.26
N ASP E 237 -24.27 0.85 46.04
CA ASP E 237 -25.28 -0.19 45.87
C ASP E 237 -26.04 -0.08 44.56
N ASP E 238 -25.94 1.05 43.86
CA ASP E 238 -26.70 1.30 42.65
C ASP E 238 -25.89 1.03 41.38
N ILE E 239 -24.69 0.46 41.50
CA ILE E 239 -23.90 0.07 40.34
C ILE E 239 -23.73 -1.44 40.39
N GLY E 240 -23.62 -2.05 39.21
CA GLY E 240 -23.70 -3.48 39.09
C GLY E 240 -22.39 -4.23 39.22
N GLY E 241 -22.04 -4.99 38.20
CA GLY E 241 -20.94 -5.94 38.28
C GLY E 241 -19.56 -5.33 38.26
N CYS E 242 -19.27 -4.49 39.26
CA CYS E 242 -17.93 -3.96 39.45
C CYS E 242 -17.59 -3.97 40.94
N ARG E 243 -17.97 -5.05 41.63
CA ARG E 243 -17.77 -5.11 43.07
C ARG E 243 -16.30 -5.05 43.42
N LYS E 244 -15.46 -5.79 42.69
CA LYS E 244 -14.02 -5.75 42.96
C LYS E 244 -13.43 -4.38 42.65
N GLN E 245 -13.83 -3.79 41.53
CA GLN E 245 -13.27 -2.50 41.14
C GLN E 245 -13.79 -1.37 42.03
N LEU E 246 -15.07 -1.43 42.42
CA LEU E 246 -15.60 -0.40 43.30
C LEU E 246 -14.87 -0.37 44.63
N ALA E 247 -14.55 -1.54 45.18
CA ALA E 247 -13.76 -1.59 46.40
C ALA E 247 -12.38 -0.98 46.18
N GLN E 248 -11.77 -1.27 45.03
CA GLN E 248 -10.47 -0.69 44.71
C GLN E 248 -10.56 0.83 44.63
N ILE E 249 -11.58 1.34 43.94
CA ILE E 249 -11.72 2.79 43.81
C ILE E 249 -12.12 3.40 45.14
N LYS E 250 -12.96 2.71 45.91
CA LYS E 250 -13.32 3.21 47.24
C LYS E 250 -12.08 3.46 48.08
N GLU E 251 -11.07 2.59 47.95
CA GLU E 251 -9.83 2.78 48.70
C GLU E 251 -8.99 3.91 48.11
N MET E 252 -8.92 4.00 46.78
CA MET E 252 -8.04 4.98 46.15
C MET E 252 -8.57 6.40 46.32
N VAL E 253 -9.89 6.58 46.23
CA VAL E 253 -10.49 7.91 46.14
C VAL E 253 -11.18 8.30 47.45
N GLU E 254 -12.11 7.47 47.92
CA GLU E 254 -12.90 7.85 49.09
C GLU E 254 -12.03 8.02 50.33
N LEU E 255 -11.12 7.08 50.56
CA LEU E 255 -10.35 7.11 51.81
C LEU E 255 -9.43 8.33 51.91
N PRO E 256 -8.63 8.69 50.90
CA PRO E 256 -7.85 9.92 51.02
C PRO E 256 -8.71 11.16 51.22
N LEU E 257 -9.85 11.26 50.54
CA LEU E 257 -10.69 12.43 50.69
C LEU E 257 -11.36 12.47 52.05
N ARG E 258 -11.77 11.32 52.58
CA ARG E 258 -12.46 11.29 53.85
C ARG E 258 -11.48 11.49 55.01
N HIS E 259 -10.28 10.94 54.92
CA HIS E 259 -9.26 11.04 55.96
C HIS E 259 -7.93 11.43 55.35
N PRO E 260 -7.80 12.68 54.88
CA PRO E 260 -6.50 13.11 54.34
C PRO E 260 -5.38 13.06 55.35
N GLN E 261 -5.68 13.14 56.64
CA GLN E 261 -4.62 13.19 57.65
C GLN E 261 -3.78 11.92 57.64
N LEU E 262 -4.42 10.76 57.54
CA LEU E 262 -3.68 9.49 57.67
C LEU E 262 -2.73 9.29 56.51
N PHE E 263 -3.20 9.50 55.28
CA PHE E 263 -2.35 9.30 54.12
C PHE E 263 -1.17 10.27 54.12
N LYS E 264 -1.43 11.53 54.44
CA LYS E 264 -0.36 12.52 54.51
C LYS E 264 0.66 12.16 55.59
N ALA E 265 0.18 11.58 56.69
CA ALA E 265 1.08 11.24 57.79
C ALA E 265 2.16 10.27 57.33
N ILE E 266 1.76 9.17 56.68
CA ILE E 266 2.73 8.18 56.23
C ILE E 266 3.49 8.68 55.02
N GLY E 267 2.80 9.27 54.05
CA GLY E 267 3.44 9.82 52.88
C GLY E 267 2.82 9.42 51.56
N VAL E 268 1.75 8.62 51.60
CA VAL E 268 1.09 8.22 50.36
C VAL E 268 0.55 9.45 49.65
N LYS E 269 0.65 9.44 48.32
CA LYS E 269 0.11 10.51 47.49
C LYS E 269 -1.10 9.99 46.74
N PRO E 270 -2.31 10.49 47.01
CA PRO E 270 -3.48 9.93 46.35
C PRO E 270 -3.41 10.15 44.85
N PRO E 271 -4.06 9.29 44.07
CA PRO E 271 -3.92 9.37 42.61
C PRO E 271 -4.45 10.67 42.05
N ARG E 272 -3.84 11.12 40.97
CA ARG E 272 -4.27 12.31 40.25
C ARG E 272 -5.33 11.97 39.21
N GLY E 273 -5.03 11.05 38.31
CA GLY E 273 -5.94 10.66 37.26
C GLY E 273 -6.24 9.17 37.23
N ILE E 274 -7.51 8.81 37.30
CA ILE E 274 -7.96 7.43 37.22
C ILE E 274 -8.74 7.27 35.92
N LEU E 275 -8.28 6.36 35.07
CA LEU E 275 -8.90 6.12 33.77
C LEU E 275 -9.61 4.77 33.83
N LEU E 276 -10.94 4.80 33.70
CA LEU E 276 -11.76 3.60 33.70
C LEU E 276 -12.08 3.22 32.26
N TYR E 277 -11.74 2.00 31.88
CA TYR E 277 -11.97 1.54 30.51
C TYR E 277 -12.66 0.18 30.54
N GLY E 278 -13.22 -0.18 29.38
CA GLY E 278 -13.95 -1.41 29.24
C GLY E 278 -15.00 -1.32 28.15
N PRO E 279 -15.79 -2.37 28.00
CA PRO E 279 -16.83 -2.37 26.96
C PRO E 279 -17.93 -1.39 27.30
N PRO E 280 -18.65 -0.87 26.29
CA PRO E 280 -19.72 0.09 26.57
C PRO E 280 -20.85 -0.53 27.37
N GLY E 281 -21.53 0.30 28.14
CA GLY E 281 -22.69 -0.11 28.89
C GLY E 281 -22.40 -0.85 30.17
N THR E 282 -21.13 -1.00 30.55
CA THR E 282 -20.80 -1.74 31.76
C THR E 282 -21.35 -1.04 33.00
N GLY E 283 -21.26 0.29 33.05
CA GLY E 283 -21.69 1.04 34.20
C GLY E 283 -20.57 1.88 34.78
N LYS E 284 -19.48 2.04 34.02
CA LYS E 284 -18.36 2.84 34.48
C LYS E 284 -18.72 4.32 34.60
N THR E 285 -19.75 4.78 33.88
CA THR E 285 -20.09 6.19 33.92
C THR E 285 -20.73 6.60 35.24
N LEU E 286 -21.34 5.66 35.96
CA LEU E 286 -21.93 5.95 37.26
C LEU E 286 -20.94 5.79 38.40
N VAL E 287 -19.77 5.21 38.16
CA VAL E 287 -18.82 4.98 39.24
C VAL E 287 -18.31 6.31 39.80
N ALA E 288 -18.01 7.27 38.93
CA ALA E 288 -17.49 8.55 39.39
C ALA E 288 -18.48 9.24 40.32
N ARG E 289 -19.76 9.27 39.93
CA ARG E 289 -20.77 9.90 40.77
C ARG E 289 -20.97 9.12 42.07
N ALA E 290 -20.96 7.79 41.98
CA ALA E 290 -21.14 6.98 43.18
C ALA E 290 -20.02 7.22 44.18
N VAL E 291 -18.79 7.28 43.70
CA VAL E 291 -17.66 7.57 44.59
C VAL E 291 -17.79 8.97 45.18
N ALA E 292 -18.17 9.95 44.35
CA ALA E 292 -18.29 11.32 44.82
C ALA E 292 -19.40 11.44 45.86
N ASN E 293 -20.55 10.82 45.60
CA ASN E 293 -21.69 10.99 46.50
C ASN E 293 -21.40 10.43 47.89
N GLU E 294 -20.79 9.25 47.96
CA GLU E 294 -20.54 8.62 49.25
C GLU E 294 -19.32 9.20 49.95
N SER E 295 -18.45 9.91 49.24
CA SER E 295 -17.32 10.59 49.85
C SER E 295 -17.61 12.05 50.17
N GLY E 296 -18.84 12.50 49.94
CA GLY E 296 -19.19 13.88 50.22
C GLY E 296 -18.41 14.90 49.42
N SER E 297 -17.96 14.51 48.22
CA SER E 297 -17.16 15.39 47.38
C SER E 297 -18.05 16.16 46.40
N PHE E 298 -17.43 17.02 45.61
CA PHE E 298 -18.12 17.79 44.58
C PHE E 298 -17.84 17.17 43.22
N PHE E 299 -18.90 16.97 42.45
CA PHE E 299 -18.83 16.29 41.16
C PHE E 299 -19.09 17.30 40.05
N PHE E 300 -18.06 17.59 39.27
CA PHE E 300 -18.18 18.39 38.05
C PHE E 300 -18.01 17.47 36.87
N LEU E 301 -19.00 17.43 35.99
CA LEU E 301 -19.01 16.51 34.86
C LEU E 301 -18.51 17.20 33.61
N ILE E 302 -17.74 16.46 32.81
CA ILE E 302 -17.27 16.93 31.51
C ILE E 302 -17.61 15.85 30.49
N ASN E 303 -18.40 16.21 29.49
CA ASN E 303 -18.79 15.29 28.43
C ASN E 303 -18.00 15.63 27.17
N GLY E 304 -17.36 14.62 26.59
CA GLY E 304 -16.54 14.82 25.42
C GLY E 304 -17.35 15.41 24.28
N PRO E 305 -18.52 14.83 23.99
CA PRO E 305 -19.38 15.43 22.97
C PRO E 305 -19.77 16.87 23.27
N GLU E 306 -20.04 17.18 24.54
CA GLU E 306 -20.48 18.53 24.87
C GLU E 306 -19.37 19.56 24.61
N ILE E 307 -18.15 19.26 25.04
CA ILE E 307 -17.07 20.23 24.91
C ILE E 307 -16.67 20.38 23.45
N MET E 308 -16.70 19.30 22.68
CA MET E 308 -16.34 19.36 21.27
C MET E 308 -17.50 19.83 20.39
N SER E 309 -18.67 20.07 20.96
CA SER E 309 -19.80 20.62 20.23
C SER E 309 -19.86 22.14 20.32
N LYS E 310 -18.87 22.77 20.93
CA LYS E 310 -18.85 24.21 21.13
C LYS E 310 -17.72 24.84 20.33
N LEU E 311 -17.77 26.16 20.20
CA LEU E 311 -16.83 26.88 19.35
C LEU E 311 -15.41 26.75 19.88
N ALA E 312 -14.44 27.29 19.15
CA ALA E 312 -13.04 27.11 19.51
C ALA E 312 -12.75 27.69 20.90
N GLY E 313 -13.25 28.90 21.17
CA GLY E 313 -12.98 29.54 22.43
C GLY E 313 -13.79 28.98 23.59
N GLU E 314 -15.05 28.64 23.33
CA GLU E 314 -15.92 28.18 24.41
C GLU E 314 -15.52 26.80 24.91
N SER E 315 -15.03 25.93 24.01
CA SER E 315 -14.60 24.60 24.43
C SER E 315 -13.47 24.67 25.44
N GLU E 316 -12.49 25.55 25.18
CA GLU E 316 -11.37 25.67 26.11
C GLU E 316 -11.78 26.38 27.39
N SER E 317 -12.69 27.34 27.31
CA SER E 317 -13.16 28.03 28.51
C SER E 317 -13.86 27.05 29.45
N ASN E 318 -14.66 26.14 28.90
CA ASN E 318 -15.38 25.19 29.75
C ASN E 318 -14.41 24.26 30.48
N LEU E 319 -13.36 23.81 29.80
CA LEU E 319 -12.35 23.01 30.48
C LEU E 319 -11.70 23.79 31.61
N ARG E 320 -11.32 25.04 31.33
CA ARG E 320 -10.72 25.87 32.37
C ARG E 320 -11.70 26.14 33.50
N LYS E 321 -12.96 26.45 33.16
CA LYS E 321 -13.95 26.69 34.19
C LYS E 321 -14.23 25.44 35.00
N ALA E 322 -14.14 24.26 34.37
CA ALA E 322 -14.35 23.02 35.10
C ALA E 322 -13.26 22.80 36.13
N PHE E 323 -12.00 22.93 35.73
CA PHE E 323 -10.90 22.76 36.67
C PHE E 323 -10.86 23.91 37.67
N GLU E 324 -11.12 25.14 37.21
CA GLU E 324 -11.15 26.27 38.12
C GLU E 324 -12.25 26.10 39.17
N GLU E 325 -13.44 25.67 38.75
CA GLU E 325 -14.51 25.45 39.70
C GLU E 325 -14.21 24.29 40.63
N ALA E 326 -13.51 23.27 40.14
CA ALA E 326 -13.19 22.12 40.98
C ALA E 326 -12.27 22.52 42.14
N GLU E 327 -11.24 23.32 41.85
CA GLU E 327 -10.33 23.74 42.92
C GLU E 327 -11.03 24.60 43.95
N LYS E 328 -11.97 25.45 43.51
CA LYS E 328 -12.69 26.31 44.44
C LYS E 328 -13.48 25.48 45.44
N ASN E 329 -14.10 24.39 44.99
CA ASN E 329 -14.99 23.57 45.81
C ASN E 329 -14.35 22.25 46.21
N ALA E 330 -13.03 22.22 46.35
CA ALA E 330 -12.35 20.99 46.74
C ALA E 330 -12.76 20.59 48.16
N PRO E 331 -12.76 19.29 48.47
CA PRO E 331 -12.40 18.15 47.62
C PRO E 331 -13.44 17.90 46.53
N ALA E 332 -13.01 17.50 45.34
CA ALA E 332 -13.93 17.39 44.21
C ALA E 332 -13.43 16.31 43.26
N ILE E 333 -14.34 15.84 42.41
CA ILE E 333 -14.05 14.87 41.38
C ILE E 333 -14.49 15.44 40.04
N ILE E 334 -13.60 15.39 39.05
CA ILE E 334 -13.91 15.78 37.69
C ILE E 334 -13.97 14.52 36.84
N PHE E 335 -15.08 14.32 36.15
CA PHE E 335 -15.31 13.11 35.36
C PHE E 335 -15.39 13.50 33.89
N ILE E 336 -14.42 13.04 33.11
CA ILE E 336 -14.41 13.23 31.66
C ILE E 336 -14.98 11.95 31.05
N ASP E 337 -16.23 12.03 30.57
CA ASP E 337 -16.98 10.82 30.26
C ASP E 337 -16.50 10.14 28.98
N GLU E 338 -16.03 10.91 28.00
CA GLU E 338 -15.66 10.39 26.68
C GLU E 338 -14.26 10.87 26.32
N LEU E 339 -13.32 10.66 27.24
CA LEU E 339 -11.96 11.18 27.08
C LEU E 339 -11.41 10.93 25.68
N ASP E 340 -11.86 9.87 25.01
CA ASP E 340 -11.40 9.63 23.64
C ASP E 340 -11.81 10.76 22.71
N ALA E 341 -12.99 11.33 22.92
CA ALA E 341 -13.46 12.42 22.06
C ALA E 341 -12.59 13.67 22.23
N ILE E 342 -12.31 14.05 23.48
CA ILE E 342 -11.54 15.26 23.72
C ILE E 342 -10.11 15.10 23.24
N ALA E 343 -9.49 13.96 23.56
CA ALA E 343 -8.06 13.75 23.33
C ALA E 343 -7.85 12.43 22.59
N PRO E 344 -8.24 12.38 21.33
CA PRO E 344 -7.96 11.18 20.53
C PRO E 344 -6.48 11.05 20.21
N LYS E 345 -6.10 10.00 19.47
CA LYS E 345 -4.71 9.85 19.07
C LYS E 345 -4.28 11.02 18.20
N ARG E 346 -3.02 11.44 18.35
CA ARG E 346 -2.54 12.62 17.64
C ARG E 346 -2.62 12.45 16.13
N GLU E 347 -2.69 11.20 15.64
CA GLU E 347 -2.82 10.97 14.21
C GLU E 347 -4.25 11.14 13.72
N LYS E 348 -5.21 11.33 14.62
CA LYS E 348 -6.61 11.50 14.25
C LYS E 348 -7.09 12.94 14.36
N THR E 349 -6.31 13.84 14.97
CA THR E 349 -6.76 15.21 15.17
C THR E 349 -7.02 15.90 13.84
N HIS E 350 -5.97 16.08 13.05
CA HIS E 350 -6.07 16.74 11.74
C HIS E 350 -6.76 18.09 11.86
N GLY E 351 -6.22 18.93 12.73
CA GLY E 351 -6.78 20.25 12.94
C GLY E 351 -5.94 21.04 13.93
N GLU E 352 -6.36 22.27 14.15
CA GLU E 352 -5.70 23.17 15.10
C GLU E 352 -6.50 23.32 16.38
N VAL E 353 -7.80 23.55 16.27
CA VAL E 353 -8.64 23.63 17.47
C VAL E 353 -8.64 22.31 18.21
N GLU E 354 -8.75 21.20 17.48
CA GLU E 354 -8.76 19.89 18.11
C GLU E 354 -7.43 19.61 18.82
N ARG E 355 -6.31 19.97 18.19
CA ARG E 355 -5.02 19.77 18.82
C ARG E 355 -4.74 20.78 19.93
N ARG E 356 -5.43 21.91 19.93
CA ARG E 356 -5.27 22.89 21.00
C ARG E 356 -5.96 22.44 22.28
N ILE E 357 -7.15 21.86 22.16
CA ILE E 357 -7.87 21.41 23.34
C ILE E 357 -7.15 20.24 24.00
N VAL E 358 -6.53 19.37 23.20
CA VAL E 358 -5.73 18.29 23.76
C VAL E 358 -4.59 18.85 24.60
N SER E 359 -3.87 19.83 24.05
CA SER E 359 -2.77 20.44 24.77
C SER E 359 -3.27 21.19 26.00
N GLN E 360 -4.41 21.87 25.87
CA GLN E 360 -4.97 22.58 27.02
C GLN E 360 -5.34 21.61 28.14
N LEU E 361 -5.89 20.44 27.78
CA LEU E 361 -6.19 19.43 28.79
C LEU E 361 -4.94 18.98 29.51
N LEU E 362 -3.84 18.77 28.76
CA LEU E 362 -2.59 18.36 29.39
C LEU E 362 -2.10 19.42 30.37
N THR E 363 -2.19 20.69 29.98
CA THR E 363 -1.75 21.77 30.86
C THR E 363 -2.53 21.79 32.16
N LEU E 364 -3.86 21.63 32.07
CA LEU E 364 -4.67 21.62 33.28
C LEU E 364 -4.35 20.41 34.14
N MET E 365 -4.12 19.25 33.53
CA MET E 365 -3.76 18.06 34.30
C MET E 365 -2.46 18.28 35.05
N ASP E 366 -1.48 18.89 34.40
CA ASP E 366 -0.20 19.19 35.03
C ASP E 366 -0.26 20.45 35.88
N GLY E 367 -1.45 21.00 36.09
CA GLY E 367 -1.61 22.18 36.93
C GLY E 367 -2.04 21.82 38.33
N LEU E 368 -2.59 20.62 38.50
CA LEU E 368 -2.90 20.15 39.84
C LEU E 368 -1.66 20.24 40.70
N LYS E 369 -1.85 20.51 42.00
CA LYS E 369 -0.76 20.86 42.89
C LYS E 369 -0.42 19.76 43.88
N GLN E 370 -0.95 18.54 43.67
CA GLN E 370 -0.66 17.41 44.54
C GLN E 370 -1.17 17.66 45.95
N ARG E 371 -1.79 18.82 46.17
CA ARG E 371 -2.40 19.17 47.43
C ARG E 371 -3.74 19.87 47.22
N SER E 372 -4.23 19.93 45.98
CA SER E 372 -5.48 20.61 45.69
C SER E 372 -6.69 19.78 46.12
N HIS E 373 -6.55 18.46 46.19
CA HIS E 373 -7.60 17.53 46.56
C HIS E 373 -8.63 17.38 45.45
N VAL E 374 -8.25 17.63 44.20
CA VAL E 374 -9.10 17.45 43.03
C VAL E 374 -8.63 16.20 42.32
N ILE E 375 -9.52 15.22 42.19
CA ILE E 375 -9.21 13.92 41.59
C ILE E 375 -9.94 13.83 40.27
N VAL E 376 -9.17 13.70 39.18
CA VAL E 376 -9.73 13.62 37.84
C VAL E 376 -9.97 12.16 37.49
N MET E 377 -11.18 11.85 37.03
CA MET E 377 -11.55 10.52 36.59
C MET E 377 -12.00 10.59 35.14
N ALA E 378 -11.67 9.55 34.37
CA ALA E 378 -11.97 9.53 32.94
C ALA E 378 -12.52 8.15 32.56
N ALA E 379 -13.26 8.12 31.46
CA ALA E 379 -13.82 6.90 30.93
C ALA E 379 -13.56 6.83 29.43
N THR E 380 -13.14 5.65 28.97
CA THR E 380 -12.85 5.43 27.56
C THR E 380 -13.15 3.99 27.21
N ASN E 381 -13.42 3.74 25.93
CA ASN E 381 -13.71 2.38 25.49
C ASN E 381 -12.46 1.52 25.50
N ARG E 382 -11.34 2.05 24.99
CA ARG E 382 -10.06 1.35 25.00
C ARG E 382 -8.98 2.36 25.33
N PRO E 383 -8.07 2.05 26.25
CA PRO E 383 -7.04 3.04 26.63
C PRO E 383 -6.16 3.46 25.46
N ASN E 384 -5.93 2.57 24.49
CA ASN E 384 -5.10 2.92 23.35
C ASN E 384 -5.74 4.02 22.51
N SER E 385 -7.03 4.27 22.68
CA SER E 385 -7.67 5.37 21.95
C SER E 385 -7.19 6.72 22.45
N VAL E 386 -6.93 6.84 23.76
CA VAL E 386 -6.47 8.10 24.31
C VAL E 386 -5.06 8.40 23.83
N ASP E 387 -4.73 9.68 23.76
CA ASP E 387 -3.40 10.07 23.31
C ASP E 387 -2.36 9.59 24.31
N PRO E 388 -1.20 9.10 23.85
CA PRO E 388 -0.19 8.61 24.79
C PRO E 388 0.26 9.65 25.79
N ALA E 389 0.30 10.93 25.41
CA ALA E 389 0.79 11.96 26.31
C ALA E 389 -0.04 12.06 27.58
N LEU E 390 -1.33 11.72 27.50
CA LEU E 390 -2.18 11.79 28.68
C LEU E 390 -1.87 10.69 29.69
N ARG E 391 -1.30 9.57 29.25
CA ARG E 391 -1.03 8.43 30.12
C ARG E 391 0.36 8.48 30.73
N ARG E 392 0.98 9.66 30.78
CA ARG E 392 2.27 9.81 31.44
C ARG E 392 2.10 9.60 32.94
N PHE E 393 3.23 9.54 33.65
CA PHE E 393 3.22 9.23 35.07
C PHE E 393 2.56 10.31 35.92
N GLY E 394 2.31 11.49 35.37
CA GLY E 394 1.75 12.57 36.16
C GLY E 394 0.33 12.95 35.81
N ARG E 395 -0.21 12.38 34.73
CA ARG E 395 -1.50 12.78 34.21
C ARG E 395 -2.56 11.70 34.38
N PHE E 396 -2.33 10.50 33.84
CA PHE E 396 -3.27 9.37 34.00
C PHE E 396 -2.39 8.14 34.22
N ASP E 397 -2.11 7.85 35.50
CA ASP E 397 -1.19 6.78 35.85
C ASP E 397 -1.89 5.50 36.29
N ARG E 398 -3.12 5.60 36.79
CA ARG E 398 -3.86 4.43 37.24
C ARG E 398 -5.01 4.15 36.27
N GLU E 399 -5.06 2.93 35.75
CA GLU E 399 -6.10 2.49 34.83
C GLU E 399 -6.82 1.29 35.44
N ILE E 400 -8.14 1.34 35.40
CA ILE E 400 -8.98 0.26 35.92
C ILE E 400 -9.91 -0.19 34.79
N GLU E 401 -10.09 -1.51 34.68
CA GLU E 401 -10.94 -2.10 33.66
C GLU E 401 -12.23 -2.57 34.31
N ILE E 402 -13.35 -2.02 33.86
CA ILE E 402 -14.68 -2.47 34.25
C ILE E 402 -15.18 -3.33 33.09
N GLY E 403 -14.99 -4.65 33.21
CA GLY E 403 -15.27 -5.56 32.13
C GLY E 403 -16.62 -6.23 32.26
N ILE E 404 -16.79 -7.31 31.48
CA ILE E 404 -18.06 -8.03 31.47
C ILE E 404 -18.33 -8.62 32.84
N PRO E 405 -19.52 -8.44 33.42
CA PRO E 405 -19.80 -9.04 34.73
C PRO E 405 -19.84 -10.55 34.65
N ASP E 406 -19.50 -11.19 35.76
CA ASP E 406 -19.62 -12.62 35.89
C ASP E 406 -21.08 -12.96 36.25
N SER E 407 -21.35 -14.23 36.56
CA SER E 407 -22.72 -14.61 36.89
C SER E 407 -23.19 -13.95 38.18
N ILE E 408 -22.30 -13.76 39.14
CA ILE E 408 -22.68 -13.07 40.37
C ILE E 408 -22.96 -11.60 40.08
N GLY E 409 -22.15 -10.98 39.24
CA GLY E 409 -22.38 -9.58 38.89
C GLY E 409 -23.66 -9.38 38.12
N ARG E 410 -24.00 -10.30 37.22
CA ARG E 410 -25.22 -10.17 36.45
C ARG E 410 -26.44 -10.17 37.36
N LEU E 411 -26.44 -11.05 38.38
CA LEU E 411 -27.56 -11.07 39.32
C LEU E 411 -27.70 -9.74 40.04
N GLU E 412 -26.57 -9.11 40.37
CA GLU E 412 -26.62 -7.80 41.01
C GLU E 412 -27.24 -6.77 40.09
N ILE E 413 -26.88 -6.79 38.80
CA ILE E 413 -27.44 -5.84 37.85
C ILE E 413 -28.94 -6.05 37.72
N LEU E 414 -29.36 -7.31 37.57
CA LEU E 414 -30.79 -7.59 37.40
C LEU E 414 -31.59 -7.15 38.61
N ARG E 415 -31.05 -7.39 39.81
CA ARG E 415 -31.75 -6.94 41.02
C ARG E 415 -31.88 -5.42 41.02
N ILE E 416 -30.86 -4.71 40.54
CA ILE E 416 -30.92 -3.25 40.47
C ILE E 416 -32.01 -2.81 39.50
N HIS E 417 -32.08 -3.45 38.34
CA HIS E 417 -32.99 -3.03 37.28
C HIS E 417 -34.42 -3.49 37.49
N THR E 418 -34.67 -4.42 38.41
CA THR E 418 -36.01 -4.93 38.68
C THR E 418 -36.57 -4.38 40.00
N ARG E 419 -35.97 -3.33 40.55
CA ARG E 419 -36.50 -2.75 41.77
C ARG E 419 -37.87 -2.12 41.55
N ASN E 420 -38.12 -1.58 40.37
CA ASN E 420 -39.39 -0.97 40.03
C ASN E 420 -40.34 -1.93 39.32
N ILE E 421 -39.82 -2.83 38.49
CA ILE E 421 -40.66 -3.78 37.77
C ILE E 421 -41.25 -4.78 38.75
N ARG E 422 -42.56 -4.97 38.67
CA ARG E 422 -43.20 -6.00 39.48
C ARG E 422 -42.85 -7.37 38.94
N LEU E 423 -42.45 -8.27 39.84
CA LEU E 423 -41.99 -9.60 39.46
C LEU E 423 -42.92 -10.66 40.04
N ALA E 424 -43.26 -11.65 39.23
CA ALA E 424 -44.08 -12.75 39.71
C ALA E 424 -43.28 -13.63 40.67
N GLU E 425 -44.02 -14.37 41.50
CA GLU E 425 -43.39 -15.21 42.51
C GLU E 425 -42.62 -16.38 41.90
N ASP E 426 -42.80 -16.65 40.61
CA ASP E 426 -42.18 -17.80 39.96
C ASP E 426 -40.88 -17.45 39.25
N VAL E 427 -40.40 -16.22 39.38
CA VAL E 427 -39.18 -15.78 38.70
C VAL E 427 -38.00 -16.01 39.63
N GLU E 428 -37.00 -16.73 39.14
CA GLU E 428 -35.74 -16.97 39.86
C GLU E 428 -34.65 -16.27 39.07
N LEU E 429 -34.38 -15.01 39.44
CA LEU E 429 -33.42 -14.20 38.69
C LEU E 429 -32.03 -14.84 38.69
N GLU E 430 -31.73 -15.72 39.65
CA GLU E 430 -30.44 -16.37 39.66
C GLU E 430 -30.23 -17.20 38.39
N LYS E 431 -31.27 -17.92 37.96
CA LYS E 431 -31.16 -18.75 36.76
C LYS E 431 -30.95 -17.89 35.51
N ILE E 432 -31.65 -16.75 35.43
CA ILE E 432 -31.52 -15.90 34.24
C ILE E 432 -30.11 -15.35 34.14
N ALA E 433 -29.51 -15.00 35.28
CA ALA E 433 -28.16 -14.43 35.27
C ALA E 433 -27.15 -15.43 34.71
N ASN E 434 -27.27 -16.70 35.09
CA ASN E 434 -26.30 -17.69 34.64
C ASN E 434 -26.42 -17.97 33.15
N GLU E 435 -27.61 -17.79 32.57
CA GLU E 435 -27.79 -18.07 31.15
C GLU E 435 -27.43 -16.87 30.29
N ALA E 436 -27.54 -15.65 30.82
CA ALA E 436 -27.28 -14.43 30.06
C ALA E 436 -25.77 -14.25 29.90
N HIS E 437 -25.20 -15.02 28.99
CA HIS E 437 -23.77 -14.93 28.71
C HIS E 437 -23.48 -13.74 27.81
N GLY E 438 -22.37 -13.06 28.10
CA GLY E 438 -21.96 -11.93 27.29
C GLY E 438 -22.83 -10.70 27.45
N HIS E 439 -23.50 -10.56 28.59
CA HIS E 439 -24.44 -9.47 28.83
C HIS E 439 -23.79 -8.42 29.72
N VAL E 440 -23.64 -7.21 29.21
CA VAL E 440 -23.19 -6.07 30.00
C VAL E 440 -24.40 -5.50 30.73
N GLY E 441 -24.15 -4.59 31.68
CA GLY E 441 -25.25 -4.03 32.45
C GLY E 441 -26.31 -3.39 31.59
N ALA E 442 -25.90 -2.65 30.56
CA ALA E 442 -26.87 -2.01 29.67
C ALA E 442 -27.73 -3.05 28.96
N ASP E 443 -27.12 -4.16 28.54
CA ASP E 443 -27.88 -5.21 27.87
C ASP E 443 -28.92 -5.80 28.81
N LEU E 444 -28.55 -6.04 30.07
CA LEU E 444 -29.51 -6.62 31.02
C LEU E 444 -30.67 -5.66 31.28
N ALA E 445 -30.45 -4.36 31.13
CA ALA E 445 -31.55 -3.41 31.21
C ALA E 445 -32.54 -3.61 30.08
N SER E 446 -32.03 -3.84 28.87
CA SER E 446 -32.91 -4.15 27.75
C SER E 446 -33.62 -5.48 27.97
N LEU E 447 -32.93 -6.46 28.54
CA LEU E 447 -33.53 -7.76 28.81
C LEU E 447 -34.77 -7.61 29.68
N CYS E 448 -34.67 -6.82 30.76
CA CYS E 448 -35.82 -6.62 31.64
C CYS E 448 -36.91 -5.82 30.93
N SER E 449 -36.53 -4.85 30.11
CA SER E 449 -37.52 -4.06 29.38
C SER E 449 -38.28 -4.93 28.39
N GLU E 450 -37.56 -5.75 27.61
CA GLU E 450 -38.22 -6.64 26.66
C GLU E 450 -39.09 -7.66 27.38
N ALA E 451 -38.61 -8.19 28.50
CA ALA E 451 -39.41 -9.17 29.25
C ALA E 451 -40.72 -8.55 29.71
N ALA E 452 -40.68 -7.30 30.19
CA ALA E 452 -41.91 -6.65 30.60
C ALA E 452 -42.82 -6.37 29.42
N LEU E 453 -42.26 -6.09 28.24
CA LEU E 453 -43.08 -5.93 27.05
C LEU E 453 -43.81 -7.21 26.72
N GLN E 454 -43.13 -8.36 26.83
CA GLN E 454 -43.76 -9.63 26.51
C GLN E 454 -45.00 -9.86 27.37
N GLN E 455 -44.93 -9.49 28.65
CA GLN E 455 -46.09 -9.65 29.52
C GLN E 455 -47.26 -8.79 29.05
N ILE E 456 -46.96 -7.56 28.58
CA ILE E 456 -48.01 -6.70 28.07
C ILE E 456 -48.69 -7.33 26.87
N ARG E 457 -47.90 -7.89 25.95
CA ARG E 457 -48.46 -8.53 24.78
C ARG E 457 -49.38 -9.68 25.17
N ASN E 458 -48.95 -10.51 26.11
CA ASN E 458 -49.76 -11.67 26.50
C ASN E 458 -51.11 -11.24 27.07
N LYS E 459 -51.13 -10.20 27.88
CA LYS E 459 -52.37 -9.75 28.51
C LYS E 459 -53.11 -8.72 27.67
N MET E 460 -52.39 -7.76 27.08
CA MET E 460 -53.05 -6.72 26.30
C MET E 460 -53.80 -7.30 25.11
N ASN E 461 -53.33 -8.44 24.57
CA ASN E 461 -54.00 -9.05 23.43
C ASN E 461 -55.46 -9.32 23.76
N LEU E 462 -55.73 -9.91 24.92
CA LEU E 462 -57.11 -10.09 25.36
C LEU E 462 -57.70 -8.78 25.84
N ILE E 463 -56.91 -7.98 26.57
CA ILE E 463 -57.37 -6.71 27.10
C ILE E 463 -57.11 -5.59 26.09
N ILE E 470 -58.70 -0.99 29.05
CA ILE E 470 -57.64 -0.75 30.02
C ILE E 470 -58.19 -0.91 31.43
N ASP E 471 -58.77 -2.08 31.70
CA ASP E 471 -59.31 -2.35 33.02
C ASP E 471 -58.24 -2.22 34.08
N ALA E 472 -58.55 -1.50 35.16
CA ALA E 472 -57.58 -1.31 36.22
C ALA E 472 -57.19 -2.64 36.86
N GLU E 473 -58.10 -3.61 36.88
CA GLU E 473 -57.77 -4.91 37.44
C GLU E 473 -56.63 -5.58 36.67
N VAL E 474 -56.65 -5.47 35.34
CA VAL E 474 -55.58 -6.04 34.54
C VAL E 474 -54.25 -5.39 34.88
N LEU E 475 -54.25 -4.07 35.07
CA LEU E 475 -53.00 -3.36 35.35
C LEU E 475 -52.37 -3.85 36.65
N ASN E 476 -53.19 -4.02 37.69
CA ASN E 476 -52.65 -4.45 38.98
C ASN E 476 -52.28 -5.93 38.98
N SER E 477 -52.78 -6.70 38.01
CA SER E 477 -52.42 -8.11 37.87
C SER E 477 -51.31 -8.33 36.85
N LEU E 478 -50.61 -7.27 36.48
CA LEU E 478 -49.55 -7.32 35.48
C LEU E 478 -48.22 -7.50 36.18
N ALA E 479 -47.64 -8.70 36.05
CA ALA E 479 -46.35 -9.02 36.65
C ALA E 479 -45.53 -9.85 35.67
N VAL E 480 -44.23 -9.60 35.63
CA VAL E 480 -43.35 -10.30 34.70
C VAL E 480 -43.13 -11.72 35.20
N THR E 481 -43.43 -12.70 34.35
CA THR E 481 -43.28 -14.10 34.67
C THR E 481 -41.96 -14.63 34.12
N MET E 482 -41.56 -15.80 34.63
CA MET E 482 -40.28 -16.38 34.23
C MET E 482 -40.25 -16.69 32.73
N ASP E 483 -41.37 -17.21 32.20
CA ASP E 483 -41.42 -17.53 30.78
C ASP E 483 -41.15 -16.29 29.93
N ASP E 484 -41.57 -15.12 30.40
CA ASP E 484 -41.26 -13.89 29.67
C ASP E 484 -39.75 -13.63 29.67
N PHE E 485 -39.09 -13.82 30.81
CA PHE E 485 -37.65 -13.60 30.88
C PHE E 485 -36.92 -14.55 29.94
N ARG E 486 -37.32 -15.82 29.91
CA ARG E 486 -36.67 -16.78 29.02
C ARG E 486 -36.89 -16.40 27.56
N TRP E 487 -38.09 -15.90 27.23
CA TRP E 487 -38.34 -15.45 25.88
C TRP E 487 -37.44 -14.27 25.52
N ALA E 488 -37.31 -13.30 26.43
CA ALA E 488 -36.48 -12.13 26.17
C ALA E 488 -35.02 -12.54 25.99
N LEU E 489 -34.55 -13.49 26.81
CA LEU E 489 -33.17 -13.93 26.71
C LEU E 489 -32.88 -14.55 25.36
N GLY E 490 -33.82 -15.34 24.83
CA GLY E 490 -33.61 -15.98 23.55
C GLY E 490 -33.46 -14.98 22.42
N LYS E 491 -34.30 -13.95 22.41
CA LYS E 491 -34.27 -12.93 21.36
C LYS E 491 -33.27 -11.82 21.65
N SER E 492 -32.59 -11.86 22.79
CA SER E 492 -31.62 -10.83 23.14
C SER E 492 -30.31 -11.08 22.43
N ASN E 493 -29.80 -10.06 21.76
CA ASN E 493 -28.52 -10.15 21.06
C ASN E 493 -27.48 -9.36 21.84
N PRO E 494 -26.85 -9.96 22.86
CA PRO E 494 -25.93 -9.20 23.71
C PRO E 494 -24.77 -8.62 22.93
N SER E 495 -24.34 -7.44 23.37
CA SER E 495 -23.27 -6.71 22.69
C SER E 495 -21.88 -7.21 23.05
N ALA E 496 -21.73 -8.03 24.08
CA ALA E 496 -20.44 -8.45 24.58
C ALA E 496 -20.25 -9.95 24.47
N LEU E 497 -20.70 -10.53 23.35
CA LEU E 497 -20.44 -11.94 23.10
C LEU E 497 -19.00 -12.19 22.68
N ARG E 498 -18.39 -11.23 21.98
CA ARG E 498 -17.04 -11.37 21.49
C ARG E 498 -16.00 -10.81 22.46
N GLU E 499 -16.42 -10.32 23.62
CA GLU E 499 -15.49 -9.81 24.62
C GLU E 499 -14.98 -10.95 25.48
N THR E 500 -13.66 -11.06 25.59
CA THR E 500 -13.06 -12.13 26.36
C THR E 500 -13.46 -12.03 27.82
N THR E 501 -13.66 -13.18 28.46
CA THR E 501 -14.14 -13.26 29.83
C THR E 501 -13.02 -13.68 30.76
N VAL E 502 -12.92 -12.99 31.90
CA VAL E 502 -11.98 -13.33 32.95
C VAL E 502 -12.78 -13.76 34.17
N GLU E 503 -12.63 -15.02 34.57
CA GLU E 503 -13.36 -15.54 35.71
C GLU E 503 -12.61 -16.75 36.25
N VAL E 504 -12.95 -17.14 37.48
CA VAL E 504 -12.40 -18.33 38.12
C VAL E 504 -13.33 -19.49 37.78
N PRO E 505 -12.88 -20.50 37.02
CA PRO E 505 -13.79 -21.56 36.61
C PRO E 505 -14.29 -22.38 37.79
N ASN E 506 -15.47 -22.96 37.63
CA ASN E 506 -16.11 -23.78 38.66
C ASN E 506 -15.95 -25.27 38.38
N VAL E 507 -14.93 -25.65 37.62
CA VAL E 507 -14.64 -27.05 37.35
C VAL E 507 -13.65 -27.53 38.41
N THR E 508 -14.11 -28.41 39.29
CA THR E 508 -13.28 -28.91 40.38
C THR E 508 -12.54 -30.17 39.95
N TRP E 509 -11.38 -30.39 40.58
CA TRP E 509 -10.59 -31.58 40.28
C TRP E 509 -11.32 -32.86 40.68
N ASP E 510 -12.31 -32.77 41.57
CA ASP E 510 -13.13 -33.93 41.86
C ASP E 510 -13.93 -34.36 40.63
N ASP E 511 -14.35 -33.40 39.81
CA ASP E 511 -15.12 -33.74 38.62
C ASP E 511 -14.26 -34.44 37.57
N ILE E 512 -13.01 -34.01 37.42
CA ILE E 512 -12.15 -34.60 36.39
C ILE E 512 -11.85 -36.06 36.69
N GLY E 513 -11.95 -36.49 37.94
CA GLY E 513 -11.82 -37.89 38.26
C GLY E 513 -10.37 -38.36 38.33
N GLY E 514 -9.95 -39.09 37.29
CA GLY E 514 -8.62 -39.65 37.28
C GLY E 514 -7.58 -38.68 36.75
N LEU E 515 -6.82 -39.12 35.73
CA LEU E 515 -5.68 -38.37 35.23
C LEU E 515 -4.85 -37.85 36.40
N GLU E 516 -4.60 -38.73 37.36
CA GLU E 516 -3.89 -38.34 38.57
C GLU E 516 -2.42 -38.04 38.28
N ASN E 517 -1.85 -38.69 37.27
CA ASN E 517 -0.49 -38.34 36.86
C ASN E 517 -0.42 -36.91 36.37
N VAL E 518 -1.43 -36.49 35.59
CA VAL E 518 -1.50 -35.10 35.15
C VAL E 518 -1.76 -34.18 36.34
N LYS E 519 -2.57 -34.64 37.30
CA LYS E 519 -2.90 -33.81 38.45
C LYS E 519 -1.65 -33.43 39.24
N ARG E 520 -0.76 -34.40 39.48
CA ARG E 520 0.46 -34.12 40.21
C ARG E 520 1.34 -33.13 39.46
N GLU E 521 1.49 -33.33 38.15
CA GLU E 521 2.38 -32.47 37.37
C GLU E 521 1.88 -31.03 37.36
N LEU E 522 0.58 -30.83 37.21
CA LEU E 522 0.04 -29.47 37.19
C LEU E 522 0.10 -28.83 38.57
N GLN E 523 -0.06 -29.62 39.63
CA GLN E 523 0.04 -29.07 40.98
C GLN E 523 1.44 -28.51 41.23
N GLU E 524 2.48 -29.23 40.78
CA GLU E 524 3.84 -28.77 40.99
C GLU E 524 4.12 -27.47 40.27
N LEU E 525 3.37 -27.18 39.20
CA LEU E 525 3.67 -26.06 38.32
C LEU E 525 2.75 -24.87 38.54
N VAL E 526 1.55 -25.06 39.09
CA VAL E 526 0.56 -24.00 39.21
C VAL E 526 0.13 -23.80 40.66
N GLN E 527 -0.18 -24.90 41.36
CA GLN E 527 -0.69 -24.77 42.72
C GLN E 527 0.41 -24.40 43.71
N TYR E 528 1.43 -25.24 43.83
CA TYR E 528 2.49 -24.96 44.81
C TYR E 528 3.13 -23.60 44.62
N PRO E 529 3.44 -23.14 43.40
CA PRO E 529 3.98 -21.78 43.26
C PRO E 529 3.06 -20.70 43.77
N VAL E 530 1.74 -20.93 43.77
CA VAL E 530 0.79 -19.91 44.17
C VAL E 530 0.31 -20.11 45.60
N GLU E 531 -0.02 -21.35 45.98
CA GLU E 531 -0.55 -21.59 47.31
C GLU E 531 0.52 -21.46 48.38
N HIS E 532 1.78 -21.80 48.05
CA HIS E 532 2.88 -21.80 49.02
C HIS E 532 4.09 -21.09 48.43
N PRO E 533 4.00 -19.78 48.24
CA PRO E 533 5.18 -19.03 47.75
C PRO E 533 6.38 -19.14 48.66
N ASP E 534 6.17 -19.24 49.98
CA ASP E 534 7.28 -19.22 50.91
C ASP E 534 8.24 -20.38 50.66
N LYS E 535 7.70 -21.56 50.37
CA LYS E 535 8.54 -22.73 50.18
C LYS E 535 9.35 -22.65 48.89
N PHE E 536 9.01 -21.74 47.97
CA PHE E 536 9.81 -21.56 46.78
C PHE E 536 10.94 -20.55 47.00
N LEU E 537 10.67 -19.52 47.81
CA LEU E 537 11.73 -18.58 48.18
C LEU E 537 12.68 -19.18 49.21
N LYS E 538 12.27 -20.25 49.88
CA LYS E 538 13.10 -20.90 50.89
C LYS E 538 14.00 -21.98 50.31
N PHE E 539 13.75 -22.40 49.07
CA PHE E 539 14.65 -23.28 48.34
C PHE E 539 15.31 -22.59 47.16
N GLY E 540 15.03 -21.30 46.95
CA GLY E 540 15.67 -20.55 45.89
C GLY E 540 15.40 -21.10 44.50
N MET E 541 14.14 -21.44 44.22
CA MET E 541 13.74 -21.95 42.92
C MET E 541 12.72 -20.99 42.31
N THR E 542 12.96 -20.58 41.07
CA THR E 542 12.01 -19.78 40.33
C THR E 542 11.10 -20.71 39.51
N PRO E 543 9.80 -20.72 39.75
CA PRO E 543 8.95 -21.70 39.07
C PRO E 543 8.92 -21.50 37.57
N SER E 544 8.79 -22.60 36.84
CA SER E 544 8.56 -22.53 35.40
C SER E 544 7.14 -22.05 35.14
N LYS E 545 7.00 -21.10 34.22
CA LYS E 545 5.73 -20.45 33.96
C LYS E 545 5.09 -20.90 32.65
N GLY E 546 5.53 -22.03 32.12
CA GLY E 546 5.03 -22.48 30.82
C GLY E 546 4.76 -23.97 30.75
N VAL E 547 3.61 -24.34 30.20
CA VAL E 547 3.22 -25.74 30.03
C VAL E 547 2.55 -25.88 28.67
N LEU E 548 2.87 -26.98 27.97
CA LEU E 548 2.22 -27.32 26.72
C LEU E 548 1.45 -28.63 26.90
N PHE E 549 0.15 -28.60 26.67
CA PHE E 549 -0.68 -29.78 26.71
C PHE E 549 -0.76 -30.38 25.31
N TYR E 550 -0.25 -31.59 25.15
CA TYR E 550 -0.30 -32.31 23.88
C TYR E 550 -0.97 -33.66 24.10
N GLY E 551 -1.95 -33.96 23.26
CA GLY E 551 -2.69 -35.20 23.38
C GLY E 551 -3.71 -35.36 22.28
N PRO E 552 -4.36 -36.52 22.23
CA PRO E 552 -5.34 -36.76 21.18
C PRO E 552 -6.48 -35.77 21.26
N PRO E 553 -7.08 -35.40 20.13
CA PRO E 553 -8.17 -34.43 20.16
C PRO E 553 -9.35 -34.94 20.98
N GLY E 554 -10.06 -34.01 21.59
CA GLY E 554 -11.24 -34.35 22.37
C GLY E 554 -10.96 -35.15 23.63
N CYS E 555 -9.94 -34.76 24.39
CA CYS E 555 -9.61 -35.40 25.66
C CYS E 555 -9.72 -34.45 26.83
N GLY E 556 -10.47 -33.36 26.67
CA GLY E 556 -10.72 -32.44 27.77
C GLY E 556 -9.50 -31.71 28.27
N LYS E 557 -8.65 -31.22 27.37
CA LYS E 557 -7.49 -30.44 27.79
C LYS E 557 -7.92 -29.10 28.37
N THR E 558 -8.94 -28.48 27.79
CA THR E 558 -9.41 -27.19 28.30
C THR E 558 -9.93 -27.31 29.72
N LEU E 559 -10.68 -28.37 30.01
CA LEU E 559 -11.22 -28.55 31.35
C LEU E 559 -10.10 -28.72 32.37
N LEU E 560 -9.05 -29.46 32.01
CA LEU E 560 -7.93 -29.66 32.93
C LEU E 560 -7.27 -28.34 33.28
N ALA E 561 -7.10 -27.47 32.29
CA ALA E 561 -6.56 -26.14 32.56
C ALA E 561 -7.49 -25.35 33.46
N LYS E 562 -8.81 -25.49 33.28
CA LYS E 562 -9.75 -24.79 34.14
C LYS E 562 -9.67 -25.30 35.57
N ALA E 563 -9.53 -26.61 35.75
CA ALA E 563 -9.54 -27.17 37.10
C ALA E 563 -8.36 -26.67 37.92
N ILE E 564 -7.16 -26.65 37.33
CA ILE E 564 -6.00 -26.18 38.07
C ILE E 564 -6.17 -24.71 38.43
N ALA E 565 -6.85 -23.94 37.58
CA ALA E 565 -7.18 -22.57 37.95
C ALA E 565 -8.10 -22.54 39.17
N ASN E 566 -9.09 -23.43 39.20
CA ASN E 566 -10.00 -23.48 40.35
C ASN E 566 -9.27 -23.89 41.61
N GLU E 567 -8.38 -24.88 41.51
CA GLU E 567 -7.67 -25.36 42.69
C GLU E 567 -6.83 -24.25 43.32
N CYS E 568 -6.31 -23.33 42.50
CA CYS E 568 -5.53 -22.20 42.99
C CYS E 568 -6.36 -20.94 43.14
N GLN E 569 -7.66 -21.01 42.86
CA GLN E 569 -8.50 -19.82 42.81
C GLN E 569 -7.91 -18.76 41.89
N ALA E 570 -7.24 -19.22 40.84
CA ALA E 570 -6.61 -18.35 39.86
C ALA E 570 -7.59 -17.99 38.74
N ASN E 571 -7.46 -16.78 38.23
CA ASN E 571 -8.29 -16.38 37.10
C ASN E 571 -7.90 -17.18 35.86
N PHE E 572 -8.87 -17.35 34.96
CA PHE E 572 -8.69 -18.15 33.76
C PHE E 572 -9.09 -17.35 32.54
N ILE E 573 -8.19 -17.28 31.57
CA ILE E 573 -8.43 -16.60 30.30
C ILE E 573 -8.21 -17.62 29.19
N SER E 574 -9.23 -17.82 28.35
CA SER E 574 -9.17 -18.76 27.24
C SER E 574 -9.08 -17.98 25.94
N ILE E 575 -8.05 -18.27 25.15
CA ILE E 575 -7.83 -17.64 23.86
C ILE E 575 -7.71 -18.74 22.82
N LYS E 576 -8.48 -18.61 21.75
CA LYS E 576 -8.45 -19.57 20.64
C LYS E 576 -7.58 -19.03 19.52
N GLY E 577 -6.91 -19.94 18.82
CA GLY E 577 -6.04 -19.58 17.73
C GLY E 577 -6.76 -18.80 16.66
N PRO E 578 -7.95 -19.27 16.23
CA PRO E 578 -8.71 -18.50 15.25
C PRO E 578 -8.99 -17.07 15.69
N GLU E 579 -9.29 -16.85 16.97
CA GLU E 579 -9.54 -15.50 17.45
C GLU E 579 -8.31 -14.63 17.34
N LEU E 580 -7.14 -15.18 17.67
CA LEU E 580 -5.92 -14.38 17.65
C LEU E 580 -5.62 -13.88 16.24
N LEU E 581 -5.76 -14.74 15.24
CA LEU E 581 -5.54 -14.32 13.86
C LEU E 581 -6.65 -13.38 13.39
N THR E 582 -7.91 -13.69 13.76
CA THR E 582 -9.02 -12.85 13.33
C THR E 582 -8.89 -11.44 13.86
N MET E 583 -8.55 -11.29 15.14
CA MET E 583 -8.37 -9.95 15.70
C MET E 583 -7.12 -9.28 15.15
N TRP E 584 -6.06 -10.05 14.89
CA TRP E 584 -4.86 -9.47 14.31
C TRP E 584 -5.13 -8.90 12.92
N PHE E 585 -5.89 -9.63 12.10
CA PHE E 585 -6.25 -9.11 10.79
C PHE E 585 -7.09 -7.85 10.91
N GLY E 586 -8.04 -7.83 11.83
CA GLY E 586 -8.89 -6.67 12.03
C GLY E 586 -8.18 -5.54 12.74
N ALA E 590 0.02 -3.96 20.46
CA ALA E 590 -0.57 -5.02 19.64
C ALA E 590 -1.58 -5.82 20.46
N ASN E 591 -2.42 -6.59 19.77
CA ASN E 591 -3.48 -7.32 20.45
C ASN E 591 -2.97 -8.55 21.19
N VAL E 592 -1.81 -9.09 20.82
CA VAL E 592 -1.20 -10.14 21.63
C VAL E 592 -0.77 -9.57 22.98
N ARG E 593 -0.12 -8.41 22.96
CA ARG E 593 0.28 -7.74 24.19
C ARG E 593 -0.92 -7.27 25.00
N ASP E 594 -2.07 -7.08 24.35
CA ASP E 594 -3.29 -6.72 25.09
C ASP E 594 -3.74 -7.89 25.96
N ILE E 595 -3.66 -9.11 25.44
CA ILE E 595 -4.08 -10.28 26.21
C ILE E 595 -3.17 -10.47 27.42
N PHE E 596 -1.85 -10.41 27.20
CA PHE E 596 -0.91 -10.59 28.30
C PHE E 596 -1.08 -9.50 29.35
N ASP E 597 -1.28 -8.26 28.91
CA ASP E 597 -1.49 -7.17 29.86
C ASP E 597 -2.70 -7.43 30.74
N LYS E 598 -3.79 -7.92 30.15
CA LYS E 598 -4.95 -8.28 30.94
C LYS E 598 -4.64 -9.41 31.90
N ALA E 599 -3.81 -10.38 31.49
CA ALA E 599 -3.39 -11.42 32.40
C ALA E 599 -2.60 -10.85 33.57
N ARG E 600 -1.72 -9.88 33.29
CA ARG E 600 -0.98 -9.23 34.36
C ARG E 600 -1.92 -8.52 35.34
N GLN E 601 -2.91 -7.82 34.81
CA GLN E 601 -3.85 -7.11 35.67
C GLN E 601 -4.61 -8.09 36.57
N ALA E 602 -4.98 -9.24 36.04
CA ALA E 602 -5.69 -10.24 36.82
C ALA E 602 -4.80 -10.82 37.90
N ALA E 603 -5.43 -11.34 38.94
CA ALA E 603 -4.75 -12.02 40.03
C ALA E 603 -4.09 -13.26 39.45
N PRO E 604 -3.34 -14.06 40.24
CA PRO E 604 -2.67 -15.23 39.65
C PRO E 604 -3.55 -15.91 38.61
N CYS E 605 -3.06 -16.00 37.38
CA CYS E 605 -3.90 -16.29 36.24
C CYS E 605 -3.31 -17.42 35.42
N VAL E 606 -4.20 -18.18 34.77
CA VAL E 606 -3.83 -19.25 33.86
C VAL E 606 -4.26 -18.81 32.47
N LEU E 607 -3.28 -18.44 31.64
CA LEU E 607 -3.55 -17.95 30.29
C LEU E 607 -3.46 -19.13 29.33
N PHE E 608 -4.61 -19.69 28.98
CA PHE E 608 -4.69 -20.91 28.18
C PHE E 608 -4.79 -20.54 26.71
N PHE E 609 -3.81 -20.95 25.92
CA PHE E 609 -3.77 -20.72 24.47
C PHE E 609 -4.17 -22.01 23.78
N ASP E 610 -5.41 -22.06 23.30
CA ASP E 610 -5.86 -23.21 22.53
C ASP E 610 -5.41 -23.09 21.08
N GLU E 611 -5.26 -24.24 20.43
CA GLU E 611 -4.76 -24.32 19.06
C GLU E 611 -3.50 -23.47 18.90
N LEU E 612 -2.50 -23.79 19.70
CA LEU E 612 -1.20 -23.15 19.55
C LEU E 612 -0.49 -23.58 18.27
N ASP E 613 -1.05 -24.56 17.56
CA ASP E 613 -0.53 -24.95 16.25
C ASP E 613 -0.86 -23.88 15.19
N SER E 614 -2.06 -23.32 15.25
CA SER E 614 -2.45 -22.31 14.26
C SER E 614 -1.56 -21.08 14.32
N ILE E 615 -0.87 -20.86 15.43
CA ILE E 615 0.02 -19.72 15.59
C ILE E 615 1.48 -20.14 15.42
N ALA E 616 1.92 -21.14 16.17
CA ALA E 616 3.28 -21.65 16.06
C ALA E 616 3.34 -22.79 15.03
N LYS E 617 2.97 -22.45 13.80
CA LYS E 617 2.91 -23.46 12.74
C LYS E 617 4.28 -24.05 12.46
N ALA E 618 5.32 -23.23 12.45
CA ALA E 618 6.68 -23.68 12.17
C ALA E 618 6.81 -24.05 10.69
N GLY E 628 4.73 -12.37 6.02
CA GLY E 628 4.66 -13.27 7.15
C GLY E 628 3.57 -12.87 8.14
N ALA E 629 2.36 -13.38 7.90
CA ALA E 629 1.24 -13.06 8.79
C ALA E 629 1.42 -13.74 10.15
N ALA E 630 1.49 -15.07 10.16
CA ALA E 630 1.71 -15.78 11.41
C ALA E 630 3.12 -15.55 11.94
N ASP E 631 4.09 -15.30 11.05
CA ASP E 631 5.44 -15.02 11.49
C ASP E 631 5.54 -13.78 12.36
N ARG E 632 4.54 -12.89 12.30
CA ARG E 632 4.53 -11.73 13.15
C ARG E 632 3.91 -12.05 14.52
N VAL E 633 2.77 -12.74 14.52
CA VAL E 633 2.10 -13.04 15.78
C VAL E 633 2.95 -13.97 16.64
N ILE E 634 3.68 -14.89 16.01
CA ILE E 634 4.52 -15.81 16.77
C ILE E 634 5.58 -15.05 17.54
N ASN E 635 6.24 -14.09 16.88
CA ASN E 635 7.27 -13.31 17.55
C ASN E 635 6.70 -12.47 18.68
N GLN E 636 5.55 -11.83 18.44
CA GLN E 636 4.89 -11.09 19.51
C GLN E 636 4.60 -12.00 20.70
N LEU E 637 3.98 -13.14 20.45
CA LEU E 637 3.77 -14.11 21.51
C LEU E 637 5.10 -14.61 22.08
N LEU E 638 6.09 -14.80 21.22
CA LEU E 638 7.40 -15.26 21.68
C LEU E 638 8.07 -14.24 22.58
N THR E 639 8.05 -12.97 22.20
CA THR E 639 8.71 -11.94 22.98
C THR E 639 7.94 -11.58 24.24
N GLU E 640 6.62 -11.74 24.22
CA GLU E 640 5.84 -11.47 25.42
C GLU E 640 6.24 -12.40 26.56
N MET E 641 6.45 -13.67 26.26
CA MET E 641 6.80 -14.63 27.32
C MET E 641 8.13 -14.30 27.95
N ASP E 642 9.12 -13.93 27.14
CA ASP E 642 10.43 -13.55 27.69
C ASP E 642 10.31 -12.31 28.57
N GLY E 643 9.42 -11.40 28.21
CA GLY E 643 9.18 -10.20 28.99
C GLY E 643 8.25 -10.36 30.17
N MET E 644 7.89 -11.60 30.51
CA MET E 644 6.99 -11.87 31.62
C MET E 644 7.82 -12.36 32.81
N SER E 645 7.90 -11.53 33.84
CA SER E 645 8.65 -11.92 35.03
C SER E 645 7.99 -13.13 35.67
N ALA E 646 8.83 -14.09 36.10
CA ALA E 646 8.31 -15.34 36.66
C ALA E 646 7.61 -15.13 37.99
N LYS E 647 7.81 -13.99 38.64
CA LYS E 647 7.28 -13.76 39.99
C LYS E 647 5.87 -13.19 39.98
N LYS E 648 5.30 -12.89 38.82
CA LYS E 648 3.96 -12.31 38.75
C LYS E 648 2.85 -13.36 38.75
N ASN E 649 3.20 -14.65 38.81
CA ASN E 649 2.23 -15.73 38.91
C ASN E 649 1.23 -15.68 37.76
N VAL E 650 1.75 -15.63 36.54
CA VAL E 650 0.96 -15.75 35.33
C VAL E 650 1.47 -16.98 34.59
N PHE E 651 0.72 -18.08 34.66
CA PHE E 651 1.10 -19.33 34.04
C PHE E 651 0.42 -19.45 32.68
N ILE E 652 1.21 -19.79 31.66
CA ILE E 652 0.73 -19.87 30.29
C ILE E 652 0.66 -21.33 29.89
N ILE E 653 -0.52 -21.77 29.47
CA ILE E 653 -0.76 -23.16 29.07
C ILE E 653 -1.16 -23.16 27.60
N GLY E 654 -0.51 -24.00 26.82
CA GLY E 654 -0.87 -24.17 25.42
C GLY E 654 -1.33 -25.58 25.13
N ALA E 655 -2.44 -25.71 24.41
CA ALA E 655 -2.98 -26.99 24.03
C ALA E 655 -2.80 -27.19 22.53
N THR E 656 -2.25 -28.34 22.15
CA THR E 656 -2.03 -28.66 20.75
C THR E 656 -2.32 -30.14 20.51
N ASN E 657 -3.14 -30.41 19.50
CA ASN E 657 -3.36 -31.78 19.05
C ASN E 657 -2.28 -32.25 18.09
N ARG E 658 -1.39 -31.36 17.64
CA ARG E 658 -0.32 -31.70 16.71
C ARG E 658 1.00 -31.20 17.30
N PRO E 659 1.49 -31.86 18.34
CA PRO E 659 2.73 -31.37 18.98
C PRO E 659 3.93 -31.37 18.05
N ASP E 660 3.99 -32.30 17.09
CA ASP E 660 5.13 -32.38 16.20
C ASP E 660 5.25 -31.16 15.29
N ILE E 661 4.16 -30.41 15.09
CA ILE E 661 4.20 -29.25 14.21
C ILE E 661 4.60 -27.97 14.93
N ILE E 662 4.50 -27.94 16.26
CA ILE E 662 4.79 -26.71 17.00
C ILE E 662 6.25 -26.32 16.79
N ASP E 663 6.47 -25.02 16.55
CA ASP E 663 7.82 -24.52 16.36
C ASP E 663 8.66 -24.79 17.59
N GLY E 664 9.91 -25.22 17.36
CA GLY E 664 10.80 -25.52 18.46
C GLY E 664 11.18 -24.32 19.30
N ALA E 665 10.98 -23.11 18.76
CA ALA E 665 11.32 -21.91 19.52
C ALA E 665 10.48 -21.81 20.80
N ILE E 666 9.19 -22.12 20.70
CA ILE E 666 8.32 -22.00 21.86
C ILE E 666 8.74 -22.97 22.95
N LEU E 667 9.19 -24.17 22.58
CA LEU E 667 9.54 -25.20 23.55
C LEU E 667 10.94 -25.04 24.12
N ARG E 668 11.53 -23.86 24.02
CA ARG E 668 12.87 -23.65 24.58
C ARG E 668 12.79 -23.59 26.10
N PRO E 669 13.92 -23.76 26.79
CA PRO E 669 13.89 -23.83 28.26
C PRO E 669 13.33 -22.59 28.93
N GLY E 670 13.26 -21.46 28.22
CA GLY E 670 12.89 -20.22 28.85
C GLY E 670 11.41 -19.96 29.03
N ARG E 671 10.59 -20.30 28.02
CA ARG E 671 9.21 -19.83 27.97
C ARG E 671 8.19 -20.95 28.15
N LEU E 672 8.24 -22.02 27.33
CA LEU E 672 7.37 -23.18 27.49
C LEU E 672 8.28 -24.40 27.55
N ASP E 673 8.78 -24.70 28.75
CA ASP E 673 9.79 -25.73 28.93
C ASP E 673 9.24 -27.04 29.48
N GLN E 674 7.94 -27.13 29.74
CA GLN E 674 7.33 -28.30 30.34
C GLN E 674 6.31 -28.88 29.37
N LEU E 675 6.40 -30.19 29.14
CA LEU E 675 5.47 -30.91 28.28
C LEU E 675 4.69 -31.90 29.13
N ILE E 676 3.36 -31.85 29.06
CA ILE E 676 2.47 -32.74 29.78
C ILE E 676 1.58 -33.45 28.77
N TYR E 677 1.47 -34.77 28.91
CA TYR E 677 0.70 -35.60 27.99
C TYR E 677 -0.67 -35.85 28.58
N ILE E 678 -1.72 -35.46 27.85
CA ILE E 678 -3.09 -35.70 28.26
C ILE E 678 -3.61 -36.91 27.50
N PRO E 679 -3.62 -38.10 28.08
CA PRO E 679 -3.99 -39.30 27.34
C PRO E 679 -5.50 -39.40 27.17
N LEU E 680 -5.93 -40.46 26.48
CA LEU E 680 -7.35 -40.74 26.37
C LEU E 680 -7.91 -41.04 27.76
N PRO E 681 -9.16 -40.67 28.02
CA PRO E 681 -9.69 -40.83 29.39
C PRO E 681 -9.63 -42.28 29.83
N ASP E 682 -9.26 -42.47 31.09
CA ASP E 682 -9.20 -43.79 31.69
C ASP E 682 -10.57 -44.16 32.25
N GLU E 683 -10.65 -45.34 32.88
CA GLU E 683 -11.95 -45.84 33.34
C GLU E 683 -12.61 -44.86 34.30
N ALA E 684 -11.85 -44.35 35.26
CA ALA E 684 -12.43 -43.41 36.23
C ALA E 684 -12.88 -42.12 35.53
N SER E 685 -12.05 -41.58 34.64
CA SER E 685 -12.40 -40.34 33.97
C SER E 685 -13.60 -40.54 33.04
N ARG E 686 -13.67 -41.67 32.34
CA ARG E 686 -14.77 -41.90 31.43
C ARG E 686 -16.11 -41.88 32.16
N VAL E 687 -16.13 -42.35 33.41
CA VAL E 687 -17.35 -42.30 34.21
C VAL E 687 -17.82 -40.86 34.37
N ASN E 688 -16.87 -39.94 34.59
CA ASN E 688 -17.23 -38.54 34.79
C ASN E 688 -17.63 -37.85 33.48
N ILE E 689 -16.98 -38.21 32.37
CA ILE E 689 -17.36 -37.62 31.09
C ILE E 689 -18.82 -37.94 30.78
N LEU E 690 -19.20 -39.20 30.99
CA LEU E 690 -20.60 -39.59 30.81
C LEU E 690 -21.50 -38.89 31.84
N LYS E 691 -21.04 -38.80 33.09
CA LYS E 691 -21.85 -38.15 34.12
C LYS E 691 -22.07 -36.68 33.80
N ALA E 692 -21.02 -35.99 33.33
CA ALA E 692 -21.17 -34.57 33.01
C ALA E 692 -22.14 -34.36 31.86
N ASN E 693 -22.07 -35.21 30.84
CA ASN E 693 -22.98 -35.07 29.70
C ASN E 693 -24.42 -35.28 30.13
N LEU E 694 -24.66 -36.31 30.94
CA LEU E 694 -26.01 -36.66 31.39
C LEU E 694 -26.38 -36.00 32.71
N ARG E 695 -25.73 -34.89 33.06
CA ARG E 695 -26.05 -34.22 34.32
C ARG E 695 -27.45 -33.64 34.29
N LYS E 696 -27.81 -32.95 33.20
CA LYS E 696 -29.12 -32.33 33.07
C LYS E 696 -30.15 -33.26 32.45
N SER E 697 -29.74 -34.41 31.94
CA SER E 697 -30.70 -35.31 31.29
C SER E 697 -31.23 -36.33 32.29
N PRO E 698 -32.54 -36.60 32.31
CA PRO E 698 -33.07 -37.66 33.18
C PRO E 698 -32.82 -39.03 32.58
N ILE E 699 -32.11 -39.88 33.31
CA ILE E 699 -31.78 -41.23 32.86
C ILE E 699 -32.60 -42.22 33.66
N ALA E 700 -32.84 -43.38 33.05
CA ALA E 700 -33.56 -44.45 33.73
C ALA E 700 -32.61 -45.22 34.64
N ARG E 701 -33.15 -45.69 35.77
CA ARG E 701 -32.33 -46.37 36.76
C ARG E 701 -31.69 -47.64 36.21
N ASP E 702 -32.24 -48.21 35.15
CA ASP E 702 -31.66 -49.40 34.55
C ASP E 702 -30.32 -49.12 33.87
N VAL E 703 -29.98 -47.86 33.63
CA VAL E 703 -28.75 -47.51 32.94
C VAL E 703 -27.59 -47.59 33.93
N ASP E 704 -26.58 -48.39 33.58
CA ASP E 704 -25.37 -48.53 34.40
C ASP E 704 -24.27 -47.70 33.75
N ILE E 705 -24.06 -46.50 34.27
CA ILE E 705 -23.03 -45.62 33.72
C ILE E 705 -21.66 -46.28 33.84
N ASN E 706 -21.43 -46.99 34.94
CA ASN E 706 -20.16 -47.66 35.12
C ASN E 706 -19.93 -48.70 34.02
N PHE E 707 -20.99 -49.38 33.60
CA PHE E 707 -20.85 -50.38 32.55
C PHE E 707 -20.38 -49.74 31.25
N LEU E 708 -20.97 -48.60 30.88
CA LEU E 708 -20.59 -47.95 29.62
C LEU E 708 -19.13 -47.57 29.61
N ALA E 709 -18.63 -47.00 30.72
CA ALA E 709 -17.22 -46.64 30.79
C ALA E 709 -16.33 -47.87 30.64
N LYS E 710 -16.69 -48.97 31.32
CA LYS E 710 -15.93 -50.19 31.18
C LYS E 710 -16.00 -50.73 29.75
N ALA E 711 -17.10 -50.46 29.04
CA ALA E 711 -17.26 -51.00 27.70
C ALA E 711 -16.39 -50.25 26.70
N THR E 712 -16.33 -48.92 26.79
CA THR E 712 -15.65 -48.12 25.80
C THR E 712 -14.16 -48.46 25.72
N GLN E 713 -13.42 -48.20 26.79
CA GLN E 713 -12.02 -48.59 26.92
C GLN E 713 -11.23 -48.27 25.64
N GLY E 714 -11.13 -46.96 25.39
CA GLY E 714 -10.36 -46.49 24.26
C GLY E 714 -10.99 -45.29 23.58
N PHE E 715 -12.30 -45.15 23.72
CA PHE E 715 -12.99 -44.01 23.14
C PHE E 715 -12.50 -42.71 23.75
N SER E 716 -12.29 -41.71 22.90
CA SER E 716 -11.89 -40.40 23.38
C SER E 716 -13.08 -39.69 24.02
N GLY E 717 -12.82 -38.50 24.56
CA GLY E 717 -13.88 -37.75 25.21
C GLY E 717 -14.99 -37.37 24.26
N ALA E 718 -14.62 -36.90 23.06
CA ALA E 718 -15.64 -36.54 22.08
C ALA E 718 -16.46 -37.76 21.67
N ASP E 719 -15.86 -38.95 21.70
CA ASP E 719 -16.60 -40.16 21.37
C ASP E 719 -17.68 -40.43 22.41
N LEU E 720 -17.36 -40.25 23.69
CA LEU E 720 -18.38 -40.43 24.72
C LEU E 720 -19.49 -39.39 24.60
N THR E 721 -19.13 -38.16 24.20
CA THR E 721 -20.15 -37.13 24.05
C THR E 721 -21.06 -37.40 22.87
N GLU E 722 -20.54 -38.02 21.81
CA GLU E 722 -21.38 -38.41 20.68
C GLU E 722 -22.36 -39.50 21.09
N ILE E 723 -21.90 -40.47 21.89
CA ILE E 723 -22.77 -41.55 22.32
C ILE E 723 -23.93 -40.98 23.14
N CYS E 724 -23.63 -40.09 24.08
CA CYS E 724 -24.69 -39.52 24.92
C CYS E 724 -25.67 -38.71 24.09
N GLN E 725 -25.17 -37.91 23.15
CA GLN E 725 -26.05 -37.12 22.30
C GLN E 725 -26.91 -38.02 21.42
N ARG E 726 -26.32 -39.09 20.89
CA ARG E 726 -27.09 -40.01 20.06
C ARG E 726 -28.26 -40.61 20.84
N ALA E 727 -28.02 -40.97 22.11
CA ALA E 727 -29.10 -41.47 22.94
C ALA E 727 -30.18 -40.42 23.14
N CYS E 728 -29.77 -39.16 23.38
CA CYS E 728 -30.75 -38.10 23.54
C CYS E 728 -31.55 -37.87 22.27
N LYS E 729 -30.87 -37.88 21.11
CA LYS E 729 -31.58 -37.70 19.85
C LYS E 729 -32.64 -38.78 19.67
N GLN E 730 -32.27 -40.03 19.91
CA GLN E 730 -33.22 -41.12 19.78
C GLN E 730 -34.37 -40.94 20.77
N ALA E 731 -34.04 -40.69 22.03
CA ALA E 731 -35.07 -40.56 23.06
C ALA E 731 -36.06 -39.47 22.70
N ILE E 732 -35.58 -38.39 22.07
CA ILE E 732 -36.49 -37.35 21.61
C ILE E 732 -37.39 -37.89 20.50
N ARG E 733 -36.87 -38.78 19.66
CA ARG E 733 -37.68 -39.35 18.59
C ARG E 733 -38.85 -40.14 19.17
N GLU E 734 -38.57 -41.07 20.08
CA GLU E 734 -39.66 -41.86 20.65
C GLU E 734 -40.63 -40.98 21.43
N SER E 735 -40.19 -39.83 21.92
CA SER E 735 -41.11 -38.91 22.58
C SER E 735 -42.01 -38.20 21.57
N ILE E 736 -41.45 -37.79 20.44
CA ILE E 736 -42.24 -37.10 19.42
C ILE E 736 -43.24 -38.06 18.78
N GLU E 737 -42.78 -39.25 18.39
CA GLU E 737 -43.68 -40.22 17.77
C GLU E 737 -44.78 -40.64 18.73
N ALA E 738 -44.45 -40.81 20.01
CA ALA E 738 -45.46 -41.15 21.00
C ALA E 738 -46.50 -40.05 21.11
N GLU E 739 -46.06 -38.78 21.05
CA GLU E 739 -47.01 -37.68 21.10
C GLU E 739 -47.95 -37.71 19.89
N ILE E 740 -47.41 -37.98 18.71
CA ILE E 740 -48.25 -38.04 17.52
C ILE E 740 -49.26 -39.17 17.63
N ARG E 741 -48.80 -40.34 18.07
CA ARG E 741 -49.73 -41.45 18.27
C ARG E 741 -50.80 -41.10 19.29
N ALA E 742 -50.42 -40.33 20.32
CA ALA E 742 -51.42 -39.85 21.27
C ALA E 742 -52.42 -38.93 20.59
N GLU E 743 -51.94 -38.06 19.69
CA GLU E 743 -52.85 -37.19 18.96
C GLU E 743 -53.80 -38.00 18.08
N SER E 744 -53.29 -39.04 17.44
CA SER E 744 -54.10 -39.89 16.58
C SER E 744 -54.85 -40.94 17.41
N ASP E 756 -49.45 -43.18 32.00
CA ASP E 756 -48.22 -42.65 31.36
C ASP E 756 -48.54 -41.29 30.71
N PHE E 757 -48.65 -40.25 31.53
CA PHE E 757 -48.85 -38.90 30.94
C PHE E 757 -47.62 -38.59 30.10
N ASP E 758 -46.45 -39.13 30.47
CA ASP E 758 -45.24 -38.96 29.68
C ASP E 758 -44.77 -40.33 29.20
N PRO E 759 -45.01 -40.70 27.94
CA PRO E 759 -44.66 -42.07 27.51
C PRO E 759 -43.18 -42.38 27.66
N VAL E 760 -42.30 -41.42 27.40
CA VAL E 760 -40.85 -41.63 27.47
C VAL E 760 -40.25 -40.55 28.36
N PRO E 761 -40.20 -40.75 29.68
CA PRO E 761 -39.71 -39.68 30.56
C PRO E 761 -38.19 -39.68 30.73
N GLU E 762 -37.57 -40.84 30.49
CA GLU E 762 -36.14 -40.99 30.73
C GLU E 762 -35.51 -41.74 29.57
N ILE E 763 -34.19 -41.59 29.43
CA ILE E 763 -33.42 -42.29 28.42
C ILE E 763 -33.23 -43.71 28.90
N THR E 764 -34.07 -44.62 28.41
CA THR E 764 -34.05 -46.00 28.87
C THR E 764 -32.73 -46.68 28.46
N ARG E 765 -32.50 -47.87 29.03
CA ARG E 765 -31.29 -48.61 28.70
C ARG E 765 -31.24 -48.98 27.23
N ARG E 766 -32.40 -49.11 26.59
CA ARG E 766 -32.42 -49.45 25.16
C ARG E 766 -31.79 -48.34 24.34
N HIS E 767 -32.06 -47.09 24.68
CA HIS E 767 -31.54 -45.97 23.90
C HIS E 767 -30.02 -45.98 23.89
N PHE E 768 -29.40 -46.19 25.05
CA PHE E 768 -27.94 -46.25 25.10
C PHE E 768 -27.41 -47.45 24.34
N GLU E 769 -28.12 -48.58 24.40
CA GLU E 769 -27.67 -49.78 23.70
C GLU E 769 -27.59 -49.54 22.20
N GLU E 770 -28.60 -48.86 21.63
CA GLU E 770 -28.59 -48.60 20.20
C GLU E 770 -27.43 -47.69 19.81
N ALA E 771 -27.17 -46.66 20.61
CA ALA E 771 -26.10 -45.72 20.28
C ALA E 771 -24.74 -46.41 20.29
N MET E 772 -24.51 -47.32 21.24
CA MET E 772 -23.21 -47.96 21.37
C MET E 772 -22.87 -48.78 20.13
N ARG E 773 -23.88 -49.36 19.47
CA ARG E 773 -23.59 -50.24 18.35
C ARG E 773 -22.89 -49.49 17.22
N PHE E 774 -23.33 -48.27 16.93
CA PHE E 774 -22.75 -47.48 15.86
C PHE E 774 -21.56 -46.64 16.32
N ALA E 775 -21.23 -46.65 17.60
CA ALA E 775 -20.10 -45.89 18.10
C ALA E 775 -18.79 -46.49 17.59
N ARG E 776 -17.87 -45.62 17.16
CA ARG E 776 -16.59 -46.03 16.62
C ARG E 776 -15.48 -45.18 17.24
N ARG E 777 -14.37 -45.83 17.57
CA ARG E 777 -13.23 -45.11 18.11
C ARG E 777 -12.72 -44.08 17.11
N SER E 778 -12.44 -42.87 17.59
CA SER E 778 -12.02 -41.76 16.75
C SER E 778 -10.53 -41.49 16.80
N VAL E 779 -9.80 -42.08 17.74
CA VAL E 779 -8.36 -41.94 17.83
C VAL E 779 -7.77 -43.32 17.57
N THR E 780 -7.06 -43.46 16.46
CA THR E 780 -6.51 -44.75 16.06
C THR E 780 -5.39 -45.17 17.01
N GLU E 781 -5.20 -46.49 17.12
CA GLU E 781 -4.13 -47.01 17.95
C GLU E 781 -2.78 -46.50 17.47
N ASN E 782 -2.62 -46.27 16.17
CA ASN E 782 -1.38 -45.67 15.67
C ASN E 782 -1.20 -44.26 16.19
N ASP E 783 -2.28 -43.49 16.27
CA ASP E 783 -2.17 -42.12 16.76
C ASP E 783 -1.71 -42.08 18.21
N VAL E 784 -2.22 -42.99 19.04
CA VAL E 784 -1.80 -43.03 20.43
C VAL E 784 -0.29 -43.28 20.52
N ARG E 785 0.22 -44.21 19.72
CA ARG E 785 1.65 -44.49 19.72
C ARG E 785 2.45 -43.26 19.30
N LYS E 786 1.95 -42.51 18.32
CA LYS E 786 2.68 -41.34 17.85
C LYS E 786 2.84 -40.31 18.96
N TYR E 787 1.78 -40.07 19.73
CA TYR E 787 1.85 -39.08 20.79
C TYR E 787 2.82 -39.52 21.89
N GLU E 788 2.86 -40.81 22.19
CA GLU E 788 3.80 -41.31 23.19
C GLU E 788 5.24 -41.04 22.77
N MET E 789 5.54 -41.21 21.48
CA MET E 789 6.92 -41.06 21.01
C MET E 789 7.35 -39.60 20.95
N PHE E 790 6.42 -38.64 20.98
CA PHE E 790 6.81 -37.25 20.84
C PHE E 790 7.68 -36.79 22.01
N ALA E 791 7.37 -37.25 23.22
CA ALA E 791 8.13 -36.83 24.38
C ALA E 791 9.62 -37.11 24.21
N GLN E 792 9.96 -38.14 23.45
CA GLN E 792 11.36 -38.50 23.19
C GLN E 792 11.87 -37.96 21.86
N THR E 793 10.98 -37.78 20.87
CA THR E 793 11.44 -37.32 19.56
C THR E 793 12.02 -35.91 19.64
N LEU E 794 11.38 -35.03 20.40
CA LEU E 794 11.84 -33.65 20.51
C LEU E 794 13.27 -33.59 21.05
N GLU F 229 -51.31 18.02 0.18
CA GLU F 229 -51.50 17.96 1.62
C GLU F 229 -51.72 16.52 2.09
N LYS F 230 -51.35 15.56 1.24
CA LYS F 230 -51.49 14.15 1.58
C LYS F 230 -50.54 13.71 2.68
N LEU F 231 -49.55 14.54 3.04
CA LEU F 231 -48.61 14.15 4.09
C LEU F 231 -49.33 13.91 5.41
N ASN F 232 -50.31 14.76 5.74
CA ASN F 232 -51.02 14.64 7.01
C ASN F 232 -51.90 13.39 7.06
N GLU F 233 -52.11 12.71 5.94
CA GLU F 233 -52.96 11.53 5.89
C GLU F 233 -52.18 10.24 5.67
N ILE F 234 -50.86 10.30 5.55
CA ILE F 234 -50.06 9.10 5.33
C ILE F 234 -50.19 8.19 6.54
N GLY F 235 -50.83 7.04 6.37
CA GLY F 235 -51.02 6.07 7.42
C GLY F 235 -50.20 4.81 7.21
N TYR F 236 -50.61 3.75 7.89
CA TYR F 236 -49.95 2.46 7.73
C TYR F 236 -50.34 1.79 6.42
N ASP F 237 -51.58 1.99 5.97
CA ASP F 237 -52.03 1.38 4.73
C ASP F 237 -51.37 1.98 3.49
N ASP F 238 -50.68 3.10 3.63
CA ASP F 238 -50.06 3.78 2.49
C ASP F 238 -48.56 3.49 2.39
N ILE F 239 -48.05 2.54 3.17
CA ILE F 239 -46.66 2.09 3.04
C ILE F 239 -46.69 0.64 2.56
N GLY F 240 -45.63 0.25 1.86
CA GLY F 240 -45.65 -1.00 1.13
C GLY F 240 -45.16 -2.20 1.90
N GLY F 241 -44.09 -2.84 1.40
CA GLY F 241 -43.68 -4.14 1.88
C GLY F 241 -42.88 -4.11 3.16
N CYS F 242 -43.47 -3.60 4.24
CA CYS F 242 -42.87 -3.65 5.56
C CYS F 242 -43.94 -4.00 6.60
N ARG F 243 -44.78 -4.98 6.28
CA ARG F 243 -45.88 -5.33 7.18
C ARG F 243 -45.36 -5.81 8.53
N LYS F 244 -44.32 -6.64 8.52
CA LYS F 244 -43.77 -7.15 9.78
C LYS F 244 -43.14 -6.03 10.59
N GLN F 245 -42.32 -5.19 9.95
CA GLN F 245 -41.63 -4.13 10.67
C GLN F 245 -42.61 -3.08 11.18
N LEU F 246 -43.62 -2.73 10.37
CA LEU F 246 -44.58 -1.73 10.80
C LEU F 246 -45.31 -2.17 12.06
N ALA F 247 -45.71 -3.44 12.13
CA ALA F 247 -46.29 -3.96 13.35
C ALA F 247 -45.31 -3.87 14.51
N GLN F 248 -44.04 -4.18 14.25
CA GLN F 248 -43.03 -4.06 15.29
C GLN F 248 -42.87 -2.62 15.76
N ILE F 249 -42.81 -1.68 14.82
CA ILE F 249 -42.64 -0.28 15.19
C ILE F 249 -43.90 0.25 15.83
N LYS F 250 -45.07 -0.23 15.41
CA LYS F 250 -46.32 0.22 16.02
C LYS F 250 -46.32 -0.07 17.51
N GLU F 251 -45.87 -1.26 17.90
CA GLU F 251 -45.76 -1.57 19.33
C GLU F 251 -44.69 -0.71 20.00
N MET F 252 -43.56 -0.50 19.32
CA MET F 252 -42.46 0.24 19.93
C MET F 252 -42.82 1.68 20.20
N VAL F 253 -43.54 2.32 19.27
CA VAL F 253 -43.74 3.77 19.27
C VAL F 253 -45.19 4.13 19.59
N GLU F 254 -46.14 3.60 18.81
CA GLU F 254 -47.53 4.02 18.97
C GLU F 254 -48.06 3.67 20.35
N LEU F 255 -47.80 2.45 20.82
CA LEU F 255 -48.39 2.02 22.09
C LEU F 255 -47.87 2.84 23.27
N PRO F 256 -46.56 3.08 23.42
CA PRO F 256 -46.13 3.95 24.52
C PRO F 256 -46.70 5.36 24.44
N LEU F 257 -46.61 5.99 23.26
CA LEU F 257 -47.08 7.37 23.12
C LEU F 257 -48.58 7.49 23.19
N ARG F 258 -49.32 6.39 23.17
CA ARG F 258 -50.77 6.41 23.28
C ARG F 258 -51.26 6.04 24.67
N HIS F 259 -50.58 5.11 25.35
CA HIS F 259 -50.94 4.69 26.71
C HIS F 259 -49.69 4.67 27.58
N PRO F 260 -49.14 5.84 27.89
CA PRO F 260 -47.95 5.87 28.77
C PRO F 260 -48.18 5.29 30.14
N GLN F 261 -49.43 5.27 30.62
CA GLN F 261 -49.70 4.78 31.97
C GLN F 261 -49.33 3.31 32.11
N LEU F 262 -49.68 2.50 31.11
CA LEU F 262 -49.46 1.07 31.23
C LEU F 262 -47.98 0.72 31.27
N PHE F 263 -47.20 1.28 30.33
CA PHE F 263 -45.78 0.96 30.29
C PHE F 263 -45.06 1.45 31.53
N LYS F 264 -45.40 2.64 32.01
CA LYS F 264 -44.76 3.17 33.21
C LYS F 264 -45.07 2.30 34.42
N ALA F 265 -46.31 1.80 34.51
CA ALA F 265 -46.71 1.01 35.67
C ALA F 265 -45.82 -0.23 35.82
N ILE F 266 -45.70 -1.02 34.74
CA ILE F 266 -44.87 -2.22 34.82
C ILE F 266 -43.39 -1.83 34.88
N GLY F 267 -42.99 -0.83 34.10
CA GLY F 267 -41.62 -0.33 34.17
C GLY F 267 -40.88 -0.31 32.85
N VAL F 268 -41.54 -0.63 31.75
CA VAL F 268 -40.87 -0.58 30.46
C VAL F 268 -40.44 0.84 30.16
N LYS F 269 -39.26 0.98 29.56
CA LYS F 269 -38.76 2.28 29.13
C LYS F 269 -38.83 2.36 27.61
N PRO F 270 -39.69 3.18 27.03
CA PRO F 270 -39.82 3.19 25.58
C PRO F 270 -38.52 3.60 24.92
N PRO F 271 -38.27 3.13 23.70
CA PRO F 271 -36.96 3.38 23.08
C PRO F 271 -36.72 4.85 22.81
N ARG F 272 -35.44 5.22 22.85
CA ARG F 272 -35.02 6.59 22.58
C ARG F 272 -34.76 6.82 21.09
N GLY F 273 -33.98 5.92 20.47
CA GLY F 273 -33.62 6.07 19.07
C GLY F 273 -33.82 4.81 18.27
N ILE F 274 -34.56 4.91 17.16
CA ILE F 274 -34.82 3.79 16.27
C ILE F 274 -34.16 4.12 14.94
N LEU F 275 -33.16 3.32 14.56
CA LEU F 275 -32.42 3.51 13.32
C LEU F 275 -32.93 2.50 12.29
N LEU F 276 -33.70 3.00 11.31
CA LEU F 276 -34.20 2.16 10.23
C LEU F 276 -33.18 2.14 9.11
N TYR F 277 -32.80 0.94 8.67
CA TYR F 277 -31.82 0.79 7.61
C TYR F 277 -32.28 -0.24 6.60
N GLY F 278 -31.72 -0.14 5.39
CA GLY F 278 -32.07 -1.02 4.30
C GLY F 278 -31.69 -0.41 2.97
N PRO F 279 -32.03 -1.10 1.88
CA PRO F 279 -31.71 -0.58 0.55
C PRO F 279 -32.54 0.65 0.22
N PRO F 280 -32.07 1.51 -0.67
CA PRO F 280 -32.85 2.71 -1.00
C PRO F 280 -34.17 2.37 -1.65
N GLY F 281 -35.16 3.25 -1.43
CA GLY F 281 -36.45 3.13 -2.07
C GLY F 281 -37.41 2.17 -1.41
N THR F 282 -37.03 1.56 -0.29
CA THR F 282 -37.92 0.60 0.37
C THR F 282 -39.19 1.27 0.84
N GLY F 283 -39.08 2.48 1.40
CA GLY F 283 -40.22 3.17 1.95
C GLY F 283 -40.05 3.46 3.43
N LYS F 284 -38.81 3.35 3.91
CA LYS F 284 -38.53 3.63 5.32
C LYS F 284 -38.74 5.09 5.67
N THR F 285 -38.74 5.98 4.67
CA THR F 285 -38.93 7.40 4.96
C THR F 285 -40.36 7.72 5.37
N LEU F 286 -41.33 6.98 4.85
CA LEU F 286 -42.73 7.21 5.19
C LEU F 286 -43.13 6.55 6.50
N VAL F 287 -42.31 5.65 7.04
CA VAL F 287 -42.67 4.95 8.27
C VAL F 287 -42.78 5.93 9.43
N ALA F 288 -41.85 6.88 9.52
CA ALA F 288 -41.88 7.85 10.61
C ALA F 288 -43.17 8.67 10.59
N ARG F 289 -43.57 9.13 9.41
CA ARG F 289 -44.81 9.91 9.31
C ARG F 289 -46.03 9.05 9.63
N ALA F 290 -46.06 7.82 9.12
CA ALA F 290 -47.21 6.95 9.39
C ALA F 290 -47.33 6.65 10.88
N VAL F 291 -46.21 6.38 11.54
CA VAL F 291 -46.26 6.13 12.99
C VAL F 291 -46.71 7.37 13.72
N ALA F 292 -46.20 8.54 13.31
CA ALA F 292 -46.57 9.78 13.97
C ALA F 292 -48.05 10.10 13.75
N ASN F 293 -48.51 10.01 12.51
CA ASN F 293 -49.89 10.40 12.20
C ASN F 293 -50.89 9.49 12.91
N GLU F 294 -50.64 8.18 12.90
CA GLU F 294 -51.58 7.26 13.51
C GLU F 294 -51.61 7.40 15.02
N SER F 295 -50.49 7.73 15.64
CA SER F 295 -50.42 7.93 17.09
C SER F 295 -50.76 9.36 17.50
N GLY F 296 -51.01 10.26 16.54
CA GLY F 296 -51.36 11.62 16.88
C GLY F 296 -50.22 12.47 17.38
N SER F 297 -48.99 12.00 17.26
CA SER F 297 -47.84 12.74 17.75
C SER F 297 -47.48 13.89 16.81
N PHE F 298 -46.56 14.72 17.26
CA PHE F 298 -46.04 15.83 16.45
C PHE F 298 -44.80 15.36 15.71
N PHE F 299 -44.78 15.60 14.39
CA PHE F 299 -43.71 15.14 13.53
C PHE F 299 -42.87 16.33 13.10
N PHE F 300 -41.61 16.34 13.52
CA PHE F 300 -40.63 17.32 13.06
C PHE F 300 -39.58 16.57 12.24
N LEU F 301 -39.40 17.00 11.00
CA LEU F 301 -38.50 16.33 10.07
C LEU F 301 -37.15 17.01 10.03
N ILE F 302 -36.09 16.22 9.99
CA ILE F 302 -34.72 16.70 9.82
C ILE F 302 -34.14 16.00 8.60
N ASN F 303 -33.60 16.77 7.68
CA ASN F 303 -32.99 16.26 6.46
C ASN F 303 -31.48 16.45 6.55
N GLY F 304 -30.74 15.36 6.32
CA GLY F 304 -29.30 15.42 6.37
C GLY F 304 -28.74 16.41 5.36
N PRO F 305 -29.19 16.33 4.11
CA PRO F 305 -28.76 17.33 3.14
C PRO F 305 -29.10 18.76 3.54
N GLU F 306 -30.27 18.97 4.14
CA GLU F 306 -30.67 20.34 4.47
C GLU F 306 -29.78 20.95 5.54
N ILE F 307 -29.49 20.20 6.59
CA ILE F 307 -28.70 20.75 7.70
C ILE F 307 -27.27 21.01 7.27
N MET F 308 -26.72 20.13 6.44
CA MET F 308 -25.34 20.29 5.98
C MET F 308 -25.21 21.25 4.81
N SER F 309 -26.32 21.79 4.30
CA SER F 309 -26.29 22.79 3.25
C SER F 309 -26.26 24.21 3.80
N LYS F 310 -26.17 24.37 5.12
CA LYS F 310 -26.21 25.67 5.76
C LYS F 310 -24.87 25.98 6.41
N LEU F 311 -24.73 27.23 6.85
CA LEU F 311 -23.47 27.69 7.42
C LEU F 311 -23.18 26.95 8.72
N ALA F 312 -22.00 27.23 9.28
CA ALA F 312 -21.57 26.51 10.47
C ALA F 312 -22.53 26.73 11.65
N GLY F 313 -22.95 27.98 11.85
CA GLY F 313 -23.81 28.27 12.99
C GLY F 313 -25.27 27.93 12.75
N GLU F 314 -25.74 28.06 11.52
CA GLU F 314 -27.15 27.80 11.25
C GLU F 314 -27.47 26.31 11.27
N SER F 315 -26.52 25.46 10.87
CA SER F 315 -26.74 24.02 10.92
C SER F 315 -26.94 23.56 12.36
N GLU F 316 -26.10 24.02 13.28
CA GLU F 316 -26.25 23.65 14.67
C GLU F 316 -27.49 24.32 15.28
N SER F 317 -27.78 25.55 14.87
CA SER F 317 -28.97 26.22 15.37
C SER F 317 -30.24 25.47 14.98
N ASN F 318 -30.24 24.84 13.80
CA ASN F 318 -31.41 24.09 13.37
C ASN F 318 -31.55 22.77 14.12
N LEU F 319 -30.43 22.09 14.36
CA LEU F 319 -30.50 20.86 15.15
C LEU F 319 -31.04 21.14 16.55
N ARG F 320 -30.57 22.21 17.19
CA ARG F 320 -31.03 22.51 18.54
C ARG F 320 -32.48 23.00 18.54
N LYS F 321 -32.90 23.71 17.50
CA LYS F 321 -34.29 24.11 17.41
C LYS F 321 -35.21 22.92 17.15
N ALA F 322 -34.74 21.93 16.40
CA ALA F 322 -35.56 20.76 16.13
C ALA F 322 -35.89 20.01 17.42
N PHE F 323 -34.90 19.83 18.28
CA PHE F 323 -35.13 19.15 19.55
C PHE F 323 -35.83 20.06 20.55
N GLU F 324 -35.54 21.35 20.51
CA GLU F 324 -36.24 22.29 21.39
C GLU F 324 -37.72 22.35 21.06
N GLU F 325 -38.07 22.35 19.77
CA GLU F 325 -39.47 22.38 19.39
C GLU F 325 -40.14 21.04 19.64
N ALA F 326 -39.39 19.95 19.64
CA ALA F 326 -39.96 18.63 19.88
C ALA F 326 -40.39 18.49 21.33
N GLU F 327 -39.51 18.88 22.26
CA GLU F 327 -39.87 18.79 23.68
C GLU F 327 -41.06 19.67 24.01
N LYS F 328 -41.17 20.83 23.36
CA LYS F 328 -42.30 21.72 23.62
C LYS F 328 -43.62 21.07 23.23
N ASN F 329 -43.64 20.35 22.11
CA ASN F 329 -44.86 19.79 21.54
C ASN F 329 -44.93 18.28 21.73
N ALA F 330 -44.43 17.77 22.85
CA ALA F 330 -44.49 16.34 23.10
C ALA F 330 -45.93 15.90 23.33
N PRO F 331 -46.27 14.65 22.99
CA PRO F 331 -45.43 13.61 22.40
C PRO F 331 -45.10 13.91 20.94
N ALA F 332 -43.88 13.61 20.49
CA ALA F 332 -43.46 14.00 19.16
C ALA F 332 -42.40 13.02 18.67
N ILE F 333 -42.21 13.03 17.35
CA ILE F 333 -41.22 12.19 16.68
C ILE F 333 -40.29 13.09 15.89
N ILE F 334 -38.99 12.90 16.06
CA ILE F 334 -37.97 13.56 15.26
C ILE F 334 -37.38 12.54 14.31
N PHE F 335 -37.48 12.80 13.00
CA PHE F 335 -37.04 11.87 11.97
C PHE F 335 -35.85 12.47 11.25
N ILE F 336 -34.68 11.85 11.40
CA ILE F 336 -33.48 12.25 10.70
C ILE F 336 -33.37 11.37 9.46
N ASP F 337 -33.53 11.98 8.29
CA ASP F 337 -33.74 11.21 7.07
C ASP F 337 -32.45 10.56 6.57
N GLU F 338 -31.32 11.27 6.68
CA GLU F 338 -30.06 10.82 6.10
C GLU F 338 -28.95 10.86 7.15
N LEU F 339 -29.21 10.19 8.28
CA LEU F 339 -28.29 10.26 9.42
C LEU F 339 -26.84 10.03 9.00
N ASP F 340 -26.61 9.29 7.92
CA ASP F 340 -25.23 9.13 7.44
C ASP F 340 -24.63 10.46 7.01
N ALA F 341 -25.45 11.37 6.49
CA ALA F 341 -24.94 12.68 6.09
C ALA F 341 -24.51 13.51 7.29
N ILE F 342 -25.36 13.59 8.31
CA ILE F 342 -25.04 14.39 9.49
C ILE F 342 -23.85 13.78 10.22
N ALA F 343 -23.86 12.47 10.42
CA ALA F 343 -22.90 11.78 11.28
C ALA F 343 -22.27 10.62 10.51
N PRO F 344 -21.38 10.92 9.56
CA PRO F 344 -20.63 9.85 8.90
C PRO F 344 -19.56 9.28 9.81
N LYS F 345 -18.75 8.36 9.30
CA LYS F 345 -17.68 7.79 10.09
C LYS F 345 -16.68 8.89 10.46
N ARG F 346 -16.13 8.79 11.67
CA ARG F 346 -15.20 9.80 12.15
C ARG F 346 -14.01 9.95 11.22
N GLU F 347 -13.65 8.88 10.50
CA GLU F 347 -12.54 8.92 9.56
C GLU F 347 -12.90 9.63 8.26
N LYS F 348 -14.18 9.92 8.03
CA LYS F 348 -14.62 10.58 6.81
C LYS F 348 -14.89 12.07 7.00
N THR F 349 -14.89 12.57 8.24
CA THR F 349 -15.21 13.97 8.48
C THR F 349 -14.20 14.89 7.79
N HIS F 350 -12.93 14.82 8.22
CA HIS F 350 -11.87 15.66 7.67
C HIS F 350 -12.28 17.12 7.69
N GLY F 351 -12.78 17.56 8.83
CA GLY F 351 -13.18 18.95 9.00
C GLY F 351 -13.52 19.23 10.45
N GLU F 352 -13.68 20.52 10.75
CA GLU F 352 -14.02 20.96 12.10
C GLU F 352 -15.50 21.33 12.23
N VAL F 353 -16.08 21.97 11.22
CA VAL F 353 -17.50 22.29 11.27
C VAL F 353 -18.34 21.01 11.32
N GLU F 354 -17.98 20.02 10.50
CA GLU F 354 -18.73 18.78 10.48
C GLU F 354 -18.64 18.05 11.81
N ARG F 355 -17.44 17.96 12.39
CA ARG F 355 -17.28 17.25 13.64
C ARG F 355 -18.00 17.93 14.80
N ARG F 356 -18.23 19.24 14.70
CA ARG F 356 -19.05 19.91 15.71
C ARG F 356 -20.51 19.50 15.61
N ILE F 357 -21.00 19.26 14.39
CA ILE F 357 -22.39 18.85 14.22
C ILE F 357 -22.61 17.45 14.79
N VAL F 358 -21.66 16.55 14.56
CA VAL F 358 -21.75 15.20 15.12
C VAL F 358 -21.84 15.28 16.64
N SER F 359 -20.92 16.02 17.26
CA SER F 359 -20.93 16.13 18.72
C SER F 359 -22.20 16.80 19.21
N GLN F 360 -22.66 17.84 18.50
CA GLN F 360 -23.91 18.49 18.89
C GLN F 360 -25.07 17.51 18.82
N LEU F 361 -25.11 16.68 17.78
CA LEU F 361 -26.15 15.65 17.70
C LEU F 361 -26.06 14.69 18.87
N LEU F 362 -24.85 14.27 19.23
CA LEU F 362 -24.68 13.36 20.36
C LEU F 362 -25.20 13.98 21.65
N THR F 363 -24.86 15.24 21.90
CA THR F 363 -25.29 15.90 23.13
C THR F 363 -26.81 15.98 23.20
N LEU F 364 -27.45 16.34 22.09
CA LEU F 364 -28.91 16.43 22.09
C LEU F 364 -29.54 15.07 22.34
N MET F 365 -29.00 14.02 21.70
CA MET F 365 -29.54 12.68 21.90
C MET F 365 -29.36 12.23 23.35
N ASP F 366 -28.34 12.73 24.02
CA ASP F 366 -28.09 12.39 25.42
C ASP F 366 -28.73 13.38 26.38
N GLY F 367 -29.32 14.45 25.86
CA GLY F 367 -30.05 15.38 26.69
C GLY F 367 -31.50 15.04 26.89
N LEU F 368 -32.01 14.06 26.15
CA LEU F 368 -33.37 13.59 26.40
C LEU F 368 -33.44 12.99 27.80
N LYS F 369 -34.59 13.13 28.44
CA LYS F 369 -34.72 12.90 29.88
C LYS F 369 -35.48 11.63 30.22
N GLN F 370 -35.64 10.71 29.28
CA GLN F 370 -36.37 9.47 29.48
C GLN F 370 -37.80 9.69 29.93
N ARG F 371 -38.23 10.94 30.03
CA ARG F 371 -39.62 11.25 30.31
C ARG F 371 -40.11 12.39 29.43
N SER F 372 -39.36 12.77 28.40
CA SER F 372 -39.74 13.87 27.52
C SER F 372 -40.76 13.45 26.49
N HIS F 373 -41.01 12.16 26.32
CA HIS F 373 -41.97 11.65 25.35
C HIS F 373 -41.61 12.06 23.93
N VAL F 374 -40.31 12.18 23.65
CA VAL F 374 -39.80 12.51 22.32
C VAL F 374 -39.00 11.32 21.83
N ILE F 375 -39.39 10.80 20.67
CA ILE F 375 -38.77 9.62 20.08
C ILE F 375 -38.04 10.04 18.82
N VAL F 376 -36.74 9.75 18.76
CA VAL F 376 -35.92 10.06 17.60
C VAL F 376 -35.87 8.85 16.68
N MET F 377 -36.14 9.06 15.40
CA MET F 377 -36.06 8.02 14.39
C MET F 377 -35.09 8.46 13.30
N ALA F 378 -34.34 7.50 12.75
CA ALA F 378 -33.33 7.79 11.76
C ALA F 378 -33.38 6.77 10.65
N ALA F 379 -32.91 7.18 9.48
CA ALA F 379 -32.83 6.32 8.30
C ALA F 379 -31.43 6.39 7.72
N THR F 380 -30.89 5.22 7.37
CA THR F 380 -29.57 5.14 6.78
C THR F 380 -29.53 3.95 5.84
N ASN F 381 -28.63 4.02 4.85
CA ASN F 381 -28.50 2.91 3.90
C ASN F 381 -27.94 1.67 4.59
N ARG F 382 -26.85 1.84 5.33
CA ARG F 382 -26.26 0.76 6.11
C ARG F 382 -25.89 1.30 7.48
N PRO F 383 -26.13 0.54 8.55
CA PRO F 383 -25.80 1.05 9.89
C PRO F 383 -24.32 1.32 10.09
N ASN F 384 -23.46 0.55 9.42
CA ASN F 384 -22.02 0.74 9.59
C ASN F 384 -21.56 2.11 9.11
N SER F 385 -22.35 2.77 8.26
CA SER F 385 -21.97 4.11 7.80
C SER F 385 -22.05 5.13 8.92
N VAL F 386 -22.99 4.97 9.84
CA VAL F 386 -23.15 5.94 10.92
C VAL F 386 -21.95 5.88 11.86
N ASP F 387 -21.67 7.00 12.50
CA ASP F 387 -20.59 7.06 13.48
C ASP F 387 -20.88 6.07 14.60
N PRO F 388 -19.92 5.21 14.98
CA PRO F 388 -20.21 4.24 16.06
C PRO F 388 -20.67 4.89 17.34
N ALA F 389 -20.23 6.12 17.64
CA ALA F 389 -20.62 6.76 18.89
C ALA F 389 -22.13 6.92 19.00
N LEU F 390 -22.82 7.05 17.87
CA LEU F 390 -24.27 7.22 17.90
C LEU F 390 -24.99 5.92 18.23
N ARG F 391 -24.33 4.77 18.07
CA ARG F 391 -24.96 3.48 18.26
C ARG F 391 -24.69 2.89 19.64
N ARG F 392 -24.48 3.75 20.64
CA ARG F 392 -24.30 3.30 22.00
C ARG F 392 -25.68 2.96 22.57
N PHE F 393 -25.73 2.49 23.82
CA PHE F 393 -26.97 2.03 24.42
C PHE F 393 -27.91 3.16 24.80
N GLY F 394 -27.49 4.41 24.64
CA GLY F 394 -28.31 5.53 25.06
C GLY F 394 -28.76 6.43 23.93
N ARG F 395 -28.22 6.22 22.72
CA ARG F 395 -28.50 7.09 21.59
C ARG F 395 -29.31 6.40 20.51
N PHE F 396 -28.80 5.30 19.95
CA PHE F 396 -29.51 4.52 18.92
C PHE F 396 -29.26 3.05 19.25
N ASP F 397 -30.16 2.47 20.05
CA ASP F 397 -30.00 1.10 20.53
C ASP F 397 -30.83 0.09 19.77
N ARG F 398 -31.94 0.52 19.16
CA ARG F 398 -32.81 -0.37 18.39
C ARG F 398 -32.63 -0.07 16.92
N GLU F 399 -32.25 -1.10 16.16
CA GLU F 399 -32.09 -0.99 14.71
C GLU F 399 -33.07 -1.96 14.04
N ILE F 400 -33.89 -1.43 13.14
CA ILE F 400 -34.89 -2.20 12.42
C ILE F 400 -34.56 -2.14 10.95
N GLU F 401 -34.52 -3.30 10.30
CA GLU F 401 -34.15 -3.40 8.89
C GLU F 401 -35.41 -3.46 8.03
N ILE F 402 -35.52 -2.55 7.08
CA ILE F 402 -36.58 -2.56 6.08
C ILE F 402 -35.93 -2.99 4.77
N GLY F 403 -36.06 -4.27 4.43
CA GLY F 403 -35.34 -4.86 3.33
C GLY F 403 -36.21 -5.05 2.09
N ILE F 404 -35.71 -5.87 1.17
CA ILE F 404 -36.41 -6.09 -0.09
C ILE F 404 -37.76 -6.73 0.17
N PRO F 405 -38.86 -6.23 -0.39
CA PRO F 405 -40.16 -6.87 -0.16
C PRO F 405 -40.22 -8.25 -0.80
N ASP F 406 -41.02 -9.12 -0.17
CA ASP F 406 -41.29 -10.43 -0.73
C ASP F 406 -42.48 -10.32 -1.68
N SER F 407 -42.97 -11.47 -2.16
CA SER F 407 -44.01 -11.46 -3.17
C SER F 407 -45.29 -10.83 -2.66
N ILE F 408 -45.65 -11.06 -1.40
CA ILE F 408 -46.87 -10.47 -0.86
C ILE F 408 -46.69 -8.97 -0.72
N GLY F 409 -45.50 -8.55 -0.27
CA GLY F 409 -45.21 -7.13 -0.16
C GLY F 409 -45.15 -6.43 -1.51
N ARG F 410 -44.66 -7.12 -2.53
CA ARG F 410 -44.66 -6.55 -3.86
C ARG F 410 -46.08 -6.26 -4.35
N LEU F 411 -47.03 -7.12 -3.98
CA LEU F 411 -48.41 -6.91 -4.38
C LEU F 411 -49.03 -5.76 -3.59
N GLU F 412 -48.66 -5.62 -2.32
CA GLU F 412 -49.09 -4.46 -1.56
C GLU F 412 -48.59 -3.17 -2.21
N ILE F 413 -47.33 -3.17 -2.63
CA ILE F 413 -46.78 -2.00 -3.32
C ILE F 413 -47.45 -1.82 -4.67
N LEU F 414 -47.74 -2.90 -5.37
CA LEU F 414 -48.35 -2.82 -6.69
C LEU F 414 -49.82 -2.46 -6.63
N ARG F 415 -50.40 -2.42 -5.42
CA ARG F 415 -51.80 -2.03 -5.26
C ARG F 415 -51.96 -0.66 -4.65
N ILE F 416 -50.93 -0.14 -3.99
CA ILE F 416 -50.97 1.22 -3.48
C ILE F 416 -50.54 2.23 -4.54
N HIS F 417 -49.68 1.82 -5.46
CA HIS F 417 -49.24 2.68 -6.54
C HIS F 417 -50.20 2.72 -7.71
N THR F 418 -51.24 1.89 -7.69
CA THR F 418 -52.21 1.82 -8.77
C THR F 418 -53.59 2.34 -8.36
N ARG F 419 -53.69 3.03 -7.22
CA ARG F 419 -54.98 3.56 -6.80
C ARG F 419 -55.49 4.62 -7.75
N ASN F 420 -54.60 5.47 -8.25
CA ASN F 420 -54.99 6.52 -9.19
C ASN F 420 -54.96 6.04 -10.63
N ILE F 421 -53.92 5.29 -11.01
CA ILE F 421 -53.83 4.78 -12.37
C ILE F 421 -55.02 3.90 -12.68
N ARG F 422 -55.63 4.10 -13.84
CA ARG F 422 -56.72 3.25 -14.28
C ARG F 422 -56.16 1.98 -14.90
N LEU F 423 -56.76 0.84 -14.55
CA LEU F 423 -56.26 -0.47 -14.93
C LEU F 423 -57.31 -1.23 -15.72
N ALA F 424 -56.86 -1.98 -16.72
CA ALA F 424 -57.77 -2.80 -17.50
C ALA F 424 -58.23 -4.02 -16.70
N GLU F 425 -59.40 -4.55 -17.07
CA GLU F 425 -59.96 -5.68 -16.35
C GLU F 425 -59.15 -6.96 -16.50
N ASP F 426 -58.22 -7.01 -17.46
CA ASP F 426 -57.41 -8.19 -17.70
C ASP F 426 -56.12 -8.21 -16.88
N VAL F 427 -55.94 -7.25 -15.99
CA VAL F 427 -54.70 -7.14 -15.23
C VAL F 427 -54.80 -8.01 -13.97
N GLU F 428 -53.85 -8.91 -13.82
CA GLU F 428 -53.71 -9.74 -12.62
C GLU F 428 -52.45 -9.27 -11.90
N LEU F 429 -52.61 -8.28 -11.03
CA LEU F 429 -51.46 -7.70 -10.33
C LEU F 429 -50.71 -8.73 -9.51
N GLU F 430 -51.36 -9.83 -9.12
CA GLU F 430 -50.66 -10.87 -8.37
C GLU F 430 -49.53 -11.47 -9.18
N LYS F 431 -49.75 -11.66 -10.48
CA LYS F 431 -48.74 -12.30 -11.32
C LYS F 431 -47.52 -11.41 -11.49
N ILE F 432 -47.73 -10.09 -11.62
CA ILE F 432 -46.59 -9.20 -11.82
C ILE F 432 -45.72 -9.18 -10.58
N ALA F 433 -46.34 -9.27 -9.39
CA ALA F 433 -45.56 -9.24 -8.16
C ALA F 433 -44.66 -10.47 -8.05
N ASN F 434 -45.19 -11.65 -8.36
CA ASN F 434 -44.41 -12.87 -8.24
C ASN F 434 -43.27 -12.91 -9.25
N GLU F 435 -43.33 -12.11 -10.31
CA GLU F 435 -42.31 -12.06 -11.34
C GLU F 435 -41.36 -10.89 -11.18
N ALA F 436 -41.67 -9.94 -10.28
CA ALA F 436 -40.85 -8.75 -10.08
C ALA F 436 -39.80 -9.03 -9.00
N HIS F 437 -38.76 -9.75 -9.39
CA HIS F 437 -37.70 -10.12 -8.46
C HIS F 437 -36.70 -8.99 -8.33
N GLY F 438 -36.37 -8.62 -7.10
CA GLY F 438 -35.39 -7.58 -6.86
C GLY F 438 -35.93 -6.16 -6.95
N HIS F 439 -37.25 -6.01 -7.01
CA HIS F 439 -37.88 -4.69 -7.15
C HIS F 439 -38.23 -4.14 -5.78
N VAL F 440 -37.59 -3.03 -5.41
CA VAL F 440 -37.96 -2.29 -4.21
C VAL F 440 -39.21 -1.48 -4.51
N GLY F 441 -39.81 -0.89 -3.48
CA GLY F 441 -41.05 -0.17 -3.68
C GLY F 441 -40.92 0.96 -4.68
N ALA F 442 -39.80 1.67 -4.65
CA ALA F 442 -39.57 2.75 -5.62
C ALA F 442 -39.51 2.21 -7.04
N ASP F 443 -38.84 1.07 -7.22
CA ASP F 443 -38.77 0.48 -8.56
C ASP F 443 -40.15 0.10 -9.06
N LEU F 444 -40.99 -0.47 -8.19
CA LEU F 444 -42.34 -0.81 -8.58
C LEU F 444 -43.15 0.41 -8.98
N ALA F 445 -42.76 1.60 -8.51
CA ALA F 445 -43.39 2.83 -8.99
C ALA F 445 -42.94 3.15 -10.41
N SER F 446 -41.72 2.76 -10.78
CA SER F 446 -41.27 2.94 -12.16
C SER F 446 -42.01 2.00 -13.10
N LEU F 447 -42.27 0.78 -12.67
CA LEU F 447 -43.03 -0.16 -13.50
C LEU F 447 -44.40 0.42 -13.86
N CYS F 448 -45.13 0.90 -12.85
CA CYS F 448 -46.45 1.46 -13.12
C CYS F 448 -46.35 2.68 -14.01
N SER F 449 -45.35 3.54 -13.78
CA SER F 449 -45.17 4.71 -14.63
C SER F 449 -44.82 4.29 -16.05
N GLU F 450 -43.89 3.34 -16.20
CA GLU F 450 -43.52 2.88 -17.54
C GLU F 450 -44.69 2.17 -18.22
N ALA F 451 -45.43 1.34 -17.47
CA ALA F 451 -46.54 0.61 -18.08
C ALA F 451 -47.59 1.57 -18.61
N ALA F 452 -47.94 2.60 -17.84
CA ALA F 452 -48.90 3.58 -18.30
C ALA F 452 -48.37 4.34 -19.50
N LEU F 453 -47.06 4.65 -19.50
CA LEU F 453 -46.46 5.31 -20.66
C LEU F 453 -46.54 4.43 -21.89
N GLN F 454 -46.41 3.11 -21.70
CA GLN F 454 -46.51 2.19 -22.83
C GLN F 454 -47.90 2.25 -23.46
N GLN F 455 -48.95 2.34 -22.64
CA GLN F 455 -50.29 2.42 -23.19
C GLN F 455 -50.48 3.68 -24.02
N ILE F 456 -49.91 4.80 -23.56
CA ILE F 456 -49.99 6.03 -24.34
C ILE F 456 -49.29 5.85 -25.68
N ARG F 457 -48.12 5.21 -25.69
CA ARG F 457 -47.43 4.96 -26.95
C ARG F 457 -48.32 4.20 -27.92
N ASN F 458 -48.94 3.12 -27.45
CA ASN F 458 -49.74 2.28 -28.34
C ASN F 458 -50.91 3.06 -28.92
N LYS F 459 -51.62 3.82 -28.08
CA LYS F 459 -52.78 4.56 -28.56
C LYS F 459 -52.36 5.82 -29.32
N MET F 460 -51.31 6.50 -28.85
CA MET F 460 -50.83 7.68 -29.58
C MET F 460 -50.30 7.29 -30.96
N ASN F 461 -49.54 6.20 -31.04
CA ASN F 461 -49.00 5.77 -32.33
C ASN F 461 -50.13 5.47 -33.31
N LEU F 462 -51.18 4.78 -32.85
CA LEU F 462 -52.35 4.56 -33.69
C LEU F 462 -52.99 5.89 -34.09
N ILE F 463 -53.07 6.82 -33.14
CA ILE F 463 -53.60 8.15 -33.42
C ILE F 463 -52.64 8.93 -34.30
N ILE F 470 -56.31 14.92 -29.83
CA ILE F 470 -56.56 14.40 -28.50
C ILE F 470 -58.06 14.18 -28.30
N ASP F 471 -58.59 13.18 -28.98
CA ASP F 471 -60.02 12.88 -28.87
C ASP F 471 -60.35 12.48 -27.44
N ALA F 472 -61.33 13.18 -26.84
CA ALA F 472 -61.68 12.91 -25.45
C ALA F 472 -62.14 11.47 -25.25
N GLU F 473 -62.83 10.91 -26.24
CA GLU F 473 -63.28 9.53 -26.12
C GLU F 473 -62.10 8.58 -25.98
N VAL F 474 -61.03 8.83 -26.73
CA VAL F 474 -59.84 7.99 -26.62
C VAL F 474 -59.22 8.15 -25.23
N LEU F 475 -59.29 9.34 -24.66
CA LEU F 475 -58.73 9.56 -23.33
C LEU F 475 -59.41 8.67 -22.30
N ASN F 476 -60.74 8.60 -22.34
CA ASN F 476 -61.47 7.76 -21.40
C ASN F 476 -61.26 6.28 -21.64
N SER F 477 -60.73 5.89 -22.78
CA SER F 477 -60.46 4.49 -23.10
C SER F 477 -58.99 4.12 -22.88
N LEU F 478 -58.28 4.89 -22.07
CA LEU F 478 -56.86 4.68 -21.81
C LEU F 478 -56.73 3.96 -20.46
N ALA F 479 -56.55 2.64 -20.52
CA ALA F 479 -56.36 1.82 -19.33
C ALA F 479 -55.17 0.89 -19.56
N VAL F 480 -54.38 0.68 -18.51
CA VAL F 480 -53.17 -0.12 -18.64
C VAL F 480 -53.54 -1.59 -18.75
N THR F 481 -53.14 -2.22 -19.85
CA THR F 481 -53.37 -3.64 -20.07
C THR F 481 -52.17 -4.45 -19.59
N MET F 482 -52.44 -5.71 -19.26
CA MET F 482 -51.39 -6.56 -18.70
C MET F 482 -50.20 -6.68 -19.64
N ASP F 483 -50.45 -6.70 -20.96
CA ASP F 483 -49.34 -6.76 -21.90
C ASP F 483 -48.39 -5.57 -21.72
N ASP F 484 -48.95 -4.41 -21.33
CA ASP F 484 -48.09 -3.26 -21.02
C ASP F 484 -47.23 -3.53 -19.80
N PHE F 485 -47.81 -4.12 -18.75
CA PHE F 485 -47.04 -4.40 -17.55
C PHE F 485 -45.90 -5.37 -17.84
N ARG F 486 -46.18 -6.41 -18.62
CA ARG F 486 -45.13 -7.39 -18.93
C ARG F 486 -44.03 -6.76 -19.76
N TRP F 487 -44.38 -5.83 -20.66
CA TRP F 487 -43.35 -5.09 -21.38
C TRP F 487 -42.51 -4.26 -20.42
N ALA F 488 -43.16 -3.58 -19.48
CA ALA F 488 -42.41 -2.77 -18.51
C ALA F 488 -41.52 -3.64 -17.64
N LEU F 489 -42.02 -4.80 -17.21
CA LEU F 489 -41.21 -5.68 -16.37
C LEU F 489 -39.99 -6.19 -17.11
N GLY F 490 -40.12 -6.46 -18.42
CA GLY F 490 -38.98 -6.93 -19.17
C GLY F 490 -37.89 -5.88 -19.29
N LYS F 491 -38.27 -4.63 -19.50
CA LYS F 491 -37.32 -3.53 -19.68
C LYS F 491 -36.92 -2.88 -18.36
N SER F 492 -37.46 -3.34 -17.24
CA SER F 492 -37.14 -2.74 -15.95
C SER F 492 -35.84 -3.31 -15.40
N ASN F 493 -34.94 -2.44 -14.99
CA ASN F 493 -33.68 -2.86 -14.39
C ASN F 493 -33.74 -2.60 -12.89
N PRO F 494 -34.26 -3.54 -12.11
CA PRO F 494 -34.41 -3.29 -10.67
C PRO F 494 -33.09 -2.97 -9.99
N SER F 495 -33.16 -2.08 -8.99
CA SER F 495 -31.97 -1.65 -8.28
C SER F 495 -31.47 -2.68 -7.27
N ALA F 496 -32.33 -3.62 -6.87
CA ALA F 496 -31.97 -4.53 -5.78
C ALA F 496 -31.94 -5.98 -6.22
N LEU F 497 -31.35 -6.26 -7.38
CA LEU F 497 -31.12 -7.64 -7.78
C LEU F 497 -30.01 -8.29 -6.99
N ARG F 498 -29.02 -7.50 -6.57
CA ARG F 498 -27.87 -8.01 -5.84
C ARG F 498 -28.05 -8.00 -4.33
N GLU F 499 -29.21 -7.54 -3.85
CA GLU F 499 -29.49 -7.56 -2.42
C GLU F 499 -30.02 -8.94 -2.03
N THR F 500 -29.47 -9.50 -0.97
CA THR F 500 -29.86 -10.82 -0.52
C THR F 500 -31.30 -10.81 -0.01
N THR F 501 -31.98 -11.95 -0.15
CA THR F 501 -33.38 -12.09 0.20
C THR F 501 -33.52 -12.97 1.44
N VAL F 502 -34.44 -12.60 2.32
CA VAL F 502 -34.80 -13.40 3.49
C VAL F 502 -36.28 -13.70 3.37
N GLU F 503 -36.61 -14.98 3.21
CA GLU F 503 -37.99 -15.40 3.04
C GLU F 503 -38.11 -16.88 3.40
N VAL F 504 -39.35 -17.29 3.67
CA VAL F 504 -39.66 -18.68 3.94
C VAL F 504 -39.97 -19.37 2.62
N PRO F 505 -39.18 -20.34 2.18
CA PRO F 505 -39.41 -20.95 0.87
C PRO F 505 -40.73 -21.72 0.83
N ASN F 506 -41.25 -21.85 -0.39
CA ASN F 506 -42.51 -22.53 -0.63
C ASN F 506 -42.32 -23.95 -1.14
N VAL F 507 -41.11 -24.49 -1.05
CA VAL F 507 -40.82 -25.84 -1.55
C VAL F 507 -41.17 -26.81 -0.42
N THR F 508 -42.43 -27.26 -0.42
CA THR F 508 -42.86 -28.25 0.57
C THR F 508 -42.12 -29.56 0.36
N TRP F 509 -41.90 -30.28 1.47
CA TRP F 509 -41.21 -31.57 1.37
C TRP F 509 -42.01 -32.61 0.63
N ASP F 510 -43.32 -32.39 0.44
CA ASP F 510 -44.10 -33.30 -0.39
C ASP F 510 -43.66 -33.26 -1.84
N ASP F 511 -43.01 -32.18 -2.27
CA ASP F 511 -42.50 -32.07 -3.62
C ASP F 511 -41.12 -32.69 -3.79
N ILE F 512 -40.32 -32.73 -2.71
CA ILE F 512 -39.01 -33.35 -2.79
C ILE F 512 -39.12 -34.84 -3.05
N GLY F 513 -40.30 -35.43 -2.81
CA GLY F 513 -40.52 -36.81 -3.14
C GLY F 513 -39.93 -37.78 -2.15
N GLY F 514 -38.84 -38.45 -2.54
CA GLY F 514 -38.22 -39.42 -1.67
C GLY F 514 -37.13 -38.83 -0.81
N LEU F 515 -35.90 -39.29 -1.01
CA LEU F 515 -34.77 -38.91 -0.15
C LEU F 515 -35.21 -38.93 1.31
N GLU F 516 -35.88 -40.01 1.69
CA GLU F 516 -36.50 -40.12 3.01
C GLU F 516 -35.49 -40.37 4.11
N ASN F 517 -34.34 -40.97 3.80
CA ASN F 517 -33.28 -41.07 4.78
C ASN F 517 -32.64 -39.72 5.07
N VAL F 518 -32.71 -38.78 4.12
CA VAL F 518 -32.27 -37.42 4.39
C VAL F 518 -33.34 -36.65 5.16
N LYS F 519 -34.62 -36.96 4.94
CA LYS F 519 -35.68 -36.26 5.65
C LYS F 519 -35.59 -36.53 7.15
N ARG F 520 -35.34 -37.77 7.55
CA ARG F 520 -35.27 -38.09 8.97
C ARG F 520 -34.13 -37.34 9.64
N GLU F 521 -32.96 -37.32 9.01
CA GLU F 521 -31.81 -36.66 9.62
C GLU F 521 -32.00 -35.16 9.68
N LEU F 522 -32.51 -34.55 8.61
CA LEU F 522 -32.74 -33.12 8.61
C LEU F 522 -33.83 -32.74 9.61
N GLN F 523 -34.87 -33.58 9.74
CA GLN F 523 -35.90 -33.32 10.72
C GLN F 523 -35.34 -33.34 12.13
N GLU F 524 -34.44 -34.29 12.42
CA GLU F 524 -33.87 -34.40 13.75
C GLU F 524 -32.96 -33.21 14.10
N LEU F 525 -32.52 -32.45 13.10
CA LEU F 525 -31.55 -31.39 13.33
C LEU F 525 -32.10 -29.98 13.18
N VAL F 526 -33.19 -29.80 12.43
CA VAL F 526 -33.75 -28.48 12.18
C VAL F 526 -35.18 -28.35 12.68
N GLN F 527 -36.01 -29.38 12.45
CA GLN F 527 -37.42 -29.29 12.83
C GLN F 527 -37.61 -29.45 14.33
N TYR F 528 -37.21 -30.60 14.87
CA TYR F 528 -37.46 -30.87 16.28
C TYR F 528 -36.91 -29.78 17.20
N PRO F 529 -35.69 -29.26 16.99
CA PRO F 529 -35.24 -28.15 17.85
C PRO F 529 -36.14 -26.94 17.79
N VAL F 530 -36.76 -26.66 16.64
CA VAL F 530 -37.58 -25.47 16.48
C VAL F 530 -39.03 -25.71 16.85
N GLU F 531 -39.59 -26.84 16.41
CA GLU F 531 -41.00 -27.12 16.66
C GLU F 531 -41.25 -27.55 18.11
N HIS F 532 -40.31 -28.25 18.73
CA HIS F 532 -40.49 -28.81 20.06
C HIS F 532 -39.29 -28.50 20.94
N PRO F 533 -39.10 -27.22 21.30
CA PRO F 533 -38.03 -26.91 22.27
C PRO F 533 -38.22 -27.58 23.62
N ASP F 534 -39.46 -27.90 23.99
CA ASP F 534 -39.73 -28.44 25.31
C ASP F 534 -39.01 -29.76 25.52
N LYS F 535 -39.05 -30.65 24.53
CA LYS F 535 -38.44 -31.96 24.69
C LYS F 535 -36.92 -31.88 24.74
N PHE F 536 -36.34 -30.85 24.12
CA PHE F 536 -34.88 -30.69 24.18
C PHE F 536 -34.46 -30.19 25.55
N LEU F 537 -35.20 -29.25 26.14
CA LEU F 537 -34.94 -28.83 27.51
C LEU F 537 -35.18 -29.98 28.48
N LYS F 538 -36.24 -30.76 28.26
CA LYS F 538 -36.57 -31.84 29.17
C LYS F 538 -35.45 -32.86 29.25
N PHE F 539 -34.81 -33.16 28.11
CA PHE F 539 -33.74 -34.13 28.04
C PHE F 539 -32.35 -33.50 28.15
N GLY F 540 -32.27 -32.18 28.28
CA GLY F 540 -31.00 -31.52 28.51
C GLY F 540 -30.00 -31.73 27.38
N MET F 541 -30.43 -31.53 26.14
CA MET F 541 -29.58 -31.66 24.97
C MET F 541 -29.54 -30.33 24.22
N THR F 542 -28.35 -29.87 23.89
CA THR F 542 -28.20 -28.69 23.05
C THR F 542 -28.11 -29.12 21.59
N PRO F 543 -29.04 -28.71 20.73
CA PRO F 543 -29.01 -29.21 19.35
C PRO F 543 -27.76 -28.75 18.60
N SER F 544 -27.28 -29.62 17.70
CA SER F 544 -26.20 -29.24 16.82
C SER F 544 -26.72 -28.29 15.76
N LYS F 545 -26.02 -27.17 15.56
CA LYS F 545 -26.47 -26.10 14.69
C LYS F 545 -25.82 -26.12 13.32
N GLY F 546 -25.04 -27.14 13.00
CA GLY F 546 -24.32 -27.19 11.75
C GLY F 546 -24.56 -28.49 11.01
N VAL F 547 -24.61 -28.38 9.68
CA VAL F 547 -24.79 -29.53 8.80
C VAL F 547 -24.01 -29.26 7.52
N LEU F 548 -23.44 -30.32 6.96
CA LEU F 548 -22.74 -30.26 5.69
C LEU F 548 -23.40 -31.20 4.70
N PHE F 549 -23.79 -30.68 3.55
CA PHE F 549 -24.39 -31.48 2.49
C PHE F 549 -23.31 -31.78 1.46
N TYR F 550 -23.01 -33.07 1.29
CA TYR F 550 -22.02 -33.50 0.32
C TYR F 550 -22.61 -34.59 -0.56
N GLY F 551 -22.51 -34.40 -1.87
CA GLY F 551 -23.05 -35.33 -2.82
C GLY F 551 -22.71 -34.93 -4.25
N PRO F 552 -23.08 -35.77 -5.21
CA PRO F 552 -22.75 -35.47 -6.60
C PRO F 552 -23.44 -34.19 -7.05
N PRO F 553 -22.83 -33.45 -7.97
CA PRO F 553 -23.44 -32.19 -8.41
C PRO F 553 -24.81 -32.41 -9.03
N GLY F 554 -25.66 -31.40 -8.89
CA GLY F 554 -26.98 -31.42 -9.48
C GLY F 554 -27.92 -32.46 -8.91
N CYS F 555 -27.96 -32.56 -7.59
CA CYS F 555 -28.90 -33.46 -6.91
C CYS F 555 -29.84 -32.70 -5.98
N GLY F 556 -30.04 -31.41 -6.22
CA GLY F 556 -31.00 -30.63 -5.45
C GLY F 556 -30.64 -30.46 -3.99
N LYS F 557 -29.37 -30.20 -3.69
CA LYS F 557 -28.98 -29.95 -2.31
C LYS F 557 -29.62 -28.66 -1.80
N THR F 558 -29.69 -27.63 -2.64
CA THR F 558 -30.30 -26.37 -2.23
C THR F 558 -31.78 -26.55 -1.91
N LEU F 559 -32.49 -27.31 -2.76
CA LEU F 559 -33.92 -27.51 -2.54
C LEU F 559 -34.18 -28.23 -1.22
N LEU F 560 -33.35 -29.22 -0.89
CA LEU F 560 -33.53 -29.93 0.37
C LEU F 560 -33.39 -28.98 1.55
N ALA F 561 -32.43 -28.05 1.48
CA ALA F 561 -32.30 -27.05 2.53
C ALA F 561 -33.52 -26.14 2.57
N LYS F 562 -34.05 -25.76 1.41
CA LYS F 562 -35.27 -24.95 1.38
C LYS F 562 -36.44 -25.71 1.98
N ALA F 563 -36.56 -27.00 1.66
CA ALA F 563 -37.72 -27.77 2.10
C ALA F 563 -37.79 -27.85 3.62
N ILE F 564 -36.66 -28.13 4.27
CA ILE F 564 -36.68 -28.23 5.73
C ILE F 564 -37.00 -26.88 6.35
N ALA F 565 -36.53 -25.79 5.72
CA ALA F 565 -36.89 -24.46 6.20
C ALA F 565 -38.39 -24.23 6.13
N ASN F 566 -39.02 -24.67 5.04
CA ASN F 566 -40.46 -24.55 4.91
C ASN F 566 -41.18 -25.37 5.98
N GLU F 567 -40.70 -26.59 6.24
CA GLU F 567 -41.34 -27.44 7.22
C GLU F 567 -41.23 -26.86 8.63
N CYS F 568 -40.30 -25.95 8.86
CA CYS F 568 -40.16 -25.26 10.14
C CYS F 568 -40.66 -23.82 10.09
N GLN F 569 -41.14 -23.37 8.94
CA GLN F 569 -41.51 -21.96 8.75
C GLN F 569 -40.35 -21.06 9.15
N ALA F 570 -39.14 -21.47 8.78
CA ALA F 570 -37.91 -20.76 9.09
C ALA F 570 -37.46 -19.94 7.89
N ASN F 571 -36.86 -18.79 8.17
CA ASN F 571 -36.30 -17.96 7.11
C ASN F 571 -35.12 -18.69 6.47
N PHE F 572 -34.87 -18.36 5.21
CA PHE F 572 -33.84 -19.02 4.42
C PHE F 572 -32.97 -17.97 3.76
N ILE F 573 -31.66 -18.03 4.02
CA ILE F 573 -30.69 -17.12 3.43
C ILE F 573 -29.69 -17.94 2.65
N SER F 574 -29.65 -17.73 1.33
CA SER F 574 -28.74 -18.46 0.45
C SER F 574 -27.57 -17.57 0.10
N ILE F 575 -26.36 -18.04 0.36
CA ILE F 575 -25.12 -17.32 0.07
C ILE F 575 -24.27 -18.19 -0.85
N LYS F 576 -23.83 -17.61 -1.96
CA LYS F 576 -22.98 -18.30 -2.90
C LYS F 576 -21.51 -18.03 -2.60
N GLY F 577 -20.67 -19.01 -2.91
CA GLY F 577 -19.25 -18.87 -2.71
C GLY F 577 -18.68 -17.73 -3.51
N PRO F 578 -19.02 -17.65 -4.79
CA PRO F 578 -18.56 -16.50 -5.59
C PRO F 578 -18.97 -15.16 -5.01
N GLU F 579 -20.18 -15.06 -4.45
CA GLU F 579 -20.62 -13.79 -3.89
C GLU F 579 -19.77 -13.38 -2.69
N LEU F 580 -19.45 -14.32 -1.81
CA LEU F 580 -18.71 -13.96 -0.60
C LEU F 580 -17.34 -13.41 -0.93
N LEU F 581 -16.64 -14.05 -1.88
CA LEU F 581 -15.32 -13.54 -2.28
C LEU F 581 -15.44 -12.20 -2.99
N THR F 582 -16.44 -12.05 -3.87
CA THR F 582 -16.59 -10.81 -4.62
C THR F 582 -16.86 -9.65 -3.68
N MET F 583 -17.76 -9.83 -2.70
CA MET F 583 -18.05 -8.76 -1.77
C MET F 583 -16.87 -8.48 -0.86
N TRP F 584 -16.13 -9.52 -0.48
CA TRP F 584 -14.95 -9.32 0.35
C TRP F 584 -13.89 -8.48 -0.38
N PHE F 585 -13.67 -8.77 -1.66
CA PHE F 585 -12.73 -7.96 -2.44
C PHE F 585 -13.21 -6.53 -2.56
N GLY F 586 -14.49 -6.33 -2.80
CA GLY F 586 -15.05 -5.00 -2.93
C GLY F 586 -15.20 -4.29 -1.59
N ALA F 590 -15.82 -9.05 7.57
CA ALA F 590 -16.78 -8.05 7.99
C ALA F 590 -18.16 -8.35 7.42
N ASN F 591 -18.23 -8.54 6.10
CA ASN F 591 -19.51 -8.89 5.49
C ASN F 591 -19.93 -10.31 5.84
N VAL F 592 -18.99 -11.17 6.22
CA VAL F 592 -19.36 -12.47 6.79
C VAL F 592 -20.12 -12.26 8.10
N ARG F 593 -19.62 -11.34 8.93
CA ARG F 593 -20.32 -11.01 10.17
C ARG F 593 -21.67 -10.38 9.89
N ASP F 594 -21.82 -9.72 8.73
CA ASP F 594 -23.08 -9.10 8.37
C ASP F 594 -24.12 -10.14 7.95
N ILE F 595 -23.68 -11.22 7.29
CA ILE F 595 -24.62 -12.28 6.93
C ILE F 595 -25.14 -12.97 8.18
N PHE F 596 -24.26 -13.27 9.12
CA PHE F 596 -24.69 -13.92 10.36
C PHE F 596 -25.57 -12.99 11.19
N ASP F 597 -25.22 -11.71 11.26
CA ASP F 597 -26.05 -10.77 12.01
C ASP F 597 -27.45 -10.71 11.45
N LYS F 598 -27.58 -10.69 10.11
CA LYS F 598 -28.90 -10.71 9.50
C LYS F 598 -29.63 -12.01 9.81
N ALA F 599 -28.90 -13.12 9.84
CA ALA F 599 -29.51 -14.39 10.22
C ALA F 599 -30.03 -14.33 11.65
N ARG F 600 -29.26 -13.75 12.56
CA ARG F 600 -29.73 -13.60 13.94
C ARG F 600 -30.96 -12.72 14.02
N GLN F 601 -30.97 -11.61 13.26
CA GLN F 601 -32.14 -10.74 13.26
C GLN F 601 -33.37 -11.47 12.76
N ALA F 602 -33.21 -12.31 11.75
CA ALA F 602 -34.32 -13.09 11.24
C ALA F 602 -34.78 -14.12 12.26
N ALA F 603 -36.03 -14.56 12.11
CA ALA F 603 -36.61 -15.59 12.95
C ALA F 603 -35.84 -16.88 12.70
N PRO F 604 -36.13 -18.00 13.39
CA PRO F 604 -35.37 -19.23 13.15
C PRO F 604 -35.04 -19.41 11.68
N CYS F 605 -33.75 -19.50 11.37
CA CYS F 605 -33.27 -19.32 10.01
C CYS F 605 -32.33 -20.45 9.63
N VAL F 606 -32.25 -20.72 8.33
CA VAL F 606 -31.37 -21.72 7.75
C VAL F 606 -30.41 -20.97 6.82
N LEU F 607 -29.18 -20.76 7.28
CA LEU F 607 -28.18 -20.02 6.52
C LEU F 607 -27.44 -21.00 5.61
N PHE F 608 -27.85 -21.07 4.35
CA PHE F 608 -27.21 -21.94 3.38
C PHE F 608 -25.92 -21.30 2.86
N PHE F 609 -24.87 -22.10 2.77
CA PHE F 609 -23.59 -21.68 2.22
C PHE F 609 -23.27 -22.60 1.06
N ASP F 610 -23.80 -22.27 -0.12
CA ASP F 610 -23.54 -23.07 -1.30
C ASP F 610 -22.11 -22.88 -1.76
N GLU F 611 -21.51 -23.97 -2.26
CA GLU F 611 -20.11 -23.97 -2.70
C GLU F 611 -19.20 -23.52 -1.56
N LEU F 612 -19.23 -24.28 -0.47
CA LEU F 612 -18.35 -24.04 0.66
C LEU F 612 -16.93 -24.53 0.41
N ASP F 613 -16.67 -25.11 -0.76
CA ASP F 613 -15.32 -25.51 -1.15
C ASP F 613 -14.52 -24.37 -1.77
N SER F 614 -15.18 -23.26 -2.12
CA SER F 614 -14.48 -22.09 -2.61
C SER F 614 -13.98 -21.20 -1.48
N ILE F 615 -14.46 -21.43 -0.26
CA ILE F 615 -14.03 -20.69 0.92
C ILE F 615 -13.14 -21.54 1.80
N ALA F 616 -13.57 -22.77 2.09
CA ALA F 616 -12.79 -23.72 2.88
C ALA F 616 -11.94 -24.59 1.96
N LYS F 617 -11.07 -23.94 1.19
CA LYS F 617 -10.25 -24.64 0.21
C LYS F 617 -9.29 -25.62 0.87
N ALA F 618 -8.91 -25.37 2.12
CA ALA F 618 -7.94 -26.20 2.83
C ALA F 618 -6.58 -26.12 2.14
N ALA F 629 -5.91 -14.48 1.05
CA ALA F 629 -7.21 -13.89 0.76
C ALA F 629 -8.32 -14.73 1.38
N ALA F 630 -8.41 -16.00 0.95
CA ALA F 630 -9.43 -16.88 1.49
C ALA F 630 -9.13 -17.26 2.94
N ASP F 631 -7.86 -17.24 3.34
CA ASP F 631 -7.51 -17.58 4.72
C ASP F 631 -8.14 -16.61 5.70
N ARG F 632 -8.40 -15.37 5.26
CA ARG F 632 -9.07 -14.40 6.13
C ARG F 632 -10.56 -14.70 6.24
N VAL F 633 -11.20 -15.07 5.12
CA VAL F 633 -12.64 -15.30 5.13
C VAL F 633 -12.98 -16.56 5.93
N ILE F 634 -12.15 -17.60 5.82
CA ILE F 634 -12.43 -18.83 6.55
C ILE F 634 -12.39 -18.60 8.05
N ASN F 635 -11.40 -17.84 8.52
CA ASN F 635 -11.30 -17.57 9.95
C ASN F 635 -12.51 -16.77 10.45
N GLN F 636 -12.93 -15.77 9.67
CA GLN F 636 -14.13 -15.03 10.04
C GLN F 636 -15.34 -15.96 10.12
N LEU F 637 -15.51 -16.81 9.11
CA LEU F 637 -16.59 -17.80 9.16
C LEU F 637 -16.38 -18.76 10.31
N LEU F 638 -15.12 -19.17 10.55
CA LEU F 638 -14.83 -20.09 11.63
C LEU F 638 -15.14 -19.47 12.99
N THR F 639 -14.78 -18.19 13.17
CA THR F 639 -15.00 -17.54 14.46
C THR F 639 -16.48 -17.25 14.69
N GLU F 640 -17.22 -16.88 13.65
CA GLU F 640 -18.62 -16.55 13.82
C GLU F 640 -19.41 -17.76 14.29
N MET F 641 -19.11 -18.94 13.76
CA MET F 641 -19.80 -20.15 14.20
C MET F 641 -19.57 -20.41 15.67
N ASP F 642 -18.32 -20.28 16.13
CA ASP F 642 -18.01 -20.53 17.53
C ASP F 642 -18.70 -19.53 18.44
N GLY F 643 -18.77 -18.26 18.03
CA GLY F 643 -19.40 -17.23 18.80
C GLY F 643 -20.89 -17.14 18.65
N MET F 644 -21.52 -18.16 18.04
CA MET F 644 -22.95 -18.18 17.80
C MET F 644 -23.59 -19.15 18.78
N SER F 645 -24.35 -18.61 19.75
CA SER F 645 -25.00 -19.44 20.73
C SER F 645 -25.98 -20.40 20.06
N ALA F 646 -25.97 -21.65 20.51
CA ALA F 646 -26.79 -22.69 19.90
C ALA F 646 -28.28 -22.50 20.17
N LYS F 647 -28.67 -21.62 21.08
CA LYS F 647 -30.06 -21.48 21.48
C LYS F 647 -30.83 -20.45 20.66
N LYS F 648 -30.21 -19.82 19.67
CA LYS F 648 -30.88 -18.82 18.87
C LYS F 648 -31.56 -19.40 17.63
N ASN F 649 -31.53 -20.73 17.48
CA ASN F 649 -32.27 -21.41 16.41
C ASN F 649 -31.88 -20.89 15.04
N VAL F 650 -30.58 -20.75 14.81
CA VAL F 650 -30.02 -20.44 13.50
C VAL F 650 -29.12 -21.61 13.11
N PHE F 651 -29.42 -22.20 11.95
CA PHE F 651 -28.73 -23.41 11.49
C PHE F 651 -27.92 -23.07 10.24
N ILE F 652 -26.68 -23.54 10.21
CA ILE F 652 -25.78 -23.31 9.08
C ILE F 652 -25.66 -24.60 8.30
N ILE F 653 -26.10 -24.57 7.04
CA ILE F 653 -26.01 -25.71 6.14
C ILE F 653 -25.02 -25.37 5.04
N GLY F 654 -24.02 -26.22 4.85
CA GLY F 654 -23.05 -26.04 3.80
C GLY F 654 -23.10 -27.16 2.78
N ALA F 655 -23.31 -26.80 1.51
CA ALA F 655 -23.38 -27.77 0.43
C ALA F 655 -22.08 -27.78 -0.34
N THR F 656 -21.55 -28.98 -0.59
CA THR F 656 -20.28 -29.14 -1.28
C THR F 656 -20.38 -30.33 -2.23
N ASN F 657 -19.88 -30.13 -3.45
CA ASN F 657 -19.76 -31.23 -4.41
C ASN F 657 -18.47 -32.01 -4.23
N ARG F 658 -17.44 -31.38 -3.68
CA ARG F 658 -16.13 -32.01 -3.45
C ARG F 658 -15.80 -31.88 -1.97
N PRO F 659 -16.26 -32.83 -1.13
CA PRO F 659 -16.07 -32.68 0.31
C PRO F 659 -14.64 -32.92 0.78
N ASP F 660 -13.89 -33.74 0.04
CA ASP F 660 -12.54 -34.07 0.46
C ASP F 660 -11.64 -32.85 0.53
N ILE F 661 -11.94 -31.81 -0.26
CA ILE F 661 -11.12 -30.61 -0.24
C ILE F 661 -11.41 -29.73 0.97
N ILE F 662 -12.57 -29.87 1.60
CA ILE F 662 -12.94 -28.96 2.68
C ILE F 662 -11.95 -29.07 3.83
N ASP F 663 -11.58 -27.91 4.37
CA ASP F 663 -10.70 -27.88 5.53
C ASP F 663 -11.36 -28.58 6.71
N GLY F 664 -10.56 -29.35 7.45
CA GLY F 664 -11.08 -30.10 8.59
C GLY F 664 -11.44 -29.24 9.78
N ALA F 665 -11.01 -27.97 9.79
CA ALA F 665 -11.36 -27.09 10.90
C ALA F 665 -12.87 -26.87 10.97
N ILE F 666 -13.51 -26.73 9.81
CA ILE F 666 -14.95 -26.53 9.79
C ILE F 666 -15.67 -27.78 10.29
N LEU F 667 -15.13 -28.96 10.01
CA LEU F 667 -15.77 -30.21 10.37
C LEU F 667 -15.50 -30.64 11.80
N ARG F 668 -14.96 -29.75 12.64
CA ARG F 668 -14.71 -30.10 14.03
C ARG F 668 -16.04 -30.25 14.77
N PRO F 669 -16.03 -30.94 15.91
CA PRO F 669 -17.30 -31.20 16.62
C PRO F 669 -18.05 -29.95 17.06
N GLY F 670 -17.45 -28.76 16.93
CA GLY F 670 -18.05 -27.56 17.47
C GLY F 670 -19.06 -26.86 16.56
N ARG F 671 -18.75 -26.75 15.27
CA ARG F 671 -19.50 -25.87 14.37
C ARG F 671 -20.27 -26.64 13.32
N LEU F 672 -19.60 -27.45 12.49
CA LEU F 672 -20.25 -28.27 11.46
C LEU F 672 -19.86 -29.71 11.74
N ASP F 673 -20.61 -30.37 12.61
CA ASP F 673 -20.26 -31.69 13.11
C ASP F 673 -21.14 -32.80 12.54
N GLN F 674 -22.07 -32.49 11.63
CA GLN F 674 -22.98 -33.47 11.07
C GLN F 674 -22.83 -33.49 9.57
N LEU F 675 -22.60 -34.69 9.02
CA LEU F 675 -22.45 -34.89 7.58
C LEU F 675 -23.65 -35.69 7.07
N ILE F 676 -24.31 -35.17 6.04
CA ILE F 676 -25.46 -35.82 5.42
C ILE F 676 -25.15 -36.02 3.94
N TYR F 677 -25.35 -37.24 3.47
CA TYR F 677 -25.04 -37.60 2.09
C TYR F 677 -26.31 -37.55 1.26
N ILE F 678 -26.31 -36.68 0.24
CA ILE F 678 -27.43 -36.56 -0.69
C ILE F 678 -27.06 -37.34 -1.95
N PRO F 679 -27.65 -38.51 -2.18
CA PRO F 679 -27.25 -39.33 -3.32
C PRO F 679 -27.95 -38.88 -4.60
N LEU F 680 -27.68 -39.60 -5.68
CA LEU F 680 -28.37 -39.34 -6.93
C LEU F 680 -29.86 -39.64 -6.73
N PRO F 681 -30.75 -38.86 -7.36
CA PRO F 681 -32.18 -39.03 -7.09
C PRO F 681 -32.63 -40.45 -7.40
N ASP F 682 -33.49 -40.97 -6.52
CA ASP F 682 -34.03 -42.32 -6.68
C ASP F 682 -35.28 -42.28 -7.56
N GLU F 683 -35.92 -43.44 -7.71
CA GLU F 683 -37.07 -43.54 -8.61
C GLU F 683 -38.15 -42.53 -8.22
N ALA F 684 -38.50 -42.46 -6.93
CA ALA F 684 -39.54 -41.55 -6.50
C ALA F 684 -39.15 -40.10 -6.74
N SER F 685 -37.90 -39.74 -6.41
CA SER F 685 -37.46 -38.36 -6.58
C SER F 685 -37.38 -37.98 -8.05
N ARG F 686 -36.90 -38.90 -8.89
CA ARG F 686 -36.77 -38.58 -10.31
C ARG F 686 -38.12 -38.26 -10.94
N VAL F 687 -39.20 -38.85 -10.42
CA VAL F 687 -40.52 -38.52 -10.92
C VAL F 687 -40.83 -37.05 -10.67
N ASN F 688 -40.48 -36.56 -9.48
CA ASN F 688 -40.78 -35.17 -9.14
C ASN F 688 -39.85 -34.19 -9.83
N ILE F 689 -38.61 -34.59 -10.11
CA ILE F 689 -37.71 -33.70 -10.84
C ILE F 689 -38.26 -33.45 -12.24
N LEU F 690 -38.72 -34.51 -12.90
CA LEU F 690 -39.34 -34.34 -14.21
C LEU F 690 -40.64 -33.54 -14.10
N LYS F 691 -41.45 -33.83 -13.08
CA LYS F 691 -42.69 -33.09 -12.90
C LYS F 691 -42.42 -31.62 -12.63
N ALA F 692 -41.41 -31.32 -11.81
CA ALA F 692 -41.08 -29.93 -11.52
C ALA F 692 -40.64 -29.19 -12.78
N ASN F 693 -39.85 -29.87 -13.63
CA ASN F 693 -39.41 -29.24 -14.87
C ASN F 693 -40.58 -28.98 -15.81
N LEU F 694 -41.44 -29.98 -16.00
CA LEU F 694 -42.57 -29.89 -16.92
C LEU F 694 -43.82 -29.32 -16.26
N ARG F 695 -43.69 -28.60 -15.15
CA ARG F 695 -44.86 -28.06 -14.48
C ARG F 695 -45.59 -27.07 -15.36
N LYS F 696 -44.85 -26.17 -16.02
CA LYS F 696 -45.44 -25.14 -16.87
C LYS F 696 -45.53 -25.55 -18.34
N SER F 697 -45.01 -26.72 -18.70
CA SER F 697 -44.93 -27.12 -20.09
C SER F 697 -46.10 -28.03 -20.43
N PRO F 698 -46.94 -27.69 -21.41
CA PRO F 698 -48.04 -28.60 -21.78
C PRO F 698 -47.54 -29.87 -22.44
N ILE F 699 -47.66 -30.99 -21.72
CA ILE F 699 -47.20 -32.28 -22.21
C ILE F 699 -48.38 -33.06 -22.76
N ALA F 700 -48.10 -33.93 -23.73
CA ALA F 700 -49.14 -34.77 -24.31
C ALA F 700 -49.43 -35.98 -23.42
N ARG F 701 -50.68 -36.41 -23.43
CA ARG F 701 -51.10 -37.49 -22.55
C ARG F 701 -50.36 -38.78 -22.83
N ASP F 702 -49.84 -38.97 -24.04
CA ASP F 702 -49.08 -40.17 -24.36
C ASP F 702 -47.76 -40.24 -23.64
N VAL F 703 -47.31 -39.16 -23.02
CA VAL F 703 -46.04 -39.14 -22.31
C VAL F 703 -46.22 -39.79 -20.95
N ASP F 704 -45.40 -40.80 -20.66
CA ASP F 704 -45.42 -41.48 -19.38
C ASP F 704 -44.23 -40.99 -18.56
N ILE F 705 -44.48 -40.04 -17.66
CA ILE F 705 -43.41 -39.49 -16.83
C ILE F 705 -42.81 -40.60 -15.97
N ASN F 706 -43.64 -41.52 -15.48
CA ASN F 706 -43.14 -42.61 -14.66
C ASN F 706 -42.16 -43.48 -15.43
N PHE F 707 -42.44 -43.73 -16.71
CA PHE F 707 -41.55 -44.57 -17.51
C PHE F 707 -40.17 -43.93 -17.63
N LEU F 708 -40.13 -42.61 -17.86
CA LEU F 708 -38.85 -41.94 -17.99
C LEU F 708 -38.02 -42.07 -16.73
N ALA F 709 -38.66 -41.91 -15.57
CA ALA F 709 -37.94 -42.04 -14.30
C ALA F 709 -37.39 -43.45 -14.14
N LYS F 710 -38.19 -44.46 -14.48
CA LYS F 710 -37.70 -45.84 -14.41
C LYS F 710 -36.55 -46.07 -15.38
N ALA F 711 -36.56 -45.38 -16.52
CA ALA F 711 -35.49 -45.55 -17.49
C ALA F 711 -34.21 -44.86 -17.02
N THR F 712 -34.34 -43.72 -16.36
CA THR F 712 -33.18 -42.89 -15.99
C THR F 712 -32.69 -43.22 -14.58
N GLN F 713 -32.36 -44.49 -14.37
CA GLN F 713 -31.76 -44.93 -13.11
C GLN F 713 -30.27 -44.65 -13.17
N GLY F 714 -29.82 -43.64 -12.43
CA GLY F 714 -28.43 -43.23 -12.40
C GLY F 714 -28.23 -41.78 -12.80
N PHE F 715 -29.14 -41.24 -13.62
CA PHE F 715 -29.02 -39.87 -14.07
C PHE F 715 -29.09 -38.91 -12.89
N SER F 716 -28.25 -37.88 -12.89
CA SER F 716 -28.29 -36.87 -11.87
C SER F 716 -29.48 -35.93 -12.11
N GLY F 717 -29.67 -34.96 -11.22
CA GLY F 717 -30.75 -34.03 -11.38
C GLY F 717 -30.58 -33.16 -12.62
N ALA F 718 -29.35 -32.68 -12.86
CA ALA F 718 -29.11 -31.86 -14.04
C ALA F 718 -29.31 -32.65 -15.32
N ASP F 719 -28.99 -33.94 -15.31
CA ASP F 719 -29.22 -34.77 -16.49
C ASP F 719 -30.71 -34.83 -16.83
N LEU F 720 -31.56 -34.98 -15.82
CA LEU F 720 -32.99 -34.97 -16.06
C LEU F 720 -33.45 -33.62 -16.59
N THR F 721 -32.90 -32.52 -16.05
CA THR F 721 -33.27 -31.19 -16.52
C THR F 721 -32.86 -31.01 -17.98
N GLU F 722 -31.66 -31.49 -18.35
CA GLU F 722 -31.21 -31.36 -19.72
C GLU F 722 -32.12 -32.11 -20.68
N ILE F 723 -32.59 -33.30 -20.28
CA ILE F 723 -33.46 -34.08 -21.13
C ILE F 723 -34.73 -33.31 -21.45
N CYS F 724 -35.35 -32.71 -20.42
CA CYS F 724 -36.59 -31.98 -20.64
C CYS F 724 -36.36 -30.76 -21.52
N GLN F 725 -35.26 -30.04 -21.31
CA GLN F 725 -34.99 -28.86 -22.11
C GLN F 725 -34.79 -29.22 -23.57
N ARG F 726 -34.08 -30.32 -23.84
CA ARG F 726 -33.95 -30.79 -25.21
C ARG F 726 -35.31 -31.16 -25.79
N ALA F 727 -36.17 -31.77 -24.98
CA ALA F 727 -37.53 -32.06 -25.42
C ALA F 727 -38.28 -30.78 -25.75
N CYS F 728 -38.14 -29.76 -24.90
CA CYS F 728 -38.78 -28.48 -25.18
C CYS F 728 -38.14 -27.79 -26.37
N LYS F 729 -36.81 -27.83 -26.45
CA LYS F 729 -36.12 -27.21 -27.58
C LYS F 729 -36.59 -27.79 -28.90
N GLN F 730 -36.62 -29.13 -29.00
CA GLN F 730 -37.10 -29.76 -30.21
C GLN F 730 -38.56 -29.44 -30.47
N ALA F 731 -39.38 -29.43 -29.42
CA ALA F 731 -40.80 -29.12 -29.59
C ALA F 731 -40.97 -27.70 -30.15
N ILE F 732 -40.15 -26.76 -29.70
CA ILE F 732 -40.22 -25.41 -30.23
C ILE F 732 -39.82 -25.40 -31.71
N ARG F 733 -38.82 -26.20 -32.08
CA ARG F 733 -38.38 -26.24 -33.47
C ARG F 733 -39.51 -26.69 -34.39
N GLU F 734 -40.17 -27.80 -34.04
CA GLU F 734 -41.26 -28.29 -34.88
C GLU F 734 -42.43 -27.32 -34.92
N SER F 735 -42.60 -26.49 -33.88
CA SER F 735 -43.65 -25.49 -33.90
C SER F 735 -43.29 -24.33 -34.81
N ILE F 736 -42.04 -23.86 -34.76
CA ILE F 736 -41.63 -22.73 -35.59
C ILE F 736 -41.55 -23.13 -37.06
N GLU F 737 -41.02 -24.32 -37.35
CA GLU F 737 -40.96 -24.76 -38.74
C GLU F 737 -42.37 -24.94 -39.32
N ALA F 738 -43.30 -25.44 -38.51
CA ALA F 738 -44.68 -25.59 -38.96
C ALA F 738 -45.28 -24.23 -39.30
N GLU F 739 -44.99 -23.21 -38.49
CA GLU F 739 -45.46 -21.87 -38.80
C GLU F 739 -44.93 -21.38 -40.12
N ILE F 740 -43.63 -21.61 -40.39
CA ILE F 740 -43.05 -21.19 -41.65
C ILE F 740 -43.71 -21.94 -42.81
N ARG F 741 -43.90 -23.25 -42.65
CA ARG F 741 -44.57 -24.01 -43.70
C ARG F 741 -45.99 -23.52 -43.90
N ALA F 742 -46.68 -23.14 -42.81
CA ALA F 742 -48.01 -22.58 -42.94
C ALA F 742 -47.98 -21.28 -43.73
N GLU F 743 -46.98 -20.42 -43.49
CA GLU F 743 -46.89 -19.17 -44.21
C GLU F 743 -46.72 -19.41 -45.72
N SER F 744 -45.87 -20.37 -46.09
CA SER F 744 -45.69 -20.69 -47.50
C SER F 744 -46.98 -21.22 -48.11
N GLU F 745 -47.68 -22.10 -47.39
CA GLU F 745 -48.94 -22.61 -47.89
C GLU F 745 -49.98 -21.50 -47.99
N LYS F 746 -49.97 -20.57 -47.03
CA LYS F 746 -50.92 -19.45 -47.08
C LYS F 746 -50.72 -18.62 -48.33
N LYS F 747 -49.47 -18.38 -48.72
CA LYS F 747 -49.20 -17.66 -49.96
C LYS F 747 -49.71 -18.45 -51.16
N ASN F 748 -49.59 -19.78 -51.12
CA ASN F 748 -50.06 -20.60 -52.22
C ASN F 748 -51.56 -20.43 -52.45
N LYS F 749 -52.33 -20.41 -51.37
CA LYS F 749 -53.77 -20.22 -51.47
C LYS F 749 -54.13 -18.75 -51.62
N ASP F 756 -56.14 -27.99 -37.46
CA ASP F 756 -55.06 -27.83 -36.46
C ASP F 756 -54.67 -26.37 -36.35
N PHE F 757 -55.47 -25.58 -35.65
CA PHE F 757 -55.04 -24.19 -35.46
C PHE F 757 -53.64 -24.15 -34.89
N ASP F 758 -53.36 -25.00 -33.89
CA ASP F 758 -52.03 -25.12 -33.32
C ASP F 758 -51.39 -26.39 -33.86
N PRO F 759 -50.34 -26.30 -34.68
CA PRO F 759 -49.78 -27.55 -35.24
C PRO F 759 -49.20 -28.48 -34.19
N VAL F 760 -48.35 -27.97 -33.32
CA VAL F 760 -47.75 -28.77 -32.25
C VAL F 760 -48.11 -28.11 -30.91
N PRO F 761 -49.20 -28.52 -30.27
CA PRO F 761 -49.63 -27.82 -29.05
C PRO F 761 -48.98 -28.37 -27.79
N GLU F 762 -48.45 -29.59 -27.86
CA GLU F 762 -47.88 -30.26 -26.70
C GLU F 762 -46.61 -31.00 -27.11
N ILE F 763 -45.76 -31.26 -26.12
CA ILE F 763 -44.53 -32.01 -26.34
C ILE F 763 -44.92 -33.49 -26.46
N THR F 764 -44.97 -33.98 -27.69
CA THR F 764 -45.42 -35.35 -27.93
C THR F 764 -44.39 -36.34 -27.41
N ARG F 765 -44.81 -37.61 -27.33
CA ARG F 765 -43.92 -38.66 -26.85
C ARG F 765 -42.69 -38.80 -27.73
N ARG F 766 -42.80 -38.43 -29.01
CA ARG F 766 -41.66 -38.52 -29.90
C ARG F 766 -40.53 -37.59 -29.46
N HIS F 767 -40.89 -36.38 -29.02
CA HIS F 767 -39.87 -35.42 -28.63
C HIS F 767 -39.02 -35.95 -27.49
N PHE F 768 -39.66 -36.56 -26.49
CA PHE F 768 -38.90 -37.12 -25.37
C PHE F 768 -38.04 -38.29 -25.83
N GLU F 769 -38.54 -39.09 -26.78
CA GLU F 769 -37.77 -40.24 -27.26
C GLU F 769 -36.45 -39.80 -27.88
N GLU F 770 -36.48 -38.73 -28.68
CA GLU F 770 -35.24 -38.24 -29.30
C GLU F 770 -34.27 -37.73 -28.25
N ALA F 771 -34.77 -37.02 -27.25
CA ALA F 771 -33.89 -36.46 -26.23
C ALA F 771 -33.19 -37.55 -25.45
N MET F 772 -33.90 -38.63 -25.13
CA MET F 772 -33.33 -39.68 -24.29
C MET F 772 -32.18 -40.39 -24.98
N ARG F 773 -32.19 -40.46 -26.32
CA ARG F 773 -31.17 -41.21 -27.03
C ARG F 773 -29.78 -40.61 -26.77
N PHE F 774 -29.66 -39.29 -26.83
CA PHE F 774 -28.38 -38.62 -26.64
C PHE F 774 -28.07 -38.36 -25.18
N ALA F 775 -29.00 -38.64 -24.26
CA ALA F 775 -28.74 -38.39 -22.85
C ALA F 775 -27.65 -39.32 -22.33
N ARG F 776 -26.75 -38.76 -21.53
CA ARG F 776 -25.64 -39.50 -20.95
C ARG F 776 -25.50 -39.16 -19.48
N ARG F 777 -25.14 -40.16 -18.67
CA ARG F 777 -24.93 -39.93 -17.25
C ARG F 777 -23.79 -38.94 -17.05
N SER F 778 -23.94 -38.06 -16.06
CA SER F 778 -22.93 -37.06 -15.76
C SER F 778 -22.13 -37.34 -14.51
N VAL F 779 -22.55 -38.29 -13.68
CA VAL F 779 -21.82 -38.71 -12.49
C VAL F 779 -21.39 -40.14 -12.72
N THR F 780 -20.07 -40.35 -12.84
CA THR F 780 -19.55 -41.68 -13.11
C THR F 780 -19.74 -42.60 -11.91
N GLU F 781 -19.82 -43.90 -12.19
CA GLU F 781 -19.95 -44.87 -11.10
C GLU F 781 -18.77 -44.78 -10.14
N ASN F 782 -17.60 -44.39 -10.64
CA ASN F 782 -16.46 -44.18 -9.76
C ASN F 782 -16.71 -43.03 -8.79
N ASP F 783 -17.32 -41.94 -9.28
CA ASP F 783 -17.60 -40.80 -8.41
C ASP F 783 -18.56 -41.17 -7.29
N VAL F 784 -19.59 -41.95 -7.61
CA VAL F 784 -20.54 -42.38 -6.59
C VAL F 784 -19.83 -43.17 -5.50
N ARG F 785 -18.92 -44.06 -5.90
CA ARG F 785 -18.16 -44.82 -4.93
C ARG F 785 -17.30 -43.92 -4.05
N LYS F 786 -16.70 -42.88 -4.65
CA LYS F 786 -15.85 -41.98 -3.89
C LYS F 786 -16.62 -41.27 -2.79
N TYR F 787 -17.84 -40.82 -3.09
CA TYR F 787 -18.63 -40.11 -2.09
C TYR F 787 -18.99 -41.02 -0.93
N GLU F 788 -19.29 -42.29 -1.22
CA GLU F 788 -19.66 -43.22 -0.16
C GLU F 788 -18.53 -43.38 0.85
N MET F 789 -17.29 -43.45 0.36
CA MET F 789 -16.15 -43.68 1.25
C MET F 789 -15.77 -42.46 2.08
N PHE F 790 -16.30 -41.28 1.76
CA PHE F 790 -15.91 -40.09 2.51
C PHE F 790 -16.36 -40.15 3.96
N ALA F 791 -17.52 -40.75 4.23
CA ALA F 791 -18.00 -40.82 5.60
C ALA F 791 -17.01 -41.52 6.51
N GLN F 792 -16.22 -42.44 5.97
CA GLN F 792 -15.23 -43.17 6.74
C GLN F 792 -13.81 -42.64 6.57
N THR F 793 -13.51 -42.03 5.41
CA THR F 793 -12.17 -41.52 5.18
C THR F 793 -11.82 -40.43 6.18
N LEU F 794 -12.77 -39.54 6.47
CA LEU F 794 -12.54 -38.45 7.41
C LEU F 794 -12.23 -39.00 8.80
C22 JDP G . -17.43 -16.89 -40.98
C21 JDP G . -16.68 -17.99 -40.61
O01 JDP G . -8.77 -15.28 -41.74
C02 JDP G . -9.58 -15.79 -40.97
C03 JDP G . -11.04 -15.82 -41.31
C04 JDP G . -11.86 -16.77 -40.72
C05 JDP G . -13.23 -16.83 -40.99
C06 JDP G . -13.83 -15.94 -41.86
C07 JDP G . -13.02 -14.98 -42.46
C08 JDP G . -11.65 -14.90 -42.21
C09 JDP G . -11.15 -13.80 -43.00
C10 JDP G . -12.19 -13.26 -43.69
C11 JDP G . -12.16 -12.11 -44.63
N12 JDP G . -13.35 -13.99 -43.39
C13 JDP G . -14.66 -13.75 -43.82
N14 JDP G . -15.41 -14.77 -44.23
C15 JDP G . -16.67 -14.56 -44.61
N16 JDP G . -17.43 -15.60 -45.04
C17 JDP G . -17.11 -17.00 -44.77
C18 JDP G . -16.97 -17.34 -43.30
C19 JDP G . -16.23 -18.45 -42.91
C20 JDP G . -16.09 -18.77 -41.57
C23 JDP G . -17.57 -16.57 -42.32
C24 JDP G . -17.20 -13.27 -44.53
C25 JDP G . -18.61 -12.94 -44.91
O26 JDP G . -19.07 -11.75 -44.29
C27 JDP G . -18.21 -10.65 -44.60
C28 JDP G . -16.86 -10.82 -43.95
C29 JDP G . -16.38 -12.24 -44.07
N30 JDP G . -15.12 -12.50 -43.70
N31 JDP G . -9.20 -16.30 -39.80
H1 JDP G . -17.84 -16.36 -40.32
H2 JDP G . -16.59 -18.20 -39.70
H3 JDP G . -11.48 -17.39 -40.11
H4 JDP G . -13.76 -17.49 -40.57
H5 JDP G . -14.75 -15.99 -42.03
H6 JDP G . -10.26 -13.51 -43.03
H7 JDP G . -12.05 -12.45 -45.54
H8 JDP G . -12.98 -11.60 -44.58
H9 JDP G . -11.41 -11.52 -44.42
H10 JDP G . -17.87 -15.48 -45.79
H11 JDP G . -17.83 -17.57 -45.15
H12 JDP G . -16.29 -17.23 -45.23
H13 JDP G . -15.81 -18.99 -43.57
H14 JDP G . -15.58 -19.52 -41.32
H15 JDP G . -18.08 -15.81 -42.56
H16 JDP G . -18.66 -12.85 -45.88
H17 JDP G . -19.19 -13.69 -44.65
H18 JDP G . -18.11 -10.59 -45.59
H19 JDP G . -18.63 -9.81 -44.29
H20 JDP G . -16.21 -10.23 -44.38
H21 JDP G . -16.92 -10.58 -43.00
H22 JDP G . -9.80 -16.44 -39.16
H23 JDP G . -8.34 -16.49 -39.66
C22 JDP H . 24.07 -3.55 -40.57
C21 JDP H . 24.20 -4.91 -40.68
O01 JDP H . 28.93 -4.41 -33.49
C02 JDP H . 27.88 -4.81 -33.97
C03 JDP H . 27.48 -4.40 -35.36
C04 JDP H . 26.65 -5.21 -36.12
C05 JDP H . 26.26 -4.85 -37.42
C06 JDP H . 26.68 -3.68 -37.99
C07 JDP H . 27.52 -2.85 -37.25
C08 JDP H . 27.93 -3.19 -35.95
C09 JDP H . 28.77 -2.12 -35.50
C10 JDP H . 28.86 -1.19 -36.48
C11 JDP H . 29.63 0.10 -36.49
N12 JDP H . 28.11 -1.63 -37.57
C13 JDP H . 27.90 -0.96 -38.79
N14 JDP H . 28.00 -1.67 -39.92
C15 JDP H . 27.81 -1.08 -41.09
N16 JDP H . 27.91 -1.84 -42.21
C17 JDP H . 26.75 -2.30 -42.95
C18 JDP H . 25.85 -3.23 -42.15
C19 JDP H . 25.98 -4.60 -42.25
C20 JDP H . 25.16 -5.45 -41.51
C23 JDP H . 24.88 -2.71 -41.30
C24 JDP H . 27.50 0.29 -41.14
C25 JDP H . 27.25 1.03 -42.42
O26 JDP H . 26.46 2.20 -42.19
C27 JDP H . 27.09 3.06 -41.23
C28 JDP H . 27.06 2.44 -39.87
C29 JDP H . 27.40 0.97 -39.93
N30 JDP H . 27.59 0.33 -38.76
N31 JDP H . 27.06 -5.61 -33.31
H1 JDP H . 23.41 -3.19 -39.99
H2 JDP H . 23.65 -5.48 -40.18
H3 JDP H . 26.34 -6.02 -35.76
H4 JDP H . 25.69 -5.43 -37.91
H5 JDP H . 26.41 -3.44 -38.87
H6 JDP H . 29.19 -2.07 -34.66
H7 JDP H . 29.90 0.31 -37.38
H8 JDP H . 29.07 0.81 -36.14
H9 JDP H . 30.41 0.00 -35.93
H10 JDP H . 28.50 -2.48 -42.15
H11 JDP H . 26.21 -1.53 -43.24
H12 JDP H . 27.03 -2.77 -43.76
H13 JDP H . 26.63 -4.97 -42.83
H14 JDP H . 25.25 -6.38 -41.59
H15 JDP H . 24.79 -1.77 -41.21
H16 JDP H . 28.11 1.29 -42.81
H17 JDP H . 26.79 0.45 -43.05
H18 JDP H . 28.01 3.24 -41.52
H19 JDP H . 26.59 3.93 -41.22
H20 JDP H . 27.72 2.88 -39.28
H21 JDP H . 26.18 2.54 -39.46
H22 JDP H . 26.19 -5.60 -33.48
H23 JDP H . 27.39 -6.14 -32.67
C22 JDP I . 47.06 -5.05 -4.32
C21 JDP I . 47.03 -6.39 -4.59
O01 JDP I . 43.43 -8.18 2.75
C02 JDP I . 43.64 -8.55 1.61
C03 JDP I . 44.61 -7.82 0.73
C04 JDP I . 44.71 -8.13 -0.62
C05 JDP I . 45.60 -7.46 -1.46
C06 JDP I . 46.40 -6.43 -1.00
C07 JDP I . 46.30 -6.10 0.34
C08 JDP I . 45.42 -6.75 1.21
C09 JDP I . 45.60 -6.14 2.50
C10 JDP I . 46.54 -5.16 2.40
C11 JDP I . 47.05 -4.25 3.46
N12 JDP I . 46.99 -5.12 1.08
C13 JDP I . 47.94 -4.24 0.52
N14 JDP I . 48.88 -4.77 -0.27
C15 JDP I . 49.76 -3.98 -0.85
N16 JDP I . 50.70 -4.58 -1.63
C17 JDP I . 50.61 -4.59 -3.08
C18 JDP I . 49.35 -5.23 -3.61
C19 JDP I . 49.30 -6.59 -3.88
C20 JDP I . 48.14 -7.16 -4.37
C23 JDP I . 48.21 -4.47 -3.83
C24 JDP I . 49.70 -2.59 -0.65
C25 JDP I . 50.66 -1.63 -1.29
O26 JDP I . 50.10 -0.32 -1.34
C27 JDP I . 49.72 0.14 -0.05
C28 JDP I . 48.51 -0.63 0.44
C29 JDP I . 48.68 -2.10 0.16
N30 JDP I . 47.80 -2.95 0.72
N31 JDP I . 42.98 -9.58 1.10
H1 JDP I . 46.29 -4.52 -4.46
H2 JDP I . 46.24 -6.79 -4.92
H3 JDP I . 44.19 -8.82 -0.98
H4 JDP I . 45.65 -7.70 -2.38
H5 JDP I . 46.99 -5.98 -1.59
H6 JDP I . 45.14 -6.37 3.29
H7 JDP I . 47.98 -4.04 3.30
H8 JDP I . 46.53 -3.43 3.46
H9 JDP I . 46.96 -4.68 4.32
H10 JDP I . 50.96 -5.36 -1.32
H11 JDP I . 50.65 -3.66 -3.40
H12 JDP I . 51.39 -5.06 -3.45
H13 JDP I . 50.07 -7.12 -3.74
H14 JDP I . 48.12 -8.09 -4.54
H15 JDP I . 48.24 -3.53 -3.65
H16 JDP I . 51.49 -1.61 -0.77
H17 JDP I . 50.87 -1.93 -2.19
H18 JDP I . 50.47 0.02 0.58
H19 JDP I . 49.50 1.11 -0.10
H20 JDP I . 48.41 -0.51 1.41
H21 JDP I . 47.70 -0.31 -0.01
H22 JDP I . 43.30 -10.03 0.40
H23 JDP I . 42.20 -9.83 1.45
C22 JDP J . 29.06 -20.18 31.71
C21 JDP J . 29.22 -21.38 31.08
O01 JDP J . 20.98 -23.16 31.70
C02 JDP J . 21.99 -23.21 31.00
C03 JDP J . 23.30 -22.70 31.51
C04 JDP J . 24.46 -22.84 30.76
C05 JDP J . 25.69 -22.38 31.22
C06 JDP J . 25.82 -21.75 32.43
C07 JDP J . 24.67 -21.58 33.20
C08 JDP J . 23.42 -22.04 32.77
C09 JDP J . 22.48 -21.70 33.81
C10 JDP J . 23.15 -21.07 34.81
C11 JDP J . 22.60 -20.53 36.08
N12 JDP J . 24.50 -20.98 34.45
C13 JDP J . 25.54 -20.39 35.19
N14 JDP J . 26.67 -21.07 35.33
C15 JDP J . 27.69 -20.55 36.00
N16 JDP J . 28.82 -21.30 36.11
C17 JDP J . 29.99 -21.03 35.28
C18 JDP J . 29.72 -21.16 33.80
C19 JDP J . 29.89 -22.37 33.14
C20 JDP J . 29.64 -22.48 31.80
C23 JDP J . 29.31 -20.06 33.06
C24 JDP J . 27.56 -19.28 36.58
C25 JDP J . 28.65 -18.61 37.35
O26 JDP J . 28.48 -17.19 37.36
C27 JDP J . 27.22 -16.82 37.91
C28 JDP J . 26.11 -17.23 36.97
C29 JDP J . 26.35 -18.60 36.40
N30 JDP J . 25.35 -19.18 35.71
N31 JDP J . 21.93 -23.69 29.77
H1 JDP J . 28.78 -19.42 31.21
H2 JDP J . 29.06 -21.46 30.15
H3 JDP J . 24.41 -23.28 29.93
H4 JDP J . 26.46 -22.50 30.68
H5 JDP J . 26.65 -21.43 32.73
H6 JDP J . 21.56 -21.90 33.79
H7 JDP J . 23.27 -20.62 36.78
H8 JDP J . 22.37 -19.60 35.97
H9 JDP J . 21.82 -21.03 36.34
H10 JDP J . 28.67 -22.14 36.22
H11 JDP J . 30.31 -20.13 35.46
H12 JDP J . 30.70 -21.66 35.53
H13 JDP J . 30.17 -23.13 33.64
H14 JDP J . 29.76 -23.31 31.35
H15 JDP J . 29.19 -19.23 33.49
H16 JDP J . 28.66 -18.94 38.27
H17 JDP J . 29.52 -18.83 36.94
H18 JDP J . 27.12 -17.26 38.79
H19 JDP J . 27.21 -15.84 38.05
H20 JDP J . 25.25 -17.24 37.47
H21 JDP J . 26.03 -16.59 36.25
H22 JDP J . 22.63 -24.12 29.42
H23 JDP J . 21.19 -23.58 29.27
C22 JDP K . -11.91 -33.49 31.55
C21 JDP K . -11.38 -34.59 30.91
O01 JDP K . -16.19 -33.54 24.29
C02 JDP K . -15.08 -33.75 24.76
C03 JDP K . -14.89 -33.83 26.25
C04 JDP K . -13.71 -34.35 26.75
C05 JDP K . -13.47 -34.44 28.12
C06 JDP K . -14.40 -34.04 29.05
C07 JDP K . -15.60 -33.51 28.57
C08 JDP K . -15.86 -33.40 27.19
C09 JDP K . -17.18 -32.82 27.08
C10 JDP K . -17.67 -32.59 28.32
C11 JDP K . -18.98 -32.01 28.70
N12 JDP K . -16.72 -33.01 29.26
C13 JDP K . -16.79 -32.96 30.66
N14 JDP K . -16.30 -34.00 31.34
C15 JDP K . -16.33 -34.00 32.67
N16 JDP K . -15.81 -35.08 33.31
C17 JDP K . -14.46 -35.10 33.85
C18 JDP K . -13.38 -34.91 32.82
C19 JDP K . -12.84 -36.01 32.16
C20 JDP K . -11.85 -35.85 31.22
C23 JDP K . -12.92 -33.65 32.50
C24 JDP K . -16.88 -32.90 33.35
C25 JDP K . -16.94 -32.83 34.84
O26 JDP K . -17.13 -31.48 35.29
C27 JDP K . -18.26 -30.88 34.67
C28 JDP K . -17.99 -30.63 33.21
C29 JDP K . -17.37 -31.85 32.58
N30 JDP K . -17.31 -31.89 31.24
N31 JDP K . -14.01 -33.89 23.99
H1 JDP K . -11.60 -32.63 31.34
H2 JDP K . -10.71 -34.48 30.26
H3 JDP K . -13.04 -34.65 26.16
H4 JDP K . -12.65 -34.81 28.42
H5 JDP K . -14.23 -34.10 29.97
H6 JDP K . -17.62 -32.62 26.27
H7 JDP K . -19.29 -32.41 29.54
H8 JDP K . -18.90 -31.06 28.83
H9 JDP K . -19.63 -32.18 28.01
H10 JDP K . -16.02 -35.84 32.93
H11 JDP K . -14.39 -34.38 34.51
H12 JDP K . -14.32 -35.95 34.32
H13 JDP K . -13.15 -36.88 32.37
H14 JDP K . -11.49 -36.60 30.78
H15 JDP K . -13.27 -32.89 32.94
H16 JDP K . -17.68 -33.39 35.16
H17 JDP K . -16.11 -33.18 35.21
H18 JDP K . -19.04 -31.48 34.77
H19 JDP K . -18.47 -30.04 35.14
H20 JDP K . -18.82 -30.41 32.75
H21 JDP K . -17.37 -29.87 33.12
H22 JDP K . -14.09 -34.25 23.18
H23 JDP K . -13.21 -33.61 24.26
C22 JDP L . -34.64 -31.95 -4.89
C21 JDP L . -33.86 -33.04 -5.23
O01 JDP L . -31.14 -29.03 -11.99
C02 JDP L . -30.94 -29.92 -11.17
C03 JDP L . -32.00 -30.29 -10.18
C04 JDP L . -31.70 -31.11 -9.11
C05 JDP L . -32.66 -31.47 -8.16
C06 JDP L . -33.96 -31.02 -8.23
C07 JDP L . -34.29 -30.19 -9.30
C08 JDP L . -33.35 -29.81 -10.27
C09 JDP L . -34.04 -28.96 -11.20
C10 JDP L . -35.34 -28.83 -10.80
C11 JDP L . -36.43 -28.06 -11.45
N12 JDP L . -35.51 -29.60 -9.63
C13 JDP L . -36.67 -29.74 -8.84
N14 JDP L . -37.02 -30.97 -8.50
C15 JDP L . -38.08 -31.17 -7.72
N16 JDP L . -38.39 -32.46 -7.41
C17 JDP L . -38.05 -33.04 -6.13
C18 JDP L . -36.59 -33.04 -5.82
C19 JDP L . -35.79 -34.12 -6.15
C20 JDP L . -34.43 -34.12 -5.86
C23 JDP L . -36.00 -31.96 -5.18
C24 JDP L . -38.81 -30.07 -7.26
C25 JDP L . -40.01 -30.19 -6.37
O26 JDP L . -40.24 -28.98 -5.64
C27 JDP L . -40.40 -27.87 -6.52
C28 JDP L . -39.08 -27.55 -7.19
C29 JDP L . -38.38 -28.80 -7.63
N30 JDP L . -37.29 -28.65 -8.42
N31 JDP L . -29.77 -30.53 -11.10
H1 JDP L . -34.26 -31.21 -4.46
H2 JDP L . -32.94 -33.03 -5.03
H3 JDP L . -30.83 -31.45 -9.01
H4 JDP L . -32.42 -32.04 -7.43
H5 JDP L . -34.60 -31.26 -7.58
H6 JDP L . -33.66 -28.56 -11.96
H7 JDP L . -36.92 -28.65 -12.05
H8 JDP L . -37.03 -27.72 -10.78
H9 JDP L . -36.05 -27.34 -11.95
H10 JDP L . -38.25 -33.01 -8.07
H11 JDP L . -38.52 -32.53 -5.43
H12 JDP L . -38.39 -33.96 -6.09
H13 JDP L . -36.17 -34.87 -6.59
H14 JDP L . -33.91 -34.86 -6.09
H15 JDP L . -36.53 -31.21 -4.95
H16 JDP L . -40.80 -30.40 -6.91
H17 JDP L . -39.87 -30.92 -5.74
H18 JDP L . -41.07 -28.10 -7.20
H19 JDP L . -40.72 -27.09 -6.00
H20 JDP L . -39.24 -26.97 -7.97
H21 JDP L . -38.51 -27.06 -6.56
H22 JDP L . -29.05 -30.18 -11.48
H23 JDP L . -29.68 -31.32 -10.68
#